data_2A06
#
_entry.id   2A06
#
_cell.length_a   128.252
_cell.length_b   168.800
_cell.length_c   230.818
_cell.angle_alpha   90.00
_cell.angle_beta   90.00
_cell.angle_gamma   90.00
#
_symmetry.space_group_name_H-M   'P 21 21 21'
#
loop_
_entity.id
_entity.type
_entity.pdbx_description
1 polymer 'Ubiquinol-cytochrome-c reductase complex core protein I, mitochondrial'
2 polymer 'Ubiquinol-cytochrome-c reductase complex core protein 2, mitochondrial'
3 polymer 'Cytochrome b, heme protein, mitochondrial'
4 polymer 'Cytochrome c1, heme protein, mitochondrial'
5 polymer 'Ubiquinol-cytochrome c reductase iron-sulfur subunit, mitochondrial'
6 polymer 'Ubiquinol-cytochrome c reductase complex 14 kDa protein'
7 polymer 'Ubiquinol-cytochrome c reductase complex ubiquinone-binding protein QP-C'
8 polymer 'Ubiquinol-cytochrome c reductase complex 11 kDa protein'
9 polymer 'Ubiquinol-cytochrome c reductase iron-sulfur subunit, mitochondrial'
10 polymer 'Ubiquinol-cytochrome c reductase complex 7.2 kDa protein'
11 non-polymer 'hexyl beta-D-glucopyranoside'
12 non-polymer 'PHOSPHATE ION'
13 non-polymer 'AZIDE ION'
14 non-polymer 'UNKNOWN LIGAND'
15 non-polymer 1,2-dioleoyl-sn-glycero-3-phosphoethanolamine
16 non-polymer 'PROTOPORPHYRIN IX CONTAINING FE'
17 non-polymer 'STIGMATELLIN A'
18 non-polymer 'Coenzyme Q10, (2Z,6E,10Z,14E,18E,22E,26Z)-isomer'
19 non-polymer CARDIOLIPIN
20 non-polymer GLYCEROL
21 non-polymer 'HEME C'
22 non-polymer 'FE2/S2 (INORGANIC) CLUSTER'
23 water water
#
loop_
_entity_poly.entity_id
_entity_poly.type
_entity_poly.pdbx_seq_one_letter_code
_entity_poly.pdbx_strand_id
1 'polypeptide(L)'
;TATYAQALQSVPETQVSQLDNGLRVASEQSSQPTCTVGVWIDAGSRYESEKNNGAGYFVEHLAFKGTKNRPGNALEKEVE
SMGAHLNAYSTREHTAYYIKALSKDLPKAVELLADIVQNCSLEDSQIEKERDVILQELQENDTSMRDVVFNYLHATAFQG
TPLAQSVEGPSENVRKLSRADLTEYLSRHYKAPRMVLAAAGGLEHRQLLDLAQKHFSGLSGTYDEDAVPTLSPCRFTGSQ
ICHREDGLPLAHVAIAVEGPGWAHPDNVALQVANAIIGHYDCTYGGGAHLSSPLASIAATNKLCQSFQTFNICYADTGLL
GAHFVCDHMSIDDMMFVLQGQWMRLCTSATESEVLRGKNLLRNALVSHLDGTTPVCEDIGRSLLTYGRRIPLAEWESRIA
EVDARVVREVCSKYFYDQCPAVAGFGPIEQLPDYNRIRSGMFWLRF
;
A,N
2 'polypeptide(L)'
;SLKVAPKVKATEAPAGVPPHPQDLEFTRLPNGLVIASLENYAPASRIGLFIKAGSRYENSNNLGTSHLLRLASSLTTKGA
SSFKITRGIEAVGGKLSVTSTRENMAYTVECLRDDVDILMEFLLNVTTAPEFRRWEVAALQPQLRIDKAVALQNPQAHVI
ENLHAAAYRNALANSLYCPDYRIGKVTPVELHDYVQNHFTSARMALIGLGVSHPVLKQVAEQFLNIRGGLGLSGAKAKYH
GGEIREQNGDSLVHAALVAESAAIGSAEANAFSVLQHVLGAGPHVKRGSNATSSLYQAVAKGVHQPFDVSAFNASYSDSG
LFGFYTISQAASAGDVIKAAYNQVKTIAQGNLSNPDVQAAKNKLKAGYLMSVESSEGFLDEVGSQALAAGSYTPPSTVLQ
QIDAVADADVINAAKKFVSGRKSMAASGNLGHTPFIDEL
;
B,O
3 'polypeptide(L)'
;MTNIRKSHPLMKIVNNAFIDLPAPSNISSWWNFGSLLGICLILQILTGLFLAMHYTSDTTTAFSSVTHICRDVNYGWIIR
YMHANGASMFFICLYMHVGRGLYYGSYTFLETWNIGVILLLTVMATAFMGYVLPWGQMSFWGATVITNLLSAIPYIGTNL
VEWIWGGFSVDKATLTRFFAFHFILPFIIMAIAMVHLLFLHETGSNNPTGISSDVDKIPFHPYYTIKDILGALLLILALM
LLVLFAPDLLGDPDNYTPANPLNTPPHIKPEWYFLFAYAILRSIPNKLGGVLALAFSILILALIPLLHTSKQRSMMFRPL
SQCLFWALVADLLTLTWIGGQPVEHPYITIGQLASVLYFLLILVLMPTAGTIENKLLKW
;
C,P
4 'polypeptide(L)'
;SDLELHPPSYPWSHRGLLSSLDHTSIRRGFQVYKQVCSSCHSMDYVAYRHLVGVCYTEDEAKALAEEVEVQDGPNEDGEM
FMRPGKLSDYFPKPYPNPEAARAANNGALPPDLSYIVRARHGGEDYVFSLLTGYCEPPTGVSLREGLYFNPYFPGQAIGM
APPIYNEVLEFDDGTPATMSQVAKDVCTFLRWAAEPEHDHRKRMGLKMLLMMGLLLPLVYAMKRHKWSVLKSRKLAYRPP
K
;
D,Q
5 'polypeptide(L)'
;SHTDIKVPDFSDYRRPEVLDSTKSSKESSEARKGFSYLVTATTTVGVAYAAKNVVSQFVSSMSASADVLAMSKIEIKLSD
IPEGKNMAFKWRGKPLFVRHRTKKEIDQEAAVEVSQLRDPQHDLERVKKPEWVILIGVCTHLGCVPIANAGDFGGYYCPC
HGSHYDASGRIRKGPAPLNLEVPSYEFTSDDMVIVG
;
E,R
6 'polypeptide(L)'
;AGRPAVSASSRWLEGIRKWYYNAAGFNKLGLMRDDTIHENDDVKEAIRRLPENLYDDRVFRIKRALDLSMRQQILPKEQW
TKYEEDKSYLEPYLKEVIRERKEREEWAKK
;
F,S
7 'polypeptide(L)'
;GRQFGHLTRVRHVITYSLSPFEQRAFPHYFSKGIPNVLRRTRACILRVAPPFVAFYLVYTWGTQEFEKSKRKNPAAYEND
R
;
G,T
8 'polypeptide(L)' GDPKEEEEEEEELVDPLTTVREQCEQLEKCVKARERLELCDERVSSRSQTEEDCTEELLDFLHARDHCVAHKLFNSLK H,U
9 'polypeptide(L)' MLSVAARSGPFAPVLSATSRGVAGALRPLVQAAVPATSESPVLDLKRSVLCRESLRGQAAGRPLVASVSLNVPASVRY I,V
10 'polypeptide(L)' VAPTLTARLYSLLFRRTSTFALTIVVGALFFERAFDQGADAIYEHINEGKLWKHIKHKYENK J,W
#
loop_
_chem_comp.id
_chem_comp.type
_chem_comp.name
_chem_comp.formula
AZI non-polymer 'AZIDE ION' 'N3 -1'
CDL non-polymer CARDIOLIPIN 'C81 H156 O17 P2 -2'
FES non-polymer 'FE2/S2 (INORGANIC) CLUSTER' 'Fe2 S2'
GOL non-polymer GLYCEROL 'C3 H8 O3'
HEC non-polymer 'HEME C' 'C34 H34 Fe N4 O4'
HEM non-polymer 'PROTOPORPHYRIN IX CONTAINING FE' 'C34 H32 Fe N4 O4'
JZR D-saccharide 'hexyl beta-D-glucopyranoside' 'C12 H24 O6'
PEE non-polymer 1,2-dioleoyl-sn-glycero-3-phosphoethanolamine 'C41 H78 N O8 P'
PO4 non-polymer 'PHOSPHATE ION' 'O4 P -3'
SMA non-polymer 'STIGMATELLIN A' 'C30 H42 O7'
UNL non-polymer 'UNKNOWN LIGAND' ?
UQ non-polymer 'Coenzyme Q10, (2Z,6E,10Z,14E,18E,22E,26Z)-isomer' 'C59 H90 O4'
#
# COMPACT_ATOMS: atom_id res chain seq x y z
N THR A 1 -34.19 -54.34 -18.37
CA THR A 1 -33.41 -53.08 -18.24
C THR A 1 -33.48 -52.20 -19.49
N ALA A 2 -34.16 -51.06 -19.34
CA ALA A 2 -34.36 -50.09 -20.41
C ALA A 2 -33.47 -48.84 -20.29
N THR A 3 -33.57 -47.99 -21.29
CA THR A 3 -32.82 -46.73 -21.30
C THR A 3 -33.59 -45.72 -20.47
N TYR A 4 -33.02 -44.52 -20.35
CA TYR A 4 -33.64 -43.45 -19.61
C TYR A 4 -34.97 -43.10 -20.30
N ALA A 5 -34.98 -43.13 -21.63
CA ALA A 5 -36.18 -42.83 -22.39
C ALA A 5 -37.32 -43.82 -22.16
N GLN A 6 -37.02 -45.12 -22.18
CA GLN A 6 -38.08 -46.10 -21.97
C GLN A 6 -38.63 -46.02 -20.55
N ALA A 7 -37.75 -45.73 -19.59
CA ALA A 7 -38.18 -45.62 -18.21
C ALA A 7 -39.20 -44.49 -18.09
N LEU A 8 -38.91 -43.34 -18.71
CA LEU A 8 -39.83 -42.21 -18.65
C LEU A 8 -41.23 -42.59 -19.08
N GLN A 9 -41.32 -43.44 -20.09
CA GLN A 9 -42.61 -43.86 -20.62
C GLN A 9 -43.36 -44.83 -19.70
N SER A 10 -42.64 -45.63 -18.93
CA SER A 10 -43.30 -46.59 -18.06
C SER A 10 -43.86 -46.01 -16.78
N VAL A 11 -43.75 -44.69 -16.60
CA VAL A 11 -44.29 -44.08 -15.39
C VAL A 11 -45.81 -44.02 -15.59
N PRO A 12 -46.57 -44.61 -14.65
CA PRO A 12 -48.04 -44.65 -14.70
C PRO A 12 -48.65 -43.25 -14.83
N GLU A 13 -49.62 -43.09 -15.71
CA GLU A 13 -50.25 -41.79 -15.88
C GLU A 13 -51.13 -41.45 -14.67
N THR A 14 -51.03 -40.21 -14.23
CA THR A 14 -51.82 -39.76 -13.10
C THR A 14 -53.31 -39.75 -13.50
N GLN A 15 -54.14 -40.32 -12.66
CA GLN A 15 -55.57 -40.37 -12.96
C GLN A 15 -56.26 -39.18 -12.29
N VAL A 16 -57.10 -38.48 -13.06
CA VAL A 16 -57.80 -37.32 -12.55
C VAL A 16 -59.32 -37.39 -12.77
N SER A 17 -60.07 -37.30 -11.68
CA SER A 17 -61.54 -37.31 -11.74
C SER A 17 -61.99 -36.06 -10.99
N GLN A 18 -63.25 -35.69 -11.10
CA GLN A 18 -63.75 -34.52 -10.39
C GLN A 18 -65.13 -34.82 -9.78
N LEU A 19 -65.38 -34.32 -8.57
CA LEU A 19 -66.68 -34.54 -7.94
C LEU A 19 -67.67 -33.51 -8.44
N ASP A 20 -68.95 -33.76 -8.15
CA ASP A 20 -70.01 -32.83 -8.56
C ASP A 20 -69.78 -31.42 -8.03
N ASN A 21 -69.30 -31.32 -6.80
CA ASN A 21 -69.04 -30.02 -6.18
C ASN A 21 -67.78 -29.33 -6.64
N GLY A 22 -67.12 -29.88 -7.66
CA GLY A 22 -65.91 -29.27 -8.18
C GLY A 22 -64.57 -29.75 -7.64
N LEU A 23 -64.60 -30.62 -6.64
CA LEU A 23 -63.37 -31.15 -6.04
C LEU A 23 -62.67 -32.09 -7.01
N ARG A 24 -61.40 -31.86 -7.26
CA ARG A 24 -60.63 -32.72 -8.14
C ARG A 24 -59.96 -33.82 -7.32
N VAL A 25 -59.96 -35.02 -7.89
CA VAL A 25 -59.41 -36.20 -7.23
C VAL A 25 -58.38 -36.76 -8.20
N ALA A 26 -57.13 -36.83 -7.75
CA ALA A 26 -56.07 -37.28 -8.61
C ALA A 26 -55.14 -38.26 -7.92
N SER A 27 -54.69 -39.27 -8.66
CA SER A 27 -53.82 -40.27 -8.06
C SER A 27 -52.82 -40.91 -9.02
N GLU A 28 -51.70 -41.35 -8.45
CA GLU A 28 -50.68 -42.05 -9.21
C GLU A 28 -50.51 -43.36 -8.46
N GLN A 29 -50.87 -44.45 -9.11
CA GLN A 29 -50.77 -45.76 -8.49
C GLN A 29 -49.37 -46.37 -8.58
N SER A 30 -48.90 -46.93 -7.47
CA SER A 30 -47.62 -47.61 -7.45
C SER A 30 -47.87 -48.92 -6.71
N SER A 31 -46.83 -49.69 -6.44
CA SER A 31 -46.98 -50.96 -5.73
C SER A 31 -46.66 -50.87 -4.24
N GLN A 32 -46.24 -49.69 -3.79
CA GLN A 32 -45.90 -49.45 -2.38
C GLN A 32 -47.05 -49.81 -1.42
N PRO A 33 -46.71 -50.44 -0.28
CA PRO A 33 -47.72 -50.82 0.72
C PRO A 33 -48.11 -49.61 1.58
N THR A 34 -47.44 -48.49 1.34
CA THR A 34 -47.73 -47.25 2.05
C THR A 34 -48.16 -46.25 1.01
N CYS A 35 -48.72 -45.15 1.49
CA CYS A 35 -49.15 -44.11 0.57
C CYS A 35 -49.17 -42.76 1.27
N THR A 36 -49.45 -41.75 0.48
CA THR A 36 -49.58 -40.42 0.98
C THR A 36 -50.82 -39.90 0.29
N VAL A 37 -51.71 -39.32 1.07
CA VAL A 37 -52.94 -38.75 0.52
C VAL A 37 -53.13 -37.44 1.26
N GLY A 38 -53.58 -36.43 0.53
CA GLY A 38 -53.78 -35.15 1.18
C GLY A 38 -54.61 -34.22 0.35
N VAL A 39 -54.87 -33.05 0.92
CA VAL A 39 -55.65 -32.02 0.27
C VAL A 39 -54.82 -30.76 0.06
N TRP A 40 -54.78 -30.32 -1.19
CA TRP A 40 -54.08 -29.11 -1.59
C TRP A 40 -55.16 -28.05 -1.87
N ILE A 41 -54.97 -26.86 -1.31
CA ILE A 41 -55.94 -25.80 -1.45
C ILE A 41 -55.37 -24.53 -2.03
N ASP A 42 -56.09 -23.90 -2.95
CA ASP A 42 -55.68 -22.62 -3.53
C ASP A 42 -55.98 -21.54 -2.49
N ALA A 43 -55.19 -21.52 -1.44
CA ALA A 43 -55.37 -20.55 -0.37
C ALA A 43 -53.99 -20.29 0.20
N GLY A 44 -53.73 -19.05 0.56
CA GLY A 44 -52.44 -18.67 1.11
C GLY A 44 -52.46 -17.18 1.39
N SER A 45 -51.41 -16.66 1.99
CA SER A 45 -51.39 -15.22 2.31
C SER A 45 -51.59 -14.29 1.11
N ARG A 46 -51.43 -14.79 -0.12
CA ARG A 46 -51.63 -13.92 -1.26
C ARG A 46 -53.12 -13.54 -1.40
N TYR A 47 -53.99 -14.35 -0.78
CA TYR A 47 -55.45 -14.12 -0.79
C TYR A 47 -55.88 -13.29 0.41
N GLU A 48 -54.97 -13.06 1.36
CA GLU A 48 -55.25 -12.30 2.55
C GLU A 48 -55.04 -10.79 2.40
N SER A 49 -55.80 -10.02 3.16
CA SER A 49 -55.67 -8.57 3.15
C SER A 49 -54.86 -8.25 4.39
N GLU A 50 -54.43 -7.00 4.54
CA GLU A 50 -53.65 -6.59 5.68
C GLU A 50 -54.38 -6.91 6.98
N LYS A 51 -55.71 -6.88 6.94
CA LYS A 51 -56.51 -7.16 8.12
C LYS A 51 -56.52 -8.60 8.59
N ASN A 52 -56.58 -9.56 7.66
CA ASN A 52 -56.56 -10.96 8.11
C ASN A 52 -55.29 -11.73 7.69
N ASN A 53 -54.22 -11.01 7.37
CA ASN A 53 -52.98 -11.65 6.98
C ASN A 53 -52.52 -12.48 8.20
N GLY A 54 -52.27 -13.76 7.98
CA GLY A 54 -51.88 -14.63 9.08
C GLY A 54 -53.02 -15.60 9.36
N ALA A 55 -54.20 -15.31 8.81
CA ALA A 55 -55.37 -16.17 9.02
C ALA A 55 -55.08 -17.60 8.58
N GLY A 56 -54.61 -17.77 7.35
CA GLY A 56 -54.29 -19.09 6.84
C GLY A 56 -53.34 -19.85 7.75
N TYR A 57 -52.33 -19.15 8.24
CA TYR A 57 -51.35 -19.78 9.12
C TYR A 57 -51.99 -20.15 10.45
N PHE A 58 -52.93 -19.32 10.92
CA PHE A 58 -53.61 -19.59 12.18
C PHE A 58 -54.42 -20.88 12.06
N VAL A 59 -55.18 -21.00 10.98
CA VAL A 59 -55.98 -22.20 10.74
C VAL A 59 -55.08 -23.44 10.72
N GLU A 60 -53.90 -23.34 10.08
CA GLU A 60 -53.01 -24.51 10.04
C GLU A 60 -52.68 -24.98 11.45
N HIS A 61 -52.57 -24.03 12.39
CA HIS A 61 -52.28 -24.38 13.78
C HIS A 61 -53.46 -25.04 14.49
N LEU A 62 -54.68 -24.79 14.00
CA LEU A 62 -55.87 -25.36 14.62
C LEU A 62 -56.42 -26.62 13.93
N ALA A 63 -56.04 -26.80 12.66
CA ALA A 63 -56.50 -27.92 11.83
C ALA A 63 -56.37 -29.34 12.42
N PHE A 64 -55.38 -29.57 13.26
CA PHE A 64 -55.23 -30.91 13.82
C PHE A 64 -55.54 -30.94 15.32
N LYS A 65 -56.11 -29.86 15.84
CA LYS A 65 -56.41 -29.76 17.26
C LYS A 65 -57.80 -30.23 17.68
N GLY A 66 -58.54 -30.82 16.76
CA GLY A 66 -59.86 -31.32 17.11
C GLY A 66 -60.94 -30.95 16.11
N THR A 67 -61.84 -31.89 15.83
CA THR A 67 -62.93 -31.65 14.90
C THR A 67 -64.26 -31.89 15.64
N LYS A 68 -65.37 -31.54 15.00
CA LYS A 68 -66.68 -31.74 15.57
C LYS A 68 -67.05 -33.21 15.71
N ASN A 69 -66.30 -34.10 15.05
CA ASN A 69 -66.58 -35.53 15.17
C ASN A 69 -65.52 -36.19 16.03
N ARG A 70 -64.37 -35.54 16.11
CA ARG A 70 -63.24 -36.05 16.88
C ARG A 70 -62.63 -34.90 17.65
N PRO A 71 -63.31 -34.45 18.71
CA PRO A 71 -62.88 -33.33 19.55
C PRO A 71 -61.51 -33.52 20.21
N GLY A 72 -60.88 -32.40 20.54
CA GLY A 72 -59.57 -32.44 21.17
C GLY A 72 -58.58 -33.37 20.49
N ASN A 73 -57.82 -34.09 21.30
CA ASN A 73 -56.80 -35.01 20.84
C ASN A 73 -57.34 -36.28 20.18
N ALA A 74 -58.65 -36.40 20.06
CA ALA A 74 -59.19 -37.62 19.45
C ALA A 74 -58.63 -37.86 18.04
N LEU A 75 -58.53 -36.80 17.24
CA LEU A 75 -58.03 -36.91 15.87
C LEU A 75 -56.60 -37.43 15.87
N GLU A 76 -55.83 -36.82 16.74
CA GLU A 76 -54.43 -37.10 16.95
C GLU A 76 -54.21 -38.57 17.36
N LYS A 77 -55.01 -39.03 18.32
CA LYS A 77 -54.91 -40.40 18.78
C LYS A 77 -55.23 -41.36 17.66
N GLU A 78 -56.21 -41.04 16.83
CA GLU A 78 -56.55 -41.95 15.74
C GLU A 78 -55.41 -42.05 14.73
N VAL A 79 -54.82 -40.91 14.38
CA VAL A 79 -53.73 -40.91 13.43
C VAL A 79 -52.56 -41.73 13.98
N GLU A 80 -52.17 -41.42 15.22
CA GLU A 80 -51.06 -42.08 15.86
C GLU A 80 -51.21 -43.59 16.03
N SER A 81 -52.38 -44.01 16.50
CA SER A 81 -52.60 -45.43 16.74
C SER A 81 -52.55 -46.27 15.47
N MET A 82 -52.79 -45.69 14.30
CA MET A 82 -52.67 -46.49 13.09
C MET A 82 -51.26 -46.29 12.51
N GLY A 83 -50.42 -45.60 13.28
CA GLY A 83 -49.05 -45.36 12.86
C GLY A 83 -48.91 -44.42 11.68
N ALA A 84 -49.92 -43.58 11.44
CA ALA A 84 -49.88 -42.65 10.33
C ALA A 84 -49.19 -41.35 10.74
N HIS A 85 -48.91 -40.50 9.76
CA HIS A 85 -48.29 -39.20 10.02
C HIS A 85 -49.14 -38.16 9.36
N LEU A 86 -49.43 -37.11 10.10
CA LEU A 86 -50.28 -36.03 9.61
C LEU A 86 -49.42 -34.75 9.62
N ASN A 87 -49.31 -34.11 8.46
CA ASN A 87 -48.50 -32.91 8.34
C ASN A 87 -49.22 -31.84 7.54
N ALA A 88 -48.66 -30.65 7.52
CA ALA A 88 -49.27 -29.55 6.79
C ALA A 88 -48.26 -28.48 6.46
N TYR A 89 -48.62 -27.59 5.54
CA TYR A 89 -47.75 -26.48 5.24
C TYR A 89 -48.56 -25.43 4.55
N SER A 90 -48.13 -24.18 4.71
CA SER A 90 -48.80 -23.02 4.10
C SER A 90 -47.73 -22.18 3.40
N THR A 91 -48.04 -21.73 2.20
CA THR A 91 -47.12 -20.84 1.47
C THR A 91 -48.00 -19.67 1.08
N ARG A 92 -47.45 -18.76 0.27
CA ARG A 92 -48.19 -17.58 -0.15
C ARG A 92 -49.35 -17.88 -1.09
N GLU A 93 -49.36 -19.04 -1.73
CA GLU A 93 -50.46 -19.38 -2.64
C GLU A 93 -51.17 -20.71 -2.39
N HIS A 94 -50.51 -21.64 -1.72
CA HIS A 94 -51.09 -22.94 -1.46
C HIS A 94 -50.97 -23.40 -0.03
N THR A 95 -51.89 -24.27 0.34
CA THR A 95 -51.92 -24.84 1.66
C THR A 95 -52.17 -26.30 1.43
N ALA A 96 -51.62 -27.14 2.30
CA ALA A 96 -51.83 -28.57 2.17
C ALA A 96 -51.85 -29.27 3.52
N TYR A 97 -52.66 -30.32 3.56
CA TYR A 97 -52.82 -31.18 4.71
C TYR A 97 -52.68 -32.56 4.09
N TYR A 98 -51.83 -33.38 4.65
CA TYR A 98 -51.63 -34.68 4.05
C TYR A 98 -51.21 -35.70 5.06
N ILE A 99 -51.52 -36.94 4.72
CA ILE A 99 -51.25 -38.06 5.59
C ILE A 99 -50.40 -39.12 4.91
N LYS A 100 -49.45 -39.66 5.68
CA LYS A 100 -48.63 -40.78 5.22
C LYS A 100 -49.22 -41.93 6.03
N ALA A 101 -49.59 -43.02 5.35
CA ALA A 101 -50.18 -44.16 6.04
C ALA A 101 -50.05 -45.43 5.23
N LEU A 102 -50.41 -46.55 5.84
CA LEU A 102 -50.38 -47.84 5.16
C LEU A 102 -51.49 -47.77 4.12
N SER A 103 -51.24 -48.30 2.93
CA SER A 103 -52.22 -48.29 1.85
C SER A 103 -53.58 -48.82 2.26
N LYS A 104 -53.59 -49.83 3.13
CA LYS A 104 -54.84 -50.42 3.58
C LYS A 104 -55.67 -49.45 4.43
N ASP A 105 -55.02 -48.47 5.03
CA ASP A 105 -55.72 -47.48 5.84
C ASP A 105 -56.19 -46.27 5.04
N LEU A 106 -56.11 -46.37 3.70
CA LEU A 106 -56.53 -45.28 2.84
C LEU A 106 -57.93 -44.78 3.23
N PRO A 107 -58.89 -45.69 3.44
CA PRO A 107 -60.24 -45.26 3.81
C PRO A 107 -60.26 -44.34 5.05
N LYS A 108 -59.64 -44.78 6.15
CA LYS A 108 -59.63 -43.94 7.34
C LYS A 108 -58.88 -42.63 7.07
N ALA A 109 -57.82 -42.71 6.27
CA ALA A 109 -57.05 -41.51 5.96
C ALA A 109 -57.90 -40.50 5.16
N VAL A 110 -58.66 -40.97 4.18
CA VAL A 110 -59.50 -40.06 3.40
C VAL A 110 -60.56 -39.44 4.32
N GLU A 111 -61.12 -40.25 5.20
CA GLU A 111 -62.14 -39.78 6.14
C GLU A 111 -61.58 -38.69 7.05
N LEU A 112 -60.46 -38.96 7.70
CA LEU A 112 -59.84 -37.98 8.61
C LEU A 112 -59.57 -36.65 7.92
N LEU A 113 -59.09 -36.69 6.67
CA LEU A 113 -58.81 -35.46 5.92
C LEU A 113 -60.08 -34.69 5.65
N ALA A 114 -61.11 -35.43 5.25
CA ALA A 114 -62.41 -34.83 4.96
C ALA A 114 -62.90 -34.18 6.24
N ASP A 115 -62.71 -34.89 7.36
CA ASP A 115 -63.13 -34.42 8.67
C ASP A 115 -62.40 -33.13 9.04
N ILE A 116 -61.10 -33.13 8.84
CA ILE A 116 -60.26 -31.97 9.17
C ILE A 116 -60.65 -30.75 8.33
N VAL A 117 -60.79 -30.96 7.04
CA VAL A 117 -61.12 -29.88 6.11
C VAL A 117 -62.54 -29.33 6.18
N GLN A 118 -63.47 -30.07 6.81
CA GLN A 118 -64.85 -29.60 6.88
C GLN A 118 -65.39 -29.36 8.29
N ASN A 119 -64.95 -30.15 9.25
CA ASN A 119 -65.47 -30.04 10.60
C ASN A 119 -64.52 -29.55 11.67
N CYS A 120 -63.54 -28.74 11.26
CA CYS A 120 -62.58 -28.22 12.21
C CYS A 120 -63.29 -27.42 13.31
N SER A 121 -63.00 -27.77 14.55
CA SER A 121 -63.62 -27.13 15.71
C SER A 121 -63.34 -25.64 15.91
N LEU A 122 -62.07 -25.27 15.83
CA LEU A 122 -61.67 -23.88 16.06
C LEU A 122 -62.25 -23.46 17.40
N GLU A 123 -61.94 -24.26 18.40
CA GLU A 123 -62.39 -24.03 19.76
C GLU A 123 -61.77 -22.73 20.30
N ASP A 124 -62.60 -21.86 20.88
CA ASP A 124 -62.14 -20.58 21.41
C ASP A 124 -60.93 -20.64 22.33
N SER A 125 -60.88 -21.62 23.22
CA SER A 125 -59.74 -21.74 24.12
C SER A 125 -58.51 -22.20 23.38
N GLN A 126 -58.70 -22.96 22.30
CA GLN A 126 -57.58 -23.46 21.51
C GLN A 126 -57.01 -22.30 20.70
N ILE A 127 -57.88 -21.44 20.21
CA ILE A 127 -57.46 -20.29 19.44
C ILE A 127 -56.56 -19.40 20.30
N GLU A 128 -56.87 -19.29 21.58
CA GLU A 128 -56.05 -18.48 22.48
C GLU A 128 -54.72 -19.14 22.74
N LYS A 129 -54.72 -20.46 22.84
CA LYS A 129 -53.49 -21.21 23.05
C LYS A 129 -52.59 -21.06 21.83
N GLU A 130 -53.16 -21.21 20.63
CA GLU A 130 -52.36 -21.11 19.41
C GLU A 130 -51.82 -19.70 19.22
N ARG A 131 -52.55 -18.72 19.71
CA ARG A 131 -52.12 -17.33 19.60
C ARG A 131 -50.72 -17.26 20.17
N ASP A 132 -50.51 -17.81 21.35
CA ASP A 132 -49.20 -17.80 22.00
C ASP A 132 -48.14 -18.62 21.29
N VAL A 133 -48.51 -19.76 20.74
CA VAL A 133 -47.57 -20.60 20.01
C VAL A 133 -47.06 -19.83 18.79
N ILE A 134 -47.98 -19.23 18.04
CA ILE A 134 -47.62 -18.47 16.85
C ILE A 134 -46.66 -17.33 17.20
N LEU A 135 -46.98 -16.57 18.26
CA LEU A 135 -46.10 -15.47 18.69
C LEU A 135 -44.71 -16.00 18.98
N GLN A 136 -44.65 -17.19 19.58
CA GLN A 136 -43.36 -17.81 19.90
C GLN A 136 -42.63 -18.20 18.61
N GLU A 137 -43.37 -18.75 17.66
CA GLU A 137 -42.77 -19.15 16.38
C GLU A 137 -42.25 -17.92 15.63
N LEU A 138 -42.95 -16.80 15.76
CA LEU A 138 -42.49 -15.58 15.11
C LEU A 138 -41.13 -15.24 15.68
N GLN A 139 -41.02 -15.27 17.02
CA GLN A 139 -39.74 -14.97 17.67
C GLN A 139 -38.65 -15.90 17.16
N GLU A 140 -38.96 -17.19 17.05
CA GLU A 140 -38.00 -18.18 16.54
C GLU A 140 -37.62 -17.86 15.08
N ASN A 141 -38.60 -17.56 14.24
CA ASN A 141 -38.32 -17.25 12.86
C ASN A 141 -37.38 -16.05 12.75
N ASP A 142 -37.46 -15.12 13.70
CA ASP A 142 -36.57 -13.97 13.68
C ASP A 142 -35.12 -14.40 13.79
N THR A 143 -34.87 -15.60 14.35
CA THR A 143 -33.48 -16.03 14.49
C THR A 143 -32.95 -16.74 13.26
N SER A 144 -33.81 -16.93 12.26
CA SER A 144 -33.38 -17.59 11.04
C SER A 144 -33.10 -16.53 9.99
N MET A 145 -31.83 -16.17 9.79
CA MET A 145 -31.50 -15.14 8.82
C MET A 145 -32.00 -15.44 7.40
N ARG A 146 -32.01 -16.72 7.03
CA ARG A 146 -32.50 -17.14 5.74
C ARG A 146 -34.00 -16.80 5.60
N ASP A 147 -34.80 -17.19 6.59
CA ASP A 147 -36.24 -16.92 6.57
C ASP A 147 -36.47 -15.42 6.46
N VAL A 148 -35.79 -14.68 7.34
CA VAL A 148 -35.91 -13.25 7.37
C VAL A 148 -35.60 -12.62 6.02
N VAL A 149 -34.43 -12.93 5.47
CA VAL A 149 -34.05 -12.32 4.20
C VAL A 149 -35.03 -12.67 3.07
N PHE A 150 -35.55 -13.88 3.04
CA PHE A 150 -36.51 -14.20 1.98
C PHE A 150 -37.83 -13.46 2.19
N ASN A 151 -38.22 -13.23 3.44
CA ASN A 151 -39.46 -12.51 3.67
C ASN A 151 -39.22 -11.05 3.26
N TYR A 152 -38.02 -10.54 3.54
CA TYR A 152 -37.69 -9.18 3.15
C TYR A 152 -37.68 -9.05 1.64
N LEU A 153 -37.14 -10.04 0.95
CA LEU A 153 -37.08 -9.99 -0.52
C LEU A 153 -38.49 -9.86 -1.10
N HIS A 154 -39.42 -10.63 -0.54
CA HIS A 154 -40.82 -10.57 -0.98
C HIS A 154 -41.40 -9.20 -0.62
N ALA A 155 -41.13 -8.74 0.62
CA ALA A 155 -41.69 -7.48 1.08
C ALA A 155 -41.29 -6.31 0.17
N THR A 156 -40.06 -6.34 -0.33
CA THR A 156 -39.66 -5.24 -1.20
C THR A 156 -39.96 -5.50 -2.69
N ALA A 157 -39.72 -6.71 -3.19
CA ALA A 157 -40.00 -6.98 -4.61
C ALA A 157 -41.47 -6.81 -4.95
N PHE A 158 -42.34 -7.24 -4.04
CA PHE A 158 -43.80 -7.17 -4.26
C PHE A 158 -44.47 -6.15 -3.35
N GLN A 159 -43.73 -5.12 -2.96
CA GLN A 159 -44.28 -4.07 -2.10
C GLN A 159 -45.60 -3.53 -2.61
N GLY A 160 -46.52 -3.30 -1.67
CA GLY A 160 -47.84 -2.77 -1.99
C GLY A 160 -48.79 -3.77 -2.62
N THR A 161 -48.46 -5.05 -2.57
CA THR A 161 -49.32 -6.09 -3.14
C THR A 161 -49.47 -7.21 -2.13
N PRO A 162 -50.39 -8.16 -2.37
CA PRO A 162 -50.59 -9.27 -1.44
C PRO A 162 -49.36 -10.19 -1.31
N LEU A 163 -48.54 -10.30 -2.36
CA LEU A 163 -47.35 -11.14 -2.29
C LEU A 163 -46.26 -10.58 -1.37
N ALA A 164 -46.36 -9.30 -0.99
CA ALA A 164 -45.36 -8.71 -0.10
C ALA A 164 -45.55 -9.28 1.30
N GLN A 165 -46.76 -9.73 1.59
CA GLN A 165 -47.06 -10.27 2.90
C GLN A 165 -46.41 -11.61 3.19
N SER A 166 -46.00 -11.78 4.45
CA SER A 166 -45.42 -13.03 4.90
C SER A 166 -46.60 -13.98 5.12
N VAL A 167 -46.30 -15.26 5.23
CA VAL A 167 -47.30 -16.28 5.45
C VAL A 167 -47.88 -16.20 6.87
N GLU A 168 -47.00 -16.02 7.84
CA GLU A 168 -47.39 -15.96 9.24
C GLU A 168 -48.14 -14.68 9.62
N GLY A 169 -47.86 -13.60 8.90
CA GLY A 169 -48.52 -12.34 9.17
C GLY A 169 -47.82 -11.55 10.25
N PRO A 170 -48.20 -10.28 10.42
CA PRO A 170 -47.60 -9.41 11.44
C PRO A 170 -48.05 -9.81 12.84
N SER A 171 -47.19 -9.61 13.84
CA SER A 171 -47.54 -9.99 15.21
C SER A 171 -48.81 -9.34 15.71
N GLU A 172 -49.12 -8.14 15.24
CA GLU A 172 -50.34 -7.51 15.71
C GLU A 172 -51.57 -8.27 15.20
N ASN A 173 -51.45 -8.88 14.01
CA ASN A 173 -52.58 -9.63 13.48
C ASN A 173 -52.75 -10.92 14.26
N VAL A 174 -51.64 -11.55 14.62
CA VAL A 174 -51.72 -12.78 15.39
C VAL A 174 -52.44 -12.51 16.71
N ARG A 175 -52.22 -11.32 17.27
CA ARG A 175 -52.82 -10.92 18.54
C ARG A 175 -54.30 -10.62 18.45
N LYS A 176 -54.74 -10.11 17.31
CA LYS A 176 -56.12 -9.72 17.11
C LYS A 176 -57.05 -10.62 16.32
N LEU A 177 -56.50 -11.46 15.44
CA LEU A 177 -57.36 -12.33 14.65
C LEU A 177 -58.32 -13.06 15.57
N SER A 178 -59.58 -13.10 15.16
CA SER A 178 -60.62 -13.78 15.95
C SER A 178 -61.23 -14.95 15.19
N ARG A 179 -61.95 -15.79 15.91
CA ARG A 179 -62.60 -16.94 15.31
C ARG A 179 -63.44 -16.52 14.10
N ALA A 180 -64.18 -15.42 14.23
CA ALA A 180 -64.99 -14.88 13.14
C ALA A 180 -64.11 -14.61 11.92
N ASP A 181 -62.94 -14.02 12.15
CA ASP A 181 -62.00 -13.75 11.07
C ASP A 181 -61.65 -15.06 10.40
N LEU A 182 -61.34 -16.07 11.22
CA LEU A 182 -60.96 -17.36 10.68
C LEU A 182 -62.10 -18.06 9.93
N THR A 183 -63.30 -18.07 10.50
CA THR A 183 -64.41 -18.73 9.85
C THR A 183 -64.74 -18.03 8.54
N GLU A 184 -64.58 -16.71 8.51
CA GLU A 184 -64.85 -15.99 7.27
C GLU A 184 -63.81 -16.39 6.22
N TYR A 185 -62.56 -16.51 6.63
CA TYR A 185 -61.47 -16.90 5.73
C TYR A 185 -61.77 -18.30 5.19
N LEU A 186 -62.08 -19.22 6.10
CA LEU A 186 -62.40 -20.59 5.73
C LEU A 186 -63.61 -20.72 4.82
N SER A 187 -64.71 -20.04 5.16
CA SER A 187 -65.88 -20.17 4.32
C SER A 187 -65.61 -19.63 2.92
N ARG A 188 -64.76 -18.61 2.82
CA ARG A 188 -64.43 -18.03 1.52
C ARG A 188 -63.45 -18.88 0.68
N HIS A 189 -62.46 -19.46 1.33
CA HIS A 189 -61.43 -20.19 0.59
C HIS A 189 -61.46 -21.70 0.55
N TYR A 190 -61.98 -22.34 1.59
CA TYR A 190 -62.01 -23.79 1.60
C TYR A 190 -63.23 -24.34 0.89
N LYS A 191 -63.26 -24.14 -0.43
CA LYS A 191 -64.35 -24.60 -1.28
C LYS A 191 -63.88 -25.70 -2.21
N ALA A 192 -64.71 -26.72 -2.39
CA ALA A 192 -64.39 -27.86 -3.25
C ALA A 192 -63.65 -27.53 -4.55
N PRO A 193 -64.08 -26.50 -5.29
CA PRO A 193 -63.44 -26.12 -6.55
C PRO A 193 -62.02 -25.57 -6.39
N ARG A 194 -61.64 -25.31 -5.13
CA ARG A 194 -60.33 -24.76 -4.83
C ARG A 194 -59.45 -25.82 -4.18
N MET A 195 -59.93 -27.05 -4.19
CA MET A 195 -59.22 -28.14 -3.56
C MET A 195 -58.94 -29.30 -4.49
N VAL A 196 -57.87 -30.00 -4.17
CA VAL A 196 -57.47 -31.17 -4.92
C VAL A 196 -57.19 -32.24 -3.90
N LEU A 197 -57.82 -33.39 -4.06
CA LEU A 197 -57.58 -34.53 -3.21
C LEU A 197 -56.60 -35.37 -4.03
N ALA A 198 -55.36 -35.46 -3.53
CA ALA A 198 -54.31 -36.20 -4.22
C ALA A 198 -53.81 -37.36 -3.40
N ALA A 199 -53.33 -38.39 -4.09
CA ALA A 199 -52.80 -39.58 -3.44
C ALA A 199 -51.81 -40.27 -4.34
N ALA A 200 -50.80 -40.85 -3.73
CA ALA A 200 -49.78 -41.58 -4.45
C ALA A 200 -49.46 -42.79 -3.60
N GLY A 201 -49.30 -43.93 -4.27
CA GLY A 201 -48.98 -45.15 -3.53
C GLY A 201 -49.73 -46.38 -4.03
N GLY A 202 -49.78 -47.39 -3.17
CA GLY A 202 -50.46 -48.62 -3.53
C GLY A 202 -51.96 -48.49 -3.31
N LEU A 203 -52.63 -47.80 -4.22
CA LEU A 203 -54.06 -47.59 -4.15
C LEU A 203 -54.56 -47.42 -5.59
N GLU A 204 -55.84 -47.70 -5.84
CA GLU A 204 -56.37 -47.54 -7.19
C GLU A 204 -57.23 -46.31 -7.23
N HIS A 205 -57.23 -45.62 -8.36
CA HIS A 205 -58.00 -44.41 -8.50
C HIS A 205 -59.47 -44.57 -8.14
N ARG A 206 -60.09 -45.62 -8.67
CA ARG A 206 -61.51 -45.86 -8.41
C ARG A 206 -61.81 -45.90 -6.92
N GLN A 207 -60.91 -46.50 -6.15
CA GLN A 207 -61.07 -46.58 -4.71
C GLN A 207 -60.98 -45.18 -4.11
N LEU A 208 -60.00 -44.40 -4.54
CA LEU A 208 -59.85 -43.05 -4.02
C LEU A 208 -61.09 -42.25 -4.38
N LEU A 209 -61.54 -42.41 -5.63
CA LEU A 209 -62.71 -41.71 -6.11
C LEU A 209 -63.93 -42.09 -5.27
N ASP A 210 -64.13 -43.37 -5.04
CA ASP A 210 -65.25 -43.81 -4.22
C ASP A 210 -65.16 -43.13 -2.86
N LEU A 211 -64.00 -43.23 -2.22
CA LEU A 211 -63.80 -42.62 -0.91
C LEU A 211 -64.08 -41.13 -0.94
N ALA A 212 -63.72 -40.47 -2.04
CA ALA A 212 -63.94 -39.04 -2.15
C ALA A 212 -65.44 -38.76 -2.24
N GLN A 213 -66.14 -39.56 -3.04
CA GLN A 213 -67.58 -39.42 -3.22
C GLN A 213 -68.25 -39.57 -1.86
N LYS A 214 -67.77 -40.52 -1.07
CA LYS A 214 -68.34 -40.75 0.23
C LYS A 214 -68.04 -39.69 1.30
N HIS A 215 -66.83 -39.14 1.28
CA HIS A 215 -66.45 -38.17 2.31
C HIS A 215 -66.36 -36.69 1.95
N PHE A 216 -66.27 -36.35 0.67
CA PHE A 216 -66.15 -34.94 0.31
C PHE A 216 -67.33 -34.38 -0.47
N SER A 217 -68.36 -35.20 -0.71
CA SER A 217 -69.54 -34.74 -1.44
C SER A 217 -70.23 -33.54 -0.79
N GLY A 218 -70.30 -33.55 0.54
CA GLY A 218 -70.95 -32.46 1.24
C GLY A 218 -70.18 -31.15 1.24
N LEU A 219 -68.94 -31.21 0.78
CA LEU A 219 -68.10 -30.02 0.74
C LEU A 219 -68.75 -28.99 -0.19
N SER A 220 -68.95 -27.78 0.31
CA SER A 220 -69.57 -26.74 -0.49
C SER A 220 -68.84 -26.44 -1.78
N GLY A 221 -69.61 -26.27 -2.85
CA GLY A 221 -69.03 -25.95 -4.14
C GLY A 221 -69.40 -24.54 -4.54
N THR A 222 -69.79 -23.73 -3.56
CA THR A 222 -70.18 -22.35 -3.83
C THR A 222 -70.00 -21.41 -2.65
N TYR A 223 -69.97 -20.11 -2.94
CA TYR A 223 -69.82 -19.06 -1.96
C TYR A 223 -70.16 -17.73 -2.64
N ASP A 224 -71.28 -17.73 -3.35
CA ASP A 224 -71.76 -16.56 -4.09
C ASP A 224 -71.14 -16.46 -5.48
N GLU A 225 -71.20 -15.26 -6.04
CA GLU A 225 -70.64 -14.96 -7.36
C GLU A 225 -69.76 -13.74 -7.09
N ASP A 226 -70.22 -12.91 -6.16
CA ASP A 226 -69.50 -11.71 -5.75
C ASP A 226 -68.55 -12.13 -4.65
N ALA A 227 -68.55 -13.43 -4.35
CA ALA A 227 -67.68 -13.99 -3.32
C ALA A 227 -66.36 -14.47 -3.92
N VAL A 228 -66.42 -15.51 -4.75
CA VAL A 228 -65.27 -16.11 -5.41
C VAL A 228 -63.96 -15.29 -5.40
N PRO A 229 -63.07 -15.56 -4.43
CA PRO A 229 -61.81 -14.83 -4.36
C PRO A 229 -60.97 -14.98 -5.62
N THR A 230 -60.48 -13.88 -6.15
CA THR A 230 -59.66 -13.91 -7.34
C THR A 230 -58.37 -13.10 -7.17
N LEU A 231 -57.25 -13.69 -7.61
CA LEU A 231 -55.96 -13.03 -7.51
C LEU A 231 -55.75 -12.02 -8.61
N SER A 232 -55.32 -10.82 -8.25
CA SER A 232 -55.04 -9.79 -9.24
C SER A 232 -53.52 -9.87 -9.45
N PRO A 233 -53.00 -9.35 -10.57
CA PRO A 233 -51.54 -9.45 -10.68
C PRO A 233 -50.82 -8.67 -9.58
N CYS A 234 -49.60 -9.07 -9.26
CA CYS A 234 -48.82 -8.37 -8.24
C CYS A 234 -47.65 -7.67 -8.90
N ARG A 235 -47.65 -6.35 -8.86
CA ARG A 235 -46.57 -5.55 -9.43
C ARG A 235 -45.23 -5.92 -8.76
N PHE A 236 -44.17 -5.99 -9.56
CA PHE A 236 -42.83 -6.25 -9.05
C PHE A 236 -42.12 -4.89 -9.05
N THR A 237 -41.38 -4.60 -7.99
CA THR A 237 -40.66 -3.32 -7.92
C THR A 237 -39.16 -3.50 -7.71
N GLY A 238 -38.37 -2.94 -8.63
CA GLY A 238 -36.93 -3.00 -8.51
C GLY A 238 -36.68 -2.15 -7.28
N SER A 239 -36.00 -2.71 -6.30
CA SER A 239 -35.80 -2.00 -5.04
C SER A 239 -34.82 -2.75 -4.15
N GLN A 240 -34.50 -2.16 -3.01
CA GLN A 240 -33.57 -2.73 -2.08
C GLN A 240 -33.98 -2.51 -0.63
N ILE A 241 -33.80 -3.54 0.19
CA ILE A 241 -34.11 -3.41 1.60
C ILE A 241 -32.87 -3.91 2.32
N CYS A 242 -32.30 -3.06 3.16
CA CYS A 242 -31.10 -3.40 3.91
C CYS A 242 -31.31 -3.29 5.39
N HIS A 243 -31.19 -4.42 6.07
CA HIS A 243 -31.34 -4.43 7.52
C HIS A 243 -29.95 -4.64 8.05
N ARG A 244 -29.27 -3.54 8.34
CA ARG A 244 -27.92 -3.58 8.85
C ARG A 244 -27.90 -4.00 10.31
N GLU A 245 -27.17 -5.07 10.58
CA GLU A 245 -27.01 -5.58 11.93
C GLU A 245 -25.59 -6.16 12.05
N ASP A 246 -24.63 -5.29 12.37
CA ASP A 246 -23.23 -5.70 12.51
C ASP A 246 -23.01 -6.71 13.62
N GLY A 247 -24.01 -6.89 14.47
CA GLY A 247 -23.87 -7.87 15.54
C GLY A 247 -23.93 -9.31 15.06
N LEU A 248 -24.47 -9.56 13.87
CA LEU A 248 -24.56 -10.92 13.34
C LEU A 248 -23.24 -11.30 12.67
N PRO A 249 -22.80 -12.56 12.84
CA PRO A 249 -21.53 -13.01 12.26
C PRO A 249 -21.42 -13.09 10.74
N LEU A 250 -22.51 -13.43 10.07
CA LEU A 250 -22.49 -13.53 8.62
C LEU A 250 -23.60 -12.74 7.97
N ALA A 251 -23.32 -12.28 6.76
CA ALA A 251 -24.29 -11.51 6.02
C ALA A 251 -25.10 -12.44 5.10
N HIS A 252 -26.39 -12.18 5.02
CA HIS A 252 -27.28 -12.92 4.13
C HIS A 252 -27.76 -11.92 3.11
N VAL A 253 -27.66 -12.30 1.83
CA VAL A 253 -28.10 -11.43 0.77
C VAL A 253 -28.96 -12.26 -0.18
N ALA A 254 -30.09 -11.71 -0.63
CA ALA A 254 -30.92 -12.39 -1.59
C ALA A 254 -31.20 -11.35 -2.68
N ILE A 255 -31.05 -11.75 -3.95
CA ILE A 255 -31.31 -10.84 -5.05
C ILE A 255 -32.05 -11.57 -6.15
N ALA A 256 -33.07 -10.93 -6.70
CA ALA A 256 -33.85 -11.56 -7.77
C ALA A 256 -34.43 -10.54 -8.73
N VAL A 257 -34.73 -11.01 -9.94
CA VAL A 257 -35.38 -10.21 -10.96
C VAL A 257 -36.75 -10.87 -11.01
N GLU A 258 -37.68 -10.23 -11.71
CA GLU A 258 -39.01 -10.81 -11.76
C GLU A 258 -39.08 -12.04 -12.68
N GLY A 259 -39.58 -13.15 -12.15
CA GLY A 259 -39.71 -14.36 -12.93
C GLY A 259 -41.03 -14.36 -13.68
N PRO A 260 -41.25 -15.31 -14.62
CA PRO A 260 -42.46 -15.43 -15.42
C PRO A 260 -43.75 -15.98 -14.80
N GLY A 261 -43.63 -16.81 -13.79
CA GLY A 261 -44.83 -17.39 -13.22
C GLY A 261 -44.88 -18.86 -13.59
N TRP A 262 -45.48 -19.66 -12.72
CA TRP A 262 -45.65 -21.10 -12.85
C TRP A 262 -45.90 -21.64 -14.25
N ALA A 263 -47.00 -21.21 -14.84
CA ALA A 263 -47.44 -21.70 -16.14
C ALA A 263 -46.52 -21.45 -17.32
N HIS A 264 -45.56 -20.54 -17.19
CA HIS A 264 -44.72 -20.21 -18.32
C HIS A 264 -43.65 -21.23 -18.75
N PRO A 265 -43.59 -21.54 -20.05
CA PRO A 265 -42.62 -22.50 -20.62
C PRO A 265 -41.16 -22.08 -20.36
N ASP A 266 -40.93 -20.78 -20.21
CA ASP A 266 -39.57 -20.27 -19.96
C ASP A 266 -38.96 -20.83 -18.67
N ASN A 267 -39.80 -21.31 -17.76
CA ASN A 267 -39.29 -21.83 -16.51
C ASN A 267 -38.34 -23.00 -16.71
N VAL A 268 -38.48 -23.74 -17.80
CA VAL A 268 -37.58 -24.87 -17.99
C VAL A 268 -36.18 -24.39 -18.33
N ALA A 269 -36.05 -23.45 -19.27
CA ALA A 269 -34.74 -22.93 -19.63
C ALA A 269 -34.13 -22.16 -18.43
N LEU A 270 -34.98 -21.55 -17.61
CA LEU A 270 -34.48 -20.81 -16.46
C LEU A 270 -33.92 -21.75 -15.39
N GLN A 271 -34.56 -22.92 -15.24
CA GLN A 271 -34.10 -23.93 -14.28
C GLN A 271 -32.78 -24.53 -14.83
N VAL A 272 -32.64 -24.62 -16.15
CA VAL A 272 -31.41 -25.12 -16.72
C VAL A 272 -30.30 -24.12 -16.38
N ALA A 273 -30.61 -22.83 -16.54
CA ALA A 273 -29.66 -21.75 -16.27
C ALA A 273 -29.26 -21.74 -14.79
N ASN A 274 -30.24 -21.85 -13.89
CA ASN A 274 -29.93 -21.89 -12.46
C ASN A 274 -29.11 -23.12 -12.09
N ALA A 275 -29.34 -24.23 -12.78
CA ALA A 275 -28.58 -25.44 -12.49
C ALA A 275 -27.12 -25.21 -12.94
N ILE A 276 -26.91 -24.43 -14.01
CA ILE A 276 -25.53 -24.17 -14.47
C ILE A 276 -24.77 -23.37 -13.39
N ILE A 277 -25.41 -22.37 -12.82
CA ILE A 277 -24.78 -21.57 -11.77
C ILE A 277 -24.75 -22.40 -10.48
N GLY A 278 -25.83 -23.15 -10.26
CA GLY A 278 -25.92 -24.03 -9.12
C GLY A 278 -26.03 -23.50 -7.70
N HIS A 279 -25.52 -24.32 -6.79
CA HIS A 279 -25.54 -24.02 -5.38
C HIS A 279 -24.20 -24.41 -4.80
N TYR A 280 -23.96 -24.06 -3.54
CA TYR A 280 -22.69 -24.38 -2.93
C TYR A 280 -22.68 -24.10 -1.45
N ASP A 281 -21.91 -24.89 -0.71
CA ASP A 281 -21.66 -24.60 0.69
C ASP A 281 -20.31 -25.17 1.08
N CYS A 282 -19.73 -24.60 2.13
CA CYS A 282 -18.43 -24.96 2.61
C CYS A 282 -18.19 -26.47 2.88
N THR A 283 -19.23 -27.29 2.87
CA THR A 283 -19.00 -28.72 3.09
C THR A 283 -19.00 -29.51 1.80
N TYR A 284 -19.18 -28.87 0.65
CA TYR A 284 -19.16 -29.61 -0.63
C TYR A 284 -17.76 -30.14 -0.87
N GLY A 285 -17.65 -31.36 -1.39
CA GLY A 285 -16.34 -31.93 -1.62
C GLY A 285 -15.62 -31.52 -2.90
N GLY A 286 -16.35 -30.98 -3.87
CA GLY A 286 -15.73 -30.61 -5.13
C GLY A 286 -14.72 -29.48 -5.10
N GLY A 287 -14.94 -28.51 -4.21
CA GLY A 287 -14.06 -27.37 -4.08
C GLY A 287 -13.73 -26.60 -5.34
N ALA A 288 -12.44 -26.51 -5.62
CA ALA A 288 -11.93 -25.78 -6.76
C ALA A 288 -12.27 -26.41 -8.12
N HIS A 289 -12.67 -27.68 -8.12
CA HIS A 289 -12.96 -28.37 -9.37
C HIS A 289 -14.44 -28.36 -9.80
N LEU A 290 -15.27 -27.75 -8.98
CA LEU A 290 -16.69 -27.66 -9.29
C LEU A 290 -16.86 -27.00 -10.67
N SER A 291 -17.86 -27.48 -11.41
CA SER A 291 -18.13 -26.96 -12.74
C SER A 291 -18.61 -25.52 -12.75
N SER A 292 -19.47 -25.17 -11.81
CA SER A 292 -19.95 -23.81 -11.76
C SER A 292 -18.81 -22.85 -11.44
N PRO A 293 -18.61 -21.83 -12.30
CA PRO A 293 -17.55 -20.85 -12.08
C PRO A 293 -17.73 -20.16 -10.73
N LEU A 294 -18.98 -19.82 -10.43
CA LEU A 294 -19.29 -19.17 -9.16
C LEU A 294 -18.87 -20.07 -8.02
N ALA A 295 -19.26 -21.35 -8.10
CA ALA A 295 -18.91 -22.27 -7.04
C ALA A 295 -17.41 -22.44 -6.90
N SER A 296 -16.71 -22.64 -8.03
CA SER A 296 -15.27 -22.84 -7.94
C SER A 296 -14.53 -21.61 -7.44
N ILE A 297 -14.94 -20.42 -7.90
CA ILE A 297 -14.32 -19.16 -7.46
C ILE A 297 -14.61 -18.97 -5.98
N ALA A 298 -15.85 -19.23 -5.60
CA ALA A 298 -16.27 -19.09 -4.22
C ALA A 298 -15.43 -19.99 -3.33
N ALA A 299 -15.26 -21.24 -3.76
CA ALA A 299 -14.48 -22.20 -3.00
C ALA A 299 -12.97 -21.90 -2.95
N THR A 300 -12.34 -21.59 -4.08
CA THR A 300 -10.92 -21.36 -4.01
C THR A 300 -10.56 -20.05 -3.30
N ASN A 301 -11.42 -19.05 -3.40
CA ASN A 301 -11.19 -17.76 -2.76
C ASN A 301 -11.90 -17.58 -1.43
N LYS A 302 -12.59 -18.61 -0.96
CA LYS A 302 -13.29 -18.53 0.30
C LYS A 302 -14.22 -17.33 0.33
N LEU A 303 -14.97 -17.10 -0.75
CA LEU A 303 -15.87 -15.94 -0.83
C LEU A 303 -17.20 -16.06 -0.10
N CYS A 304 -17.62 -17.26 0.25
CA CYS A 304 -18.90 -17.39 0.93
C CYS A 304 -18.99 -18.72 1.62
N GLN A 305 -19.95 -18.85 2.54
CA GLN A 305 -20.14 -20.09 3.25
C GLN A 305 -21.06 -20.95 2.38
N SER A 306 -21.99 -20.29 1.69
CA SER A 306 -22.93 -21.00 0.83
C SER A 306 -23.65 -20.02 -0.09
N PHE A 307 -24.26 -20.57 -1.13
CA PHE A 307 -25.08 -19.79 -2.05
C PHE A 307 -25.98 -20.78 -2.75
N GLN A 308 -27.08 -20.28 -3.28
CA GLN A 308 -28.06 -21.10 -3.99
C GLN A 308 -28.81 -20.17 -4.94
N THR A 309 -29.10 -20.66 -6.13
CA THR A 309 -29.86 -19.90 -7.09
C THR A 309 -31.26 -20.41 -6.80
N PHE A 310 -32.29 -19.66 -7.20
CA PHE A 310 -33.64 -20.13 -6.99
C PHE A 310 -34.58 -19.56 -8.06
N ASN A 311 -35.71 -20.23 -8.24
CA ASN A 311 -36.76 -19.80 -9.16
C ASN A 311 -38.06 -20.00 -8.40
N ILE A 312 -38.44 -19.02 -7.59
CA ILE A 312 -39.66 -19.11 -6.80
C ILE A 312 -40.80 -18.63 -7.69
N CYS A 313 -41.75 -19.52 -7.99
CA CYS A 313 -42.87 -19.16 -8.87
C CYS A 313 -44.21 -18.94 -8.17
N TYR A 314 -44.95 -17.97 -8.69
CA TYR A 314 -46.30 -17.63 -8.21
C TYR A 314 -47.16 -17.59 -9.49
N ALA A 315 -48.47 -17.39 -9.33
CA ALA A 315 -49.38 -17.36 -10.47
C ALA A 315 -48.86 -16.63 -11.71
N ASP A 316 -48.62 -15.32 -11.65
CA ASP A 316 -48.12 -14.65 -12.88
C ASP A 316 -46.86 -13.83 -12.67
N THR A 317 -46.03 -14.23 -11.72
CA THR A 317 -44.82 -13.50 -11.44
C THR A 317 -43.96 -14.44 -10.58
N GLY A 318 -42.80 -13.97 -10.15
CA GLY A 318 -41.96 -14.82 -9.33
C GLY A 318 -40.64 -14.15 -9.03
N LEU A 319 -39.79 -14.84 -8.26
CA LEU A 319 -38.48 -14.31 -7.93
C LEU A 319 -37.45 -15.28 -8.50
N LEU A 320 -36.63 -14.74 -9.38
CA LEU A 320 -35.59 -15.52 -10.05
C LEU A 320 -34.29 -14.89 -9.63
N GLY A 321 -33.49 -15.63 -8.87
CA GLY A 321 -32.24 -15.06 -8.42
C GLY A 321 -31.32 -15.97 -7.61
N ALA A 322 -30.72 -15.42 -6.58
CA ALA A 322 -29.82 -16.19 -5.75
C ALA A 322 -29.73 -15.62 -4.35
N HIS A 323 -29.27 -16.46 -3.44
CA HIS A 323 -29.10 -16.12 -2.04
C HIS A 323 -27.71 -16.62 -1.66
N PHE A 324 -26.98 -15.83 -0.87
CA PHE A 324 -25.68 -16.29 -0.44
C PHE A 324 -25.46 -15.76 0.95
N VAL A 325 -24.58 -16.45 1.68
CA VAL A 325 -24.22 -16.16 3.05
C VAL A 325 -22.71 -16.02 3.03
N CYS A 326 -22.20 -14.87 3.46
CA CYS A 326 -20.76 -14.71 3.45
C CYS A 326 -20.27 -13.75 4.53
N ASP A 327 -18.96 -13.68 4.65
CA ASP A 327 -18.29 -12.81 5.59
C ASP A 327 -18.58 -11.36 5.18
N HIS A 328 -18.50 -10.42 6.12
CA HIS A 328 -18.79 -9.03 5.80
C HIS A 328 -17.85 -8.42 4.75
N MET A 329 -16.64 -8.97 4.60
CA MET A 329 -15.70 -8.43 3.61
C MET A 329 -15.79 -9.06 2.23
N SER A 330 -16.73 -9.99 2.05
CA SER A 330 -16.86 -10.70 0.76
C SER A 330 -18.11 -10.42 -0.04
N ILE A 331 -19.03 -9.62 0.50
CA ILE A 331 -20.28 -9.35 -0.19
C ILE A 331 -20.07 -8.78 -1.58
N ASP A 332 -19.22 -7.78 -1.68
CA ASP A 332 -18.97 -7.16 -2.97
C ASP A 332 -18.43 -8.13 -4.01
N ASP A 333 -17.45 -8.94 -3.61
CA ASP A 333 -16.89 -9.93 -4.52
C ASP A 333 -17.92 -10.95 -4.97
N MET A 334 -18.74 -11.43 -4.03
CA MET A 334 -19.79 -12.42 -4.36
C MET A 334 -20.77 -11.85 -5.37
N MET A 335 -21.23 -10.63 -5.10
CA MET A 335 -22.17 -9.96 -5.99
C MET A 335 -21.56 -9.78 -7.37
N PHE A 336 -20.31 -9.38 -7.40
CA PHE A 336 -19.58 -9.19 -8.65
C PHE A 336 -19.53 -10.49 -9.47
N VAL A 337 -19.12 -11.59 -8.84
CA VAL A 337 -19.03 -12.85 -9.55
C VAL A 337 -20.40 -13.38 -9.95
N LEU A 338 -21.37 -13.28 -9.05
CA LEU A 338 -22.73 -13.74 -9.31
C LEU A 338 -23.31 -13.01 -10.51
N GLN A 339 -23.23 -11.68 -10.51
CA GLN A 339 -23.77 -10.92 -11.65
C GLN A 339 -22.94 -11.20 -12.90
N GLY A 340 -21.63 -11.42 -12.73
CA GLY A 340 -20.80 -11.73 -13.89
C GLY A 340 -21.31 -12.99 -14.54
N GLN A 341 -21.72 -13.97 -13.72
CA GLN A 341 -22.22 -15.23 -14.27
C GLN A 341 -23.57 -15.10 -14.97
N TRP A 342 -24.47 -14.27 -14.43
CA TRP A 342 -25.76 -14.06 -15.07
C TRP A 342 -25.52 -13.44 -16.44
N MET A 343 -24.62 -12.47 -16.49
CA MET A 343 -24.30 -11.82 -17.76
C MET A 343 -23.65 -12.83 -18.71
N ARG A 344 -22.79 -13.70 -18.20
CA ARG A 344 -22.13 -14.65 -19.08
C ARG A 344 -23.15 -15.57 -19.77
N LEU A 345 -24.16 -16.00 -19.02
CA LEU A 345 -25.21 -16.86 -19.54
C LEU A 345 -26.07 -16.14 -20.58
N CYS A 346 -26.36 -14.87 -20.34
CA CYS A 346 -27.17 -14.07 -21.26
C CYS A 346 -26.49 -13.90 -22.61
N THR A 347 -25.19 -13.68 -22.57
CA THR A 347 -24.43 -13.44 -23.78
C THR A 347 -23.60 -14.59 -24.34
N SER A 348 -23.18 -15.52 -23.50
CA SER A 348 -22.33 -16.60 -24.00
C SER A 348 -22.50 -18.00 -23.46
N ALA A 349 -23.71 -18.37 -23.03
CA ALA A 349 -23.89 -19.73 -22.53
C ALA A 349 -23.33 -20.64 -23.63
N THR A 350 -22.61 -21.69 -23.26
CA THR A 350 -22.04 -22.61 -24.27
C THR A 350 -22.86 -23.88 -24.29
N GLU A 351 -22.77 -24.62 -25.38
CA GLU A 351 -23.53 -25.86 -25.49
C GLU A 351 -23.12 -26.88 -24.42
N SER A 352 -21.83 -27.01 -24.19
CA SER A 352 -21.41 -27.97 -23.17
C SER A 352 -21.96 -27.67 -21.77
N GLU A 353 -22.01 -26.40 -21.35
CA GLU A 353 -22.52 -26.12 -20.00
C GLU A 353 -24.04 -26.22 -19.95
N VAL A 354 -24.68 -25.89 -21.06
CA VAL A 354 -26.13 -26.00 -21.09
C VAL A 354 -26.48 -27.48 -21.03
N LEU A 355 -25.65 -28.32 -21.64
CA LEU A 355 -25.89 -29.77 -21.58
C LEU A 355 -25.74 -30.24 -20.12
N ARG A 356 -24.79 -29.66 -19.40
CA ARG A 356 -24.59 -30.03 -18.00
C ARG A 356 -25.85 -29.58 -17.20
N GLY A 357 -26.32 -28.37 -17.47
CA GLY A 357 -27.50 -27.87 -16.79
C GLY A 357 -28.69 -28.79 -17.04
N LYS A 358 -28.90 -29.19 -18.29
CA LYS A 358 -29.99 -30.05 -18.63
C LYS A 358 -29.88 -31.37 -17.88
N ASN A 359 -28.69 -31.97 -17.84
CA ASN A 359 -28.55 -33.23 -17.10
C ASN A 359 -28.79 -33.07 -15.61
N LEU A 360 -28.35 -31.95 -15.05
CA LEU A 360 -28.57 -31.69 -13.63
C LEU A 360 -30.07 -31.58 -13.38
N LEU A 361 -30.74 -30.83 -14.23
CA LEU A 361 -32.17 -30.65 -14.08
C LEU A 361 -32.90 -31.99 -14.23
N ARG A 362 -32.47 -32.81 -15.18
CA ARG A 362 -33.10 -34.13 -15.37
C ARG A 362 -32.94 -34.95 -14.09
N ASN A 363 -31.74 -34.94 -13.52
CA ASN A 363 -31.52 -35.70 -12.31
C ASN A 363 -32.30 -35.14 -11.13
N ALA A 364 -32.41 -33.82 -11.05
CA ALA A 364 -33.15 -33.17 -9.96
C ALA A 364 -34.63 -33.60 -9.98
N LEU A 365 -35.23 -33.52 -11.17
CA LEU A 365 -36.61 -33.90 -11.39
C LEU A 365 -36.88 -35.33 -10.96
N VAL A 366 -36.15 -36.27 -11.53
CA VAL A 366 -36.39 -37.67 -11.18
C VAL A 366 -36.04 -38.04 -9.74
N SER A 367 -34.89 -37.59 -9.23
CA SER A 367 -34.53 -37.94 -7.85
C SER A 367 -35.50 -37.32 -6.85
N HIS A 368 -36.09 -36.20 -7.20
CA HIS A 368 -37.05 -35.54 -6.32
C HIS A 368 -38.35 -36.34 -6.18
N LEU A 369 -38.86 -36.84 -7.30
CA LEU A 369 -40.11 -37.61 -7.29
C LEU A 369 -39.89 -39.04 -6.81
N ASP A 370 -39.14 -39.19 -5.72
CA ASP A 370 -38.81 -40.48 -5.16
C ASP A 370 -39.54 -40.67 -3.83
N GLY A 371 -40.60 -41.45 -3.85
CA GLY A 371 -41.35 -41.68 -2.62
C GLY A 371 -42.77 -41.18 -2.78
N THR A 372 -43.71 -41.73 -2.01
CA THR A 372 -45.10 -41.33 -2.14
C THR A 372 -45.39 -39.88 -1.79
N THR A 373 -44.69 -39.32 -0.81
CA THR A 373 -44.98 -37.95 -0.42
C THR A 373 -44.61 -36.92 -1.48
N PRO A 374 -43.39 -37.00 -2.05
CA PRO A 374 -43.00 -36.03 -3.08
C PRO A 374 -43.92 -36.15 -4.29
N VAL A 375 -44.29 -37.38 -4.64
CA VAL A 375 -45.17 -37.57 -5.80
C VAL A 375 -46.56 -36.99 -5.50
N CYS A 376 -47.10 -37.35 -4.34
CA CYS A 376 -48.41 -36.86 -3.95
C CYS A 376 -48.45 -35.33 -3.93
N GLU A 377 -47.40 -34.70 -3.41
CA GLU A 377 -47.38 -33.24 -3.40
C GLU A 377 -47.30 -32.68 -4.81
N ASP A 378 -46.58 -33.37 -5.69
CA ASP A 378 -46.43 -32.95 -7.07
C ASP A 378 -47.77 -33.00 -7.79
N ILE A 379 -48.58 -33.98 -7.42
CA ILE A 379 -49.91 -34.12 -7.98
C ILE A 379 -50.82 -32.99 -7.47
N GLY A 380 -50.84 -32.81 -6.16
CA GLY A 380 -51.69 -31.79 -5.57
C GLY A 380 -51.35 -30.41 -6.10
N ARG A 381 -50.07 -30.07 -6.03
CA ARG A 381 -49.64 -28.76 -6.49
C ARG A 381 -49.76 -28.56 -8.01
N SER A 382 -49.47 -29.58 -8.81
CA SER A 382 -49.56 -29.43 -10.28
C SER A 382 -51.01 -29.20 -10.73
N LEU A 383 -51.96 -29.87 -10.10
CA LEU A 383 -53.36 -29.67 -10.47
C LEU A 383 -53.81 -28.24 -10.17
N LEU A 384 -53.30 -27.69 -9.07
CA LEU A 384 -53.63 -26.33 -8.66
C LEU A 384 -53.00 -25.29 -9.58
N THR A 385 -51.73 -25.49 -9.90
CA THR A 385 -50.99 -24.54 -10.74
C THR A 385 -51.16 -24.74 -12.25
N TYR A 386 -50.74 -25.88 -12.78
CA TYR A 386 -50.87 -26.12 -14.22
C TYR A 386 -52.26 -26.58 -14.58
N GLY A 387 -52.94 -27.20 -13.63
CA GLY A 387 -54.27 -27.69 -13.92
C GLY A 387 -54.19 -29.12 -14.41
N ARG A 388 -52.99 -29.67 -14.41
CA ARG A 388 -52.77 -31.05 -14.86
C ARG A 388 -51.42 -31.51 -14.34
N ARG A 389 -51.21 -32.82 -14.33
CA ARG A 389 -49.94 -33.37 -13.91
C ARG A 389 -49.11 -33.38 -15.19
N ILE A 390 -47.92 -32.80 -15.12
CA ILE A 390 -47.06 -32.79 -16.30
C ILE A 390 -46.17 -34.02 -16.18
N PRO A 391 -46.34 -34.98 -17.10
CA PRO A 391 -45.54 -36.21 -17.07
C PRO A 391 -44.04 -36.01 -17.31
N LEU A 392 -43.24 -36.92 -16.76
CA LEU A 392 -41.79 -36.86 -16.92
C LEU A 392 -41.41 -36.87 -18.40
N ALA A 393 -42.18 -37.59 -19.21
CA ALA A 393 -41.90 -37.65 -20.64
C ALA A 393 -42.07 -36.25 -21.21
N GLU A 394 -42.99 -35.45 -20.64
CA GLU A 394 -43.17 -34.09 -21.13
C GLU A 394 -42.02 -33.21 -20.65
N TRP A 395 -41.67 -33.34 -19.37
CA TRP A 395 -40.56 -32.57 -18.83
C TRP A 395 -39.30 -32.83 -19.66
N GLU A 396 -39.07 -34.09 -20.01
CA GLU A 396 -37.90 -34.45 -20.82
C GLU A 396 -37.96 -33.72 -22.17
N SER A 397 -39.13 -33.74 -22.82
CA SER A 397 -39.24 -33.03 -24.10
C SER A 397 -38.93 -31.55 -23.94
N ARG A 398 -39.48 -30.93 -22.90
CA ARG A 398 -39.24 -29.52 -22.68
C ARG A 398 -37.76 -29.27 -22.42
N ILE A 399 -37.13 -30.13 -21.63
CA ILE A 399 -35.70 -29.98 -21.35
C ILE A 399 -34.89 -30.18 -22.62
N ALA A 400 -35.23 -31.22 -23.38
CA ALA A 400 -34.53 -31.52 -24.62
C ALA A 400 -34.52 -30.36 -25.62
N GLU A 401 -35.57 -29.56 -25.60
CA GLU A 401 -35.69 -28.39 -26.49
C GLU A 401 -34.74 -27.24 -26.14
N VAL A 402 -34.19 -27.27 -24.94
CA VAL A 402 -33.30 -26.20 -24.50
C VAL A 402 -31.88 -26.38 -25.06
N ASP A 403 -31.31 -25.30 -25.58
CA ASP A 403 -29.94 -25.35 -26.08
C ASP A 403 -29.28 -24.02 -25.72
N ALA A 404 -28.01 -23.83 -26.05
CA ALA A 404 -27.31 -22.60 -25.72
C ALA A 404 -28.06 -21.34 -26.15
N ARG A 405 -28.66 -21.39 -27.33
CA ARG A 405 -29.36 -20.24 -27.87
C ARG A 405 -30.54 -19.90 -26.98
N VAL A 406 -31.32 -20.92 -26.64
CA VAL A 406 -32.49 -20.74 -25.80
C VAL A 406 -32.09 -20.21 -24.42
N VAL A 407 -31.01 -20.73 -23.85
CA VAL A 407 -30.56 -20.23 -22.56
C VAL A 407 -30.16 -18.76 -22.68
N ARG A 408 -29.43 -18.40 -23.74
CA ARG A 408 -29.02 -17.01 -23.88
C ARG A 408 -30.22 -16.07 -24.02
N GLU A 409 -31.19 -16.44 -24.85
CA GLU A 409 -32.36 -15.58 -25.06
C GLU A 409 -33.29 -15.52 -23.85
N VAL A 410 -33.51 -16.65 -23.19
CA VAL A 410 -34.38 -16.65 -22.02
C VAL A 410 -33.72 -15.92 -20.83
N CYS A 411 -32.43 -16.13 -20.63
CA CYS A 411 -31.77 -15.42 -19.54
C CYS A 411 -31.72 -13.93 -19.87
N SER A 412 -31.53 -13.61 -21.14
CA SER A 412 -31.47 -12.18 -21.52
C SER A 412 -32.81 -11.51 -21.27
N LYS A 413 -33.88 -12.24 -21.51
CA LYS A 413 -35.22 -11.73 -21.32
C LYS A 413 -35.54 -11.40 -19.86
N TYR A 414 -35.03 -12.20 -18.92
CA TYR A 414 -35.32 -11.98 -17.50
C TYR A 414 -34.25 -11.26 -16.67
N PHE A 415 -32.99 -11.36 -17.07
CA PHE A 415 -31.91 -10.76 -16.30
C PHE A 415 -31.27 -9.52 -16.89
N TYR A 416 -31.02 -9.57 -18.18
CA TYR A 416 -30.32 -8.50 -18.84
C TYR A 416 -30.95 -7.13 -18.80
N ASP A 417 -30.25 -6.22 -18.10
CA ASP A 417 -30.70 -4.84 -17.98
C ASP A 417 -32.11 -4.76 -17.37
N GLN A 418 -32.38 -5.60 -16.38
CA GLN A 418 -33.65 -5.59 -15.67
C GLN A 418 -33.31 -5.11 -14.25
N CYS A 419 -34.26 -4.45 -13.59
CA CYS A 419 -34.04 -3.98 -12.23
C CYS A 419 -34.26 -5.14 -11.23
N PRO A 420 -33.32 -5.34 -10.31
CA PRO A 420 -33.59 -6.44 -9.40
C PRO A 420 -34.14 -5.97 -8.05
N ALA A 421 -34.65 -6.91 -7.27
CA ALA A 421 -35.12 -6.63 -5.92
C ALA A 421 -33.96 -7.21 -5.11
N VAL A 422 -33.50 -6.46 -4.10
CA VAL A 422 -32.38 -6.86 -3.27
C VAL A 422 -32.69 -6.76 -1.80
N ALA A 423 -32.35 -7.83 -1.07
CA ALA A 423 -32.57 -7.85 0.35
C ALA A 423 -31.29 -8.28 1.05
N GLY A 424 -30.90 -7.51 2.06
CA GLY A 424 -29.70 -7.85 2.81
C GLY A 424 -29.99 -7.78 4.31
N PHE A 425 -29.32 -8.62 5.08
CA PHE A 425 -29.49 -8.66 6.52
C PHE A 425 -28.15 -9.06 7.19
N GLY A 426 -27.72 -8.30 8.20
CA GLY A 426 -26.48 -8.63 8.90
C GLY A 426 -25.39 -7.57 8.73
N PRO A 427 -24.10 -7.95 8.81
CA PRO A 427 -23.01 -6.98 8.65
C PRO A 427 -22.89 -6.72 7.17
N ILE A 428 -23.79 -5.89 6.65
CA ILE A 428 -23.84 -5.59 5.22
C ILE A 428 -23.34 -4.23 4.73
N GLU A 429 -22.40 -3.64 5.45
CA GLU A 429 -21.85 -2.35 5.05
C GLU A 429 -21.25 -2.41 3.64
N GLN A 430 -20.79 -3.60 3.23
CA GLN A 430 -20.16 -3.76 1.92
C GLN A 430 -21.14 -4.18 0.84
N LEU A 431 -22.42 -4.33 1.17
CA LEU A 431 -23.40 -4.68 0.16
C LEU A 431 -23.34 -3.53 -0.83
N PRO A 432 -23.12 -3.82 -2.12
CA PRO A 432 -23.07 -2.69 -3.06
C PRO A 432 -24.33 -1.85 -3.13
N ASP A 433 -24.12 -0.58 -3.44
CA ASP A 433 -25.19 0.39 -3.63
C ASP A 433 -26.10 -0.12 -4.76
N TYR A 434 -27.39 0.14 -4.64
CA TYR A 434 -28.31 -0.31 -5.67
C TYR A 434 -27.93 0.10 -7.09
N ASN A 435 -27.46 1.34 -7.28
CA ASN A 435 -27.06 1.78 -8.62
C ASN A 435 -25.97 0.87 -9.20
N ARG A 436 -25.02 0.51 -8.36
CA ARG A 436 -23.94 -0.38 -8.79
C ARG A 436 -24.48 -1.77 -9.15
N ILE A 437 -25.40 -2.28 -8.34
CA ILE A 437 -26.00 -3.58 -8.61
C ILE A 437 -26.79 -3.49 -9.93
N ARG A 438 -27.56 -2.42 -10.11
CA ARG A 438 -28.36 -2.25 -11.32
C ARG A 438 -27.47 -2.20 -12.57
N SER A 439 -26.34 -1.51 -12.46
CA SER A 439 -25.40 -1.41 -13.57
C SER A 439 -24.78 -2.78 -13.84
N GLY A 440 -24.68 -3.60 -12.80
CA GLY A 440 -24.14 -4.94 -12.96
C GLY A 440 -25.11 -5.85 -13.73
N MET A 441 -26.29 -5.35 -14.05
CA MET A 441 -27.27 -6.15 -14.79
C MET A 441 -27.11 -5.97 -16.29
N PHE A 442 -26.12 -5.21 -16.71
CA PHE A 442 -25.91 -5.03 -18.14
C PHE A 442 -24.46 -4.82 -18.56
N TRP A 443 -23.56 -4.77 -17.58
N GLU B 12 -52.02 -44.33 -12.37
CA GLU B 12 -52.63 -45.41 -13.22
C GLU B 12 -52.05 -46.77 -12.86
N VAL B 17 -52.35 -47.79 -13.67
CA VAL B 17 -51.85 -49.13 -13.42
C VAL B 17 -50.38 -49.27 -13.82
N PRO B 18 -49.49 -49.38 -12.83
CA PRO B 18 -48.04 -49.50 -13.01
C PRO B 18 -47.63 -50.87 -13.56
N PRO B 19 -46.36 -51.00 -14.00
CA PRO B 19 -45.86 -52.27 -14.54
C PRO B 19 -46.19 -53.41 -13.62
CA HIS B 20 -42.74 -55.15 -12.52
C HIS B 20 -44.18 -55.35 -12.04
N PRO B 21 -44.42 -55.22 -10.72
CA PRO B 21 -43.44 -54.92 -9.67
C PRO B 21 -42.52 -56.11 -9.48
N GLN B 22 -41.22 -55.89 -9.68
CA GLN B 22 -40.24 -56.96 -9.56
C GLN B 22 -39.73 -57.26 -8.16
N ASP B 23 -39.06 -58.39 -8.04
CA ASP B 23 -38.50 -58.82 -6.77
C ASP B 23 -37.02 -58.47 -6.69
N LEU B 24 -36.54 -58.39 -5.46
CA LEU B 24 -35.15 -58.08 -5.21
C LEU B 24 -34.31 -59.30 -5.55
N GLU B 25 -33.29 -59.11 -6.39
CA GLU B 25 -32.39 -60.19 -6.76
C GLU B 25 -31.22 -60.08 -5.77
N PHE B 26 -30.89 -61.20 -5.13
CA PHE B 26 -29.83 -61.23 -4.13
C PHE B 26 -28.84 -62.32 -4.49
N THR B 27 -27.57 -62.05 -4.26
CA THR B 27 -26.53 -63.00 -4.59
C THR B 27 -25.37 -62.82 -3.63
N ARG B 28 -24.94 -63.91 -3.02
CA ARG B 28 -23.79 -63.84 -2.14
C ARG B 28 -22.71 -64.57 -2.93
N LEU B 29 -21.64 -63.88 -3.31
CA LEU B 29 -20.54 -64.49 -4.07
C LEU B 29 -19.69 -65.35 -3.15
N PRO B 30 -18.85 -66.23 -3.73
CA PRO B 30 -18.00 -67.10 -2.95
C PRO B 30 -17.05 -66.36 -2.01
N ASN B 31 -16.55 -65.20 -2.43
CA ASN B 31 -15.64 -64.43 -1.60
C ASN B 31 -16.31 -63.72 -0.42
N GLY B 32 -17.64 -63.77 -0.37
CA GLY B 32 -18.35 -63.15 0.73
C GLY B 32 -19.08 -61.86 0.37
N LEU B 33 -18.74 -61.26 -0.75
CA LEU B 33 -19.40 -60.04 -1.18
C LEU B 33 -20.84 -60.31 -1.57
N VAL B 34 -21.75 -59.46 -1.09
CA VAL B 34 -23.17 -59.58 -1.39
C VAL B 34 -23.55 -58.61 -2.51
N ILE B 35 -24.39 -59.04 -3.44
CA ILE B 35 -24.89 -58.15 -4.50
C ILE B 35 -26.41 -58.27 -4.47
N ALA B 36 -27.08 -57.12 -4.39
CA ALA B 36 -28.53 -57.09 -4.35
C ALA B 36 -29.02 -55.98 -5.28
N SER B 37 -30.01 -56.30 -6.10
CA SER B 37 -30.51 -55.28 -7.00
C SER B 37 -32.00 -55.42 -7.19
N LEU B 38 -32.65 -54.28 -7.38
CA LEU B 38 -34.08 -54.25 -7.60
C LEU B 38 -34.29 -53.43 -8.84
N GLU B 39 -34.98 -54.00 -9.82
CA GLU B 39 -35.25 -53.26 -11.04
C GLU B 39 -36.59 -52.58 -10.86
N ASN B 40 -36.56 -51.26 -10.83
CA ASN B 40 -37.80 -50.51 -10.68
C ASN B 40 -38.18 -49.83 -11.99
N TYR B 41 -37.33 -49.94 -13.00
CA TYR B 41 -37.60 -49.30 -14.29
C TYR B 41 -37.64 -47.79 -14.13
N ALA B 42 -37.01 -47.28 -13.07
CA ALA B 42 -36.96 -45.85 -12.82
C ALA B 42 -35.97 -45.21 -13.80
N PRO B 43 -36.18 -43.93 -14.15
CA PRO B 43 -35.32 -43.20 -15.08
C PRO B 43 -33.91 -42.99 -14.53
N ALA B 44 -33.76 -43.02 -13.22
CA ALA B 44 -32.45 -42.84 -12.62
C ALA B 44 -32.06 -44.06 -11.81
N SER B 45 -30.75 -44.27 -11.67
CA SER B 45 -30.25 -45.41 -10.92
C SER B 45 -29.56 -44.94 -9.65
N ARG B 46 -29.40 -45.85 -8.70
CA ARG B 46 -28.71 -45.55 -7.46
C ARG B 46 -27.91 -46.77 -7.12
N ILE B 47 -26.61 -46.60 -6.98
CA ILE B 47 -25.76 -47.71 -6.63
C ILE B 47 -25.02 -47.36 -5.36
N GLY B 48 -24.92 -48.31 -4.45
CA GLY B 48 -24.20 -48.07 -3.22
C GLY B 48 -23.24 -49.21 -2.93
N LEU B 49 -22.03 -48.87 -2.53
CA LEU B 49 -21.08 -49.90 -2.15
C LEU B 49 -21.01 -49.73 -0.63
N PHE B 50 -21.51 -50.73 0.09
CA PHE B 50 -21.53 -50.71 1.55
C PHE B 50 -20.34 -51.51 2.07
N ILE B 51 -19.65 -50.94 3.05
CA ILE B 51 -18.46 -51.55 3.62
C ILE B 51 -18.44 -51.47 5.14
N LYS B 52 -17.98 -52.55 5.76
CA LYS B 52 -17.85 -52.59 7.21
C LYS B 52 -16.57 -51.82 7.47
N ALA B 53 -16.65 -50.49 7.43
CA ALA B 53 -15.47 -49.66 7.64
C ALA B 53 -15.79 -48.44 8.50
N GLY B 54 -16.91 -48.50 9.21
CA GLY B 54 -17.32 -47.42 10.08
C GLY B 54 -16.26 -47.18 11.14
N SER B 55 -16.44 -46.10 11.92
CA SER B 55 -15.48 -45.71 12.94
C SER B 55 -15.15 -46.70 14.05
N ARG B 56 -15.98 -47.73 14.24
CA ARG B 56 -15.70 -48.73 15.27
C ARG B 56 -14.43 -49.50 14.95
N TYR B 57 -13.99 -49.43 13.70
CA TYR B 57 -12.79 -50.12 13.26
C TYR B 57 -11.50 -49.35 13.43
N GLU B 58 -11.60 -48.12 13.94
CA GLU B 58 -10.41 -47.30 14.20
C GLU B 58 -9.93 -47.76 15.59
N ASN B 59 -8.66 -47.53 15.89
CA ASN B 59 -8.12 -47.87 17.21
C ASN B 59 -7.59 -46.55 17.78
N SER B 60 -7.17 -46.52 19.04
CA SER B 60 -6.69 -45.26 19.62
C SER B 60 -5.51 -44.66 18.88
N ASN B 61 -4.90 -45.38 17.95
CA ASN B 61 -3.77 -44.79 17.21
C ASN B 61 -4.17 -44.08 15.91
N ASN B 62 -5.29 -44.46 15.32
CA ASN B 62 -5.69 -43.82 14.06
C ASN B 62 -7.09 -43.25 14.11
N LEU B 63 -7.48 -42.71 15.26
CA LEU B 63 -8.82 -42.13 15.38
C LEU B 63 -9.04 -41.03 14.34
N GLY B 64 -10.25 -40.97 13.81
CA GLY B 64 -10.54 -39.95 12.83
C GLY B 64 -10.18 -40.29 11.40
N THR B 65 -9.47 -41.41 11.20
CA THR B 65 -9.07 -41.82 9.86
C THR B 65 -10.29 -42.06 8.94
N SER B 66 -11.31 -42.72 9.46
CA SER B 66 -12.48 -42.97 8.65
C SER B 66 -13.25 -41.67 8.40
N HIS B 67 -13.06 -40.64 9.24
CA HIS B 67 -13.75 -39.37 9.00
C HIS B 67 -13.09 -38.71 7.78
N LEU B 68 -11.77 -38.60 7.83
CA LEU B 68 -11.05 -38.02 6.70
C LEU B 68 -11.37 -38.85 5.44
N LEU B 69 -11.36 -40.17 5.58
CA LEU B 69 -11.67 -41.05 4.46
C LEU B 69 -13.01 -40.66 3.81
N ARG B 70 -14.01 -40.41 4.65
CA ARG B 70 -15.35 -40.01 4.23
C ARG B 70 -15.33 -38.70 3.42
N LEU B 71 -14.36 -37.84 3.75
CA LEU B 71 -14.19 -36.54 3.09
C LEU B 71 -13.26 -36.59 1.88
N ALA B 72 -12.58 -37.71 1.71
CA ALA B 72 -11.62 -37.86 0.63
C ALA B 72 -12.14 -38.54 -0.64
N SER B 73 -13.45 -38.67 -0.78
CA SER B 73 -13.96 -39.37 -1.94
C SER B 73 -13.61 -38.75 -3.30
N SER B 74 -13.33 -37.45 -3.34
CA SER B 74 -12.99 -36.83 -4.63
C SER B 74 -11.50 -36.59 -4.87
N LEU B 75 -10.64 -37.22 -4.06
CA LEU B 75 -9.20 -37.09 -4.25
C LEU B 75 -8.79 -37.97 -5.44
N THR B 76 -7.62 -37.71 -5.98
CA THR B 76 -7.10 -38.46 -7.11
C THR B 76 -7.02 -39.97 -6.87
N THR B 77 -7.40 -40.73 -7.89
CA THR B 77 -7.35 -42.17 -7.86
C THR B 77 -6.42 -42.59 -9.02
N LYS B 78 -6.08 -43.86 -9.12
CA LYS B 78 -5.18 -44.34 -10.17
C LYS B 78 -5.83 -44.20 -11.55
N GLY B 79 -7.15 -44.31 -11.61
CA GLY B 79 -7.84 -44.22 -12.88
C GLY B 79 -8.48 -42.88 -13.17
N ALA B 80 -8.50 -41.99 -12.19
CA ALA B 80 -9.13 -40.68 -12.39
C ALA B 80 -8.59 -39.65 -11.42
N SER B 81 -8.25 -38.49 -11.95
CA SER B 81 -7.74 -37.40 -11.15
C SER B 81 -8.91 -36.81 -10.37
N SER B 82 -8.58 -36.12 -9.28
CA SER B 82 -9.56 -35.46 -8.45
C SER B 82 -10.45 -34.57 -9.35
N PHE B 83 -9.81 -33.81 -10.22
CA PHE B 83 -10.50 -32.92 -11.15
C PHE B 83 -11.51 -33.68 -12.06
N LYS B 84 -11.10 -34.82 -12.59
CA LYS B 84 -11.98 -35.58 -13.49
C LYS B 84 -13.17 -36.21 -12.77
N ILE B 85 -12.98 -36.60 -11.50
CA ILE B 85 -14.05 -37.20 -10.71
C ILE B 85 -15.16 -36.15 -10.54
N THR B 86 -14.77 -34.95 -10.12
CA THR B 86 -15.74 -33.88 -9.92
C THR B 86 -16.40 -33.42 -11.23
N ARG B 87 -15.61 -33.11 -12.24
CA ARG B 87 -16.19 -32.64 -13.52
C ARG B 87 -16.98 -33.71 -14.26
N GLY B 88 -16.45 -34.94 -14.25
CA GLY B 88 -17.13 -36.03 -14.95
C GLY B 88 -18.48 -36.39 -14.33
N ILE B 89 -18.56 -36.40 -13.01
CA ILE B 89 -19.84 -36.74 -12.37
C ILE B 89 -20.83 -35.58 -12.55
N GLU B 90 -20.36 -34.34 -12.46
CA GLU B 90 -21.23 -33.19 -12.64
C GLU B 90 -21.70 -33.06 -14.08
N ALA B 91 -20.84 -33.45 -15.02
CA ALA B 91 -21.18 -33.37 -16.43
C ALA B 91 -22.46 -34.17 -16.72
N VAL B 92 -22.65 -35.30 -16.04
CA VAL B 92 -23.84 -36.10 -16.27
C VAL B 92 -24.90 -35.79 -15.18
N GLY B 93 -24.65 -34.72 -14.44
CA GLY B 93 -25.56 -34.31 -13.39
C GLY B 93 -25.75 -35.35 -12.31
N GLY B 94 -24.72 -36.16 -12.07
CA GLY B 94 -24.83 -37.19 -11.08
C GLY B 94 -24.39 -36.78 -9.69
N LYS B 95 -24.34 -37.77 -8.81
CA LYS B 95 -23.95 -37.48 -7.47
C LYS B 95 -23.13 -38.59 -6.85
N LEU B 96 -22.22 -38.21 -5.96
CA LEU B 96 -21.38 -39.16 -5.24
C LEU B 96 -21.40 -38.74 -3.79
N SER B 97 -21.81 -39.62 -2.89
CA SER B 97 -21.81 -39.25 -1.50
C SER B 97 -21.29 -40.39 -0.63
N VAL B 98 -20.79 -40.05 0.55
CA VAL B 98 -20.28 -41.07 1.45
C VAL B 98 -20.95 -40.91 2.78
N THR B 99 -21.57 -41.98 3.24
CA THR B 99 -22.28 -41.98 4.49
C THR B 99 -21.64 -42.97 5.45
N SER B 100 -21.52 -42.56 6.71
CA SER B 100 -20.92 -43.42 7.69
C SER B 100 -21.73 -43.50 8.95
N THR B 101 -21.70 -44.67 9.57
CA THR B 101 -22.35 -44.89 10.85
C THR B 101 -21.18 -45.44 11.62
N ARG B 102 -21.40 -45.89 12.84
CA ARG B 102 -20.29 -46.42 13.61
C ARG B 102 -19.80 -47.75 13.08
N GLU B 103 -20.64 -48.42 12.29
CA GLU B 103 -20.26 -49.72 11.77
C GLU B 103 -19.96 -49.77 10.28
N ASN B 104 -20.71 -49.02 9.49
CA ASN B 104 -20.53 -49.07 8.05
C ASN B 104 -20.24 -47.75 7.36
N MET B 105 -19.74 -47.86 6.15
CA MET B 105 -19.49 -46.72 5.30
C MET B 105 -20.22 -47.10 4.02
N ALA B 106 -20.91 -46.14 3.44
CA ALA B 106 -21.64 -46.41 2.23
C ALA B 106 -21.35 -45.32 1.22
N TYR B 107 -20.73 -45.73 0.12
CA TYR B 107 -20.40 -44.87 -1.00
C TYR B 107 -21.55 -45.01 -1.98
N THR B 108 -22.27 -43.94 -2.25
CA THR B 108 -23.39 -44.04 -3.19
C THR B 108 -23.33 -43.05 -4.33
N VAL B 109 -23.74 -43.52 -5.50
CA VAL B 109 -23.79 -42.70 -6.70
C VAL B 109 -25.20 -42.72 -7.24
N GLU B 110 -25.60 -41.61 -7.84
CA GLU B 110 -26.93 -41.47 -8.43
C GLU B 110 -26.73 -40.85 -9.80
N CYS B 111 -27.53 -41.29 -10.77
CA CYS B 111 -27.46 -40.71 -12.11
C CYS B 111 -28.57 -41.29 -12.95
N LEU B 112 -28.74 -40.73 -14.15
CA LEU B 112 -29.76 -41.24 -15.07
C LEU B 112 -29.25 -42.64 -15.45
N ARG B 113 -30.17 -43.57 -15.69
CA ARG B 113 -29.73 -44.93 -15.97
C ARG B 113 -28.76 -45.14 -17.14
N ASP B 114 -28.76 -44.24 -18.11
CA ASP B 114 -27.85 -44.39 -19.25
C ASP B 114 -26.40 -44.07 -18.86
N ASP B 115 -26.21 -43.42 -17.71
CA ASP B 115 -24.88 -43.01 -17.28
C ASP B 115 -24.24 -43.85 -16.16
N VAL B 116 -24.89 -44.94 -15.79
CA VAL B 116 -24.35 -45.78 -14.73
C VAL B 116 -22.94 -46.30 -14.99
N ASP B 117 -22.58 -46.56 -16.24
CA ASP B 117 -21.24 -47.06 -16.51
C ASP B 117 -20.21 -46.01 -16.03
N ILE B 118 -20.48 -44.75 -16.31
CA ILE B 118 -19.60 -43.64 -15.90
C ILE B 118 -19.50 -43.53 -14.36
N LEU B 119 -20.64 -43.46 -13.69
CA LEU B 119 -20.63 -43.33 -12.24
C LEU B 119 -19.95 -44.55 -11.62
N MET B 120 -20.27 -45.74 -12.13
CA MET B 120 -19.67 -46.98 -11.62
C MET B 120 -18.14 -46.98 -11.66
N GLU B 121 -17.56 -46.49 -12.76
CA GLU B 121 -16.09 -46.45 -12.87
C GLU B 121 -15.52 -45.47 -11.84
N PHE B 122 -16.21 -44.34 -11.64
CA PHE B 122 -15.72 -43.41 -10.63
C PHE B 122 -15.80 -44.07 -9.27
N LEU B 123 -16.95 -44.67 -8.96
CA LEU B 123 -17.15 -45.35 -7.69
C LEU B 123 -16.07 -46.43 -7.42
N LEU B 124 -15.72 -47.18 -8.45
CA LEU B 124 -14.70 -48.24 -8.29
C LEU B 124 -13.33 -47.65 -8.04
N ASN B 125 -13.01 -46.58 -8.75
CA ASN B 125 -11.73 -45.91 -8.57
C ASN B 125 -11.59 -45.37 -7.16
N VAL B 126 -12.62 -44.70 -6.69
CA VAL B 126 -12.63 -44.13 -5.35
C VAL B 126 -12.47 -45.17 -4.24
N THR B 127 -13.20 -46.28 -4.37
CA THR B 127 -13.16 -47.29 -3.34
C THR B 127 -12.09 -48.37 -3.48
N THR B 128 -11.58 -48.59 -4.69
CA THR B 128 -10.58 -49.63 -4.83
C THR B 128 -9.23 -49.13 -5.28
N ALA B 129 -9.15 -47.91 -5.80
CA ALA B 129 -7.86 -47.41 -6.25
C ALA B 129 -7.45 -46.01 -5.79
N PRO B 130 -7.76 -45.63 -4.53
CA PRO B 130 -7.34 -44.28 -4.12
C PRO B 130 -5.81 -44.16 -4.09
N GLU B 131 -5.29 -42.96 -4.31
CA GLU B 131 -3.85 -42.80 -4.26
C GLU B 131 -3.43 -42.10 -2.98
N PHE B 132 -4.36 -41.36 -2.39
CA PHE B 132 -4.08 -40.61 -1.17
C PHE B 132 -2.74 -39.87 -1.29
N ARG B 133 -2.60 -39.04 -2.31
CA ARG B 133 -1.36 -38.30 -2.47
C ARG B 133 -1.13 -37.37 -1.29
N ARG B 134 0.11 -37.35 -0.86
CA ARG B 134 0.56 -36.55 0.28
C ARG B 134 0.05 -35.10 0.31
N TRP B 135 0.22 -34.37 -0.78
CA TRP B 135 -0.23 -32.99 -0.82
C TRP B 135 -1.76 -32.82 -0.87
N GLU B 136 -2.47 -33.79 -1.44
CA GLU B 136 -3.93 -33.71 -1.51
C GLU B 136 -4.49 -33.99 -0.12
N VAL B 137 -3.93 -35.00 0.54
CA VAL B 137 -4.35 -35.36 1.88
C VAL B 137 -4.08 -34.21 2.84
N ALA B 138 -2.91 -33.57 2.72
CA ALA B 138 -2.57 -32.47 3.60
C ALA B 138 -3.55 -31.30 3.41
N ALA B 139 -3.86 -30.97 2.15
CA ALA B 139 -4.76 -29.86 1.86
C ALA B 139 -6.22 -30.15 2.23
N LEU B 140 -6.54 -31.40 2.47
CA LEU B 140 -7.89 -31.76 2.84
C LEU B 140 -8.15 -31.70 4.34
N GLN B 141 -7.10 -31.85 5.14
CA GLN B 141 -7.26 -31.84 6.60
C GLN B 141 -8.13 -30.72 7.18
N PRO B 142 -7.94 -29.48 6.73
CA PRO B 142 -8.75 -28.37 7.26
C PRO B 142 -10.26 -28.66 7.14
N GLN B 143 -10.62 -29.40 6.11
CA GLN B 143 -12.00 -29.75 5.87
C GLN B 143 -12.59 -30.50 7.07
N LEU B 144 -11.75 -31.24 7.78
CA LEU B 144 -12.20 -32.00 8.95
C LEU B 144 -12.77 -31.05 10.00
N ARG B 145 -12.12 -29.91 10.16
CA ARG B 145 -12.54 -28.94 11.15
C ARG B 145 -13.87 -28.32 10.73
N ILE B 146 -13.99 -27.97 9.45
CA ILE B 146 -15.23 -27.38 8.94
C ILE B 146 -16.41 -28.35 9.06
N ASP B 147 -16.19 -29.57 8.58
CA ASP B 147 -17.22 -30.60 8.60
C ASP B 147 -17.68 -30.91 10.03
N LYS B 148 -16.74 -30.93 10.97
CA LYS B 148 -17.08 -31.21 12.36
C LYS B 148 -17.83 -30.04 13.01
N ALA B 149 -17.35 -28.82 12.78
CA ALA B 149 -18.00 -27.65 13.34
C ALA B 149 -19.46 -27.59 12.88
N VAL B 150 -19.68 -27.93 11.61
CA VAL B 150 -21.04 -27.91 11.07
C VAL B 150 -21.89 -28.98 11.75
N ALA B 151 -21.35 -30.19 11.92
CA ALA B 151 -22.09 -31.26 12.56
C ALA B 151 -22.37 -30.92 14.01
N LEU B 152 -21.35 -30.39 14.68
CA LEU B 152 -21.48 -30.07 16.09
C LEU B 152 -22.36 -28.85 16.40
N GLN B 153 -22.96 -28.23 15.40
CA GLN B 153 -23.86 -27.12 15.68
C GLN B 153 -25.13 -27.73 16.23
N ASN B 154 -25.28 -29.04 16.05
CA ASN B 154 -26.45 -29.78 16.52
C ASN B 154 -26.11 -30.35 17.91
N PRO B 155 -26.85 -29.92 18.94
CA PRO B 155 -26.55 -30.46 20.27
C PRO B 155 -26.70 -31.98 20.31
N GLN B 156 -27.61 -32.51 19.51
CA GLN B 156 -27.80 -33.96 19.47
C GLN B 156 -26.52 -34.68 19.08
N ALA B 157 -25.76 -34.08 18.17
CA ALA B 157 -24.52 -34.70 17.73
C ALA B 157 -23.55 -34.79 18.89
N HIS B 158 -23.43 -33.72 19.67
CA HIS B 158 -22.53 -33.72 20.84
C HIS B 158 -22.97 -34.83 21.80
N VAL B 159 -24.25 -34.80 22.15
CA VAL B 159 -24.81 -35.76 23.07
C VAL B 159 -24.69 -37.19 22.63
N ILE B 160 -25.06 -37.49 21.38
CA ILE B 160 -24.98 -38.87 20.92
C ILE B 160 -23.54 -39.37 20.79
N GLU B 161 -22.59 -38.47 20.47
CA GLU B 161 -21.21 -38.91 20.38
C GLU B 161 -20.71 -39.17 21.80
N ASN B 162 -21.05 -38.29 22.73
CA ASN B 162 -20.60 -38.49 24.10
C ASN B 162 -21.28 -39.71 24.71
N LEU B 163 -22.50 -40.00 24.28
CA LEU B 163 -23.24 -41.13 24.83
C LEU B 163 -22.46 -42.43 24.54
N HIS B 164 -22.05 -42.60 23.30
CA HIS B 164 -21.32 -43.80 22.93
C HIS B 164 -19.95 -43.84 23.61
N ALA B 165 -19.29 -42.69 23.74
CA ALA B 165 -18.00 -42.66 24.40
C ALA B 165 -18.17 -43.07 25.87
N ALA B 166 -19.31 -42.71 26.47
CA ALA B 166 -19.58 -43.06 27.86
C ALA B 166 -20.01 -44.54 28.01
N ALA B 167 -20.76 -45.04 27.04
CA ALA B 167 -21.23 -46.40 27.09
C ALA B 167 -20.20 -47.48 26.81
N TYR B 168 -19.30 -47.24 25.86
CA TYR B 168 -18.32 -48.26 25.49
C TYR B 168 -16.86 -48.00 25.83
N ARG B 169 -16.13 -49.08 26.08
CA ARG B 169 -14.71 -49.02 26.40
C ARG B 169 -13.89 -48.85 25.15
N ASN B 170 -14.46 -49.28 24.03
CA ASN B 170 -13.76 -49.28 22.75
C ASN B 170 -14.77 -49.34 21.60
N ALA B 171 -14.26 -49.62 20.40
CA ALA B 171 -15.04 -49.81 19.18
C ALA B 171 -16.19 -48.83 18.95
N LEU B 172 -17.37 -49.18 19.45
CA LEU B 172 -18.56 -48.33 19.30
C LEU B 172 -18.40 -47.00 20.05
N ALA B 173 -17.37 -46.90 20.89
CA ALA B 173 -17.15 -45.66 21.62
C ALA B 173 -16.59 -44.58 20.68
N ASN B 174 -15.96 -45.00 19.60
CA ASN B 174 -15.38 -44.05 18.67
C ASN B 174 -16.36 -43.11 18.01
N SER B 175 -15.95 -41.85 17.89
CA SER B 175 -16.77 -40.84 17.27
C SER B 175 -16.75 -40.97 15.75
N LEU B 176 -17.80 -40.45 15.11
CA LEU B 176 -17.91 -40.42 13.66
C LEU B 176 -17.06 -39.24 13.20
N TYR B 177 -16.70 -38.38 14.15
CA TYR B 177 -15.93 -37.21 13.80
C TYR B 177 -14.53 -37.29 14.37
N CYS B 178 -13.58 -36.83 13.58
CA CYS B 178 -12.17 -36.84 13.94
C CYS B 178 -11.93 -36.02 15.18
N PRO B 179 -11.17 -36.57 16.15
CA PRO B 179 -10.89 -35.82 17.38
C PRO B 179 -10.09 -34.59 16.94
N ASP B 180 -10.20 -33.50 17.67
CA ASP B 180 -9.46 -32.27 17.31
C ASP B 180 -7.94 -32.46 17.26
N TYR B 181 -7.39 -33.23 18.19
CA TYR B 181 -5.93 -33.41 18.18
C TYR B 181 -5.43 -34.17 16.94
N ARG B 182 -6.31 -34.88 16.27
CA ARG B 182 -5.91 -35.63 15.09
C ARG B 182 -6.00 -34.84 13.79
N ILE B 183 -6.72 -33.73 13.80
CA ILE B 183 -6.89 -32.90 12.61
C ILE B 183 -5.52 -32.36 12.16
N GLY B 184 -5.13 -32.71 10.94
CA GLY B 184 -3.85 -32.28 10.41
C GLY B 184 -2.82 -33.37 10.62
N LYS B 185 -3.19 -34.42 11.36
CA LYS B 185 -2.27 -35.52 11.65
C LYS B 185 -2.60 -36.83 10.98
N VAL B 186 -3.77 -36.95 10.36
CA VAL B 186 -4.14 -38.20 9.69
C VAL B 186 -3.21 -38.35 8.49
N THR B 187 -2.43 -39.43 8.44
CA THR B 187 -1.49 -39.61 7.34
C THR B 187 -1.99 -40.44 6.18
N PRO B 188 -1.31 -40.30 5.03
CA PRO B 188 -1.64 -41.03 3.80
C PRO B 188 -1.52 -42.52 4.06
N VAL B 189 -0.50 -42.91 4.83
CA VAL B 189 -0.29 -44.32 5.16
C VAL B 189 -1.45 -44.85 6.00
N GLU B 190 -1.94 -44.01 6.92
CA GLU B 190 -3.08 -44.41 7.74
C GLU B 190 -4.29 -44.67 6.85
N LEU B 191 -4.49 -43.81 5.86
CA LEU B 191 -5.62 -43.94 4.94
C LEU B 191 -5.46 -45.19 4.08
N HIS B 192 -4.28 -45.39 3.52
CA HIS B 192 -4.03 -46.59 2.73
C HIS B 192 -4.28 -47.82 3.56
N ASP B 193 -3.70 -47.86 4.76
CA ASP B 193 -3.91 -49.05 5.57
C ASP B 193 -5.36 -49.26 5.95
N TYR B 194 -6.08 -48.18 6.27
CA TYR B 194 -7.48 -48.33 6.65
C TYR B 194 -8.23 -48.96 5.50
N VAL B 195 -8.04 -48.43 4.30
CA VAL B 195 -8.72 -48.97 3.12
C VAL B 195 -8.31 -50.43 2.86
N GLN B 196 -7.02 -50.73 2.94
CA GLN B 196 -6.56 -52.09 2.71
C GLN B 196 -7.08 -53.11 3.73
N ASN B 197 -7.18 -52.70 5.00
CA ASN B 197 -7.67 -53.60 6.02
C ASN B 197 -9.18 -53.79 6.01
N HIS B 198 -9.94 -52.77 5.62
CA HIS B 198 -11.40 -52.91 5.66
C HIS B 198 -12.20 -52.94 4.37
N PHE B 199 -11.65 -52.42 3.28
CA PHE B 199 -12.39 -52.43 2.02
C PHE B 199 -12.05 -53.75 1.30
N THR B 200 -12.57 -54.85 1.82
CA THR B 200 -12.33 -56.19 1.28
C THR B 200 -13.66 -56.85 0.93
N SER B 201 -13.63 -57.77 -0.04
CA SER B 201 -14.84 -58.46 -0.51
C SER B 201 -15.78 -58.98 0.56
N ALA B 202 -15.22 -59.65 1.56
CA ALA B 202 -16.07 -60.22 2.59
C ALA B 202 -16.69 -59.20 3.52
N ARG B 203 -16.31 -57.93 3.37
CA ARG B 203 -16.84 -56.87 4.22
C ARG B 203 -17.63 -55.87 3.37
N MET B 204 -18.03 -56.29 2.18
CA MET B 204 -18.73 -55.38 1.30
C MET B 204 -20.02 -55.94 0.73
N ALA B 205 -20.89 -55.01 0.33
CA ALA B 205 -22.16 -55.33 -0.29
C ALA B 205 -22.36 -54.30 -1.38
N LEU B 206 -22.66 -54.76 -2.59
CA LEU B 206 -22.89 -53.88 -3.73
C LEU B 206 -24.40 -53.92 -3.98
N ILE B 207 -25.06 -52.80 -3.74
CA ILE B 207 -26.51 -52.71 -3.85
C ILE B 207 -26.93 -51.80 -4.98
N GLY B 208 -27.85 -52.26 -5.81
CA GLY B 208 -28.26 -51.43 -6.93
C GLY B 208 -29.74 -51.28 -7.08
N LEU B 209 -30.15 -50.10 -7.54
CA LEU B 209 -31.54 -49.81 -7.77
C LEU B 209 -31.62 -49.30 -9.19
N GLY B 210 -32.48 -49.93 -9.98
CA GLY B 210 -32.63 -49.50 -11.36
C GLY B 210 -31.39 -49.86 -12.17
N VAL B 211 -30.73 -50.96 -11.80
CA VAL B 211 -29.56 -51.46 -12.51
C VAL B 211 -29.76 -52.98 -12.56
N SER B 212 -29.28 -53.66 -13.61
CA SER B 212 -29.52 -55.11 -13.66
C SER B 212 -28.56 -55.90 -12.78
N HIS B 213 -29.08 -56.97 -12.19
CA HIS B 213 -28.27 -57.81 -11.33
C HIS B 213 -27.06 -58.38 -12.09
N PRO B 214 -27.26 -58.80 -13.35
CA PRO B 214 -26.13 -59.34 -14.11
C PRO B 214 -24.94 -58.38 -14.15
N VAL B 215 -25.17 -57.10 -14.43
CA VAL B 215 -24.05 -56.19 -14.49
C VAL B 215 -23.44 -55.90 -13.12
N LEU B 216 -24.26 -55.74 -12.08
CA LEU B 216 -23.68 -55.50 -10.74
C LEU B 216 -22.82 -56.70 -10.41
N LYS B 217 -23.28 -57.87 -10.82
CA LYS B 217 -22.54 -59.08 -10.54
C LYS B 217 -21.21 -59.14 -11.31
N GLN B 218 -21.24 -58.76 -12.58
CA GLN B 218 -20.02 -58.77 -13.37
C GLN B 218 -19.05 -57.72 -12.83
N VAL B 219 -19.58 -56.58 -12.39
CA VAL B 219 -18.75 -55.53 -11.81
C VAL B 219 -18.08 -56.03 -10.53
N ALA B 220 -18.85 -56.67 -9.68
CA ALA B 220 -18.33 -57.18 -8.41
C ALA B 220 -17.31 -58.29 -8.62
N GLU B 221 -17.56 -59.19 -9.57
CA GLU B 221 -16.65 -60.30 -9.84
C GLU B 221 -15.32 -59.81 -10.41
N GLN B 222 -15.41 -58.83 -11.29
CA GLN B 222 -14.23 -58.30 -11.98
C GLN B 222 -13.41 -57.21 -11.26
N PHE B 223 -14.03 -56.42 -10.39
CA PHE B 223 -13.31 -55.35 -9.70
C PHE B 223 -13.40 -55.36 -8.18
N LEU B 224 -14.24 -56.20 -7.63
CA LEU B 224 -14.41 -56.23 -6.18
C LEU B 224 -14.03 -57.53 -5.51
N ASN B 225 -13.12 -58.28 -6.13
CA ASN B 225 -12.66 -59.54 -5.55
C ASN B 225 -11.39 -59.16 -4.82
N ILE B 226 -11.53 -58.76 -3.57
CA ILE B 226 -10.40 -58.29 -2.78
C ILE B 226 -10.27 -58.97 -1.43
N ARG B 227 -9.08 -59.51 -1.16
CA ARG B 227 -8.83 -60.21 0.09
C ARG B 227 -7.80 -59.48 0.95
N GLY B 228 -7.34 -60.17 1.99
CA GLY B 228 -6.33 -59.63 2.88
C GLY B 228 -6.76 -58.52 3.83
N GLY B 229 -8.02 -58.52 4.23
CA GLY B 229 -8.48 -57.49 5.14
C GLY B 229 -8.05 -57.76 6.57
N LEU B 230 -8.94 -57.44 7.51
CA LEU B 230 -8.69 -57.67 8.92
C LEU B 230 -9.73 -58.67 9.41
N GLY B 231 -9.37 -59.43 10.43
N LEU B 232 -12.74 -59.68 7.35
CA LEU B 232 -13.85 -59.57 8.30
C LEU B 232 -13.38 -59.84 9.73
N SER B 233 -13.47 -58.82 10.57
CA SER B 233 -13.09 -58.88 11.99
C SER B 233 -13.09 -57.49 12.60
N GLY B 234 -12.98 -57.44 13.91
CA GLY B 234 -12.96 -56.19 14.63
C GLY B 234 -13.29 -56.49 16.09
N ALA B 235 -12.65 -55.78 17.01
CA ALA B 235 -12.88 -56.00 18.44
C ALA B 235 -14.37 -55.98 18.77
N LYS B 236 -14.78 -56.85 19.71
CA LYS B 236 -16.17 -56.88 20.13
C LYS B 236 -16.39 -55.63 20.96
N ALA B 237 -17.49 -54.94 20.72
CA ALA B 237 -17.78 -53.75 21.48
C ALA B 237 -18.05 -54.19 22.92
N LYS B 238 -17.38 -53.56 23.88
CA LYS B 238 -17.55 -53.90 25.27
C LYS B 238 -18.33 -52.81 25.98
N TYR B 239 -19.57 -53.09 26.34
CA TYR B 239 -20.37 -52.12 27.05
C TYR B 239 -19.74 -51.90 28.42
N HIS B 240 -19.71 -50.65 28.86
CA HIS B 240 -19.09 -50.31 30.13
C HIS B 240 -20.03 -49.53 31.03
N GLY B 241 -20.58 -48.45 30.51
CA GLY B 241 -21.47 -47.62 31.28
C GLY B 241 -20.66 -46.47 31.83
N GLY B 242 -21.28 -45.32 31.98
CA GLY B 242 -20.58 -44.17 32.49
C GLY B 242 -21.34 -42.92 32.11
N GLU B 243 -20.78 -41.76 32.38
CA GLU B 243 -21.47 -40.55 32.00
C GLU B 243 -20.49 -39.45 31.67
N ILE B 244 -20.86 -38.66 30.67
CA ILE B 244 -20.08 -37.54 30.22
C ILE B 244 -21.01 -36.34 30.29
N ARG B 245 -20.61 -35.35 31.06
CA ARG B 245 -21.39 -34.13 31.22
C ARG B 245 -20.66 -32.97 30.58
N GLU B 246 -21.32 -32.33 29.62
CA GLU B 246 -20.73 -31.19 28.94
C GLU B 246 -21.46 -29.90 29.29
N GLN B 247 -20.86 -29.14 30.20
CA GLN B 247 -21.41 -27.87 30.63
C GLN B 247 -21.14 -26.84 29.53
N ASN B 248 -22.16 -26.12 29.08
CA ASN B 248 -21.95 -25.10 28.04
C ASN B 248 -22.94 -23.96 28.16
N GLY B 249 -23.70 -23.96 29.24
CA GLY B 249 -24.66 -22.88 29.49
C GLY B 249 -25.85 -22.65 28.58
N ASP B 250 -26.08 -23.48 27.56
CA ASP B 250 -27.23 -23.29 26.70
C ASP B 250 -28.48 -23.29 27.59
N SER B 251 -29.45 -22.44 27.24
CA SER B 251 -30.70 -22.33 27.98
C SER B 251 -31.40 -23.68 28.06
N LEU B 252 -31.14 -24.53 27.07
CA LEU B 252 -31.75 -25.85 27.04
C LEU B 252 -30.74 -26.97 27.33
N VAL B 253 -31.19 -27.97 28.07
CA VAL B 253 -30.34 -29.09 28.36
C VAL B 253 -30.78 -30.28 27.52
N HIS B 254 -29.82 -30.90 26.84
CA HIS B 254 -30.05 -32.08 26.02
C HIS B 254 -29.42 -33.21 26.84
N ALA B 255 -30.13 -34.31 27.03
CA ALA B 255 -29.58 -35.43 27.79
C ALA B 255 -30.12 -36.73 27.26
N ALA B 256 -29.29 -37.77 27.33
CA ALA B 256 -29.69 -39.09 26.89
C ALA B 256 -29.31 -40.05 28.02
N LEU B 257 -30.19 -40.99 28.33
CA LEU B 257 -29.92 -41.99 29.37
C LEU B 257 -30.22 -43.33 28.73
N VAL B 258 -29.23 -44.22 28.73
CA VAL B 258 -29.44 -45.53 28.11
C VAL B 258 -28.82 -46.66 28.91
N ALA B 259 -29.15 -47.87 28.49
CA ALA B 259 -28.61 -49.09 29.08
C ALA B 259 -28.32 -49.97 27.85
N GLU B 260 -27.49 -51.00 28.01
CA GLU B 260 -27.20 -51.86 26.90
C GLU B 260 -28.45 -52.68 26.59
N SER B 261 -28.79 -52.81 25.31
CA SER B 261 -30.00 -53.54 24.95
C SER B 261 -29.74 -54.85 24.22
N ALA B 262 -29.86 -54.83 22.90
CA ALA B 262 -29.68 -56.04 22.14
C ALA B 262 -29.10 -55.80 20.76
N ALA B 263 -28.32 -56.77 20.30
CA ALA B 263 -27.70 -56.70 18.98
C ALA B 263 -28.78 -56.77 17.92
N ILE B 264 -28.57 -56.02 16.84
CA ILE B 264 -29.51 -55.98 15.75
C ILE B 264 -29.65 -57.41 15.20
N GLY B 265 -30.84 -57.79 14.75
CA GLY B 265 -31.00 -59.14 14.24
C GLY B 265 -31.53 -60.14 15.26
N SER B 266 -31.34 -59.87 16.54
CA SER B 266 -31.82 -60.77 17.58
C SER B 266 -33.31 -60.51 17.83
N ALA B 267 -33.98 -61.46 18.46
CA ALA B 267 -35.40 -61.32 18.77
C ALA B 267 -35.62 -60.22 19.82
N GLU B 268 -34.70 -60.13 20.76
CA GLU B 268 -34.78 -59.13 21.81
C GLU B 268 -34.74 -57.71 21.22
N ALA B 269 -34.10 -57.56 20.07
CA ALA B 269 -34.03 -56.26 19.39
C ALA B 269 -35.43 -55.77 19.02
N ASN B 270 -36.29 -56.70 18.59
CA ASN B 270 -37.66 -56.35 18.19
C ASN B 270 -38.52 -55.94 19.37
N ALA B 271 -38.19 -56.47 20.55
CA ALA B 271 -38.92 -56.11 21.76
C ALA B 271 -38.56 -54.66 22.06
N PHE B 272 -37.28 -54.32 21.93
CA PHE B 272 -36.86 -52.94 22.18
C PHE B 272 -37.46 -51.97 21.15
N SER B 273 -37.59 -52.40 19.89
CA SER B 273 -38.16 -51.54 18.86
C SER B 273 -39.59 -51.26 19.23
N VAL B 274 -40.28 -52.28 19.72
CA VAL B 274 -41.66 -52.07 20.09
C VAL B 274 -41.69 -51.20 21.34
N LEU B 275 -40.81 -51.48 22.31
CA LEU B 275 -40.79 -50.68 23.53
C LEU B 275 -40.59 -49.21 23.16
N GLN B 276 -39.68 -48.94 22.24
CA GLN B 276 -39.40 -47.59 21.78
C GLN B 276 -40.69 -46.88 21.34
N HIS B 277 -41.53 -47.57 20.60
CA HIS B 277 -42.76 -46.97 20.14
C HIS B 277 -43.85 -46.94 21.20
N VAL B 278 -43.70 -47.74 22.25
CA VAL B 278 -44.68 -47.69 23.32
C VAL B 278 -44.40 -46.38 24.02
N LEU B 279 -43.11 -46.13 24.26
CA LEU B 279 -42.71 -44.91 24.95
C LEU B 279 -42.86 -43.63 24.13
N GLY B 280 -42.63 -43.72 22.82
CA GLY B 280 -42.74 -42.55 21.96
C GLY B 280 -41.43 -42.39 21.23
N ALA B 281 -41.47 -42.47 19.90
CA ALA B 281 -40.26 -42.39 19.09
C ALA B 281 -40.28 -41.30 18.03
N GLY B 282 -40.93 -40.18 18.32
CA GLY B 282 -40.99 -39.13 17.32
C GLY B 282 -42.42 -38.73 17.07
N PRO B 283 -42.63 -37.48 16.61
CA PRO B 283 -43.95 -36.93 16.33
C PRO B 283 -44.67 -37.55 15.13
N HIS B 284 -45.99 -37.68 15.22
CA HIS B 284 -46.79 -38.23 14.14
C HIS B 284 -47.68 -37.15 13.55
N VAL B 285 -47.89 -36.09 14.34
CA VAL B 285 -48.75 -34.99 13.93
C VAL B 285 -48.02 -33.67 14.10
N LYS B 286 -48.07 -32.83 13.06
CA LYS B 286 -47.40 -31.54 13.16
C LYS B 286 -48.00 -30.73 14.31
N ARG B 287 -47.15 -30.34 15.26
CA ARG B 287 -47.56 -29.56 16.42
C ARG B 287 -48.56 -30.29 17.33
N GLY B 288 -48.69 -31.60 17.15
CA GLY B 288 -49.60 -32.38 17.96
C GLY B 288 -49.11 -32.54 19.40
N SER B 289 -49.98 -33.04 20.27
CA SER B 289 -49.60 -33.21 21.67
C SER B 289 -49.08 -34.59 22.02
N ASN B 290 -48.79 -35.40 21.01
CA ASN B 290 -48.26 -36.74 21.21
C ASN B 290 -49.10 -37.53 22.20
N ALA B 291 -50.42 -37.46 22.01
CA ALA B 291 -51.38 -38.14 22.87
C ALA B 291 -51.00 -39.57 23.22
N THR B 292 -50.56 -40.36 22.24
CA THR B 292 -50.22 -41.76 22.50
C THR B 292 -48.76 -42.03 22.84
N SER B 293 -48.00 -40.99 23.16
CA SER B 293 -46.62 -41.21 23.53
C SER B 293 -46.51 -41.24 25.04
N SER B 294 -46.25 -42.44 25.55
CA SER B 294 -46.13 -42.73 26.97
C SER B 294 -45.17 -41.80 27.73
N LEU B 295 -43.97 -41.61 27.20
CA LEU B 295 -42.99 -40.75 27.87
C LEU B 295 -43.37 -39.30 27.87
N TYR B 296 -43.86 -38.83 26.72
CA TYR B 296 -44.24 -37.45 26.58
C TYR B 296 -45.39 -37.09 27.51
N GLN B 297 -46.39 -37.96 27.57
CA GLN B 297 -47.55 -37.69 28.43
C GLN B 297 -47.18 -37.72 29.90
N ALA B 298 -46.30 -38.64 30.28
CA ALA B 298 -45.87 -38.74 31.67
C ALA B 298 -45.15 -37.44 32.07
N VAL B 299 -44.20 -37.01 31.25
CA VAL B 299 -43.46 -35.80 31.50
C VAL B 299 -44.41 -34.59 31.53
N ALA B 300 -45.26 -34.46 30.53
CA ALA B 300 -46.20 -33.35 30.47
C ALA B 300 -47.06 -33.26 31.74
N LYS B 301 -47.46 -34.42 32.27
CA LYS B 301 -48.27 -34.49 33.48
C LYS B 301 -47.50 -34.01 34.70
N GLY B 302 -46.31 -33.47 34.50
CA GLY B 302 -45.52 -33.02 35.63
C GLY B 302 -44.63 -31.84 35.33
N VAL B 303 -44.50 -31.50 34.05
CA VAL B 303 -43.66 -30.38 33.65
C VAL B 303 -44.46 -29.52 32.70
N HIS B 304 -44.63 -28.25 33.09
CA HIS B 304 -45.40 -27.32 32.28
C HIS B 304 -44.53 -26.33 31.54
N GLN B 305 -43.22 -26.59 31.57
CA GLN B 305 -42.25 -25.75 30.87
C GLN B 305 -42.03 -26.50 29.57
N PRO B 306 -41.55 -25.80 28.52
CA PRO B 306 -41.31 -26.46 27.23
C PRO B 306 -40.30 -27.60 27.38
N PHE B 307 -40.51 -28.69 26.64
CA PHE B 307 -39.59 -29.82 26.72
C PHE B 307 -39.92 -30.73 25.58
N ASP B 308 -39.08 -31.74 25.40
CA ASP B 308 -39.31 -32.76 24.40
C ASP B 308 -38.63 -33.99 24.94
N VAL B 309 -39.17 -35.14 24.62
CA VAL B 309 -38.60 -36.38 25.10
C VAL B 309 -38.90 -37.45 24.08
N SER B 310 -37.98 -38.37 23.93
CA SER B 310 -38.17 -39.45 22.98
C SER B 310 -37.45 -40.69 23.43
N ALA B 311 -37.95 -41.84 22.99
CA ALA B 311 -37.30 -43.09 23.31
C ALA B 311 -36.14 -43.11 22.32
N PHE B 312 -35.05 -43.72 22.72
CA PHE B 312 -33.85 -43.79 21.89
C PHE B 312 -33.48 -45.25 21.69
N ASN B 313 -33.24 -45.62 20.44
CA ASN B 313 -32.89 -46.97 20.13
C ASN B 313 -31.81 -47.03 19.06
N ALA B 314 -30.65 -47.55 19.47
CA ALA B 314 -29.49 -47.72 18.60
C ALA B 314 -29.13 -49.20 18.72
N SER B 315 -29.27 -49.93 17.63
CA SER B 315 -28.96 -51.34 17.64
C SER B 315 -27.79 -51.58 16.69
N TYR B 316 -26.81 -52.33 17.13
CA TYR B 316 -25.64 -52.62 16.32
C TYR B 316 -25.41 -54.12 16.18
N SER B 317 -24.38 -54.48 15.42
CA SER B 317 -24.10 -55.89 15.17
C SER B 317 -23.82 -56.72 16.41
N ASP B 318 -23.12 -56.16 17.39
CA ASP B 318 -22.79 -56.92 18.58
C ASP B 318 -23.22 -56.29 19.89
N SER B 319 -24.10 -55.30 19.81
CA SER B 319 -24.56 -54.63 21.02
C SER B 319 -25.64 -53.64 20.65
N GLY B 320 -26.16 -52.95 21.65
CA GLY B 320 -27.20 -51.98 21.40
C GLY B 320 -27.40 -51.07 22.57
N LEU B 321 -28.05 -49.95 22.31
CA LEU B 321 -28.33 -48.97 23.33
C LEU B 321 -29.81 -48.60 23.31
N PHE B 322 -30.43 -48.60 24.47
CA PHE B 322 -31.81 -48.20 24.55
C PHE B 322 -32.03 -47.34 25.77
N GLY B 323 -32.91 -46.37 25.62
CA GLY B 323 -33.25 -45.46 26.69
C GLY B 323 -34.08 -44.33 26.13
N PHE B 324 -33.81 -43.11 26.59
CA PHE B 324 -34.56 -41.98 26.09
C PHE B 324 -33.67 -40.76 26.03
N TYR B 325 -34.16 -39.75 25.33
CA TYR B 325 -33.45 -38.50 25.14
C TYR B 325 -34.41 -37.38 25.54
N THR B 326 -33.92 -36.42 26.32
CA THR B 326 -34.76 -35.29 26.72
C THR B 326 -34.13 -33.95 26.34
N ILE B 327 -35.00 -32.97 26.19
CA ILE B 327 -34.57 -31.61 25.90
C ILE B 327 -35.48 -30.78 26.76
N SER B 328 -34.88 -30.00 27.65
CA SER B 328 -35.69 -29.17 28.54
C SER B 328 -34.92 -27.93 28.93
N GLN B 329 -35.62 -27.00 29.57
CA GLN B 329 -34.95 -25.80 30.03
C GLN B 329 -34.02 -26.29 31.13
N ALA B 330 -32.89 -25.63 31.31
CA ALA B 330 -31.92 -26.04 32.34
C ALA B 330 -32.50 -26.34 33.73
N ALA B 331 -33.37 -25.47 34.23
CA ALA B 331 -33.93 -25.65 35.57
C ALA B 331 -34.83 -26.88 35.73
N SER B 332 -35.45 -27.32 34.63
CA SER B 332 -36.35 -28.47 34.65
C SER B 332 -35.72 -29.80 34.24
N ALA B 333 -34.43 -29.80 33.93
CA ALA B 333 -33.76 -31.03 33.49
C ALA B 333 -34.02 -32.22 34.40
N GLY B 334 -33.80 -32.05 35.70
CA GLY B 334 -34.02 -33.14 36.63
C GLY B 334 -35.46 -33.63 36.68
N ASP B 335 -36.44 -32.73 36.60
CA ASP B 335 -37.84 -33.17 36.65
C ASP B 335 -38.25 -33.95 35.41
N VAL B 336 -37.83 -33.48 34.25
CA VAL B 336 -38.14 -34.15 32.99
C VAL B 336 -37.52 -35.55 32.92
N ILE B 337 -36.23 -35.65 33.26
CA ILE B 337 -35.51 -36.91 33.22
C ILE B 337 -36.07 -37.93 34.21
N LYS B 338 -36.39 -37.49 35.43
CA LYS B 338 -36.94 -38.39 36.45
C LYS B 338 -38.35 -38.85 36.08
N ALA B 339 -39.14 -37.97 35.49
CA ALA B 339 -40.49 -38.33 35.09
C ALA B 339 -40.42 -39.36 33.98
N ALA B 340 -39.54 -39.11 33.02
CA ALA B 340 -39.35 -40.03 31.89
C ALA B 340 -38.90 -41.38 32.44
N TYR B 341 -37.90 -41.38 33.29
CA TYR B 341 -37.40 -42.64 33.86
C TYR B 341 -38.47 -43.39 34.68
N ASN B 342 -39.23 -42.68 35.52
CA ASN B 342 -40.27 -43.35 36.28
C ASN B 342 -41.32 -43.98 35.37
N GLN B 343 -41.60 -43.35 34.23
CA GLN B 343 -42.57 -43.93 33.31
C GLN B 343 -42.04 -45.26 32.77
N VAL B 344 -40.75 -45.36 32.54
CA VAL B 344 -40.20 -46.63 32.04
C VAL B 344 -40.27 -47.70 33.13
N LYS B 345 -40.01 -47.29 34.36
CA LYS B 345 -40.07 -48.22 35.49
C LYS B 345 -41.47 -48.81 35.61
N THR B 346 -42.49 -48.00 35.36
CA THR B 346 -43.85 -48.52 35.49
C THR B 346 -44.13 -49.57 34.41
N ILE B 347 -43.56 -49.40 33.21
CA ILE B 347 -43.73 -50.38 32.14
C ILE B 347 -43.07 -51.67 32.62
N ALA B 348 -41.89 -51.51 33.19
CA ALA B 348 -41.11 -52.63 33.69
C ALA B 348 -41.81 -53.32 34.85
N GLN B 349 -42.73 -52.60 35.48
CA GLN B 349 -43.47 -53.15 36.60
C GLN B 349 -44.63 -53.99 36.09
N GLY B 350 -44.88 -53.94 34.79
CA GLY B 350 -45.96 -54.70 34.21
C GLY B 350 -47.14 -53.87 33.74
N ASN B 351 -47.17 -52.59 34.11
CA ASN B 351 -48.27 -51.72 33.71
C ASN B 351 -48.14 -51.35 32.24
N LEU B 352 -48.73 -52.16 31.37
CA LEU B 352 -48.70 -51.95 29.93
C LEU B 352 -49.98 -52.46 29.30
N SER B 353 -50.74 -51.59 28.65
CA SER B 353 -51.99 -51.99 28.00
C SER B 353 -51.69 -52.75 26.74
N ASN B 354 -52.56 -53.68 26.36
CA ASN B 354 -52.35 -54.38 25.12
C ASN B 354 -52.68 -53.38 24.02
N PRO B 355 -53.69 -52.51 24.23
CA PRO B 355 -53.96 -51.56 23.16
C PRO B 355 -52.73 -50.69 22.88
N ASP B 356 -51.94 -50.42 23.93
CA ASP B 356 -50.71 -49.64 23.82
C ASP B 356 -49.67 -50.36 22.98
N VAL B 357 -49.56 -51.67 23.19
CA VAL B 357 -48.62 -52.47 22.45
C VAL B 357 -49.05 -52.51 20.99
N GLN B 358 -50.34 -52.70 20.78
CA GLN B 358 -50.87 -52.77 19.42
C GLN B 358 -50.59 -51.47 18.69
N ALA B 359 -50.83 -50.34 19.36
CA ALA B 359 -50.56 -49.06 18.76
C ALA B 359 -49.05 -48.96 18.39
N ALA B 360 -48.19 -49.40 19.29
CA ALA B 360 -46.75 -49.36 19.07
C ALA B 360 -46.35 -50.19 17.84
N LYS B 361 -46.89 -51.40 17.75
CA LYS B 361 -46.61 -52.25 16.61
C LYS B 361 -47.06 -51.61 15.32
N ASN B 362 -48.19 -50.92 15.35
CA ASN B 362 -48.68 -50.24 14.16
C ASN B 362 -47.72 -49.13 13.77
N LYS B 363 -47.24 -48.38 14.76
CA LYS B 363 -46.33 -47.28 14.47
C LYS B 363 -45.03 -47.82 13.88
N LEU B 364 -44.50 -48.85 14.54
CA LEU B 364 -43.27 -49.49 14.10
C LEU B 364 -43.41 -50.09 12.70
N LYS B 365 -44.48 -50.83 12.46
CA LYS B 365 -44.66 -51.44 11.14
C LYS B 365 -44.85 -50.38 10.05
N ALA B 366 -45.64 -49.36 10.35
CA ALA B 366 -45.89 -48.30 9.40
C ALA B 366 -44.60 -47.51 9.19
N GLY B 367 -43.88 -47.25 10.26
CA GLY B 367 -42.64 -46.51 10.15
C GLY B 367 -41.60 -47.23 9.34
N TYR B 368 -41.52 -48.55 9.51
CA TYR B 368 -40.55 -49.33 8.77
C TYR B 368 -40.87 -49.33 7.29
N LEU B 369 -42.14 -49.48 6.94
CA LEU B 369 -42.54 -49.50 5.54
C LEU B 369 -42.28 -48.15 4.88
N MET B 370 -42.57 -47.08 5.61
CA MET B 370 -42.35 -45.71 5.12
C MET B 370 -40.86 -45.40 4.91
N SER B 371 -40.01 -45.97 5.76
CA SER B 371 -38.57 -45.73 5.68
C SER B 371 -37.94 -46.39 4.46
N VAL B 372 -38.61 -47.38 3.87
CA VAL B 372 -38.04 -48.02 2.69
C VAL B 372 -38.82 -47.69 1.43
N GLU B 373 -39.72 -46.72 1.49
CA GLU B 373 -40.46 -46.38 0.27
C GLU B 373 -39.67 -45.50 -0.70
N SER B 374 -38.62 -44.82 -0.22
CA SER B 374 -37.80 -43.99 -1.10
C SER B 374 -36.56 -44.79 -1.48
N SER B 375 -35.94 -44.45 -2.61
CA SER B 375 -34.75 -45.19 -3.04
C SER B 375 -33.65 -45.16 -2.00
N GLU B 376 -33.42 -44.00 -1.39
CA GLU B 376 -32.38 -43.88 -0.37
C GLU B 376 -32.60 -44.81 0.81
N GLY B 377 -33.82 -44.77 1.38
CA GLY B 377 -34.13 -45.60 2.51
C GLY B 377 -34.08 -47.08 2.15
N PHE B 378 -34.56 -47.43 0.97
CA PHE B 378 -34.55 -48.82 0.53
C PHE B 378 -33.11 -49.32 0.37
N LEU B 379 -32.29 -48.54 -0.30
CA LEU B 379 -30.90 -48.92 -0.52
C LEU B 379 -30.19 -49.13 0.82
N ASP B 380 -30.44 -48.22 1.77
CA ASP B 380 -29.83 -48.32 3.09
C ASP B 380 -30.27 -49.59 3.81
N GLU B 381 -31.56 -49.90 3.71
CA GLU B 381 -32.11 -51.09 4.37
C GLU B 381 -31.46 -52.35 3.79
N VAL B 382 -31.47 -52.48 2.47
CA VAL B 382 -30.89 -53.63 1.79
C VAL B 382 -29.40 -53.68 2.09
N GLY B 383 -28.72 -52.56 1.92
CA GLY B 383 -27.30 -52.53 2.20
C GLY B 383 -26.97 -52.90 3.65
N SER B 384 -27.78 -52.43 4.61
CA SER B 384 -27.50 -52.73 6.02
C SER B 384 -27.72 -54.19 6.34
N GLN B 385 -28.72 -54.79 5.69
CA GLN B 385 -29.01 -56.19 5.91
C GLN B 385 -27.95 -57.08 5.27
N ALA B 386 -27.47 -56.67 4.11
CA ALA B 386 -26.45 -57.43 3.39
C ALA B 386 -25.19 -57.54 4.26
N LEU B 387 -24.87 -56.47 4.98
CA LEU B 387 -23.68 -56.48 5.82
C LEU B 387 -23.84 -57.11 7.19
N ALA B 388 -24.97 -56.87 7.83
CA ALA B 388 -25.22 -57.41 9.15
C ALA B 388 -25.57 -58.89 9.16
N ALA B 389 -26.45 -59.30 8.25
CA ALA B 389 -26.88 -60.69 8.19
C ALA B 389 -26.58 -61.42 6.88
N GLY B 390 -25.88 -60.76 5.97
CA GLY B 390 -25.56 -61.39 4.70
C GLY B 390 -26.75 -62.05 4.04
N SER B 391 -27.92 -61.44 4.18
CA SER B 391 -29.15 -61.97 3.58
C SER B 391 -30.20 -60.85 3.55
N TYR B 392 -31.31 -61.12 2.88
CA TYR B 392 -32.39 -60.14 2.78
C TYR B 392 -33.73 -60.66 3.28
N THR B 393 -34.24 -60.02 4.34
CA THR B 393 -35.53 -60.35 4.93
C THR B 393 -36.50 -59.35 4.35
N PRO B 394 -37.50 -59.80 3.59
CA PRO B 394 -38.44 -58.83 3.03
C PRO B 394 -39.35 -58.21 4.08
N PRO B 395 -40.01 -57.09 3.73
CA PRO B 395 -40.91 -56.40 4.66
C PRO B 395 -42.00 -57.27 5.30
N SER B 396 -42.60 -58.14 4.51
CA SER B 396 -43.66 -58.98 5.05
C SER B 396 -43.17 -59.82 6.23
N THR B 397 -41.93 -60.31 6.14
CA THR B 397 -41.36 -61.13 7.21
C THR B 397 -41.07 -60.25 8.42
N VAL B 398 -40.51 -59.07 8.17
CA VAL B 398 -40.20 -58.12 9.24
C VAL B 398 -41.49 -57.78 9.98
N LEU B 399 -42.54 -57.51 9.23
CA LEU B 399 -43.82 -57.16 9.85
C LEU B 399 -44.29 -58.31 10.75
N GLN B 400 -44.21 -59.54 10.23
CA GLN B 400 -44.60 -60.73 10.98
C GLN B 400 -43.76 -60.81 12.24
N GLN B 401 -42.48 -60.49 12.11
CA GLN B 401 -41.58 -60.54 13.27
C GLN B 401 -41.99 -59.50 14.32
N ILE B 402 -42.50 -58.37 13.86
CA ILE B 402 -42.94 -57.33 14.78
C ILE B 402 -44.19 -57.82 15.50
N ASP B 403 -45.12 -58.41 14.75
CA ASP B 403 -46.36 -58.93 15.34
C ASP B 403 -46.07 -60.01 16.38
N ALA B 404 -45.03 -60.80 16.15
CA ALA B 404 -44.68 -61.87 17.07
C ALA B 404 -44.23 -61.37 18.46
N VAL B 405 -43.85 -60.10 18.58
CA VAL B 405 -43.39 -59.59 19.86
C VAL B 405 -44.51 -59.61 20.90
N ALA B 406 -44.26 -60.28 22.02
CA ALA B 406 -45.25 -60.37 23.09
C ALA B 406 -45.15 -59.22 24.09
N ASP B 407 -46.27 -58.90 24.73
CA ASP B 407 -46.32 -57.85 25.72
C ASP B 407 -45.29 -58.13 26.83
N ALA B 408 -45.02 -59.41 27.08
CA ALA B 408 -44.06 -59.80 28.10
C ALA B 408 -42.64 -59.47 27.63
N ASP B 409 -42.42 -59.52 26.32
CA ASP B 409 -41.10 -59.19 25.77
C ASP B 409 -40.85 -57.70 25.95
N VAL B 410 -41.88 -56.90 25.72
CA VAL B 410 -41.75 -55.46 25.87
C VAL B 410 -41.48 -55.12 27.35
N ILE B 411 -42.20 -55.80 28.24
CA ILE B 411 -42.01 -55.58 29.66
C ILE B 411 -40.61 -55.96 30.13
N ASN B 412 -40.10 -57.06 29.61
CA ASN B 412 -38.74 -57.53 29.95
C ASN B 412 -37.67 -56.61 29.38
N ALA B 413 -37.95 -56.02 28.21
CA ALA B 413 -36.99 -55.10 27.59
C ALA B 413 -36.92 -53.92 28.56
N ALA B 414 -38.08 -53.48 29.05
CA ALA B 414 -38.11 -52.37 29.99
C ALA B 414 -37.31 -52.72 31.26
N LYS B 415 -37.53 -53.94 31.79
CA LYS B 415 -36.82 -54.41 32.98
C LYS B 415 -35.32 -54.43 32.74
N LYS B 416 -34.91 -54.81 31.53
CA LYS B 416 -33.49 -54.84 31.23
C LYS B 416 -32.93 -53.43 31.22
N PHE B 417 -33.73 -52.46 30.77
CA PHE B 417 -33.25 -51.09 30.76
C PHE B 417 -33.13 -50.59 32.22
N VAL B 418 -34.21 -50.74 32.98
CA VAL B 418 -34.24 -50.28 34.36
C VAL B 418 -33.15 -50.85 35.26
N SER B 419 -32.86 -52.13 35.15
CA SER B 419 -31.85 -52.74 36.00
C SER B 419 -30.45 -52.71 35.42
N GLY B 420 -30.32 -52.36 34.15
CA GLY B 420 -29.01 -52.32 33.54
C GLY B 420 -28.12 -51.17 33.96
N ARG B 421 -26.81 -51.39 33.91
CA ARG B 421 -25.87 -50.34 34.23
C ARG B 421 -26.10 -49.27 33.16
N LYS B 422 -26.26 -48.03 33.57
CA LYS B 422 -26.58 -46.97 32.63
C LYS B 422 -25.42 -46.17 32.09
N SER B 423 -25.68 -45.51 30.98
CA SER B 423 -24.71 -44.63 30.34
C SER B 423 -25.51 -43.35 30.16
N MET B 424 -24.85 -42.22 30.34
CA MET B 424 -25.55 -40.98 30.20
C MET B 424 -24.65 -39.91 29.64
N ALA B 425 -25.25 -38.99 28.90
CA ALA B 425 -24.53 -37.86 28.34
C ALA B 425 -25.51 -36.68 28.39
N ALA B 426 -24.99 -35.50 28.73
CA ALA B 426 -25.81 -34.32 28.78
C ALA B 426 -24.98 -33.12 28.42
N SER B 427 -25.63 -32.12 27.82
CA SER B 427 -24.94 -30.90 27.49
C SER B 427 -25.90 -29.74 27.70
N GLY B 428 -25.35 -28.64 28.20
CA GLY B 428 -26.13 -27.45 28.48
C GLY B 428 -25.74 -26.95 29.86
N ASN B 429 -26.56 -26.10 30.47
CA ASN B 429 -26.27 -25.63 31.82
C ASN B 429 -26.74 -26.75 32.73
N LEU B 430 -25.81 -27.56 33.22
CA LEU B 430 -26.17 -28.73 34.01
C LEU B 430 -26.40 -28.59 35.53
N GLY B 431 -26.59 -27.36 36.00
CA GLY B 431 -26.81 -27.11 37.41
C GLY B 431 -27.90 -27.94 38.06
N HIS B 432 -28.91 -28.33 37.29
CA HIS B 432 -29.99 -29.17 37.83
C HIS B 432 -30.15 -30.47 37.08
N THR B 433 -29.09 -30.92 36.41
CA THR B 433 -29.17 -32.16 35.66
C THR B 433 -28.60 -33.26 36.55
N PRO B 434 -29.42 -34.25 36.87
CA PRO B 434 -28.99 -35.35 37.72
C PRO B 434 -27.90 -36.27 37.18
N PHE B 435 -27.20 -36.90 38.13
CA PHE B 435 -26.16 -37.86 37.83
C PHE B 435 -26.87 -39.19 37.78
N ILE B 436 -26.25 -40.18 37.16
CA ILE B 436 -26.88 -41.49 37.06
C ILE B 436 -27.35 -42.03 38.41
N ASP B 437 -26.52 -41.87 39.43
CA ASP B 437 -26.87 -42.39 40.74
C ASP B 437 -27.96 -41.62 41.48
N GLU B 438 -28.46 -40.55 40.88
CA GLU B 438 -29.52 -39.80 41.52
C GLU B 438 -30.86 -40.17 40.88
N LEU B 439 -30.81 -41.15 39.97
CA LEU B 439 -31.99 -41.62 39.25
C LEU B 439 -32.59 -42.91 39.83
N ASN C 15 -10.49 1.34 -8.44
CA ASN C 15 -11.23 0.83 -7.23
C ASN C 15 -10.46 1.20 -5.98
N ASN C 16 -11.13 1.16 -4.83
CA ASN C 16 -10.51 1.50 -3.54
C ASN C 16 -9.35 2.45 -3.79
N ALA C 17 -9.66 3.50 -4.56
CA ALA C 17 -8.72 4.53 -4.94
C ALA C 17 -9.58 5.52 -5.69
N PHE C 18 -10.70 5.02 -6.21
CA PHE C 18 -11.62 5.88 -6.94
C PHE C 18 -13.07 5.36 -6.93
N ILE C 19 -13.37 4.42 -7.80
CA ILE C 19 -14.70 3.85 -7.93
C ILE C 19 -15.40 3.49 -6.61
N ASP C 20 -14.76 2.65 -5.80
CA ASP C 20 -15.37 2.23 -4.54
C ASP C 20 -14.96 3.07 -3.34
N LEU C 21 -14.38 4.23 -3.62
CA LEU C 21 -13.96 5.15 -2.58
C LEU C 21 -15.19 5.58 -1.79
N PRO C 22 -15.17 5.37 -0.46
CA PRO C 22 -16.30 5.75 0.40
C PRO C 22 -16.34 7.26 0.53
N ALA C 23 -17.48 7.86 0.25
CA ALA C 23 -17.62 9.29 0.29
C ALA C 23 -18.83 9.61 1.17
N PRO C 24 -18.80 10.75 1.89
CA PRO C 24 -19.95 11.10 2.73
C PRO C 24 -21.16 11.23 1.80
N SER C 25 -22.33 10.81 2.25
CA SER C 25 -23.51 10.91 1.41
C SER C 25 -24.03 12.33 1.26
N ASN C 26 -23.56 13.23 2.13
CA ASN C 26 -24.05 14.59 2.12
C ASN C 26 -23.14 15.74 1.74
N ILE C 27 -22.03 15.49 1.06
CA ILE C 27 -21.19 16.62 0.68
C ILE C 27 -21.89 17.40 -0.40
N SER C 28 -21.86 18.72 -0.27
CA SER C 28 -22.53 19.63 -1.18
C SER C 28 -21.65 20.11 -2.33
N SER C 29 -22.16 21.10 -3.04
CA SER C 29 -21.47 21.70 -4.17
C SER C 29 -20.14 22.28 -3.75
N TRP C 30 -20.00 22.68 -2.50
CA TRP C 30 -18.73 23.24 -2.06
C TRP C 30 -17.58 22.21 -2.13
N TRP C 31 -17.90 20.91 -2.19
CA TRP C 31 -16.89 19.86 -2.30
C TRP C 31 -16.50 19.56 -3.77
N ASN C 32 -17.08 20.30 -4.71
CA ASN C 32 -16.76 20.12 -6.14
C ASN C 32 -15.48 20.85 -6.55
N PHE C 33 -15.09 21.83 -5.74
CA PHE C 33 -13.93 22.63 -6.10
C PHE C 33 -12.60 21.93 -6.11
N GLY C 34 -12.50 20.82 -5.39
CA GLY C 34 -11.25 20.08 -5.41
C GLY C 34 -11.08 19.48 -6.80
N SER C 35 -12.13 18.86 -7.34
CA SER C 35 -12.00 18.29 -8.69
C SER C 35 -11.90 19.40 -9.73
N LEU C 36 -12.50 20.55 -9.45
CA LEU C 36 -12.41 21.66 -10.40
C LEU C 36 -11.00 22.22 -10.45
N LEU C 37 -10.32 22.23 -9.30
CA LEU C 37 -8.95 22.69 -9.25
C LEU C 37 -8.10 21.73 -10.07
N GLY C 38 -8.38 20.43 -9.93
CA GLY C 38 -7.64 19.45 -10.70
C GLY C 38 -7.85 19.68 -12.20
N ILE C 39 -9.08 19.97 -12.58
CA ILE C 39 -9.37 20.22 -13.98
C ILE C 39 -8.69 21.52 -14.42
N CYS C 40 -8.71 22.54 -13.56
CA CYS C 40 -8.04 23.80 -13.90
C CYS C 40 -6.56 23.56 -14.16
N LEU C 41 -5.96 22.75 -13.30
CA LEU C 41 -4.54 22.45 -13.42
C LEU C 41 -4.23 21.77 -14.75
N ILE C 42 -5.04 20.79 -15.11
CA ILE C 42 -4.84 20.06 -16.35
C ILE C 42 -5.08 20.97 -17.56
N LEU C 43 -6.12 21.80 -17.51
CA LEU C 43 -6.37 22.70 -18.62
C LEU C 43 -5.23 23.72 -18.77
N GLN C 44 -4.67 24.19 -17.65
CA GLN C 44 -3.57 25.14 -17.68
C GLN C 44 -2.34 24.46 -18.28
N ILE C 45 -2.09 23.23 -17.86
CA ILE C 45 -0.94 22.49 -18.36
C ILE C 45 -1.05 22.22 -19.85
N LEU C 46 -2.21 21.79 -20.31
CA LEU C 46 -2.38 21.52 -21.73
C LEU C 46 -2.28 22.79 -22.57
N THR C 47 -3.04 23.82 -22.23
CA THR C 47 -2.96 25.07 -22.99
C THR C 47 -1.56 25.66 -22.86
N GLY C 48 -1.00 25.61 -21.65
CA GLY C 48 0.33 26.13 -21.45
C GLY C 48 1.35 25.44 -22.33
N LEU C 49 1.28 24.12 -22.42
CA LEU C 49 2.20 23.39 -23.28
C LEU C 49 2.07 23.83 -24.73
N PHE C 50 0.83 24.00 -25.19
CA PHE C 50 0.68 24.41 -26.58
C PHE C 50 1.19 25.82 -26.78
N LEU C 51 1.10 26.65 -25.75
CA LEU C 51 1.63 28.00 -25.89
C LEU C 51 3.16 27.94 -25.94
N ALA C 52 3.75 27.11 -25.07
CA ALA C 52 5.18 26.98 -24.98
C ALA C 52 5.78 26.54 -26.33
N MET C 53 4.98 25.88 -27.15
CA MET C 53 5.42 25.43 -28.46
C MET C 53 5.69 26.59 -29.43
N HIS C 54 5.15 27.77 -29.13
CA HIS C 54 5.32 28.95 -29.99
C HIS C 54 5.94 30.16 -29.29
N TYR C 55 6.03 30.13 -27.97
CA TYR C 55 6.58 31.27 -27.21
C TYR C 55 8.10 31.24 -27.15
N THR C 56 8.71 32.42 -27.25
CA THR C 56 10.17 32.56 -27.14
C THR C 56 10.38 33.56 -25.99
N SER C 57 11.32 33.27 -25.11
CA SER C 57 11.55 34.11 -23.93
C SER C 57 12.61 35.20 -24.02
N ASP C 58 13.04 35.55 -25.23
CA ASP C 58 14.00 36.61 -25.36
C ASP C 58 13.22 37.91 -25.22
N THR C 59 13.70 38.84 -24.41
CA THR C 59 12.96 40.10 -24.24
C THR C 59 12.70 40.83 -25.56
N THR C 60 13.45 40.52 -26.59
CA THR C 60 13.21 41.21 -27.86
C THR C 60 12.08 40.55 -28.64
N THR C 61 11.76 39.31 -28.31
CA THR C 61 10.71 38.60 -29.05
C THR C 61 9.53 38.07 -28.23
N ALA C 62 9.60 38.19 -26.92
CA ALA C 62 8.54 37.65 -26.04
C ALA C 62 7.14 38.19 -26.36
N PHE C 63 6.97 39.51 -26.29
CA PHE C 63 5.69 40.15 -26.58
C PHE C 63 5.24 39.81 -28.02
N SER C 64 6.16 39.91 -28.99
CA SER C 64 5.85 39.59 -30.37
C SER C 64 5.40 38.13 -30.56
N SER C 65 6.07 37.20 -29.89
CA SER C 65 5.71 35.82 -30.04
C SER C 65 4.29 35.59 -29.50
N VAL C 66 3.89 36.34 -28.46
CA VAL C 66 2.55 36.15 -27.93
C VAL C 66 1.52 36.67 -28.96
N THR C 67 1.80 37.82 -29.59
CA THR C 67 0.89 38.36 -30.57
C THR C 67 0.83 37.42 -31.79
N HIS C 68 1.93 36.76 -32.11
CA HIS C 68 1.95 35.82 -33.22
C HIS C 68 1.04 34.63 -32.92
N ILE C 69 1.08 34.17 -31.67
CA ILE C 69 0.23 33.07 -31.27
C ILE C 69 -1.23 33.51 -31.47
N CYS C 70 -1.53 34.71 -31.01
CA CYS C 70 -2.90 35.20 -31.12
C CYS C 70 -3.34 35.57 -32.51
N ARG C 71 -2.40 35.94 -33.37
CA ARG C 71 -2.79 36.32 -34.72
C ARG C 71 -2.56 35.31 -35.82
N ASP C 72 -1.46 34.57 -35.79
CA ASP C 72 -1.20 33.66 -36.89
C ASP C 72 -1.23 32.14 -36.61
N VAL C 73 -1.11 31.74 -35.35
CA VAL C 73 -1.17 30.34 -35.01
C VAL C 73 -2.64 29.93 -35.07
N ASN C 74 -2.93 28.85 -35.79
CA ASN C 74 -4.32 28.40 -35.90
C ASN C 74 -4.88 28.18 -34.52
N TYR C 75 -5.98 28.86 -34.21
CA TYR C 75 -6.62 28.76 -32.92
C TYR C 75 -5.71 29.19 -31.77
N GLY C 76 -4.62 29.87 -32.10
CA GLY C 76 -3.72 30.35 -31.06
C GLY C 76 -4.43 31.29 -30.09
N TRP C 77 -5.32 32.12 -30.61
CA TRP C 77 -6.02 33.05 -29.75
C TRP C 77 -6.88 32.33 -28.73
N ILE C 78 -7.55 31.26 -29.14
CA ILE C 78 -8.40 30.58 -28.18
C ILE C 78 -7.60 29.88 -27.10
N ILE C 79 -6.44 29.35 -27.47
CA ILE C 79 -5.60 28.66 -26.51
C ILE C 79 -5.02 29.70 -25.54
N ARG C 80 -4.59 30.83 -26.08
CA ARG C 80 -4.02 31.88 -25.26
C ARG C 80 -5.05 32.44 -24.27
N TYR C 81 -6.24 32.74 -24.74
CA TYR C 81 -7.22 33.31 -23.81
C TYR C 81 -7.78 32.30 -22.83
N MET C 82 -7.73 31.00 -23.19
CA MET C 82 -8.15 29.95 -22.28
C MET C 82 -7.08 29.87 -21.17
N HIS C 83 -5.81 30.00 -21.54
CA HIS C 83 -4.77 29.94 -20.55
C HIS C 83 -4.92 31.13 -19.59
N ALA C 84 -5.14 32.33 -20.13
CA ALA C 84 -5.27 33.51 -19.30
C ALA C 84 -6.50 33.46 -18.39
N ASN C 85 -7.66 33.15 -18.96
CA ASN C 85 -8.84 33.10 -18.16
C ASN C 85 -8.87 31.85 -17.30
N GLY C 86 -8.10 30.85 -17.72
CA GLY C 86 -8.01 29.63 -16.94
C GLY C 86 -7.36 29.97 -15.61
N ALA C 87 -6.35 30.83 -15.64
CA ALA C 87 -5.67 31.23 -14.41
C ALA C 87 -6.69 31.90 -13.48
N SER C 88 -7.59 32.71 -14.03
CA SER C 88 -8.61 33.35 -13.18
C SER C 88 -9.58 32.34 -12.58
N MET C 89 -10.01 31.38 -13.40
CA MET C 89 -10.92 30.33 -12.94
C MET C 89 -10.25 29.53 -11.85
N PHE C 90 -8.95 29.30 -12.03
CA PHE C 90 -8.16 28.56 -11.07
C PHE C 90 -8.26 29.26 -9.72
N PHE C 91 -8.03 30.57 -9.69
CA PHE C 91 -8.09 31.28 -8.42
C PHE C 91 -9.48 31.37 -7.82
N ILE C 92 -10.50 31.47 -8.65
CA ILE C 92 -11.85 31.55 -8.12
C ILE C 92 -12.12 30.23 -7.38
N CYS C 93 -11.72 29.13 -8.00
CA CYS C 93 -11.90 27.81 -7.43
C CYS C 93 -11.02 27.66 -6.17
N LEU C 94 -9.80 28.19 -6.22
CA LEU C 94 -8.91 28.10 -5.06
C LEU C 94 -9.53 28.77 -3.83
N TYR C 95 -9.97 30.02 -3.99
CA TYR C 95 -10.58 30.75 -2.88
C TYR C 95 -11.87 30.10 -2.37
N MET C 96 -12.66 29.50 -3.26
CA MET C 96 -13.88 28.82 -2.84
C MET C 96 -13.47 27.60 -2.00
N HIS C 97 -12.50 26.86 -2.54
CA HIS C 97 -11.96 25.65 -1.93
C HIS C 97 -11.46 25.96 -0.50
N VAL C 98 -10.66 27.01 -0.35
CA VAL C 98 -10.13 27.41 0.96
C VAL C 98 -11.27 27.86 1.87
N GLY C 99 -12.19 28.64 1.31
CA GLY C 99 -13.34 29.10 2.08
C GLY C 99 -14.13 27.92 2.63
N ARG C 100 -14.37 26.92 1.79
CA ARG C 100 -15.11 25.74 2.21
C ARG C 100 -14.37 25.11 3.39
N GLY C 101 -13.06 24.94 3.25
CA GLY C 101 -12.25 24.34 4.29
C GLY C 101 -12.30 25.11 5.61
N LEU C 102 -12.32 26.44 5.54
CA LEU C 102 -12.39 27.24 6.76
C LEU C 102 -13.75 27.13 7.45
N TYR C 103 -14.82 27.23 6.65
CA TYR C 103 -16.17 27.19 7.17
C TYR C 103 -16.54 25.83 7.75
N TYR C 104 -16.10 24.77 7.10
CA TYR C 104 -16.46 23.42 7.57
C TYR C 104 -15.48 22.75 8.52
N GLY C 105 -14.38 23.43 8.82
CA GLY C 105 -13.42 22.86 9.74
C GLY C 105 -12.57 21.79 9.11
N SER C 106 -12.48 21.80 7.79
CA SER C 106 -11.70 20.79 7.08
C SER C 106 -10.22 20.87 7.43
N TYR C 107 -9.76 22.06 7.85
CA TYR C 107 -8.38 22.24 8.21
C TYR C 107 -7.92 21.34 9.36
N THR C 108 -8.84 20.65 10.02
CA THR C 108 -8.42 19.76 11.10
C THR C 108 -7.68 18.56 10.49
N PHE C 109 -7.82 18.34 9.18
CA PHE C 109 -7.05 17.29 8.52
C PHE C 109 -5.75 18.05 8.31
N LEU C 110 -4.93 18.13 9.36
CA LEU C 110 -3.70 18.92 9.33
C LEU C 110 -2.74 18.79 8.17
N GLU C 111 -2.36 17.55 7.86
CA GLU C 111 -1.43 17.33 6.77
C GLU C 111 -2.01 17.80 5.45
N THR C 112 -3.26 17.43 5.18
CA THR C 112 -3.91 17.81 3.93
C THR C 112 -4.02 19.33 3.81
N TRP C 113 -4.36 19.96 4.92
CA TRP C 113 -4.50 21.40 4.95
C TRP C 113 -3.16 22.10 4.76
N ASN C 114 -2.11 21.65 5.44
CA ASN C 114 -0.81 22.29 5.28
C ASN C 114 -0.23 22.12 3.89
N ILE C 115 -0.47 20.97 3.29
CA ILE C 115 0.00 20.75 1.92
C ILE C 115 -0.84 21.74 1.08
N GLY C 116 -2.11 21.88 1.43
CA GLY C 116 -2.95 22.83 0.72
C GLY C 116 -2.34 24.23 0.75
N VAL C 117 -1.88 24.68 1.92
CA VAL C 117 -1.27 26.02 2.05
C VAL C 117 -0.07 26.17 1.10
N ILE C 118 0.74 25.13 1.01
CA ILE C 118 1.89 25.11 0.12
C ILE C 118 1.41 25.16 -1.34
N LEU C 119 0.29 24.49 -1.64
CA LEU C 119 -0.25 24.50 -2.98
C LEU C 119 -0.65 25.94 -3.35
N LEU C 120 -1.26 26.63 -2.39
CA LEU C 120 -1.70 27.98 -2.62
C LEU C 120 -0.54 28.93 -2.99
N LEU C 121 0.53 28.86 -2.21
CA LEU C 121 1.69 29.68 -2.43
C LEU C 121 2.36 29.34 -3.77
N THR C 122 2.39 28.06 -4.09
CA THR C 122 3.00 27.62 -5.33
C THR C 122 2.17 28.06 -6.55
N VAL C 123 0.85 28.01 -6.44
CA VAL C 123 0.03 28.45 -7.58
C VAL C 123 0.19 29.97 -7.73
N MET C 124 0.27 30.70 -6.60
CA MET C 124 0.46 32.13 -6.68
C MET C 124 1.80 32.45 -7.38
N ALA C 125 2.87 31.75 -6.98
CA ALA C 125 4.18 32.00 -7.59
C ALA C 125 4.14 31.69 -9.09
N THR C 126 3.48 30.59 -9.43
CA THR C 126 3.37 30.13 -10.81
C THR C 126 2.63 31.15 -11.67
N ALA C 127 1.46 31.60 -11.20
CA ALA C 127 0.65 32.55 -11.96
C ALA C 127 1.40 33.87 -12.12
N PHE C 128 2.13 34.26 -11.08
CA PHE C 128 2.91 35.49 -11.12
C PHE C 128 3.93 35.42 -12.26
N MET C 129 4.70 34.33 -12.30
CA MET C 129 5.71 34.16 -13.32
C MET C 129 5.16 34.06 -14.71
N GLY C 130 4.01 33.39 -14.85
CA GLY C 130 3.42 33.27 -16.17
C GLY C 130 3.05 34.64 -16.64
N TYR C 131 2.57 35.47 -15.71
CA TYR C 131 2.15 36.80 -16.09
C TYR C 131 3.29 37.68 -16.60
N VAL C 132 4.51 37.34 -16.21
CA VAL C 132 5.66 38.10 -16.64
C VAL C 132 6.05 37.75 -18.08
N LEU C 133 5.76 36.52 -18.50
CA LEU C 133 6.14 36.05 -19.83
C LEU C 133 5.78 36.88 -21.06
N PRO C 134 4.59 37.50 -21.08
CA PRO C 134 4.30 38.29 -22.29
C PRO C 134 5.15 39.56 -22.38
N TRP C 135 5.73 39.95 -21.25
CA TRP C 135 6.61 41.10 -21.19
C TRP C 135 5.89 42.40 -21.56
N GLY C 136 4.71 42.58 -21.00
CA GLY C 136 3.95 43.79 -21.20
C GLY C 136 4.36 44.68 -20.02
N GLN C 137 3.69 45.80 -19.84
CA GLN C 137 4.03 46.69 -18.72
C GLN C 137 3.77 46.08 -17.36
N MET C 138 2.63 45.39 -17.21
CA MET C 138 2.34 44.78 -15.92
C MET C 138 3.32 43.65 -15.65
N SER C 139 3.70 42.93 -16.70
CA SER C 139 4.68 41.84 -16.59
C SER C 139 5.97 42.35 -15.97
N PHE C 140 6.50 43.42 -16.56
CA PHE C 140 7.76 44.01 -16.11
C PHE C 140 7.72 44.56 -14.69
N TRP C 141 6.71 45.35 -14.40
CA TRP C 141 6.60 45.93 -13.08
C TRP C 141 6.15 44.92 -12.04
N GLY C 142 5.39 43.93 -12.48
CA GLY C 142 4.97 42.89 -11.55
C GLY C 142 6.26 42.18 -11.14
N ALA C 143 7.06 41.81 -12.12
CA ALA C 143 8.32 41.13 -11.86
C ALA C 143 9.23 41.93 -10.95
N THR C 144 9.24 43.25 -11.14
CA THR C 144 10.07 44.14 -10.35
C THR C 144 9.62 44.18 -8.90
N VAL C 145 8.35 44.49 -8.71
CA VAL C 145 7.80 44.60 -7.37
C VAL C 145 7.80 43.32 -6.56
N ILE C 146 7.30 42.25 -7.15
CA ILE C 146 7.22 41.00 -6.41
C ILE C 146 8.58 40.42 -6.03
N THR C 147 9.54 40.41 -6.96
CA THR C 147 10.84 39.87 -6.62
C THR C 147 11.46 40.75 -5.53
N ASN C 148 11.17 42.05 -5.58
CA ASN C 148 11.70 42.98 -4.60
C ASN C 148 11.16 42.78 -3.19
N LEU C 149 10.13 41.94 -3.05
CA LEU C 149 9.61 41.69 -1.72
C LEU C 149 10.74 41.07 -0.90
N LEU C 150 11.63 40.35 -1.57
CA LEU C 150 12.74 39.69 -0.87
C LEU C 150 13.77 40.67 -0.34
N SER C 151 13.73 41.92 -0.82
CA SER C 151 14.69 42.91 -0.37
C SER C 151 14.39 43.35 1.06
N ALA C 152 13.20 43.02 1.55
CA ALA C 152 12.84 43.38 2.91
C ALA C 152 13.58 42.47 3.89
N ILE C 153 14.21 41.42 3.37
CA ILE C 153 14.95 40.52 4.26
C ILE C 153 16.24 41.23 4.65
N PRO C 154 16.48 41.36 5.96
CA PRO C 154 17.67 42.03 6.49
C PRO C 154 19.00 41.44 5.98
N TYR C 155 19.96 42.31 5.66
CA TYR C 155 21.30 41.89 5.23
C TYR C 155 21.46 41.20 3.89
N ILE C 156 20.66 40.19 3.61
CA ILE C 156 20.78 39.45 2.36
C ILE C 156 19.70 39.74 1.33
N GLY C 157 18.65 40.45 1.73
CA GLY C 157 17.55 40.74 0.81
C GLY C 157 17.93 41.20 -0.59
N THR C 158 18.71 42.28 -0.67
CA THR C 158 19.11 42.82 -1.95
C THR C 158 19.92 41.82 -2.76
N ASN C 159 20.78 41.06 -2.08
CA ASN C 159 21.59 40.06 -2.76
C ASN C 159 20.71 38.97 -3.38
N LEU C 160 19.67 38.59 -2.64
CA LEU C 160 18.75 37.57 -3.09
C LEU C 160 18.00 38.03 -4.33
N VAL C 161 17.55 39.28 -4.31
CA VAL C 161 16.83 39.85 -5.44
C VAL C 161 17.67 39.82 -6.72
N GLU C 162 18.88 40.36 -6.64
CA GLU C 162 19.77 40.43 -7.79
C GLU C 162 20.14 39.04 -8.28
N TRP C 163 20.18 38.10 -7.34
CA TRP C 163 20.49 36.73 -7.70
C TRP C 163 19.32 36.16 -8.50
N ILE C 164 18.10 36.40 -8.01
CA ILE C 164 16.90 35.94 -8.70
C ILE C 164 16.85 36.57 -10.09
N TRP C 165 17.06 37.89 -10.14
CA TRP C 165 17.04 38.61 -11.40
C TRP C 165 18.17 38.22 -12.36
N GLY C 166 19.30 37.80 -11.81
CA GLY C 166 20.42 37.44 -12.68
C GLY C 166 21.05 38.74 -13.13
N GLY C 167 20.93 39.76 -12.28
CA GLY C 167 21.50 41.06 -12.59
C GLY C 167 21.05 42.12 -11.60
N PHE C 168 21.26 43.38 -11.93
CA PHE C 168 20.89 44.49 -11.05
C PHE C 168 19.49 45.01 -11.34
N SER C 169 18.82 44.40 -12.30
CA SER C 169 17.47 44.81 -12.63
C SER C 169 16.80 43.72 -13.42
N VAL C 170 15.48 43.77 -13.47
CA VAL C 170 14.71 42.81 -14.22
C VAL C 170 15.16 43.00 -15.68
N ASP C 171 15.62 41.93 -16.31
CA ASP C 171 16.11 42.02 -17.67
C ASP C 171 16.02 40.65 -18.35
N LYS C 172 16.75 40.50 -19.46
CA LYS C 172 16.77 39.26 -20.24
C LYS C 172 16.91 37.98 -19.42
N ALA C 173 17.89 37.96 -18.52
CA ALA C 173 18.15 36.81 -17.70
C ALA C 173 16.92 36.48 -16.86
N THR C 174 16.20 37.50 -16.42
CA THR C 174 15.03 37.27 -15.58
C THR C 174 13.94 36.55 -16.36
N LEU C 175 13.62 37.08 -17.55
CA LEU C 175 12.56 36.51 -18.37
C LEU C 175 12.83 35.07 -18.76
N THR C 176 14.06 34.79 -19.17
CA THR C 176 14.38 33.43 -19.56
C THR C 176 14.21 32.45 -18.42
N ARG C 177 14.68 32.80 -17.22
CA ARG C 177 14.54 31.85 -16.14
C ARG C 177 13.06 31.75 -15.64
N PHE C 178 12.29 32.83 -15.78
CA PHE C 178 10.90 32.77 -15.36
C PHE C 178 10.10 31.85 -16.30
N PHE C 179 10.50 31.76 -17.56
CA PHE C 179 9.82 30.86 -18.47
C PHE C 179 10.12 29.44 -18.00
N ALA C 180 11.38 29.16 -17.66
CA ALA C 180 11.73 27.81 -17.21
C ALA C 180 11.04 27.48 -15.89
N PHE C 181 10.95 28.45 -14.99
CA PHE C 181 10.29 28.17 -13.71
C PHE C 181 8.79 27.96 -13.91
N HIS C 182 8.19 28.80 -14.76
CA HIS C 182 6.76 28.71 -15.03
C HIS C 182 6.40 27.40 -15.66
N PHE C 183 7.32 26.91 -16.48
CA PHE C 183 7.12 25.65 -17.17
C PHE C 183 7.15 24.47 -16.20
N ILE C 184 8.14 24.43 -15.30
CA ILE C 184 8.23 23.29 -14.42
C ILE C 184 7.34 23.30 -13.16
N LEU C 185 7.10 24.48 -12.58
CA LEU C 185 6.26 24.56 -11.37
C LEU C 185 4.89 23.89 -11.42
N PRO C 186 4.16 24.00 -12.55
CA PRO C 186 2.85 23.34 -12.61
C PRO C 186 2.93 21.84 -12.41
N PHE C 187 4.01 21.25 -12.87
CA PHE C 187 4.20 19.82 -12.75
C PHE C 187 4.53 19.46 -11.32
N ILE C 188 5.27 20.33 -10.65
CA ILE C 188 5.61 20.14 -9.25
C ILE C 188 4.28 20.29 -8.48
N ILE C 189 3.49 21.29 -8.88
CA ILE C 189 2.19 21.49 -8.23
C ILE C 189 1.33 20.23 -8.33
N MET C 190 1.38 19.56 -9.49
CA MET C 190 0.60 18.36 -9.71
C MET C 190 1.06 17.23 -8.77
N ALA C 191 2.35 17.05 -8.64
CA ALA C 191 2.85 16.04 -7.73
C ALA C 191 2.40 16.36 -6.31
N ILE C 192 2.53 17.62 -5.90
CA ILE C 192 2.15 18.01 -4.53
C ILE C 192 0.66 17.83 -4.30
N ALA C 193 -0.14 18.04 -5.35
CA ALA C 193 -1.58 17.89 -5.27
C ALA C 193 -1.89 16.40 -5.08
N MET C 194 -1.08 15.53 -5.66
CA MET C 194 -1.29 14.10 -5.52
C MET C 194 -1.07 13.69 -4.06
N VAL C 195 -0.07 14.30 -3.42
CA VAL C 195 0.19 14.01 -2.02
C VAL C 195 -0.96 14.59 -1.19
N HIS C 196 -1.48 15.73 -1.61
CA HIS C 196 -2.59 16.40 -0.94
C HIS C 196 -3.73 15.38 -0.92
N LEU C 197 -3.93 14.67 -2.03
CA LEU C 197 -4.97 13.67 -2.08
C LEU C 197 -4.66 12.41 -1.29
N LEU C 198 -3.41 11.95 -1.35
CA LEU C 198 -3.05 10.76 -0.59
C LEU C 198 -3.37 10.98 0.87
N PHE C 199 -3.03 12.17 1.38
CA PHE C 199 -3.29 12.44 2.78
C PHE C 199 -4.78 12.48 3.08
N LEU C 200 -5.56 12.97 2.13
CA LEU C 200 -6.98 13.07 2.34
C LEU C 200 -7.65 11.69 2.40
N HIS C 201 -7.17 10.76 1.58
CA HIS C 201 -7.74 9.42 1.52
C HIS C 201 -7.56 8.62 2.80
N GLU C 202 -6.64 9.05 3.64
CA GLU C 202 -6.44 8.33 4.88
C GLU C 202 -7.64 8.57 5.80
N THR C 203 -8.25 9.74 5.72
CA THR C 203 -9.39 10.07 6.58
C THR C 203 -10.71 10.09 5.86
N GLY C 204 -10.66 10.33 4.55
CA GLY C 204 -11.88 10.46 3.79
C GLY C 204 -12.30 11.92 3.94
N SER C 205 -13.35 12.34 3.23
CA SER C 205 -13.81 13.71 3.28
C SER C 205 -14.57 14.11 4.54
N ASN C 206 -14.53 15.40 4.82
CA ASN C 206 -15.29 15.99 5.94
C ASN C 206 -16.64 16.23 5.25
N ASN C 207 -17.65 16.71 5.97
CA ASN C 207 -18.91 16.95 5.29
C ASN C 207 -19.55 18.19 5.93
N PRO C 208 -20.58 18.76 5.31
CA PRO C 208 -21.21 19.96 5.91
C PRO C 208 -21.53 19.98 7.43
N THR C 209 -21.89 18.85 8.02
CA THR C 209 -22.23 18.86 9.45
C THR C 209 -20.99 18.79 10.34
N GLY C 210 -19.86 18.43 9.75
CA GLY C 210 -18.63 18.30 10.51
C GLY C 210 -18.65 17.08 11.42
N ILE C 211 -19.69 16.28 11.32
CA ILE C 211 -19.83 15.07 12.12
C ILE C 211 -19.36 13.88 11.31
N SER C 212 -18.69 12.91 11.94
CA SER C 212 -18.22 11.74 11.22
C SER C 212 -19.33 11.16 10.35
N SER C 213 -18.98 10.80 9.13
CA SER C 213 -19.98 10.24 8.25
C SER C 213 -19.73 8.75 7.98
N ASP C 214 -18.95 8.11 8.85
CA ASP C 214 -18.67 6.68 8.65
C ASP C 214 -19.93 5.81 8.65
N VAL C 215 -20.98 6.27 9.33
CA VAL C 215 -22.24 5.51 9.36
C VAL C 215 -23.10 5.73 8.12
N ASP C 216 -22.73 6.67 7.24
CA ASP C 216 -23.52 6.91 6.02
C ASP C 216 -22.66 7.22 4.80
N LYS C 217 -21.75 6.32 4.43
CA LYS C 217 -20.92 6.54 3.26
C LYS C 217 -21.60 5.94 2.02
N ILE C 218 -21.32 6.52 0.86
CA ILE C 218 -21.85 5.99 -0.40
C ILE C 218 -20.63 5.89 -1.32
N PRO C 219 -20.69 5.06 -2.36
CA PRO C 219 -19.53 4.96 -3.24
C PRO C 219 -19.30 6.23 -4.07
N PHE C 220 -18.03 6.58 -4.30
CA PHE C 220 -17.72 7.76 -5.06
C PHE C 220 -18.39 7.68 -6.43
N HIS C 221 -18.38 6.48 -7.00
CA HIS C 221 -18.99 6.23 -8.29
C HIS C 221 -20.26 5.44 -8.04
N PRO C 222 -21.37 5.83 -8.67
CA PRO C 222 -21.66 6.92 -9.61
C PRO C 222 -22.03 8.29 -9.06
N TYR C 223 -22.32 8.36 -7.77
CA TYR C 223 -22.77 9.60 -7.18
C TYR C 223 -21.95 10.86 -7.39
N TYR C 224 -20.67 10.82 -7.05
CA TYR C 224 -19.85 12.01 -7.18
C TYR C 224 -19.14 12.10 -8.50
N THR C 225 -19.00 10.97 -9.19
CA THR C 225 -18.39 11.02 -10.51
C THR C 225 -19.35 11.83 -11.36
N ILE C 226 -20.66 11.58 -11.23
CA ILE C 226 -21.61 12.35 -12.04
C ILE C 226 -21.75 13.80 -11.57
N LYS C 227 -21.65 14.05 -10.26
CA LYS C 227 -21.74 15.43 -9.79
C LYS C 227 -20.50 16.18 -10.25
N ASP C 228 -19.36 15.49 -10.29
CA ASP C 228 -18.11 16.11 -10.73
C ASP C 228 -18.15 16.50 -12.19
N ILE C 229 -18.71 15.62 -13.02
CA ILE C 229 -18.84 15.90 -14.43
C ILE C 229 -19.74 17.13 -14.61
N LEU C 230 -20.84 17.19 -13.85
CA LEU C 230 -21.73 18.33 -13.93
C LEU C 230 -20.97 19.60 -13.52
N GLY C 231 -20.24 19.52 -12.41
CA GLY C 231 -19.48 20.67 -11.97
C GLY C 231 -18.48 21.09 -13.04
N ALA C 232 -17.82 20.10 -13.64
CA ALA C 232 -16.83 20.37 -14.69
C ALA C 232 -17.47 21.09 -15.88
N LEU C 233 -18.69 20.68 -16.24
CA LEU C 233 -19.41 21.32 -17.33
C LEU C 233 -19.68 22.78 -17.03
N LEU C 234 -20.06 23.08 -15.79
CA LEU C 234 -20.32 24.46 -15.40
C LEU C 234 -19.00 25.26 -15.38
N LEU C 235 -17.90 24.62 -15.04
CA LEU C 235 -16.61 25.31 -15.04
C LEU C 235 -16.26 25.65 -16.49
N ILE C 236 -16.43 24.68 -17.38
CA ILE C 236 -16.12 24.88 -18.79
C ILE C 236 -17.03 25.99 -19.33
N LEU C 237 -18.29 25.98 -18.89
CA LEU C 237 -19.24 27.02 -19.30
C LEU C 237 -18.73 28.41 -18.86
N ALA C 238 -18.36 28.55 -17.58
CA ALA C 238 -17.88 29.83 -17.08
C ALA C 238 -16.63 30.25 -17.85
N LEU C 239 -15.69 29.33 -18.00
CA LEU C 239 -14.46 29.60 -18.73
C LEU C 239 -14.70 30.04 -20.19
N MET C 240 -15.50 29.28 -20.93
CA MET C 240 -15.76 29.61 -22.33
C MET C 240 -16.61 30.87 -22.52
N LEU C 241 -17.44 31.20 -21.53
CA LEU C 241 -18.22 32.43 -21.65
C LEU C 241 -17.21 33.59 -21.60
N LEU C 242 -16.18 33.45 -20.76
CA LEU C 242 -15.18 34.50 -20.68
C LEU C 242 -14.35 34.51 -21.96
N VAL C 243 -13.80 33.36 -22.34
CA VAL C 243 -12.97 33.29 -23.53
C VAL C 243 -13.70 33.72 -24.82
N LEU C 244 -14.93 33.30 -25.01
CA LEU C 244 -15.63 33.62 -26.24
C LEU C 244 -16.45 34.90 -26.27
N PHE C 245 -16.89 35.38 -25.09
CA PHE C 245 -17.69 36.59 -25.04
C PHE C 245 -17.07 37.78 -24.32
N ALA C 246 -16.04 37.56 -23.50
CA ALA C 246 -15.39 38.67 -22.78
C ALA C 246 -13.98 38.26 -22.38
N PRO C 247 -13.15 37.88 -23.37
CA PRO C 247 -11.78 37.46 -23.07
C PRO C 247 -10.88 38.37 -22.26
N ASP C 248 -11.13 39.67 -22.30
CA ASP C 248 -10.29 40.64 -21.58
C ASP C 248 -10.90 41.19 -20.31
N LEU C 249 -12.13 40.79 -20.02
CA LEU C 249 -12.83 41.28 -18.85
C LEU C 249 -11.99 41.25 -17.57
N LEU C 250 -11.35 40.11 -17.30
CA LEU C 250 -10.56 39.96 -16.10
C LEU C 250 -9.10 40.35 -16.24
N GLY C 251 -8.72 40.89 -17.40
CA GLY C 251 -7.33 41.27 -17.57
C GLY C 251 -7.10 42.76 -17.46
N ASP C 252 -5.86 43.19 -17.67
CA ASP C 252 -5.49 44.59 -17.56
C ASP C 252 -5.00 45.11 -18.90
N PRO C 253 -5.67 46.15 -19.45
CA PRO C 253 -5.30 46.77 -20.74
C PRO C 253 -3.82 47.13 -20.82
N ASP C 254 -3.23 47.47 -19.68
CA ASP C 254 -1.82 47.85 -19.63
C ASP C 254 -0.85 46.79 -20.12
N ASN C 255 -1.22 45.52 -20.01
CA ASN C 255 -0.28 44.51 -20.49
C ASN C 255 -0.29 44.37 -22.02
N TYR C 256 -1.11 45.16 -22.71
CA TYR C 256 -1.10 45.11 -24.17
C TYR C 256 -0.07 46.12 -24.67
N THR C 257 0.62 46.74 -23.72
CA THR C 257 1.68 47.69 -24.03
C THR C 257 3.01 47.02 -23.62
N PRO C 258 3.96 46.91 -24.56
CA PRO C 258 5.26 46.29 -24.28
C PRO C 258 5.94 46.93 -23.06
N ALA C 259 6.73 46.13 -22.35
CA ALA C 259 7.44 46.59 -21.18
C ALA C 259 8.29 47.84 -21.47
N ASN C 260 8.26 48.80 -20.56
CA ASN C 260 9.05 50.01 -20.70
C ASN C 260 9.68 50.21 -19.33
N PRO C 261 10.95 49.86 -19.19
CA PRO C 261 11.68 49.98 -17.93
C PRO C 261 11.90 51.38 -17.39
N LEU C 262 11.59 52.40 -18.20
CA LEU C 262 11.75 53.78 -17.77
C LEU C 262 10.42 54.38 -17.36
N ASN C 263 9.37 53.60 -17.41
CA ASN C 263 8.08 54.15 -17.03
C ASN C 263 7.09 53.14 -16.47
N THR C 264 6.63 53.43 -15.25
CA THR C 264 5.65 52.61 -14.57
C THR C 264 4.28 53.24 -14.78
N PRO C 265 3.34 52.53 -15.43
CA PRO C 265 2.00 53.12 -15.64
C PRO C 265 1.45 53.76 -14.36
N PRO C 266 0.77 54.91 -14.47
CA PRO C 266 0.23 55.58 -13.28
C PRO C 266 -0.90 54.88 -12.53
N HIS C 267 -1.65 54.01 -13.17
CA HIS C 267 -2.73 53.33 -12.43
C HIS C 267 -2.50 51.86 -12.33
N ILE C 268 -1.24 51.48 -12.46
CA ILE C 268 -0.83 50.09 -12.36
C ILE C 268 -1.52 49.42 -11.18
N LYS C 269 -1.95 48.18 -11.40
CA LYS C 269 -2.55 47.42 -10.32
C LYS C 269 -2.34 45.94 -10.57
N PRO C 270 -2.36 45.14 -9.52
CA PRO C 270 -2.15 43.70 -9.67
C PRO C 270 -3.32 43.00 -10.34
N GLU C 271 -3.10 41.74 -10.68
CA GLU C 271 -4.11 40.86 -11.25
C GLU C 271 -5.20 40.84 -10.19
N TRP C 272 -6.46 40.72 -10.60
CA TRP C 272 -7.56 40.76 -9.63
C TRP C 272 -7.42 39.80 -8.44
N TYR C 273 -6.93 38.60 -8.68
CA TYR C 273 -6.80 37.64 -7.59
C TYR C 273 -5.72 37.94 -6.58
N PHE C 274 -4.96 38.99 -6.82
CA PHE C 274 -3.89 39.40 -5.90
C PHE C 274 -4.24 40.72 -5.22
N LEU C 275 -5.35 41.33 -5.62
CA LEU C 275 -5.70 42.63 -5.05
C LEU C 275 -5.84 42.75 -3.55
N PHE C 276 -6.39 41.73 -2.90
CA PHE C 276 -6.58 41.80 -1.46
C PHE C 276 -5.25 41.84 -0.73
N ALA C 277 -4.31 40.99 -1.13
CA ALA C 277 -3.00 40.94 -0.49
C ALA C 277 -2.27 42.27 -0.75
N TYR C 278 -2.45 42.79 -1.95
CA TYR C 278 -1.87 44.05 -2.35
C TYR C 278 -2.45 45.18 -1.52
N ALA C 279 -3.76 45.13 -1.25
CA ALA C 279 -4.38 46.18 -0.45
C ALA C 279 -3.78 46.14 0.95
N ILE C 280 -3.57 44.94 1.46
CA ILE C 280 -2.96 44.77 2.78
C ILE C 280 -1.54 45.33 2.83
N LEU C 281 -0.68 44.95 1.89
CA LEU C 281 0.69 45.45 1.89
C LEU C 281 0.71 46.97 1.77
N ARG C 282 -0.11 47.48 0.86
CA ARG C 282 -0.23 48.91 0.62
C ARG C 282 -0.78 49.70 1.82
N SER C 283 -1.40 49.01 2.77
CA SER C 283 -1.99 49.66 3.93
C SER C 283 -0.98 50.07 4.98
N ILE C 284 0.21 49.49 4.91
CA ILE C 284 1.24 49.75 5.90
C ILE C 284 2.37 50.64 5.35
N PRO C 285 2.55 51.84 5.96
CA PRO C 285 3.60 52.80 5.54
C PRO C 285 4.98 52.47 6.07
N ASN C 286 5.35 51.21 5.91
CA ASN C 286 6.63 50.70 6.34
C ASN C 286 6.93 49.51 5.43
N LYS C 287 8.12 49.49 4.86
CA LYS C 287 8.51 48.43 3.94
C LYS C 287 8.47 47.03 4.54
N LEU C 288 9.26 46.81 5.59
CA LEU C 288 9.30 45.50 6.21
C LEU C 288 7.92 45.16 6.76
N GLY C 289 7.25 46.15 7.32
CA GLY C 289 5.93 45.94 7.88
C GLY C 289 4.95 45.42 6.84
N GLY C 290 4.96 46.01 5.65
CA GLY C 290 4.03 45.57 4.62
C GLY C 290 4.35 44.19 4.10
N VAL C 291 5.62 43.90 3.87
CA VAL C 291 6.00 42.60 3.38
C VAL C 291 5.66 41.52 4.41
N LEU C 292 5.83 41.83 5.70
CA LEU C 292 5.52 40.86 6.74
C LEU C 292 4.02 40.61 6.79
N ALA C 293 3.22 41.67 6.66
CA ALA C 293 1.77 41.49 6.67
C ALA C 293 1.30 40.75 5.43
N LEU C 294 1.93 41.01 4.28
CA LEU C 294 1.55 40.30 3.04
C LEU C 294 1.81 38.80 3.24
N ALA C 295 3.01 38.46 3.69
CA ALA C 295 3.36 37.07 3.92
C ALA C 295 2.41 36.45 4.95
N PHE C 296 2.14 37.18 6.03
CA PHE C 296 1.27 36.65 7.06
C PHE C 296 -0.19 36.50 6.62
N SER C 297 -0.64 37.34 5.69
CA SER C 297 -2.01 37.25 5.22
C SER C 297 -2.27 35.88 4.60
N ILE C 298 -1.21 35.23 4.13
CA ILE C 298 -1.36 33.91 3.53
C ILE C 298 -0.97 32.83 4.52
N LEU C 299 0.17 33.01 5.18
CA LEU C 299 0.66 32.01 6.13
C LEU C 299 -0.22 31.86 7.38
N ILE C 300 -1.10 32.82 7.62
CA ILE C 300 -2.00 32.74 8.76
C ILE C 300 -2.87 31.50 8.55
N LEU C 301 -2.98 31.06 7.30
CA LEU C 301 -3.75 29.87 7.00
C LEU C 301 -3.19 28.69 7.78
N ALA C 302 -1.88 28.59 7.85
CA ALA C 302 -1.25 27.50 8.60
C ALA C 302 -1.50 27.60 10.10
N LEU C 303 -2.01 28.74 10.57
CA LEU C 303 -2.27 28.92 12.01
C LEU C 303 -3.71 28.64 12.39
N ILE C 304 -4.59 28.65 11.40
CA ILE C 304 -6.00 28.43 11.67
C ILE C 304 -6.27 27.18 12.51
N PRO C 305 -5.65 26.04 12.15
CA PRO C 305 -5.90 24.84 12.96
C PRO C 305 -5.60 25.05 14.44
N LEU C 306 -4.59 25.85 14.73
CA LEU C 306 -4.18 26.11 16.12
C LEU C 306 -5.09 27.09 16.86
N LEU C 307 -5.87 27.85 16.11
CA LEU C 307 -6.77 28.83 16.69
C LEU C 307 -8.20 28.32 16.83
N HIS C 308 -8.40 27.04 16.54
CA HIS C 308 -9.74 26.45 16.62
C HIS C 308 -10.10 26.20 18.07
N THR C 309 -11.07 26.93 18.59
CA THR C 309 -11.49 26.77 19.98
C THR C 309 -12.82 26.05 20.15
N SER C 310 -13.62 25.99 19.09
CA SER C 310 -14.92 25.35 19.15
C SER C 310 -14.87 23.85 19.40
N LYS C 311 -15.85 23.34 20.14
CA LYS C 311 -15.96 21.92 20.43
C LYS C 311 -16.57 21.24 19.21
N GLN C 312 -17.11 22.03 18.27
CA GLN C 312 -17.69 21.48 17.04
C GLN C 312 -16.77 21.83 15.88
N ARG C 313 -16.68 20.92 14.92
CA ARG C 313 -15.80 21.08 13.76
C ARG C 313 -16.25 22.09 12.70
N SER C 314 -17.52 22.01 12.32
CA SER C 314 -18.05 22.86 11.28
C SER C 314 -18.79 24.09 11.79
N MET C 315 -18.85 25.13 10.98
CA MET C 315 -19.56 26.34 11.35
C MET C 315 -21.06 26.20 11.14
N MET C 316 -21.48 25.09 10.54
CA MET C 316 -22.90 24.87 10.27
C MET C 316 -23.76 25.11 11.51
N PHE C 317 -23.31 24.61 12.66
CA PHE C 317 -24.06 24.78 13.87
C PHE C 317 -23.58 25.92 14.75
N ARG C 318 -22.79 26.83 14.18
CA ARG C 318 -22.26 27.97 14.96
C ARG C 318 -22.60 29.33 14.32
N PRO C 319 -23.78 29.86 14.64
CA PRO C 319 -24.26 31.16 14.11
C PRO C 319 -23.30 32.32 14.31
N LEU C 320 -22.72 32.45 15.51
CA LEU C 320 -21.80 33.56 15.73
C LEU C 320 -20.60 33.44 14.81
N SER C 321 -20.05 32.23 14.69
CA SER C 321 -18.90 32.00 13.83
C SER C 321 -19.26 32.29 12.38
N GLN C 322 -20.47 31.94 11.99
CA GLN C 322 -20.90 32.18 10.62
C GLN C 322 -20.89 33.67 10.30
N CYS C 323 -21.43 34.47 11.21
CA CYS C 323 -21.46 35.90 10.99
C CYS C 323 -20.05 36.42 10.78
N LEU C 324 -19.13 35.98 11.64
CA LEU C 324 -17.75 36.43 11.52
C LEU C 324 -17.13 35.95 10.21
N PHE C 325 -17.45 34.73 9.83
CA PHE C 325 -16.93 34.14 8.61
C PHE C 325 -17.36 35.01 7.44
N TRP C 326 -18.63 35.39 7.44
CA TRP C 326 -19.08 36.19 6.33
C TRP C 326 -18.54 37.62 6.39
N ALA C 327 -18.19 38.09 7.59
CA ALA C 327 -17.62 39.41 7.73
C ALA C 327 -16.25 39.33 7.05
N LEU C 328 -15.53 38.25 7.32
CA LEU C 328 -14.22 38.01 6.72
C LEU C 328 -14.30 37.98 5.20
N VAL C 329 -15.31 37.31 4.64
CA VAL C 329 -15.45 37.25 3.19
C VAL C 329 -15.74 38.64 2.64
N ALA C 330 -16.61 39.39 3.32
CA ALA C 330 -16.96 40.74 2.90
C ALA C 330 -15.74 41.66 3.03
N ASP C 331 -14.88 41.36 4.00
CA ASP C 331 -13.69 42.13 4.23
C ASP C 331 -12.66 41.87 3.11
N LEU C 332 -12.62 40.64 2.61
CA LEU C 332 -11.69 40.30 1.54
C LEU C 332 -12.19 40.96 0.26
N LEU C 333 -13.51 41.14 0.18
CA LEU C 333 -14.13 41.79 -0.95
C LEU C 333 -13.78 43.28 -0.86
N THR C 334 -13.82 43.81 0.36
CA THR C 334 -13.48 45.21 0.57
C THR C 334 -12.01 45.42 0.17
N LEU C 335 -11.13 44.55 0.64
CA LEU C 335 -9.72 44.65 0.30
C LEU C 335 -9.51 44.53 -1.20
N THR C 336 -10.25 43.62 -1.83
CA THR C 336 -10.12 43.44 -3.26
C THR C 336 -10.53 44.73 -3.99
N TRP C 337 -11.61 45.35 -3.53
CA TRP C 337 -12.08 46.62 -4.10
C TRP C 337 -11.03 47.72 -3.85
N ILE C 338 -10.60 47.91 -2.59
CA ILE C 338 -9.60 48.93 -2.27
C ILE C 338 -8.30 48.75 -3.09
N GLY C 339 -7.82 47.52 -3.23
CA GLY C 339 -6.63 47.30 -4.03
C GLY C 339 -6.78 47.80 -5.45
N GLY C 340 -8.02 47.95 -5.91
CA GLY C 340 -8.25 48.42 -7.26
C GLY C 340 -8.40 49.93 -7.35
N GLN C 341 -8.26 50.62 -6.22
CA GLN C 341 -8.43 52.06 -6.15
C GLN C 341 -7.13 52.81 -5.89
N PRO C 342 -7.10 54.12 -6.19
CA PRO C 342 -5.89 54.90 -5.95
C PRO C 342 -5.62 55.06 -4.46
N VAL C 343 -4.36 55.28 -4.11
CA VAL C 343 -3.96 55.47 -2.73
C VAL C 343 -4.29 56.92 -2.41
N GLU C 344 -5.56 57.17 -2.16
CA GLU C 344 -6.06 58.50 -1.85
C GLU C 344 -7.19 58.35 -0.85
N HIS C 345 -7.53 59.44 -0.17
CA HIS C 345 -8.62 59.43 0.78
C HIS C 345 -9.92 59.19 0.01
N PRO C 346 -10.87 58.44 0.59
CA PRO C 346 -10.86 57.79 1.90
C PRO C 346 -10.40 56.32 1.82
N TYR C 347 -9.95 55.92 0.62
CA TYR C 347 -9.52 54.56 0.38
C TYR C 347 -8.37 54.09 1.27
N ILE C 348 -7.45 55.00 1.59
CA ILE C 348 -6.31 54.67 2.43
C ILE C 348 -6.78 54.19 3.79
N THR C 349 -7.73 54.91 4.38
CA THR C 349 -8.26 54.55 5.68
C THR C 349 -9.15 53.29 5.62
N ILE C 350 -9.99 53.17 4.61
CA ILE C 350 -10.83 51.98 4.48
C ILE C 350 -9.91 50.76 4.35
N GLY C 351 -8.82 50.90 3.59
CA GLY C 351 -7.91 49.79 3.41
C GLY C 351 -7.19 49.39 4.68
N GLN C 352 -6.82 50.37 5.49
CA GLN C 352 -6.11 50.08 6.74
C GLN C 352 -7.08 49.43 7.73
N LEU C 353 -8.31 49.91 7.77
CA LEU C 353 -9.32 49.33 8.64
C LEU C 353 -9.63 47.90 8.19
N ALA C 354 -9.84 47.72 6.89
CA ALA C 354 -10.13 46.40 6.35
C ALA C 354 -8.95 45.45 6.64
N SER C 355 -7.72 45.95 6.49
CA SER C 355 -6.55 45.11 6.75
C SER C 355 -6.47 44.73 8.22
N VAL C 356 -6.85 45.67 9.10
CA VAL C 356 -6.81 45.36 10.53
C VAL C 356 -7.90 44.34 10.86
N LEU C 357 -9.08 44.55 10.29
CA LEU C 357 -10.22 43.67 10.50
C LEU C 357 -9.90 42.24 10.08
N TYR C 358 -9.20 42.09 8.97
CA TYR C 358 -8.83 40.78 8.46
C TYR C 358 -8.11 39.97 9.56
N PHE C 359 -7.03 40.52 10.09
CA PHE C 359 -6.26 39.81 11.11
C PHE C 359 -7.01 39.72 12.43
N LEU C 360 -7.83 40.73 12.70
CA LEU C 360 -8.62 40.75 13.93
C LEU C 360 -9.62 39.58 13.91
N LEU C 361 -10.35 39.45 12.82
CA LEU C 361 -11.33 38.37 12.66
C LEU C 361 -10.68 37.01 12.87
N ILE C 362 -9.59 36.76 12.15
CA ILE C 362 -8.92 35.47 12.23
C ILE C 362 -8.20 35.19 13.54
N LEU C 363 -7.46 36.17 14.05
CA LEU C 363 -6.71 35.96 15.28
C LEU C 363 -7.43 36.16 16.61
N VAL C 364 -8.47 36.97 16.64
CA VAL C 364 -9.13 37.21 17.91
C VAL C 364 -10.61 36.91 17.93
N LEU C 365 -11.35 37.57 17.05
CA LEU C 365 -12.77 37.40 17.01
C LEU C 365 -13.28 35.98 16.77
N MET C 366 -12.69 35.26 15.83
CA MET C 366 -13.19 33.92 15.57
C MET C 366 -12.91 32.97 16.73
N PRO C 367 -11.68 32.98 17.27
CA PRO C 367 -11.39 32.09 18.40
C PRO C 367 -12.28 32.44 19.59
N THR C 368 -12.50 33.74 19.80
CA THR C 368 -13.33 34.19 20.91
C THR C 368 -14.76 33.68 20.70
N ALA C 369 -15.29 33.84 19.50
CA ALA C 369 -16.64 33.39 19.19
C ALA C 369 -16.73 31.90 19.47
N GLY C 370 -15.67 31.17 19.14
CA GLY C 370 -15.64 29.73 19.36
C GLY C 370 -15.88 29.41 20.83
N THR C 371 -15.13 30.10 21.69
CA THR C 371 -15.24 29.93 23.13
C THR C 371 -16.61 30.33 23.67
N ILE C 372 -17.16 31.44 23.17
CA ILE C 372 -18.47 31.91 23.59
C ILE C 372 -19.56 30.91 23.24
N GLU C 373 -19.46 30.29 22.06
CA GLU C 373 -20.45 29.30 21.65
C GLU C 373 -20.35 28.07 22.56
N ASN C 374 -19.13 27.68 22.92
CA ASN C 374 -18.92 26.54 23.81
C ASN C 374 -19.65 26.77 25.14
N LYS C 375 -19.52 27.98 25.70
CA LYS C 375 -20.18 28.34 26.96
C LYS C 375 -21.69 28.34 26.80
N LEU C 376 -22.18 28.86 25.68
CA LEU C 376 -23.60 28.87 25.48
C LEU C 376 -24.16 27.43 25.43
N LEU C 377 -23.34 26.47 25.00
CA LEU C 377 -23.78 25.07 24.94
C LEU C 377 -23.38 24.26 26.18
N LYS C 378 -22.85 24.95 27.18
CA LYS C 378 -22.43 24.32 28.42
C LYS C 378 -21.33 23.28 28.35
N TRP C 379 -20.35 23.54 27.49
CA TRP C 379 -19.17 22.70 27.42
C TRP C 379 -18.03 23.61 27.02
N SER D 1 -5.30 67.97 -15.79
CA SER D 1 -5.60 67.82 -14.34
C SER D 1 -5.92 66.36 -13.96
N ASP D 2 -6.09 66.15 -12.65
CA ASP D 2 -6.38 64.83 -12.08
C ASP D 2 -7.82 64.38 -12.28
N LEU D 3 -8.67 65.27 -12.79
CA LEU D 3 -10.06 64.91 -13.02
C LEU D 3 -10.11 63.96 -14.22
N GLU D 4 -11.12 63.10 -14.26
CA GLU D 4 -11.24 62.16 -15.36
C GLU D 4 -12.59 62.27 -16.01
N LEU D 5 -12.60 62.07 -17.32
CA LEU D 5 -13.84 62.11 -18.08
C LEU D 5 -13.86 60.77 -18.79
N HIS D 6 -14.83 59.94 -18.46
CA HIS D 6 -14.91 58.64 -19.08
C HIS D 6 -15.78 58.68 -20.31
N PRO D 7 -15.36 57.96 -21.35
CA PRO D 7 -16.14 57.96 -22.59
C PRO D 7 -17.52 57.33 -22.44
N PRO D 8 -18.52 57.86 -23.16
CA PRO D 8 -19.84 57.25 -23.02
C PRO D 8 -19.79 55.95 -23.83
N SER D 9 -20.88 55.17 -23.81
CA SER D 9 -20.92 53.93 -24.56
C SER D 9 -21.64 54.10 -25.89
N TYR D 10 -20.92 53.91 -26.98
CA TYR D 10 -21.54 54.06 -28.29
C TYR D 10 -22.18 52.75 -28.75
N PRO D 11 -23.25 52.84 -29.54
CA PRO D 11 -23.88 51.60 -29.99
C PRO D 11 -23.21 50.96 -31.18
N TRP D 12 -21.98 50.51 -31.00
CA TRP D 12 -21.26 49.88 -32.10
C TRP D 12 -22.05 48.67 -32.57
N SER D 13 -22.07 48.43 -33.88
CA SER D 13 -22.80 47.31 -34.42
C SER D 13 -22.17 45.97 -34.02
N HIS D 14 -20.98 46.02 -33.42
CA HIS D 14 -20.33 44.78 -32.98
C HIS D 14 -20.36 44.72 -31.45
N ARG D 15 -21.16 45.56 -30.85
CA ARG D 15 -21.26 45.58 -29.39
C ARG D 15 -21.98 44.36 -28.78
N GLY D 16 -22.99 43.84 -29.45
CA GLY D 16 -23.75 42.70 -28.93
C GLY D 16 -22.98 41.40 -28.84
N LEU D 17 -23.44 40.51 -27.94
CA LEU D 17 -22.82 39.21 -27.72
C LEU D 17 -22.58 38.42 -28.99
N LEU D 18 -23.53 38.46 -29.91
CA LEU D 18 -23.38 37.70 -31.13
C LEU D 18 -23.17 38.60 -32.34
N SER D 19 -22.87 39.87 -32.06
CA SER D 19 -22.68 40.85 -33.12
C SER D 19 -21.27 40.94 -33.69
N SER D 20 -21.15 40.63 -34.98
CA SER D 20 -19.87 40.69 -35.68
C SER D 20 -19.50 42.13 -36.01
N LEU D 21 -18.26 42.30 -36.48
CA LEU D 21 -17.78 43.60 -36.92
C LEU D 21 -18.45 43.89 -38.28
N ASP D 22 -18.61 45.16 -38.61
CA ASP D 22 -19.17 45.56 -39.90
C ASP D 22 -17.95 45.61 -40.83
N HIS D 23 -17.83 44.67 -41.76
CA HIS D 23 -16.66 44.67 -42.60
C HIS D 23 -16.47 45.77 -43.63
N THR D 24 -17.55 46.46 -43.96
CA THR D 24 -17.42 47.55 -44.90
C THR D 24 -16.80 48.67 -44.06
N SER D 25 -17.24 48.77 -42.82
CA SER D 25 -16.71 49.77 -41.90
C SER D 25 -15.20 49.49 -41.66
N ILE D 26 -14.82 48.23 -41.55
CA ILE D 26 -13.40 47.91 -41.34
C ILE D 26 -12.62 48.38 -42.58
N ARG D 27 -13.21 48.17 -43.75
CA ARG D 27 -12.59 48.54 -45.01
C ARG D 27 -12.33 50.03 -45.07
N ARG D 28 -13.31 50.84 -44.67
CA ARG D 28 -13.12 52.28 -44.70
C ARG D 28 -12.11 52.68 -43.62
N GLY D 29 -12.23 52.05 -42.45
CA GLY D 29 -11.33 52.35 -41.35
C GLY D 29 -9.88 52.15 -41.74
N PHE D 30 -9.64 51.15 -42.57
CA PHE D 30 -8.28 50.87 -43.02
C PHE D 30 -7.81 52.04 -43.89
N GLN D 31 -8.70 52.57 -44.72
CA GLN D 31 -8.39 53.68 -45.61
C GLN D 31 -7.98 54.89 -44.75
N VAL D 32 -8.69 55.09 -43.65
CA VAL D 32 -8.36 56.17 -42.75
C VAL D 32 -6.95 55.94 -42.17
N TYR D 33 -6.67 54.72 -41.75
CA TYR D 33 -5.36 54.44 -41.19
C TYR D 33 -4.28 54.69 -42.25
N LYS D 34 -4.53 54.17 -43.43
CA LYS D 34 -3.61 54.30 -44.54
C LYS D 34 -3.33 55.76 -44.94
N GLN D 35 -4.37 56.58 -45.05
CA GLN D 35 -4.17 57.95 -45.50
C GLN D 35 -3.83 58.92 -44.40
N VAL D 36 -4.30 58.65 -43.19
CA VAL D 36 -4.09 59.56 -42.09
C VAL D 36 -3.16 59.11 -40.98
N CYS D 37 -3.59 58.12 -40.20
CA CYS D 37 -2.82 57.66 -39.07
C CYS D 37 -1.41 57.15 -39.34
N SER D 38 -1.23 56.44 -40.45
CA SER D 38 0.07 55.85 -40.79
C SER D 38 1.26 56.77 -40.93
N SER D 39 1.02 58.07 -41.10
CA SER D 39 2.17 58.96 -41.22
C SER D 39 2.86 59.17 -39.89
N CYS D 40 2.18 58.85 -38.79
CA CYS D 40 2.78 59.02 -37.46
C CYS D 40 2.75 57.77 -36.59
N HIS D 41 1.77 56.91 -36.84
CA HIS D 41 1.58 55.67 -36.07
C HIS D 41 1.91 54.41 -36.81
N SER D 42 2.65 53.54 -36.15
CA SER D 42 2.95 52.25 -36.74
C SER D 42 1.80 51.32 -36.34
N MET D 43 1.78 50.17 -37.00
CA MET D 43 0.82 49.13 -36.74
C MET D 43 1.66 47.88 -37.00
N ASP D 44 2.65 47.70 -36.14
CA ASP D 44 3.63 46.61 -36.24
C ASP D 44 3.19 45.18 -36.42
N TYR D 45 2.00 44.83 -35.91
CA TYR D 45 1.57 43.44 -35.97
C TYR D 45 0.53 43.11 -37.01
N VAL D 46 0.30 44.06 -37.91
CA VAL D 46 -0.66 43.81 -38.97
C VAL D 46 0.07 43.83 -40.30
N ALA D 47 -0.21 42.83 -41.12
CA ALA D 47 0.39 42.69 -42.45
C ALA D 47 -0.73 42.74 -43.49
N TYR D 48 -0.35 42.98 -44.75
CA TYR D 48 -1.33 43.07 -45.84
C TYR D 48 -2.14 41.79 -46.01
N ARG D 49 -1.50 40.64 -45.84
CA ARG D 49 -2.21 39.36 -45.95
C ARG D 49 -3.37 39.30 -44.96
N HIS D 50 -3.24 39.97 -43.81
CA HIS D 50 -4.32 39.95 -42.82
C HIS D 50 -5.61 40.57 -43.30
N LEU D 51 -5.52 41.46 -44.29
CA LEU D 51 -6.69 42.14 -44.83
C LEU D 51 -7.49 41.25 -45.78
N VAL D 52 -6.86 40.22 -46.32
CA VAL D 52 -7.50 39.33 -47.28
C VAL D 52 -8.63 38.54 -46.66
N GLY D 53 -9.83 38.68 -47.20
CA GLY D 53 -10.96 37.93 -46.69
C GLY D 53 -11.63 38.61 -45.51
N VAL D 54 -11.12 39.77 -45.14
CA VAL D 54 -11.68 40.54 -44.04
C VAL D 54 -12.31 41.81 -44.59
N CYS D 55 -11.56 42.55 -45.41
CA CYS D 55 -12.11 43.77 -45.98
C CYS D 55 -11.63 44.06 -47.42
N TYR D 56 -10.71 43.23 -47.91
CA TYR D 56 -10.19 43.36 -49.27
C TYR D 56 -9.97 41.98 -49.85
N THR D 57 -10.07 41.86 -51.16
CA THR D 57 -9.83 40.58 -51.81
C THR D 57 -8.32 40.39 -51.86
N GLU D 58 -7.86 39.21 -52.24
CA GLU D 58 -6.41 39.00 -52.33
C GLU D 58 -5.77 39.94 -53.34
N ASP D 59 -6.42 40.11 -54.49
CA ASP D 59 -5.89 41.01 -55.51
C ASP D 59 -5.86 42.47 -55.04
N GLU D 60 -6.90 42.89 -54.34
CA GLU D 60 -6.90 44.28 -53.87
C GLU D 60 -5.82 44.49 -52.83
N ALA D 61 -5.62 43.52 -51.95
CA ALA D 61 -4.62 43.65 -50.91
C ALA D 61 -3.23 43.60 -51.54
N LYS D 62 -3.10 42.85 -52.63
CA LYS D 62 -1.81 42.79 -53.28
C LYS D 62 -1.50 44.18 -53.88
N ALA D 63 -2.48 44.81 -54.51
CA ALA D 63 -2.31 46.14 -55.07
C ALA D 63 -1.99 47.16 -53.97
N LEU D 64 -2.58 47.01 -52.80
CA LEU D 64 -2.32 47.93 -51.70
C LEU D 64 -0.86 47.79 -51.25
N ALA D 65 -0.42 46.55 -51.07
CA ALA D 65 0.96 46.30 -50.66
C ALA D 65 1.92 46.94 -51.66
N GLU D 66 1.61 46.78 -52.94
CA GLU D 66 2.46 47.32 -54.00
C GLU D 66 2.55 48.84 -54.04
N GLU D 67 1.63 49.51 -53.34
CA GLU D 67 1.64 50.97 -53.30
C GLU D 67 2.84 51.47 -52.51
N VAL D 68 3.48 50.61 -51.74
CA VAL D 68 4.60 51.03 -50.94
C VAL D 68 5.91 50.34 -51.31
N GLU D 69 7.00 50.85 -50.76
CA GLU D 69 8.33 50.29 -50.98
C GLU D 69 8.92 49.84 -49.66
N VAL D 70 9.40 48.61 -49.61
CA VAL D 70 10.00 48.10 -48.40
C VAL D 70 11.42 47.65 -48.67
N GLN D 71 12.27 47.78 -47.66
CA GLN D 71 13.65 47.38 -47.79
C GLN D 71 13.73 45.86 -47.75
N ASP D 72 14.60 45.30 -48.56
CA ASP D 72 14.78 43.86 -48.61
C ASP D 72 16.27 43.62 -48.82
N GLY D 73 16.68 42.36 -48.89
CA GLY D 73 18.09 42.05 -49.08
C GLY D 73 18.71 41.47 -47.83
N PRO D 74 20.05 41.36 -47.77
CA PRO D 74 21.00 41.75 -48.82
C PRO D 74 20.90 41.01 -50.13
N ASN D 75 21.35 41.67 -51.19
CA ASN D 75 21.37 41.05 -52.51
C ASN D 75 22.72 40.38 -52.65
N GLU D 76 23.05 39.93 -53.85
CA GLU D 76 24.33 39.26 -54.09
C GLU D 76 25.56 40.08 -53.73
N ASP D 77 25.46 41.41 -53.76
CA ASP D 77 26.60 42.26 -53.41
C ASP D 77 26.58 42.62 -51.93
N GLY D 78 25.61 42.07 -51.19
CA GLY D 78 25.51 42.34 -49.76
C GLY D 78 24.84 43.67 -49.48
N GLU D 79 24.05 44.13 -50.44
CA GLU D 79 23.35 45.42 -50.32
C GLU D 79 21.88 45.27 -50.00
N MET D 80 21.37 46.23 -49.23
CA MET D 80 19.95 46.25 -48.93
C MET D 80 19.36 46.96 -50.15
N PHE D 81 18.10 46.69 -50.46
CA PHE D 81 17.47 47.34 -51.60
C PHE D 81 15.98 47.53 -51.39
N MET D 82 15.38 48.39 -52.21
CA MET D 82 13.96 48.66 -52.12
C MET D 82 13.20 47.85 -53.15
N ARG D 83 12.01 47.41 -52.76
CA ARG D 83 11.16 46.64 -53.64
C ARG D 83 9.71 46.98 -53.29
N PRO D 84 8.78 46.65 -54.19
CA PRO D 84 7.37 46.94 -53.92
C PRO D 84 6.96 45.99 -52.80
N GLY D 85 6.03 46.41 -51.96
CA GLY D 85 5.60 45.55 -50.88
C GLY D 85 4.77 44.39 -51.37
N LYS D 86 4.62 43.38 -50.54
CA LYS D 86 3.81 42.22 -50.88
C LYS D 86 2.96 41.80 -49.69
N LEU D 87 2.08 40.83 -49.91
CA LEU D 87 1.18 40.36 -48.87
C LEU D 87 1.85 40.04 -47.54
N SER D 88 2.99 39.36 -47.56
CA SER D 88 3.69 39.00 -46.34
C SER D 88 4.28 40.16 -45.55
N ASP D 89 4.39 41.32 -46.18
CA ASP D 89 4.97 42.47 -45.48
C ASP D 89 4.01 43.05 -44.45
N TYR D 90 4.57 43.53 -43.36
CA TYR D 90 3.78 44.17 -42.33
C TYR D 90 3.65 45.63 -42.75
N PHE D 91 2.68 46.33 -42.17
CA PHE D 91 2.47 47.72 -42.52
C PHE D 91 3.76 48.49 -42.22
N PRO D 92 4.20 49.35 -43.15
CA PRO D 92 5.41 50.16 -43.00
C PRO D 92 5.38 51.05 -41.76
N LYS D 93 6.50 51.17 -41.08
CA LYS D 93 6.58 52.03 -39.90
C LYS D 93 6.90 53.43 -40.36
N PRO D 94 6.21 54.44 -39.83
CA PRO D 94 6.49 55.81 -40.23
C PRO D 94 7.90 56.26 -39.80
N TYR D 95 8.43 55.66 -38.74
CA TYR D 95 9.76 56.02 -38.24
C TYR D 95 10.65 54.82 -37.94
N PRO D 96 11.97 54.99 -38.12
CA PRO D 96 12.93 53.90 -37.87
C PRO D 96 12.97 53.45 -36.43
N ASN D 97 12.73 54.39 -35.51
CA ASN D 97 12.77 54.06 -34.10
C ASN D 97 11.95 55.08 -33.33
N PRO D 98 11.60 54.76 -32.07
CA PRO D 98 10.81 55.68 -31.23
C PRO D 98 11.46 57.03 -30.97
N GLU D 99 12.79 57.13 -31.08
CA GLU D 99 13.46 58.40 -30.85
C GLU D 99 13.13 59.32 -32.00
N ALA D 100 13.23 58.80 -33.22
CA ALA D 100 12.91 59.58 -34.41
C ALA D 100 11.46 60.02 -34.31
N ALA D 101 10.59 59.09 -33.91
CA ALA D 101 9.18 59.37 -33.75
C ALA D 101 8.97 60.54 -32.80
N ARG D 102 9.66 60.53 -31.65
CA ARG D 102 9.50 61.64 -30.68
C ARG D 102 10.03 62.95 -31.22
N ALA D 103 11.17 62.88 -31.92
CA ALA D 103 11.82 64.04 -32.49
C ALA D 103 10.93 64.68 -33.53
N ALA D 104 10.18 63.86 -34.25
CA ALA D 104 9.28 64.36 -35.28
C ALA D 104 7.91 64.75 -34.72
N ASN D 105 7.71 64.60 -33.42
CA ASN D 105 6.43 64.93 -32.80
C ASN D 105 6.56 65.74 -31.51
N ASN D 106 7.47 66.70 -31.50
CA ASN D 106 7.70 67.56 -30.35
C ASN D 106 7.90 66.82 -29.06
N GLY D 107 8.63 65.70 -29.12
CA GLY D 107 8.89 64.92 -27.92
C GLY D 107 7.88 63.85 -27.58
N ALA D 108 6.69 63.90 -28.16
CA ALA D 108 5.66 62.90 -27.89
C ALA D 108 5.83 61.70 -28.80
N LEU D 109 5.47 60.54 -28.29
CA LEU D 109 5.59 59.29 -29.03
C LEU D 109 4.24 58.72 -29.47
N PRO D 110 3.96 58.70 -30.78
CA PRO D 110 2.69 58.14 -31.23
C PRO D 110 2.74 56.63 -30.97
N PRO D 111 1.91 56.11 -30.07
CA PRO D 111 2.02 54.65 -29.87
C PRO D 111 1.63 53.81 -31.08
N ASP D 112 2.08 52.56 -31.05
CA ASP D 112 1.74 51.62 -32.11
C ASP D 112 0.23 51.39 -31.91
N LEU D 113 -0.51 51.22 -32.99
CA LEU D 113 -1.94 51.07 -32.86
C LEU D 113 -2.51 49.67 -33.02
N SER D 114 -1.64 48.69 -33.26
CA SER D 114 -2.08 47.31 -33.44
C SER D 114 -3.03 46.89 -32.33
N TYR D 115 -2.75 47.34 -31.12
CA TYR D 115 -3.55 46.99 -29.95
C TYR D 115 -4.14 48.14 -29.20
N ILE D 116 -4.09 49.34 -29.75
CA ILE D 116 -4.56 50.49 -29.00
C ILE D 116 -5.94 50.29 -28.37
N VAL D 117 -6.86 49.67 -29.11
CA VAL D 117 -8.19 49.47 -28.59
C VAL D 117 -8.21 48.56 -27.36
N ARG D 118 -7.33 47.57 -27.31
CA ARG D 118 -7.28 46.66 -26.17
C ARG D 118 -6.38 47.16 -25.07
N ALA D 119 -5.53 48.13 -25.41
CA ALA D 119 -4.58 48.68 -24.45
C ALA D 119 -5.09 49.92 -23.74
N ARG D 120 -6.34 50.25 -23.97
CA ARG D 120 -6.92 51.42 -23.31
C ARG D 120 -8.28 51.09 -22.73
N HIS D 121 -8.49 51.50 -21.50
CA HIS D 121 -9.77 51.31 -20.86
C HIS D 121 -10.71 52.12 -21.74
N GLY D 122 -11.88 51.58 -22.02
CA GLY D 122 -12.82 52.29 -22.87
C GLY D 122 -12.77 51.75 -24.29
N GLY D 123 -11.67 51.14 -24.68
CA GLY D 123 -11.58 50.60 -26.04
C GLY D 123 -11.93 51.63 -27.11
N GLU D 124 -12.75 51.23 -28.08
CA GLU D 124 -13.12 52.13 -29.17
C GLU D 124 -13.99 53.30 -28.69
N ASP D 125 -14.67 53.14 -27.56
CA ASP D 125 -15.46 54.26 -27.05
C ASP D 125 -14.48 55.36 -26.70
N TYR D 126 -13.34 54.98 -26.13
CA TYR D 126 -12.30 55.92 -25.77
C TYR D 126 -11.66 56.52 -27.02
N VAL D 127 -11.24 55.69 -27.96
CA VAL D 127 -10.61 56.25 -29.14
C VAL D 127 -11.56 57.17 -29.90
N PHE D 128 -12.83 56.76 -30.02
CA PHE D 128 -13.81 57.59 -30.72
C PHE D 128 -14.02 58.94 -30.04
N SER D 129 -14.14 58.91 -28.72
CA SER D 129 -14.36 60.15 -27.96
C SER D 129 -13.15 61.07 -28.02
N LEU D 130 -11.98 60.47 -28.01
CA LEU D 130 -10.73 61.22 -28.10
C LEU D 130 -10.64 61.90 -29.47
N LEU D 131 -10.87 61.12 -30.54
CA LEU D 131 -10.80 61.62 -31.90
C LEU D 131 -11.80 62.72 -32.26
N THR D 132 -12.98 62.64 -31.68
CA THR D 132 -14.03 63.62 -31.97
C THR D 132 -14.20 64.55 -30.80
N GLY D 133 -13.31 64.45 -29.82
CA GLY D 133 -13.45 65.27 -28.64
C GLY D 133 -12.58 66.47 -28.42
N TYR D 134 -11.77 66.87 -29.40
CA TYR D 134 -10.92 68.04 -29.20
C TYR D 134 -11.79 69.28 -29.07
N CYS D 135 -11.36 70.21 -28.23
CA CYS D 135 -12.08 71.45 -28.08
C CYS D 135 -11.11 72.48 -27.54
N GLU D 136 -11.55 73.72 -27.39
CA GLU D 136 -10.66 74.74 -26.88
C GLU D 136 -10.48 74.53 -25.38
N PRO D 137 -9.30 74.86 -24.87
CA PRO D 137 -8.96 74.71 -23.45
C PRO D 137 -9.96 75.49 -22.63
N PRO D 138 -10.32 74.99 -21.45
CA PRO D 138 -11.29 75.76 -20.66
C PRO D 138 -10.58 76.99 -20.09
N THR D 139 -11.34 78.00 -19.73
CA THR D 139 -10.76 79.21 -19.16
C THR D 139 -9.84 78.84 -18.00
N GLY D 140 -8.64 79.43 -17.98
CA GLY D 140 -7.70 79.16 -16.91
C GLY D 140 -6.66 78.11 -17.23
N VAL D 141 -6.83 77.43 -18.36
CA VAL D 141 -5.90 76.40 -18.76
C VAL D 141 -4.99 76.91 -19.87
N SER D 142 -3.70 76.69 -19.70
CA SER D 142 -2.71 77.10 -20.67
C SER D 142 -1.82 75.90 -20.90
N LEU D 143 -1.74 75.44 -22.14
CA LEU D 143 -0.93 74.28 -22.43
C LEU D 143 0.39 74.70 -23.03
N ARG D 144 1.45 73.98 -22.70
CA ARG D 144 2.75 74.31 -23.27
C ARG D 144 2.66 74.08 -24.76
N GLU D 145 3.55 74.72 -25.52
CA GLU D 145 3.53 74.57 -26.99
C GLU D 145 3.67 73.10 -27.38
N GLY D 146 2.89 72.68 -28.37
CA GLY D 146 2.95 71.31 -28.82
C GLY D 146 1.80 70.47 -28.30
N LEU D 147 1.16 70.93 -27.22
CA LEU D 147 0.04 70.21 -26.58
C LEU D 147 -1.33 70.78 -26.97
N TYR D 148 -2.31 69.88 -27.06
CA TYR D 148 -3.67 70.25 -27.40
C TYR D 148 -4.60 69.78 -26.32
N PHE D 149 -5.66 70.55 -26.08
CA PHE D 149 -6.61 70.18 -25.07
C PHE D 149 -7.58 69.14 -25.60
N ASN D 150 -7.64 68.00 -24.94
CA ASN D 150 -8.58 66.96 -25.31
C ASN D 150 -9.05 66.45 -23.97
N PRO D 151 -10.31 66.74 -23.62
CA PRO D 151 -10.93 66.35 -22.36
C PRO D 151 -10.97 64.86 -22.03
N TYR D 152 -10.85 64.02 -23.06
CA TYR D 152 -10.88 62.57 -22.84
C TYR D 152 -9.51 61.97 -22.55
N PHE D 153 -8.45 62.69 -22.92
CA PHE D 153 -7.08 62.21 -22.69
C PHE D 153 -6.71 62.42 -21.22
N PRO D 154 -6.00 61.47 -20.60
CA PRO D 154 -5.63 61.63 -19.19
C PRO D 154 -4.82 62.93 -19.01
N GLY D 155 -5.26 63.78 -18.09
CA GLY D 155 -4.55 65.04 -17.88
C GLY D 155 -5.01 66.13 -18.82
N GLN D 156 -5.81 65.74 -19.82
CA GLN D 156 -6.38 66.64 -20.82
C GLN D 156 -5.41 67.35 -21.78
N ALA D 157 -4.13 67.03 -21.71
CA ALA D 157 -3.17 67.68 -22.60
C ALA D 157 -2.48 66.60 -23.42
N ILE D 158 -2.83 66.51 -24.70
CA ILE D 158 -2.28 65.50 -25.56
C ILE D 158 -1.32 66.09 -26.61
N GLY D 159 -0.30 65.32 -27.01
CA GLY D 159 0.65 65.80 -28.00
C GLY D 159 0.26 65.52 -29.44
N MET D 160 -0.96 65.04 -29.67
CA MET D 160 -1.44 64.77 -31.03
C MET D 160 -2.46 65.85 -31.37
N ALA D 161 -2.17 66.61 -32.41
CA ALA D 161 -3.09 67.63 -32.86
C ALA D 161 -4.25 66.85 -33.48
N PRO D 162 -5.45 67.45 -33.51
CA PRO D 162 -6.62 66.76 -34.09
C PRO D 162 -6.23 66.18 -35.46
N PRO D 163 -6.24 64.84 -35.60
CA PRO D 163 -5.85 64.24 -36.88
C PRO D 163 -6.95 64.12 -37.94
N ILE D 164 -8.20 64.21 -37.53
CA ILE D 164 -9.25 64.09 -38.52
C ILE D 164 -10.20 65.25 -38.46
N TYR D 165 -10.87 65.48 -39.59
CA TYR D 165 -11.81 66.57 -39.74
C TYR D 165 -12.59 66.27 -41.01
N ASN D 166 -13.62 67.06 -41.28
CA ASN D 166 -14.43 66.84 -42.47
C ASN D 166 -13.56 66.77 -43.74
N GLU D 167 -13.79 65.74 -44.54
CA GLU D 167 -13.08 65.55 -45.80
C GLU D 167 -11.57 65.28 -45.67
N VAL D 168 -11.12 64.79 -44.51
CA VAL D 168 -9.72 64.49 -44.32
C VAL D 168 -9.27 63.45 -45.36
N LEU D 169 -10.23 62.69 -45.90
CA LEU D 169 -9.90 61.73 -46.96
C LEU D 169 -11.18 61.45 -47.72
N GLU D 170 -11.05 60.76 -48.85
CA GLU D 170 -12.22 60.39 -49.66
C GLU D 170 -12.32 58.87 -49.55
N PHE D 171 -13.52 58.37 -49.23
CA PHE D 171 -13.70 56.93 -49.13
C PHE D 171 -13.95 56.33 -50.50
N ASP D 172 -13.51 55.08 -50.67
CA ASP D 172 -13.66 54.36 -51.92
C ASP D 172 -15.12 54.05 -52.29
N ASP D 173 -16.04 54.14 -51.32
CA ASP D 173 -17.44 53.84 -51.59
C ASP D 173 -18.38 55.05 -51.60
N GLY D 174 -17.80 56.24 -51.69
CA GLY D 174 -18.60 57.46 -51.73
C GLY D 174 -19.14 57.96 -50.41
N THR D 175 -19.02 57.17 -49.37
CA THR D 175 -19.50 57.53 -48.03
C THR D 175 -19.02 58.93 -47.60
N PRO D 176 -19.95 59.81 -47.21
CA PRO D 176 -19.59 61.16 -46.80
C PRO D 176 -18.54 61.08 -45.68
N ALA D 177 -17.35 61.62 -45.94
CA ALA D 177 -16.27 61.59 -44.97
C ALA D 177 -16.31 62.68 -43.92
N THR D 178 -17.39 62.73 -43.15
CA THR D 178 -17.46 63.73 -42.09
C THR D 178 -16.50 63.23 -41.00
N MET D 179 -16.08 64.12 -40.11
CA MET D 179 -15.17 63.71 -39.05
C MET D 179 -15.71 62.53 -38.23
N SER D 180 -16.97 62.59 -37.81
CA SER D 180 -17.51 61.52 -37.00
C SER D 180 -17.59 60.19 -37.78
N GLN D 181 -17.88 60.25 -39.07
CA GLN D 181 -17.96 59.03 -39.87
C GLN D 181 -16.55 58.42 -39.95
N VAL D 182 -15.57 59.29 -40.15
CA VAL D 182 -14.18 58.84 -40.26
C VAL D 182 -13.69 58.21 -38.95
N ALA D 183 -14.12 58.77 -37.83
CA ALA D 183 -13.76 58.29 -36.49
C ALA D 183 -14.38 56.92 -36.23
N LYS D 184 -15.65 56.79 -36.62
CA LYS D 184 -16.38 55.55 -36.43
C LYS D 184 -15.74 54.41 -37.22
N ASP D 185 -15.38 54.65 -38.48
CA ASP D 185 -14.77 53.60 -39.27
C ASP D 185 -13.34 53.27 -38.79
N VAL D 186 -12.54 54.28 -38.45
CA VAL D 186 -11.20 53.95 -38.02
C VAL D 186 -11.24 53.17 -36.69
N CYS D 187 -12.22 53.46 -35.85
CA CYS D 187 -12.37 52.76 -34.59
C CYS D 187 -12.75 51.31 -34.82
N THR D 188 -13.59 51.09 -35.82
CA THR D 188 -14.02 49.75 -36.14
C THR D 188 -12.81 48.99 -36.65
N PHE D 189 -12.02 49.65 -37.48
CA PHE D 189 -10.83 49.01 -38.01
C PHE D 189 -9.84 48.71 -36.87
N LEU D 190 -9.70 49.64 -35.92
CA LEU D 190 -8.76 49.43 -34.83
C LEU D 190 -9.19 48.24 -33.96
N ARG D 191 -10.49 48.06 -33.80
CA ARG D 191 -11.01 46.94 -33.03
C ARG D 191 -10.58 45.66 -33.75
N TRP D 192 -10.81 45.61 -35.05
CA TRP D 192 -10.43 44.44 -35.79
C TRP D 192 -8.91 44.20 -35.69
N ALA D 193 -8.15 45.28 -35.80
CA ALA D 193 -6.69 45.15 -35.76
C ALA D 193 -6.21 44.57 -34.42
N ALA D 194 -6.88 44.98 -33.34
CA ALA D 194 -6.52 44.51 -32.00
C ALA D 194 -7.10 43.12 -31.71
N GLU D 195 -8.15 42.75 -32.44
CA GLU D 195 -8.80 41.48 -32.17
C GLU D 195 -9.35 40.84 -33.45
N PRO D 196 -8.46 40.37 -34.33
CA PRO D 196 -8.97 39.77 -35.57
C PRO D 196 -9.85 38.54 -35.37
N GLU D 197 -9.71 37.89 -34.21
CA GLU D 197 -10.50 36.69 -33.87
C GLU D 197 -11.92 37.08 -33.40
N HIS D 198 -12.20 38.38 -33.33
CA HIS D 198 -13.51 38.87 -32.87
C HIS D 198 -14.75 38.17 -33.40
N ASP D 199 -14.89 38.10 -34.73
CA ASP D 199 -16.08 37.45 -35.29
C ASP D 199 -16.09 35.95 -35.04
N HIS D 200 -14.93 35.32 -35.17
CA HIS D 200 -14.87 33.88 -34.97
C HIS D 200 -15.22 33.50 -33.54
N ARG D 201 -14.74 34.24 -32.54
CA ARG D 201 -15.03 33.85 -31.19
C ARG D 201 -16.51 33.95 -30.86
N LYS D 202 -17.22 34.90 -31.45
CA LYS D 202 -18.65 35.03 -31.18
C LYS D 202 -19.46 33.91 -31.86
N ARG D 203 -19.01 33.45 -33.03
CA ARG D 203 -19.69 32.38 -33.74
C ARG D 203 -19.49 31.09 -32.91
N MET D 204 -18.30 30.91 -32.35
CA MET D 204 -18.04 29.72 -31.52
C MET D 204 -18.82 29.87 -30.23
N GLY D 205 -18.96 31.11 -29.77
CA GLY D 205 -19.72 31.37 -28.56
C GLY D 205 -21.14 30.89 -28.75
N LEU D 206 -21.72 31.16 -29.92
CA LEU D 206 -23.08 30.74 -30.22
C LEU D 206 -23.18 29.22 -30.14
N LYS D 207 -22.24 28.53 -30.77
CA LYS D 207 -22.27 27.09 -30.76
C LYS D 207 -22.07 26.56 -29.33
N MET D 208 -21.18 27.20 -28.57
CA MET D 208 -20.94 26.78 -27.20
C MET D 208 -22.22 26.89 -26.37
N LEU D 209 -22.93 28.01 -26.49
CA LEU D 209 -24.17 28.19 -25.75
C LEU D 209 -25.19 27.12 -26.13
N LEU D 210 -25.32 26.86 -27.43
CA LEU D 210 -26.27 25.87 -27.90
C LEU D 210 -25.95 24.47 -27.37
N MET D 211 -24.66 24.13 -27.36
CA MET D 211 -24.22 22.83 -26.87
C MET D 211 -24.45 22.70 -25.36
N MET D 212 -24.14 23.76 -24.62
CA MET D 212 -24.34 23.76 -23.17
C MET D 212 -25.83 23.78 -22.87
N GLY D 213 -26.59 24.38 -23.78
CA GLY D 213 -28.02 24.44 -23.57
C GLY D 213 -28.59 23.04 -23.65
N LEU D 214 -27.88 22.15 -24.32
CA LEU D 214 -28.32 20.78 -24.48
C LEU D 214 -27.72 19.91 -23.37
N LEU D 215 -26.39 19.86 -23.35
CA LEU D 215 -25.65 19.06 -22.39
C LEU D 215 -25.85 19.31 -20.90
N LEU D 216 -26.14 20.55 -20.49
CA LEU D 216 -26.33 20.81 -19.07
C LEU D 216 -27.59 20.17 -18.53
N PRO D 217 -28.73 20.34 -19.23
CA PRO D 217 -29.94 19.71 -18.72
C PRO D 217 -29.86 18.18 -18.80
N LEU D 218 -29.13 17.68 -19.80
CA LEU D 218 -29.00 16.23 -19.94
C LEU D 218 -28.17 15.63 -18.82
N VAL D 219 -27.02 16.23 -18.53
CA VAL D 219 -26.16 15.74 -17.47
C VAL D 219 -26.87 15.92 -16.12
N TYR D 220 -27.58 17.02 -15.96
CA TYR D 220 -28.30 17.26 -14.73
C TYR D 220 -29.38 16.17 -14.56
N ALA D 221 -30.00 15.75 -15.65
CA ALA D 221 -31.03 14.71 -15.58
C ALA D 221 -30.37 13.38 -15.17
N MET D 222 -29.16 13.12 -15.66
CA MET D 222 -28.43 11.93 -15.30
C MET D 222 -28.08 11.98 -13.80
N LYS D 223 -27.72 13.16 -13.31
CA LYS D 223 -27.36 13.33 -11.91
C LYS D 223 -28.58 13.02 -11.04
N ARG D 224 -29.71 13.62 -11.38
CA ARG D 224 -30.95 13.41 -10.66
C ARG D 224 -31.39 11.95 -10.72
N HIS D 225 -31.13 11.29 -11.86
CA HIS D 225 -31.52 9.90 -12.04
C HIS D 225 -30.79 9.00 -11.03
N LYS D 226 -29.47 9.07 -11.04
CA LYS D 226 -28.63 8.29 -10.15
C LYS D 226 -28.94 8.59 -8.67
N TRP D 227 -28.99 9.88 -8.35
CA TRP D 227 -29.23 10.29 -6.97
C TRP D 227 -30.63 10.00 -6.45
N SER D 228 -31.59 9.75 -7.35
CA SER D 228 -32.94 9.49 -6.90
C SER D 228 -32.96 8.31 -5.91
N VAL D 229 -32.10 7.33 -6.13
CA VAL D 229 -32.01 6.20 -5.23
C VAL D 229 -31.75 6.66 -3.79
N LEU D 230 -30.90 7.67 -3.59
CA LEU D 230 -30.62 8.18 -2.25
C LEU D 230 -31.66 9.21 -1.82
N LYS D 231 -32.18 9.99 -2.76
CA LYS D 231 -33.12 11.02 -2.41
C LYS D 231 -34.45 10.53 -1.85
N SER D 232 -34.87 9.34 -2.21
CA SER D 232 -36.11 8.82 -1.71
C SER D 232 -35.93 7.67 -0.70
N ARG D 233 -34.69 7.29 -0.40
CA ARG D 233 -34.48 6.21 0.55
C ARG D 233 -35.12 6.58 1.90
N LYS D 234 -35.65 5.57 2.60
CA LYS D 234 -36.28 5.77 3.90
C LYS D 234 -35.53 4.95 4.93
N LEU D 235 -35.38 5.51 6.12
CA LEU D 235 -34.66 4.84 7.19
C LEU D 235 -35.60 4.49 8.34
N ALA D 236 -35.32 3.36 8.99
CA ALA D 236 -36.08 2.94 10.15
C ALA D 236 -35.07 2.40 11.15
N TYR D 237 -35.27 2.76 12.40
CA TYR D 237 -34.38 2.31 13.47
C TYR D 237 -35.25 1.33 14.27
N ARG D 238 -34.77 0.09 14.42
CA ARG D 238 -35.51 -0.95 15.12
C ARG D 238 -34.67 -1.61 16.22
N PRO D 239 -34.31 -0.87 17.26
CA PRO D 239 -33.50 -1.51 18.31
C PRO D 239 -34.38 -2.46 19.12
N PRO D 240 -33.79 -3.57 19.61
CA PRO D 240 -34.57 -4.52 20.42
C PRO D 240 -34.88 -3.79 21.73
N LYS D 241 -36.15 -3.70 22.10
CA LYS D 241 -36.55 -2.98 23.31
C LYS D 241 -36.16 -3.72 24.59
N SER E 1 -41.50 -8.90 15.72
CA SER E 1 -41.22 -9.85 14.61
C SER E 1 -40.77 -9.13 13.34
N HIS E 2 -39.88 -9.76 12.59
CA HIS E 2 -39.41 -9.17 11.35
C HIS E 2 -40.59 -9.08 10.38
N THR E 3 -41.63 -9.87 10.63
CA THR E 3 -42.79 -9.84 9.75
C THR E 3 -43.61 -8.58 9.98
N ASP E 4 -43.23 -7.77 10.97
CA ASP E 4 -43.93 -6.52 11.20
C ASP E 4 -43.30 -5.46 10.27
N ILE E 5 -42.16 -5.80 9.68
CA ILE E 5 -41.47 -4.91 8.76
C ILE E 5 -42.19 -4.85 7.43
N LYS E 6 -42.57 -3.65 7.05
CA LYS E 6 -43.30 -3.39 5.82
C LYS E 6 -42.62 -2.24 5.05
N VAL E 7 -42.47 -2.38 3.74
CA VAL E 7 -41.85 -1.30 3.00
C VAL E 7 -42.77 -0.09 3.06
N PRO E 8 -42.22 1.11 3.26
CA PRO E 8 -43.09 2.29 3.32
C PRO E 8 -43.64 2.59 1.94
N ASP E 9 -44.72 3.35 1.89
CA ASP E 9 -45.34 3.73 0.62
C ASP E 9 -44.39 4.69 -0.12
N PHE E 10 -44.23 4.47 -1.42
CA PHE E 10 -43.33 5.30 -2.24
C PHE E 10 -44.16 5.95 -3.34
N SER E 11 -45.47 5.80 -3.27
CA SER E 11 -46.35 6.32 -4.30
C SER E 11 -46.08 7.76 -4.70
N ASP E 12 -45.55 8.53 -3.75
CA ASP E 12 -45.22 9.92 -3.98
C ASP E 12 -43.98 10.09 -4.87
N TYR E 13 -43.20 9.02 -5.03
CA TYR E 13 -41.98 9.09 -5.82
C TYR E 13 -42.06 8.30 -7.13
N ARG E 14 -43.00 7.38 -7.19
CA ARG E 14 -43.13 6.52 -8.36
C ARG E 14 -43.53 7.19 -9.65
N ARG E 15 -42.96 6.72 -10.74
CA ARG E 15 -43.34 7.24 -12.05
C ARG E 15 -44.80 6.81 -12.14
N PRO E 16 -45.64 7.59 -12.82
CA PRO E 16 -47.06 7.26 -12.96
C PRO E 16 -47.34 5.85 -13.49
N GLU E 17 -46.49 5.37 -14.39
CA GLU E 17 -46.70 4.06 -15.00
C GLU E 17 -46.45 2.84 -14.11
N VAL E 18 -46.05 3.06 -12.88
CA VAL E 18 -45.83 1.95 -11.98
C VAL E 18 -46.58 2.19 -10.68
N LEU E 19 -47.58 3.06 -10.74
CA LEU E 19 -48.41 3.37 -9.58
C LEU E 19 -49.43 2.29 -9.26
N ASP E 20 -49.91 1.56 -10.25
CA ASP E 20 -50.90 0.52 -9.97
C ASP E 20 -50.26 -0.81 -9.52
N SER E 21 -50.44 -1.14 -8.26
CA SER E 21 -49.85 -2.36 -7.70
C SER E 21 -50.47 -3.64 -8.24
N THR E 22 -51.57 -3.53 -8.97
CA THR E 22 -52.22 -4.71 -9.55
C THR E 22 -51.90 -4.86 -11.04
N LYS E 23 -50.89 -4.15 -11.51
CA LYS E 23 -50.47 -4.23 -12.90
C LYS E 23 -48.97 -4.52 -12.96
N SER E 24 -48.55 -5.29 -13.96
CA SER E 24 -47.12 -5.59 -14.11
C SER E 24 -46.39 -4.35 -14.62
N SER E 25 -45.22 -4.07 -14.05
CA SER E 25 -44.44 -2.91 -14.49
C SER E 25 -43.54 -3.23 -15.68
N LYS E 26 -43.49 -4.49 -16.07
CA LYS E 26 -42.67 -4.92 -17.21
C LYS E 26 -43.20 -4.32 -18.50
N GLU E 27 -44.50 -4.04 -18.51
CA GLU E 27 -45.16 -3.48 -19.70
C GLU E 27 -44.62 -2.09 -20.06
N SER E 28 -43.99 -1.40 -19.10
CA SER E 28 -43.45 -0.07 -19.32
C SER E 28 -41.93 0.02 -19.12
N SER E 29 -41.29 -1.09 -18.75
CA SER E 29 -39.86 -1.09 -18.48
C SER E 29 -39.03 -0.71 -19.69
N GLU E 30 -39.45 -1.12 -20.88
CA GLU E 30 -38.71 -0.80 -22.08
C GLU E 30 -38.75 0.71 -22.31
N ALA E 31 -39.92 1.32 -22.18
CA ALA E 31 -40.05 2.75 -22.36
C ALA E 31 -39.25 3.49 -21.28
N ARG E 32 -39.44 3.11 -20.03
CA ARG E 32 -38.73 3.74 -18.92
C ARG E 32 -37.22 3.68 -19.10
N LYS E 33 -36.70 2.55 -19.59
CA LYS E 33 -35.26 2.43 -19.82
C LYS E 33 -34.83 3.16 -21.09
N GLY E 34 -35.68 3.11 -22.13
CA GLY E 34 -35.37 3.77 -23.37
C GLY E 34 -35.13 5.26 -23.18
N PHE E 35 -35.98 5.90 -22.38
CA PHE E 35 -35.86 7.32 -22.08
C PHE E 35 -34.45 7.58 -21.53
N SER E 36 -34.14 7.01 -20.38
CA SER E 36 -32.83 7.16 -19.75
C SER E 36 -31.69 6.89 -20.73
N TYR E 37 -31.85 5.88 -21.57
CA TYR E 37 -30.83 5.51 -22.56
C TYR E 37 -30.72 6.55 -23.68
N LEU E 38 -31.78 7.30 -23.90
CA LEU E 38 -31.77 8.33 -24.94
C LEU E 38 -30.93 9.47 -24.39
N VAL E 39 -31.16 9.82 -23.13
CA VAL E 39 -30.41 10.87 -22.48
C VAL E 39 -28.89 10.55 -22.54
N THR E 40 -28.47 9.33 -22.19
CA THR E 40 -27.05 8.93 -22.20
C THR E 40 -26.38 8.96 -23.56
N ALA E 41 -27.06 8.41 -24.57
CA ALA E 41 -26.54 8.38 -25.93
C ALA E 41 -26.32 9.80 -26.44
N THR E 42 -27.31 10.66 -26.23
CA THR E 42 -27.23 12.05 -26.66
C THR E 42 -26.15 12.83 -25.94
N THR E 43 -25.94 12.54 -24.66
CA THR E 43 -24.92 13.23 -23.90
C THR E 43 -23.57 12.84 -24.50
N THR E 44 -23.44 11.57 -24.83
CA THR E 44 -22.21 11.04 -25.41
C THR E 44 -21.91 11.62 -26.78
N VAL E 45 -22.93 11.83 -27.60
CA VAL E 45 -22.70 12.39 -28.91
C VAL E 45 -22.32 13.86 -28.77
N GLY E 46 -22.99 14.55 -27.85
CA GLY E 46 -22.70 15.95 -27.64
C GLY E 46 -21.26 16.12 -27.17
N VAL E 47 -20.84 15.25 -26.26
CA VAL E 47 -19.48 15.34 -25.74
C VAL E 47 -18.43 14.94 -26.78
N ALA E 48 -18.76 14.02 -27.65
CA ALA E 48 -17.84 13.59 -28.70
C ALA E 48 -17.65 14.74 -29.69
N TYR E 49 -18.75 15.42 -30.01
CA TYR E 49 -18.71 16.57 -30.92
C TYR E 49 -17.75 17.60 -30.31
N ALA E 50 -17.96 17.95 -29.05
CA ALA E 50 -17.12 18.94 -28.39
C ALA E 50 -15.65 18.50 -28.30
N ALA E 51 -15.42 17.26 -27.89
CA ALA E 51 -14.07 16.75 -27.75
C ALA E 51 -13.35 16.74 -29.10
N LYS E 52 -14.06 16.28 -30.12
CA LYS E 52 -13.51 16.23 -31.47
C LYS E 52 -13.10 17.63 -31.89
N ASN E 53 -13.96 18.62 -31.66
CA ASN E 53 -13.61 19.97 -32.04
C ASN E 53 -12.37 20.49 -31.32
N VAL E 54 -12.39 20.45 -29.99
CA VAL E 54 -11.27 20.93 -29.18
C VAL E 54 -9.94 20.27 -29.54
N VAL E 55 -9.96 18.96 -29.71
CA VAL E 55 -8.73 18.27 -30.05
C VAL E 55 -8.18 18.73 -31.40
N SER E 56 -9.06 18.82 -32.40
CA SER E 56 -8.59 19.26 -33.70
C SER E 56 -8.11 20.73 -33.68
N GLN E 57 -8.67 21.56 -32.80
CA GLN E 57 -8.17 22.94 -32.76
C GLN E 57 -6.73 22.94 -32.27
N PHE E 58 -6.47 22.16 -31.21
CA PHE E 58 -5.15 22.04 -30.66
C PHE E 58 -4.18 21.41 -31.65
N VAL E 59 -4.66 20.39 -32.35
CA VAL E 59 -3.83 19.73 -33.35
C VAL E 59 -3.53 20.70 -34.47
N SER E 60 -4.52 21.50 -34.81
CA SER E 60 -4.39 22.48 -35.86
C SER E 60 -3.40 23.60 -35.49
N SER E 61 -3.27 23.92 -34.20
CA SER E 61 -2.34 24.97 -33.79
C SER E 61 -0.89 24.60 -34.10
N MET E 62 -0.64 23.31 -34.27
CA MET E 62 0.72 22.85 -34.56
C MET E 62 1.03 22.84 -36.05
N SER E 63 0.01 22.99 -36.88
CA SER E 63 0.22 23.04 -38.32
C SER E 63 0.76 24.42 -38.62
N ALA E 64 1.31 24.58 -39.82
CA ALA E 64 1.87 25.85 -40.25
C ALA E 64 0.93 27.02 -39.95
N SER E 65 1.48 28.05 -39.31
CA SER E 65 0.72 29.25 -38.98
C SER E 65 0.54 30.12 -40.24
N ALA E 66 -0.36 31.09 -40.16
CA ALA E 66 -0.67 31.94 -41.30
C ALA E 66 0.54 32.63 -41.96
N ASP E 67 1.55 32.98 -41.16
CA ASP E 67 2.73 33.65 -41.68
C ASP E 67 3.65 32.73 -42.48
N VAL E 68 3.53 31.43 -42.24
CA VAL E 68 4.35 30.45 -42.94
C VAL E 68 3.72 30.13 -44.28
N LEU E 69 2.39 30.17 -44.32
CA LEU E 69 1.65 29.88 -45.54
C LEU E 69 1.59 31.13 -46.41
N ALA E 70 2.48 32.08 -46.16
CA ALA E 70 2.16 33.26 -46.94
C ALA E 70 3.35 33.43 -47.87
N MET E 71 3.23 32.93 -49.09
CA MET E 71 4.58 32.53 -49.47
C MET E 71 4.66 33.02 -50.91
N SER E 72 5.70 33.79 -51.21
CA SER E 72 5.60 34.07 -52.63
C SER E 72 6.51 33.29 -53.59
N LYS E 73 6.50 33.74 -54.83
CA LYS E 73 7.32 33.15 -55.86
C LYS E 73 8.69 33.76 -55.67
N ILE E 74 9.66 33.30 -56.43
CA ILE E 74 11.00 33.86 -56.32
C ILE E 74 11.55 34.10 -57.71
N GLU E 75 12.17 35.26 -57.89
CA GLU E 75 12.75 35.62 -59.18
C GLU E 75 14.26 35.43 -59.11
N ILE E 76 14.82 34.78 -60.13
CA ILE E 76 16.24 34.52 -60.15
C ILE E 76 16.90 34.98 -61.44
N LYS E 77 18.06 35.63 -61.29
CA LYS E 77 18.82 36.16 -62.41
C LYS E 77 19.76 35.11 -62.98
N LEU E 78 19.38 34.59 -64.15
CA LEU E 78 20.16 33.55 -64.81
C LEU E 78 21.55 33.99 -65.30
N SER E 79 21.72 35.28 -65.57
CA SER E 79 23.01 35.79 -66.05
C SER E 79 24.14 35.62 -65.05
N ASP E 80 23.82 35.67 -63.75
CA ASP E 80 24.83 35.53 -62.71
C ASP E 80 25.37 34.11 -62.53
N ILE E 81 24.65 33.12 -63.06
CA ILE E 81 25.07 31.73 -62.92
C ILE E 81 25.80 31.20 -64.16
N PRO E 82 27.12 30.98 -64.04
CA PRO E 82 27.96 30.46 -65.13
C PRO E 82 27.50 29.06 -65.51
N GLU E 83 28.15 28.46 -66.50
CA GLU E 83 27.79 27.10 -66.89
C GLU E 83 28.53 26.14 -65.97
N GLY E 84 28.09 24.89 -65.94
CA GLY E 84 28.71 23.89 -65.08
C GLY E 84 28.64 24.24 -63.62
N LYS E 85 27.91 25.30 -63.29
CA LYS E 85 27.79 25.76 -61.92
C LYS E 85 26.35 25.64 -61.39
N ASN E 86 26.24 25.08 -60.18
CA ASN E 86 24.97 24.87 -59.52
C ASN E 86 24.83 25.91 -58.40
N MET E 87 23.77 26.69 -58.44
CA MET E 87 23.55 27.71 -57.42
C MET E 87 22.32 27.33 -56.57
N ALA E 88 22.45 27.49 -55.26
CA ALA E 88 21.38 27.16 -54.32
C ALA E 88 20.77 28.41 -53.72
N PHE E 89 19.44 28.44 -53.64
CA PHE E 89 18.76 29.60 -53.08
C PHE E 89 17.78 29.18 -52.00
N LYS E 90 17.65 30.02 -50.99
CA LYS E 90 16.74 29.75 -49.88
C LYS E 90 15.32 30.11 -50.30
N TRP E 91 14.50 29.10 -50.56
CA TRP E 91 13.11 29.30 -50.96
C TRP E 91 12.23 28.38 -50.13
N ARG E 92 11.48 28.98 -49.20
CA ARG E 92 10.60 28.24 -48.30
C ARG E 92 11.38 27.24 -47.43
N GLY E 93 12.40 27.76 -46.77
CA GLY E 93 13.24 26.97 -45.89
C GLY E 93 14.01 25.88 -46.59
N LYS E 94 13.78 25.71 -47.90
CA LYS E 94 14.46 24.66 -48.64
C LYS E 94 15.38 25.14 -49.75
N PRO E 95 16.41 24.36 -50.07
CA PRO E 95 17.34 24.74 -51.13
C PRO E 95 16.65 24.63 -52.49
N LEU E 96 16.80 25.67 -53.30
CA LEU E 96 16.24 25.66 -54.64
C LEU E 96 17.49 25.69 -55.49
N PHE E 97 17.68 24.67 -56.32
CA PHE E 97 18.85 24.61 -57.16
C PHE E 97 18.53 25.13 -58.56
N VAL E 98 19.40 26.00 -59.06
CA VAL E 98 19.28 26.49 -60.42
C VAL E 98 20.68 26.19 -60.95
N ARG E 99 20.73 25.24 -61.86
CA ARG E 99 21.99 24.79 -62.41
C ARG E 99 22.12 25.01 -63.91
N HIS E 100 23.21 25.66 -64.30
CA HIS E 100 23.49 25.95 -65.70
C HIS E 100 24.30 24.77 -66.22
N ARG E 101 23.69 23.96 -67.08
CA ARG E 101 24.36 22.79 -67.62
C ARG E 101 25.16 23.01 -68.90
N THR E 102 26.19 22.18 -69.07
CA THR E 102 27.06 22.23 -70.24
C THR E 102 26.46 21.30 -71.29
N LYS E 103 26.85 21.45 -72.56
CA LYS E 103 26.31 20.59 -73.59
C LYS E 103 26.63 19.14 -73.30
N LYS E 104 27.82 18.89 -72.76
CA LYS E 104 28.21 17.54 -72.42
C LYS E 104 27.28 16.98 -71.35
N GLU E 105 26.98 17.78 -70.33
CA GLU E 105 26.07 17.32 -69.29
C GLU E 105 24.71 17.04 -69.91
N ILE E 106 24.25 17.94 -70.77
CA ILE E 106 22.97 17.78 -71.46
C ILE E 106 22.94 16.51 -72.28
N ASP E 107 24.05 16.23 -72.99
CA ASP E 107 24.12 15.04 -73.81
C ASP E 107 24.10 13.77 -72.96
N GLN E 108 24.93 13.76 -71.91
CA GLN E 108 24.98 12.60 -71.03
C GLN E 108 23.59 12.28 -70.48
N GLU E 109 22.86 13.31 -70.06
CA GLU E 109 21.51 13.12 -69.53
C GLU E 109 20.55 12.62 -70.60
N ALA E 110 20.85 12.92 -71.86
CA ALA E 110 20.02 12.49 -72.97
C ALA E 110 20.21 10.99 -73.24
N ALA E 111 21.43 10.51 -73.03
CA ALA E 111 21.78 9.11 -73.27
C ALA E 111 21.44 8.12 -72.16
N VAL E 112 20.62 8.51 -71.21
CA VAL E 112 20.24 7.61 -70.11
C VAL E 112 19.03 6.76 -70.49
N GLU E 113 19.08 5.46 -70.23
CA GLU E 113 17.94 4.62 -70.57
C GLU E 113 16.89 4.65 -69.47
N VAL E 114 15.98 5.61 -69.61
CA VAL E 114 14.89 5.84 -68.67
C VAL E 114 14.20 4.57 -68.19
N SER E 115 14.07 3.59 -69.08
CA SER E 115 13.41 2.34 -68.73
C SER E 115 14.08 1.61 -67.56
N GLN E 116 15.34 1.93 -67.29
CA GLN E 116 16.05 1.28 -66.19
C GLN E 116 16.19 2.16 -64.94
N LEU E 117 15.52 3.32 -64.94
CA LEU E 117 15.56 4.23 -63.81
C LEU E 117 14.46 3.84 -62.83
N ARG E 118 14.73 3.98 -61.53
CA ARG E 118 13.73 3.63 -60.53
C ARG E 118 12.55 4.60 -60.58
N ASP E 119 12.83 5.83 -61.00
CA ASP E 119 11.80 6.84 -61.15
C ASP E 119 12.02 7.36 -62.57
N PRO E 120 11.56 6.58 -63.57
CA PRO E 120 11.69 6.88 -65.00
C PRO E 120 11.09 8.16 -65.54
N GLN E 121 11.98 9.03 -66.00
CA GLN E 121 11.64 10.30 -66.60
C GLN E 121 12.76 10.59 -67.55
N HIS E 122 12.42 11.21 -68.67
CA HIS E 122 13.40 11.59 -69.67
C HIS E 122 13.84 12.99 -69.26
N ASP E 123 15.12 13.30 -69.42
CA ASP E 123 15.62 14.61 -69.05
C ASP E 123 14.72 15.74 -69.54
N LEU E 124 14.22 15.60 -70.77
CA LEU E 124 13.38 16.63 -71.35
C LEU E 124 12.01 16.77 -70.71
N GLU E 125 11.64 15.81 -69.88
CA GLU E 125 10.36 15.88 -69.17
C GLU E 125 10.58 16.68 -67.88
N ARG E 126 11.84 16.90 -67.56
CA ARG E 126 12.20 17.60 -66.32
C ARG E 126 12.70 19.03 -66.47
N VAL E 127 12.94 19.46 -67.71
CA VAL E 127 13.42 20.81 -67.96
C VAL E 127 12.62 21.50 -69.05
N LYS E 128 12.72 22.82 -69.11
CA LYS E 128 12.04 23.61 -70.13
C LYS E 128 13.10 24.00 -71.16
N LYS E 129 14.28 24.37 -70.67
CA LYS E 129 15.42 24.73 -71.52
C LYS E 129 16.57 23.86 -71.00
N PRO E 130 17.02 22.89 -71.81
CA PRO E 130 18.10 21.94 -71.50
C PRO E 130 19.32 22.45 -70.75
N GLU E 131 19.75 23.68 -71.03
CA GLU E 131 20.93 24.23 -70.36
C GLU E 131 20.61 24.65 -68.93
N TRP E 132 19.33 24.60 -68.58
CA TRP E 132 18.89 24.97 -67.23
C TRP E 132 18.07 23.89 -66.56
N VAL E 133 18.56 23.40 -65.42
CA VAL E 133 17.82 22.41 -64.66
C VAL E 133 17.54 23.10 -63.33
N ILE E 134 16.26 23.12 -62.96
CA ILE E 134 15.84 23.76 -61.72
C ILE E 134 15.23 22.69 -60.83
N LEU E 135 15.79 22.56 -59.62
CA LEU E 135 15.34 21.52 -58.72
C LEU E 135 15.21 21.94 -57.28
N ILE E 136 14.31 21.27 -56.57
CA ILE E 136 14.15 21.51 -55.14
C ILE E 136 15.34 20.70 -54.64
N GLY E 137 16.29 21.38 -54.01
CA GLY E 137 17.49 20.72 -53.51
C GLY E 137 17.32 19.90 -52.25
N VAL E 138 16.34 19.02 -52.24
CA VAL E 138 16.05 18.16 -51.09
C VAL E 138 16.05 16.68 -51.49
N CYS E 139 16.98 15.91 -50.92
CA CYS E 139 17.08 14.50 -51.20
C CYS E 139 15.73 13.90 -50.86
N THR E 140 15.19 13.08 -51.76
CA THR E 140 13.88 12.48 -51.54
C THR E 140 13.91 11.32 -50.54
N HIS E 141 15.10 10.98 -50.04
CA HIS E 141 15.19 9.91 -49.04
C HIS E 141 14.72 10.49 -47.71
N LEU E 142 15.58 11.28 -47.06
CA LEU E 142 15.24 11.86 -45.77
C LEU E 142 15.51 13.35 -45.60
N GLY E 143 15.53 14.08 -46.72
CA GLY E 143 15.70 15.52 -46.66
C GLY E 143 17.03 16.25 -46.68
N CYS E 144 18.16 15.55 -46.74
CA CYS E 144 19.42 16.29 -46.76
C CYS E 144 19.64 16.99 -48.09
N VAL E 145 20.64 17.87 -48.14
CA VAL E 145 20.91 18.60 -49.36
C VAL E 145 21.97 17.89 -50.20
N PRO E 146 21.58 17.43 -51.40
CA PRO E 146 22.57 16.74 -52.23
C PRO E 146 23.71 17.67 -52.62
N ILE E 147 24.91 17.12 -52.70
CA ILE E 147 26.10 17.91 -53.07
C ILE E 147 26.29 17.87 -54.58
N ALA E 148 26.35 19.03 -55.20
CA ALA E 148 26.53 19.15 -56.64
C ALA E 148 27.91 18.72 -57.10
N ASN E 149 27.95 18.04 -58.24
CA ASN E 149 29.19 17.57 -58.85
C ASN E 149 29.88 16.46 -58.07
N ALA E 150 29.10 15.70 -57.31
CA ALA E 150 29.65 14.60 -56.54
C ALA E 150 28.82 13.39 -56.87
N GLY E 151 29.31 12.20 -56.52
CA GLY E 151 28.57 11.00 -56.82
C GLY E 151 29.07 10.44 -58.12
N ASP E 152 28.57 9.29 -58.50
CA ASP E 152 29.03 8.63 -59.72
C ASP E 152 28.37 9.04 -61.02
N PHE E 153 27.61 10.12 -61.01
CA PHE E 153 26.96 10.56 -62.24
C PHE E 153 27.13 12.05 -62.48
N GLY E 154 28.11 12.63 -61.80
CA GLY E 154 28.39 14.05 -61.95
C GLY E 154 27.22 14.97 -61.69
N GLY E 155 26.15 14.42 -61.12
CA GLY E 155 24.99 15.24 -60.81
C GLY E 155 25.11 15.71 -59.39
N TYR E 156 24.59 14.91 -58.47
CA TYR E 156 24.64 15.24 -57.06
C TYR E 156 24.84 14.00 -56.21
N TYR E 157 25.37 14.20 -55.01
CA TYR E 157 25.55 13.09 -54.09
C TYR E 157 25.01 13.52 -52.71
N CYS E 158 24.09 12.74 -52.16
CA CYS E 158 23.57 13.06 -50.83
C CYS E 158 24.42 12.32 -49.80
N PRO E 159 25.13 13.07 -48.96
CA PRO E 159 26.01 12.53 -47.93
C PRO E 159 25.33 11.86 -46.75
N CYS E 160 24.07 12.15 -46.51
CA CYS E 160 23.45 11.51 -45.36
C CYS E 160 23.39 9.99 -45.46
N HIS E 161 22.94 9.42 -46.58
CA HIS E 161 22.90 7.96 -46.71
C HIS E 161 23.37 7.44 -48.08
N GLY E 162 24.03 8.29 -48.84
CA GLY E 162 24.57 7.85 -50.12
C GLY E 162 23.70 7.73 -51.34
N SER E 163 22.77 8.67 -51.54
CA SER E 163 21.93 8.65 -52.72
C SER E 163 22.71 9.41 -53.79
N HIS E 164 22.82 8.84 -54.98
CA HIS E 164 23.52 9.49 -56.10
C HIS E 164 22.48 9.94 -57.11
N TYR E 165 22.53 11.21 -57.52
CA TYR E 165 21.60 11.71 -58.52
C TYR E 165 22.39 12.15 -59.75
N ASP E 166 21.78 12.08 -60.93
CA ASP E 166 22.48 12.51 -62.12
C ASP E 166 22.19 14.00 -62.36
N ALA E 167 22.86 14.60 -63.34
CA ALA E 167 22.69 16.03 -63.62
C ALA E 167 21.27 16.44 -64.00
N SER E 168 20.34 15.48 -63.97
CA SER E 168 18.95 15.77 -64.27
C SER E 168 18.15 15.75 -62.96
N GLY E 169 18.84 15.41 -61.86
CA GLY E 169 18.18 15.35 -60.58
C GLY E 169 17.47 14.02 -60.38
N ARG E 170 17.77 13.06 -61.26
CA ARG E 170 17.16 11.75 -61.18
C ARG E 170 17.98 10.86 -60.27
N ILE E 171 17.30 10.09 -59.42
CA ILE E 171 17.95 9.19 -58.48
C ILE E 171 18.50 7.97 -59.22
N ARG E 172 19.80 7.74 -59.08
CA ARG E 172 20.44 6.64 -59.76
C ARG E 172 20.90 5.54 -58.83
N LYS E 173 21.21 5.88 -57.60
CA LYS E 173 21.70 4.89 -56.67
C LYS E 173 21.48 5.35 -55.24
N GLY E 174 21.36 4.40 -54.33
CA GLY E 174 21.12 4.75 -52.94
C GLY E 174 19.68 4.49 -52.56
N PRO E 175 19.26 4.88 -51.34
CA PRO E 175 17.89 4.69 -50.84
C PRO E 175 16.80 5.67 -51.27
N ALA E 176 17.15 6.80 -51.88
CA ALA E 176 16.10 7.74 -52.28
C ALA E 176 15.16 7.04 -53.25
N PRO E 177 13.85 7.25 -53.07
CA PRO E 177 12.87 6.62 -53.97
C PRO E 177 12.52 7.40 -55.24
N LEU E 178 12.61 8.73 -55.16
CA LEU E 178 12.22 9.58 -56.29
C LEU E 178 13.30 10.52 -56.81
N ASN E 179 13.06 11.05 -58.00
CA ASN E 179 14.00 12.00 -58.59
C ASN E 179 13.75 13.28 -57.80
N LEU E 180 14.73 14.15 -57.74
CA LEU E 180 14.58 15.40 -57.04
C LEU E 180 13.40 16.12 -57.68
N GLU E 181 12.62 16.82 -56.86
CA GLU E 181 11.44 17.51 -57.35
C GLU E 181 11.67 18.73 -58.26
N VAL E 182 10.84 18.82 -59.31
CA VAL E 182 10.90 19.92 -60.26
C VAL E 182 9.75 20.90 -59.93
N PRO E 183 10.07 22.15 -59.59
CA PRO E 183 9.02 23.12 -59.26
C PRO E 183 8.47 23.78 -60.52
N SER E 184 7.37 24.54 -60.36
CA SER E 184 6.77 25.26 -61.47
C SER E 184 7.61 26.51 -61.67
N TYR E 185 7.93 26.84 -62.91
CA TYR E 185 8.70 28.04 -63.17
C TYR E 185 8.53 28.55 -64.60
N GLU E 186 8.81 29.83 -64.79
CA GLU E 186 8.68 30.49 -66.08
C GLU E 186 9.85 31.45 -66.28
N PHE E 187 10.19 31.73 -67.54
CA PHE E 187 11.28 32.66 -67.84
C PHE E 187 10.70 33.95 -68.38
N THR E 188 10.98 35.07 -67.71
CA THR E 188 10.49 36.35 -68.18
C THR E 188 11.53 36.92 -69.13
N SER E 189 11.29 38.13 -69.61
CA SER E 189 12.25 38.76 -70.50
C SER E 189 13.43 39.13 -69.62
N ASP E 190 14.36 39.91 -70.13
CA ASP E 190 15.53 40.31 -69.36
C ASP E 190 16.11 39.18 -68.49
N ASP E 191 16.58 38.12 -69.15
CA ASP E 191 17.17 36.93 -68.51
C ASP E 191 16.82 36.76 -67.03
N MET E 192 15.73 36.03 -66.78
CA MET E 192 15.23 35.79 -65.44
C MET E 192 14.30 34.60 -65.48
N VAL E 193 14.21 33.90 -64.35
CA VAL E 193 13.31 32.76 -64.25
C VAL E 193 12.49 33.03 -63.00
N ILE E 194 11.20 32.75 -63.06
CA ILE E 194 10.35 32.96 -61.90
C ILE E 194 9.85 31.60 -61.45
N VAL E 195 10.25 31.22 -60.24
CA VAL E 195 9.87 29.93 -59.69
C VAL E 195 8.72 30.07 -58.70
N GLY E 196 7.70 29.23 -58.87
CA GLY E 196 6.55 29.25 -57.99
C GLY E 196 5.21 29.22 -58.69
N TRP F 12 -31.38 37.11 31.60
CA TRP F 12 -31.49 35.62 31.63
C TRP F 12 -30.54 34.98 30.62
N LEU F 13 -29.42 34.47 31.13
CA LEU F 13 -28.41 33.80 30.30
C LEU F 13 -29.10 32.63 29.58
N GLU F 14 -30.02 32.02 30.29
CA GLU F 14 -30.80 30.89 29.80
C GLU F 14 -31.72 31.29 28.66
N GLY F 15 -32.14 32.55 28.66
CA GLY F 15 -33.02 33.01 27.61
C GLY F 15 -32.17 32.98 26.35
N ILE F 16 -31.01 33.59 26.45
CA ILE F 16 -30.13 33.63 25.30
C ILE F 16 -29.64 32.22 24.92
N ARG F 17 -29.48 31.35 25.90
CA ARG F 17 -29.04 29.98 25.61
C ARG F 17 -30.04 29.20 24.76
N LYS F 18 -31.32 29.26 25.11
CA LYS F 18 -32.35 28.55 24.35
C LYS F 18 -32.43 29.18 22.97
N TRP F 19 -32.21 30.50 22.88
CA TRP F 19 -32.26 31.17 21.60
C TRP F 19 -31.08 30.67 20.74
N TYR F 20 -29.92 30.58 21.36
CA TYR F 20 -28.72 30.10 20.66
C TYR F 20 -28.87 28.65 20.24
N TYR F 21 -29.44 27.84 21.12
CA TYR F 21 -29.64 26.42 20.84
C TYR F 21 -30.44 26.24 19.57
N ASN F 22 -31.47 27.06 19.42
CA ASN F 22 -32.30 26.95 18.23
C ASN F 22 -31.65 27.59 17.02
N ALA F 23 -30.83 28.61 17.25
CA ALA F 23 -30.15 29.29 16.15
C ALA F 23 -29.08 28.34 15.60
N ALA F 24 -28.39 27.66 16.52
CA ALA F 24 -27.36 26.68 16.15
C ALA F 24 -28.02 25.68 15.21
N GLY F 25 -29.25 25.28 15.54
CA GLY F 25 -30.01 24.40 14.69
C GLY F 25 -29.70 22.94 14.47
N PHE F 26 -28.82 22.33 15.26
CA PHE F 26 -28.57 20.89 15.05
C PHE F 26 -29.83 20.15 15.54
N ASN F 27 -30.63 20.80 16.39
CA ASN F 27 -31.86 20.18 16.87
C ASN F 27 -32.86 20.00 15.71
N LYS F 28 -32.74 20.81 14.66
CA LYS F 28 -33.66 20.67 13.51
C LYS F 28 -33.35 19.42 12.72
N LEU F 29 -32.17 18.86 12.94
CA LEU F 29 -31.76 17.62 12.28
C LEU F 29 -31.95 16.46 13.27
N GLY F 30 -32.60 16.75 14.40
CA GLY F 30 -32.87 15.76 15.42
C GLY F 30 -31.65 15.33 16.21
N LEU F 31 -30.58 16.12 16.12
CA LEU F 31 -29.36 15.80 16.82
C LEU F 31 -29.35 16.29 18.25
N MET F 32 -28.51 15.67 19.08
CA MET F 32 -28.33 16.11 20.45
C MET F 32 -26.98 16.80 20.45
N ARG F 33 -26.78 17.73 21.36
CA ARG F 33 -25.53 18.45 21.39
C ARG F 33 -24.29 17.54 21.30
N ASP F 34 -24.24 16.47 22.11
CA ASP F 34 -23.10 15.57 22.09
C ASP F 34 -22.90 14.87 20.73
N ASP F 35 -23.96 14.74 19.94
CA ASP F 35 -23.83 14.14 18.63
C ASP F 35 -22.96 15.04 17.72
N THR F 36 -22.82 16.31 18.07
CA THR F 36 -22.08 17.25 17.24
C THR F 36 -20.64 17.54 17.61
N ILE F 37 -20.18 16.96 18.72
CA ILE F 37 -18.84 17.18 19.21
C ILE F 37 -17.76 16.77 18.20
N HIS F 38 -16.70 17.56 18.10
CA HIS F 38 -15.63 17.22 17.18
C HIS F 38 -14.91 16.02 17.77
N GLU F 39 -14.84 14.93 17.02
CA GLU F 39 -14.20 13.72 17.56
C GLU F 39 -12.67 13.67 17.63
N ASN F 40 -12.08 14.07 18.75
CA ASN F 40 -10.63 13.94 18.89
C ASN F 40 -10.38 12.57 19.54
N ASP F 41 -9.14 12.25 19.88
CA ASP F 41 -8.90 10.94 20.46
C ASP F 41 -9.61 10.70 21.80
N ASP F 42 -9.75 11.73 22.63
CA ASP F 42 -10.45 11.55 23.90
C ASP F 42 -11.89 11.16 23.63
N VAL F 43 -12.51 11.88 22.72
CA VAL F 43 -13.90 11.65 22.33
C VAL F 43 -14.12 10.27 21.70
N LYS F 44 -13.21 9.84 20.84
CA LYS F 44 -13.33 8.52 20.20
C LYS F 44 -13.29 7.40 21.24
N GLU F 45 -12.50 7.59 22.30
CA GLU F 45 -12.41 6.60 23.35
C GLU F 45 -13.69 6.64 24.19
N ALA F 46 -14.20 7.83 24.47
CA ALA F 46 -15.43 7.96 25.26
C ALA F 46 -16.57 7.29 24.52
N ILE F 47 -16.65 7.50 23.21
CA ILE F 47 -17.71 6.87 22.42
C ILE F 47 -17.60 5.34 22.49
N ARG F 48 -16.38 4.84 22.37
CA ARG F 48 -16.15 3.39 22.42
C ARG F 48 -16.65 2.82 23.76
N ARG F 49 -16.61 3.62 24.81
CA ARG F 49 -17.03 3.17 26.12
C ARG F 49 -18.51 3.24 26.39
N LEU F 50 -19.25 3.87 25.50
CA LEU F 50 -20.69 4.00 25.63
C LEU F 50 -21.39 2.67 25.67
N PRO F 51 -22.48 2.58 26.45
CA PRO F 51 -23.21 1.32 26.50
C PRO F 51 -23.86 1.16 25.12
N GLU F 52 -24.09 -0.07 24.71
CA GLU F 52 -24.69 -0.36 23.40
C GLU F 52 -25.88 0.48 22.96
N ASN F 53 -26.89 0.63 23.82
CA ASN F 53 -28.06 1.40 23.45
C ASN F 53 -27.75 2.87 23.16
N LEU F 54 -26.96 3.51 24.01
CA LEU F 54 -26.59 4.90 23.79
C LEU F 54 -25.76 4.99 22.51
N TYR F 55 -24.87 4.03 22.28
CA TYR F 55 -24.06 4.03 21.06
C TYR F 55 -24.95 3.86 19.82
N ASP F 56 -25.85 2.89 19.86
CA ASP F 56 -26.71 2.66 18.71
C ASP F 56 -27.63 3.84 18.47
N ASP F 57 -28.02 4.54 19.54
CA ASP F 57 -28.90 5.70 19.38
C ASP F 57 -28.11 6.82 18.71
N ARG F 58 -26.90 7.08 19.19
CA ARG F 58 -26.08 8.13 18.60
C ARG F 58 -25.92 7.87 17.09
N VAL F 59 -25.59 6.63 16.75
CA VAL F 59 -25.41 6.24 15.35
C VAL F 59 -26.63 6.55 14.52
N PHE F 60 -27.81 6.23 15.04
CA PHE F 60 -29.00 6.50 14.26
C PHE F 60 -29.34 7.97 14.10
N ARG F 61 -29.15 8.76 15.15
CA ARG F 61 -29.44 10.19 15.07
C ARG F 61 -28.49 10.84 14.07
N ILE F 62 -27.23 10.40 14.04
CA ILE F 62 -26.27 10.94 13.08
C ILE F 62 -26.67 10.48 11.67
N LYS F 63 -26.99 9.20 11.50
CA LYS F 63 -27.36 8.73 10.17
C LYS F 63 -28.58 9.54 9.67
N ARG F 64 -29.57 9.74 10.53
CA ARG F 64 -30.76 10.50 10.16
C ARG F 64 -30.39 11.95 9.80
N ALA F 65 -29.50 12.57 10.57
CA ALA F 65 -29.09 13.93 10.31
C ALA F 65 -28.33 14.05 9.00
N LEU F 66 -27.40 13.12 8.74
CA LEU F 66 -26.63 13.15 7.49
C LEU F 66 -27.58 12.99 6.29
N ASP F 67 -28.57 12.13 6.44
CA ASP F 67 -29.55 11.90 5.40
C ASP F 67 -30.38 13.18 5.13
N LEU F 68 -30.75 13.89 6.19
CA LEU F 68 -31.52 15.12 6.02
C LEU F 68 -30.66 16.18 5.35
N SER F 69 -29.43 16.30 5.82
CA SER F 69 -28.46 17.26 5.28
C SER F 69 -28.29 17.02 3.77
N MET F 70 -28.16 15.77 3.39
CA MET F 70 -28.00 15.39 1.99
C MET F 70 -29.17 15.88 1.15
N ARG F 71 -30.38 15.83 1.70
CA ARG F 71 -31.59 16.28 1.02
C ARG F 71 -31.85 17.76 1.27
N GLN F 72 -30.99 18.40 2.05
CA GLN F 72 -31.13 19.80 2.39
C GLN F 72 -32.52 20.03 3.02
N GLN F 73 -32.89 19.10 3.88
CA GLN F 73 -34.17 19.15 4.57
C GLN F 73 -33.96 19.12 6.08
N ILE F 74 -35.02 19.39 6.83
CA ILE F 74 -34.99 19.34 8.28
C ILE F 74 -36.21 18.56 8.72
N LEU F 75 -36.26 18.21 9.99
CA LEU F 75 -37.38 17.47 10.54
C LEU F 75 -38.55 18.38 10.79
N PRO F 76 -39.75 17.80 10.96
CA PRO F 76 -40.97 18.57 11.25
C PRO F 76 -40.63 19.20 12.60
N LYS F 77 -41.06 20.43 12.85
CA LYS F 77 -40.73 21.06 14.11
C LYS F 77 -41.05 20.25 15.37
N GLU F 78 -42.10 19.44 15.35
CA GLU F 78 -42.47 18.66 16.52
C GLU F 78 -41.41 17.64 16.91
N GLN F 79 -40.51 17.31 15.97
CA GLN F 79 -39.46 16.34 16.23
C GLN F 79 -38.10 16.96 16.53
N TRP F 80 -38.02 18.28 16.51
CA TRP F 80 -36.72 18.90 16.81
C TRP F 80 -36.30 18.60 18.24
N THR F 81 -35.01 18.36 18.44
CA THR F 81 -34.54 18.12 19.80
C THR F 81 -34.91 19.36 20.58
N LYS F 82 -35.38 19.19 21.79
CA LYS F 82 -35.75 20.34 22.58
C LYS F 82 -34.63 20.70 23.55
N TYR F 83 -34.40 21.99 23.65
CA TYR F 83 -33.39 22.55 24.53
C TYR F 83 -33.45 21.98 25.96
N GLU F 84 -34.66 21.93 26.51
CA GLU F 84 -34.87 21.44 27.86
C GLU F 84 -34.65 19.94 28.04
N GLU F 85 -34.73 19.20 26.94
CA GLU F 85 -34.56 17.76 26.99
C GLU F 85 -33.17 17.25 26.59
N ASP F 86 -32.35 18.10 25.97
CA ASP F 86 -31.03 17.70 25.54
C ASP F 86 -30.11 17.57 26.74
N LYS F 87 -29.63 16.36 26.99
CA LYS F 87 -28.73 16.15 28.12
C LYS F 87 -27.46 15.49 27.62
N SER F 88 -26.37 15.67 28.36
CA SER F 88 -25.13 15.08 27.92
C SER F 88 -24.98 13.61 28.30
N TYR F 89 -25.11 12.74 27.31
CA TYR F 89 -24.95 11.31 27.53
C TYR F 89 -23.47 10.96 27.46
N LEU F 90 -22.67 11.84 26.86
CA LEU F 90 -21.24 11.61 26.69
C LEU F 90 -20.35 12.10 27.85
N GLU F 91 -20.77 13.18 28.52
CA GLU F 91 -20.00 13.75 29.60
C GLU F 91 -19.33 12.82 30.62
N PRO F 92 -20.09 11.95 31.29
CA PRO F 92 -19.39 11.10 32.27
C PRO F 92 -18.27 10.23 31.70
N TYR F 93 -18.45 9.72 30.48
CA TYR F 93 -17.43 8.88 29.84
C TYR F 93 -16.25 9.70 29.40
N LEU F 94 -16.52 10.85 28.81
CA LEU F 94 -15.47 11.72 28.31
C LEU F 94 -14.67 12.35 29.43
N LYS F 95 -15.33 12.73 30.51
CA LYS F 95 -14.64 13.31 31.66
C LYS F 95 -13.62 12.33 32.23
N GLU F 96 -14.02 11.06 32.33
CA GLU F 96 -13.14 10.05 32.88
C GLU F 96 -11.97 9.79 31.93
N VAL F 97 -12.24 9.76 30.63
CA VAL F 97 -11.17 9.53 29.66
C VAL F 97 -10.13 10.64 29.74
N ILE F 98 -10.60 11.86 29.99
CA ILE F 98 -9.71 13.01 30.10
C ILE F 98 -8.94 13.01 31.42
N ARG F 99 -9.57 12.53 32.47
CA ARG F 99 -8.89 12.45 33.77
C ARG F 99 -7.82 11.36 33.70
N GLU F 100 -8.12 10.25 33.03
CA GLU F 100 -7.13 9.17 32.92
C GLU F 100 -5.90 9.65 32.16
N ARG F 101 -6.12 10.35 31.04
CA ARG F 101 -5.00 10.86 30.24
C ARG F 101 -4.16 11.89 30.98
N LYS F 102 -4.83 12.71 31.79
CA LYS F 102 -4.12 13.72 32.55
C LYS F 102 -3.22 13.03 33.56
N GLU F 103 -3.73 11.95 34.15
CA GLU F 103 -2.97 11.16 35.12
C GLU F 103 -1.72 10.60 34.48
N ARG F 104 -1.87 10.00 33.30
CA ARG F 104 -0.72 9.43 32.61
C ARG F 104 0.33 10.50 32.30
N GLU F 105 -0.13 11.68 31.90
CA GLU F 105 0.80 12.77 31.59
C GLU F 105 1.57 13.20 32.83
N GLU F 106 0.93 13.20 33.99
CA GLU F 106 1.63 13.56 35.22
C GLU F 106 2.78 12.58 35.43
N TRP F 107 2.50 11.28 35.31
CA TRP F 107 3.53 10.27 35.48
C TRP F 107 4.62 10.40 34.44
N ALA F 108 4.25 10.82 33.23
CA ALA F 108 5.24 10.97 32.17
C ALA F 108 6.21 12.10 32.52
N LYS F 109 5.67 13.16 33.12
CA LYS F 109 6.47 14.32 33.51
C LYS F 109 7.46 14.00 34.62
N LYS F 110 7.17 12.97 35.42
CA LYS F 110 8.07 12.62 36.51
C LYS F 110 9.37 12.01 35.98
C GLY G 1 -8.45 2.52 4.34
N ARG G 2 -9.40 3.27 3.79
CA ARG G 2 -10.79 3.22 4.26
C ARG G 2 -11.66 2.54 3.22
N GLN G 3 -12.20 1.36 3.56
CA GLN G 3 -13.03 0.67 2.60
C GLN G 3 -14.31 0.12 3.21
N PHE G 4 -15.33 -0.03 2.37
CA PHE G 4 -16.60 -0.56 2.84
C PHE G 4 -16.34 -1.93 3.43
N GLY G 5 -16.92 -2.16 4.61
CA GLY G 5 -16.75 -3.42 5.30
C GLY G 5 -15.94 -3.18 6.56
N HIS G 6 -15.19 -2.08 6.57
CA HIS G 6 -14.33 -1.72 7.70
C HIS G 6 -14.54 -0.27 8.15
N LEU G 7 -15.67 0.33 7.78
CA LEU G 7 -15.88 1.71 8.18
C LEU G 7 -16.24 1.84 9.67
N THR G 8 -17.40 1.33 10.07
CA THR G 8 -17.79 1.42 11.47
C THR G 8 -18.88 0.41 11.84
N ARG G 9 -19.26 0.41 13.09
CA ARG G 9 -20.26 -0.53 13.58
C ARG G 9 -21.65 0.09 13.60
N VAL G 10 -22.57 -0.53 12.86
CA VAL G 10 -23.95 -0.06 12.83
C VAL G 10 -24.89 -1.24 13.09
N ARG G 11 -25.83 -1.05 14.01
CA ARG G 11 -26.81 -2.08 14.34
C ARG G 11 -28.27 -1.59 14.38
N HIS G 12 -29.18 -2.44 13.88
CA HIS G 12 -30.62 -2.20 13.89
C HIS G 12 -31.17 -1.07 13.01
N VAL G 13 -30.50 -0.82 11.90
CA VAL G 13 -30.97 0.22 11.01
C VAL G 13 -31.44 -0.41 9.70
N ILE G 14 -32.63 -0.04 9.30
CA ILE G 14 -33.18 -0.56 8.07
C ILE G 14 -33.30 0.55 7.04
N THR G 15 -32.78 0.29 5.84
CA THR G 15 -32.84 1.26 4.75
C THR G 15 -33.71 0.69 3.62
N TYR G 16 -34.64 1.50 3.11
CA TYR G 16 -35.51 1.11 2.00
C TYR G 16 -35.22 2.06 0.82
N SER G 17 -35.04 1.49 -0.37
CA SER G 17 -34.74 2.27 -1.58
C SER G 17 -35.48 1.75 -2.81
N LEU G 18 -35.69 2.63 -3.78
CA LEU G 18 -36.34 2.26 -5.02
C LEU G 18 -35.37 2.43 -6.17
N SER G 19 -35.49 1.56 -7.16
CA SER G 19 -34.65 1.69 -8.34
C SER G 19 -34.95 3.06 -8.96
N PRO G 20 -33.95 3.68 -9.61
CA PRO G 20 -34.17 4.98 -10.22
C PRO G 20 -35.18 4.89 -11.37
N PHE G 21 -35.28 3.71 -11.97
CA PHE G 21 -36.22 3.52 -13.08
C PHE G 21 -37.66 3.41 -12.63
N GLU G 22 -37.87 3.28 -11.33
CA GLU G 22 -39.22 3.19 -10.80
C GLU G 22 -39.69 4.57 -10.30
N GLN G 23 -38.80 5.57 -10.32
CA GLN G 23 -39.20 6.86 -9.80
C GLN G 23 -38.90 8.09 -10.61
N ARG G 24 -39.62 9.17 -10.32
CA ARG G 24 -39.43 10.45 -11.00
C ARG G 24 -38.12 11.06 -10.52
N ALA G 25 -37.42 11.76 -11.41
CA ALA G 25 -36.15 12.36 -11.01
C ALA G 25 -36.39 13.76 -10.44
N PHE G 26 -37.55 14.33 -10.74
CA PHE G 26 -37.87 15.69 -10.27
C PHE G 26 -39.17 15.72 -9.47
N PRO G 27 -39.33 14.79 -8.52
CA PRO G 27 -40.57 14.80 -7.75
C PRO G 27 -40.80 16.14 -7.04
N HIS G 28 -41.93 16.77 -7.34
CA HIS G 28 -42.31 18.05 -6.73
C HIS G 28 -41.21 19.08 -6.83
N TYR G 29 -40.50 19.06 -7.94
CA TYR G 29 -39.41 19.97 -8.15
C TYR G 29 -39.74 21.38 -7.72
N PHE G 30 -40.84 21.91 -8.25
CA PHE G 30 -41.26 23.27 -7.93
C PHE G 30 -42.16 23.38 -6.71
N SER G 31 -43.18 22.52 -6.62
CA SER G 31 -44.11 22.59 -5.51
C SER G 31 -43.45 22.48 -4.13
N LYS G 32 -42.43 21.63 -4.01
CA LYS G 32 -41.74 21.48 -2.75
C LYS G 32 -40.35 22.10 -2.81
N GLY G 33 -39.80 22.18 -4.01
CA GLY G 33 -38.47 22.74 -4.19
C GLY G 33 -38.38 24.20 -3.82
N ILE G 34 -39.22 25.03 -4.43
CA ILE G 34 -39.20 26.46 -4.15
C ILE G 34 -39.36 26.73 -2.65
N PRO G 35 -40.36 26.12 -2.01
CA PRO G 35 -40.56 26.33 -0.58
C PRO G 35 -39.31 26.02 0.23
N ASN G 36 -38.63 24.93 -0.12
CA ASN G 36 -37.44 24.57 0.62
C ASN G 36 -36.33 25.57 0.38
N VAL G 37 -36.19 26.03 -0.86
CA VAL G 37 -35.18 27.04 -1.19
C VAL G 37 -35.48 28.32 -0.42
N LEU G 38 -36.77 28.61 -0.24
CA LEU G 38 -37.16 29.80 0.50
C LEU G 38 -36.84 29.64 1.98
N ARG G 39 -37.07 28.45 2.53
CA ARG G 39 -36.76 28.19 3.93
C ARG G 39 -35.26 28.34 4.15
N ARG G 40 -34.48 27.69 3.30
CA ARG G 40 -33.04 27.73 3.40
C ARG G 40 -32.52 29.15 3.25
N THR G 41 -33.12 29.92 2.34
CA THR G 41 -32.67 31.30 2.19
C THR G 41 -32.93 32.09 3.48
N ARG G 42 -34.16 32.02 3.99
CA ARG G 42 -34.47 32.73 5.23
C ARG G 42 -33.58 32.28 6.37
N ALA G 43 -33.26 30.99 6.41
CA ALA G 43 -32.45 30.45 7.49
C ALA G 43 -31.03 31.01 7.58
N CYS G 44 -30.53 31.57 6.48
CA CYS G 44 -29.16 32.08 6.49
C CYS G 44 -28.98 33.57 6.27
N ILE G 45 -29.91 34.20 5.57
CA ILE G 45 -29.79 35.64 5.27
C ILE G 45 -29.37 36.55 6.41
N LEU G 46 -29.79 36.27 7.63
CA LEU G 46 -29.40 37.11 8.75
C LEU G 46 -27.94 36.87 9.07
N ARG G 47 -27.38 35.78 8.57
CA ARG G 47 -25.98 35.50 8.83
C ARG G 47 -25.10 35.91 7.65
N VAL G 48 -25.62 35.76 6.44
CA VAL G 48 -24.84 36.07 5.24
C VAL G 48 -24.92 37.50 4.73
N ALA G 49 -26.14 38.05 4.71
CA ALA G 49 -26.37 39.38 4.18
C ALA G 49 -25.80 40.60 4.90
N PRO G 50 -25.95 40.69 6.23
CA PRO G 50 -25.41 41.87 6.91
C PRO G 50 -24.00 42.32 6.53
N PRO G 51 -23.02 41.39 6.44
CA PRO G 51 -21.68 41.83 6.07
C PRO G 51 -21.57 42.42 4.67
N PHE G 52 -22.33 41.89 3.72
CA PHE G 52 -22.29 42.38 2.36
C PHE G 52 -23.03 43.70 2.18
N VAL G 53 -24.00 43.97 3.06
CA VAL G 53 -24.74 45.22 3.03
C VAL G 53 -23.79 46.26 3.61
N ALA G 54 -22.99 45.84 4.57
CA ALA G 54 -22.01 46.72 5.18
C ALA G 54 -21.00 47.07 4.09
N PHE G 55 -20.58 46.06 3.33
CA PHE G 55 -19.63 46.31 2.26
C PHE G 55 -20.26 47.28 1.26
N TYR G 56 -21.49 46.99 0.88
CA TYR G 56 -22.20 47.84 -0.05
C TYR G 56 -22.30 49.27 0.47
N LEU G 57 -22.46 49.44 1.77
CA LEU G 57 -22.55 50.77 2.33
C LEU G 57 -21.20 51.48 2.30
N VAL G 58 -20.15 50.80 2.74
CA VAL G 58 -18.82 51.38 2.72
C VAL G 58 -18.41 51.73 1.29
N TYR G 59 -18.77 50.86 0.35
CA TYR G 59 -18.42 51.08 -1.03
C TYR G 59 -19.06 52.34 -1.60
N THR G 60 -20.37 52.47 -1.46
CA THR G 60 -21.04 53.65 -1.99
C THR G 60 -20.57 54.89 -1.23
N TRP G 61 -20.49 54.81 0.09
CA TRP G 61 -20.01 55.97 0.83
C TRP G 61 -18.61 56.36 0.36
N GLY G 62 -17.70 55.39 0.36
CA GLY G 62 -16.32 55.63 -0.04
C GLY G 62 -16.13 56.17 -1.45
N THR G 63 -16.83 55.57 -2.41
CA THR G 63 -16.74 56.01 -3.80
C THR G 63 -17.22 57.45 -3.89
N GLN G 64 -18.39 57.72 -3.32
CA GLN G 64 -18.94 59.05 -3.34
C GLN G 64 -18.06 60.04 -2.61
N GLU G 65 -17.49 59.62 -1.48
CA GLU G 65 -16.61 60.50 -0.73
C GLU G 65 -15.37 60.83 -1.58
N PHE G 66 -14.90 59.85 -2.34
CA PHE G 66 -13.73 60.07 -3.20
C PHE G 66 -14.06 61.09 -4.30
N GLU G 67 -15.21 60.94 -4.94
CA GLU G 67 -15.64 61.83 -6.02
C GLU G 67 -15.81 63.27 -5.51
N LYS G 68 -16.50 63.43 -4.38
CA LYS G 68 -16.71 64.75 -3.78
C LYS G 68 -15.38 65.45 -3.48
N SER G 69 -14.41 64.70 -2.98
CA SER G 69 -13.13 65.29 -2.63
C SER G 69 -12.28 65.79 -3.81
N LYS G 70 -12.63 65.39 -5.02
CA LYS G 70 -11.87 65.82 -6.19
C LYS G 70 -12.39 67.09 -6.85
N ARG G 71 -13.58 67.54 -6.45
CA ARG G 71 -14.09 68.74 -7.07
C ARG G 71 -13.96 70.02 -6.24
N LYS G 72 -14.25 71.15 -6.88
CA LYS G 72 -14.13 72.45 -6.25
C LYS G 72 -15.05 72.66 -5.05
N ASN G 73 -16.34 72.41 -5.23
CA ASN G 73 -17.25 72.59 -4.11
C ASN G 73 -17.94 71.29 -3.78
N PRO G 74 -17.32 70.48 -2.90
CA PRO G 74 -17.88 69.20 -2.49
C PRO G 74 -19.29 69.38 -1.94
N ALA G 75 -20.20 68.51 -2.36
N LEU H 13 -20.64 70.18 -46.53
CA LEU H 13 -20.73 68.88 -45.82
C LEU H 13 -20.96 69.12 -44.34
N VAL H 14 -22.05 68.59 -43.80
CA VAL H 14 -22.32 68.77 -42.38
C VAL H 14 -22.18 67.47 -41.60
N ASP H 15 -21.30 67.47 -40.61
CA ASP H 15 -21.09 66.29 -39.78
C ASP H 15 -22.31 66.17 -38.88
N PRO H 16 -22.93 64.99 -38.82
CA PRO H 16 -24.11 64.90 -37.95
C PRO H 16 -23.71 65.19 -36.51
N LEU H 17 -22.44 64.97 -36.19
CA LEU H 17 -21.96 65.21 -34.82
C LEU H 17 -22.28 66.65 -34.38
N THR H 18 -22.16 67.59 -35.31
CA THR H 18 -22.43 68.99 -35.03
C THR H 18 -23.91 69.16 -34.70
N THR H 19 -24.74 68.58 -35.55
CA THR H 19 -26.18 68.63 -35.38
C THR H 19 -26.60 68.00 -34.07
N VAL H 20 -26.18 66.75 -33.88
CA VAL H 20 -26.54 66.00 -32.69
C VAL H 20 -26.07 66.72 -31.44
N ARG H 21 -24.90 67.35 -31.50
CA ARG H 21 -24.41 68.06 -30.34
C ARG H 21 -25.28 69.26 -29.99
N GLU H 22 -25.77 69.95 -31.02
CA GLU H 22 -26.63 71.11 -30.78
C GLU H 22 -27.94 70.68 -30.15
N GLN H 23 -28.53 69.61 -30.66
CA GLN H 23 -29.78 69.12 -30.12
C GLN H 23 -29.57 68.65 -28.69
N CYS H 24 -28.46 67.97 -28.44
CA CYS H 24 -28.18 67.46 -27.10
C CYS H 24 -27.92 68.55 -26.09
N GLU H 25 -27.31 69.63 -26.54
CA GLU H 25 -27.00 70.75 -25.67
C GLU H 25 -28.26 71.48 -25.20
N GLN H 26 -29.39 71.10 -25.78
CA GLN H 26 -30.67 71.71 -25.44
C GLN H 26 -31.22 71.12 -24.15
N LEU H 27 -30.84 69.87 -23.84
CA LEU H 27 -31.32 69.21 -22.63
C LEU H 27 -30.97 70.02 -21.39
N GLU H 28 -31.88 69.99 -20.42
CA GLU H 28 -31.71 70.74 -19.18
C GLU H 28 -30.39 70.46 -18.46
N LYS H 29 -30.00 69.20 -18.42
CA LYS H 29 -28.76 68.83 -17.76
C LYS H 29 -27.59 69.57 -18.40
N CYS H 30 -27.57 69.64 -19.73
CA CYS H 30 -26.51 70.33 -20.45
C CYS H 30 -26.60 71.84 -20.32
N VAL H 31 -27.82 72.39 -20.34
CA VAL H 31 -27.96 73.83 -20.19
C VAL H 31 -27.49 74.23 -18.80
N LYS H 32 -27.82 73.41 -17.81
CA LYS H 32 -27.42 73.69 -16.44
C LYS H 32 -25.90 73.61 -16.35
N ALA H 33 -25.33 72.58 -16.95
CA ALA H 33 -23.88 72.40 -16.92
C ALA H 33 -23.21 73.56 -17.65
N ARG H 34 -23.80 73.95 -18.78
CA ARG H 34 -23.25 75.04 -19.58
C ARG H 34 -23.26 76.35 -18.77
N GLU H 35 -24.29 76.55 -17.96
CA GLU H 35 -24.40 77.73 -17.15
C GLU H 35 -23.35 77.79 -16.04
N ARG H 36 -23.07 76.64 -15.44
CA ARG H 36 -22.05 76.61 -14.39
C ARG H 36 -20.69 76.91 -15.05
N LEU H 37 -20.55 76.46 -16.30
CA LEU H 37 -19.30 76.66 -17.04
C LEU H 37 -19.11 78.13 -17.39
N GLU H 38 -20.17 78.76 -17.91
CA GLU H 38 -20.08 80.17 -18.27
C GLU H 38 -19.81 80.97 -17.00
N LEU H 39 -20.42 80.58 -15.89
CA LEU H 39 -20.16 81.26 -14.63
C LEU H 39 -18.67 81.16 -14.31
N CYS H 40 -18.12 79.95 -14.39
CA CYS H 40 -16.70 79.73 -14.11
C CYS H 40 -15.80 80.59 -15.00
N ASP H 41 -16.12 80.63 -16.29
CA ASP H 41 -15.34 81.41 -17.26
C ASP H 41 -15.27 82.85 -16.77
N GLU H 42 -16.43 83.41 -16.46
CA GLU H 42 -16.51 84.78 -15.98
C GLU H 42 -15.62 84.95 -14.76
N ARG H 43 -15.86 84.12 -13.75
CA ARG H 43 -15.08 84.18 -12.51
C ARG H 43 -13.57 84.11 -12.74
N VAL H 44 -13.13 83.08 -13.46
CA VAL H 44 -11.70 82.91 -13.73
C VAL H 44 -11.08 84.01 -14.57
N SER H 45 -11.68 84.29 -15.72
CA SER H 45 -11.15 85.32 -16.60
C SER H 45 -11.05 86.70 -15.93
N SER H 46 -11.96 86.98 -15.00
CA SER H 46 -11.94 88.28 -14.31
C SER H 46 -10.71 88.47 -13.41
N ARG H 47 -9.89 87.44 -13.25
CA ARG H 47 -8.70 87.54 -12.40
C ARG H 47 -7.42 87.66 -13.24
N SER H 48 -6.32 87.93 -12.56
CA SER H 48 -5.01 88.06 -13.20
C SER H 48 -4.19 86.94 -12.62
N GLN H 49 -4.47 86.65 -11.36
CA GLN H 49 -3.78 85.60 -10.63
C GLN H 49 -4.79 84.65 -10.01
N THR H 50 -4.71 83.39 -10.41
CA THR H 50 -5.59 82.36 -9.91
C THR H 50 -5.05 81.03 -10.40
N GLU H 51 -5.17 80.02 -9.55
CA GLU H 51 -4.72 78.68 -9.89
C GLU H 51 -5.93 77.93 -10.43
N GLU H 52 -7.09 78.58 -10.38
CA GLU H 52 -8.30 77.96 -10.86
C GLU H 52 -8.45 77.97 -12.37
N ASP H 53 -9.09 76.92 -12.88
CA ASP H 53 -9.38 76.81 -14.29
C ASP H 53 -10.75 76.16 -14.32
N CYS H 54 -11.38 76.09 -15.49
CA CYS H 54 -12.74 75.53 -15.58
C CYS H 54 -12.86 74.12 -16.12
N THR H 55 -11.81 73.32 -15.97
CA THR H 55 -11.82 71.94 -16.45
C THR H 55 -12.97 71.15 -15.85
N GLU H 56 -13.19 71.29 -14.55
CA GLU H 56 -14.28 70.57 -13.90
C GLU H 56 -15.61 70.86 -14.53
N GLU H 57 -15.92 72.15 -14.67
CA GLU H 57 -17.20 72.54 -15.26
C GLU H 57 -17.33 72.06 -16.70
N LEU H 58 -16.24 72.11 -17.45
CA LEU H 58 -16.27 71.65 -18.83
C LEU H 58 -16.54 70.15 -18.87
N LEU H 59 -15.83 69.38 -18.04
CA LEU H 59 -16.03 67.93 -18.05
C LEU H 59 -17.45 67.54 -17.67
N ASP H 60 -18.03 68.25 -16.69
CA ASP H 60 -19.41 67.99 -16.29
C ASP H 60 -20.33 68.21 -17.50
N PHE H 61 -20.11 69.31 -18.20
CA PHE H 61 -20.91 69.62 -19.37
C PHE H 61 -20.75 68.58 -20.49
N LEU H 62 -19.52 68.22 -20.79
CA LEU H 62 -19.23 67.26 -21.84
C LEU H 62 -19.81 65.88 -21.50
N HIS H 63 -19.78 65.55 -20.22
CA HIS H 63 -20.31 64.27 -19.76
C HIS H 63 -21.81 64.18 -20.02
N ALA H 64 -22.53 65.25 -19.71
CA ALA H 64 -23.97 65.28 -19.92
C ALA H 64 -24.28 65.25 -21.41
N ARG H 65 -23.58 66.10 -22.16
CA ARG H 65 -23.80 66.18 -23.59
C ARG H 65 -23.43 64.94 -24.36
N ASP H 66 -22.23 64.42 -24.12
CA ASP H 66 -21.79 63.24 -24.86
C ASP H 66 -22.57 61.97 -24.54
N HIS H 67 -23.20 61.93 -23.37
CA HIS H 67 -24.00 60.77 -23.02
C HIS H 67 -25.19 60.78 -23.98
N CYS H 68 -25.74 61.98 -24.20
CA CYS H 68 -26.88 62.14 -25.10
C CYS H 68 -26.48 61.87 -26.54
N VAL H 69 -25.36 62.47 -26.96
CA VAL H 69 -24.87 62.28 -28.31
C VAL H 69 -24.69 60.79 -28.64
N ALA H 70 -24.12 60.04 -27.69
CA ALA H 70 -23.89 58.61 -27.89
C ALA H 70 -25.16 57.83 -28.17
N HIS H 71 -26.27 58.28 -27.62
CA HIS H 71 -27.54 57.60 -27.85
C HIS H 71 -28.10 57.85 -29.25
N LYS H 72 -27.68 58.93 -29.90
CA LYS H 72 -28.21 59.28 -31.23
C LYS H 72 -27.30 59.23 -32.45
N LEU H 73 -26.09 59.75 -32.31
CA LEU H 73 -25.15 59.85 -33.41
C LEU H 73 -25.05 58.73 -34.44
N PHE H 74 -24.93 57.49 -33.99
CA PHE H 74 -24.75 56.40 -34.95
C PHE H 74 -25.93 56.19 -35.90
N ASN H 75 -27.07 56.79 -35.59
CA ASN H 75 -28.24 56.69 -36.46
C ASN H 75 -28.01 57.52 -37.73
N SER H 76 -27.02 58.41 -37.69
CA SER H 76 -26.69 59.27 -38.83
C SER H 76 -25.45 58.80 -39.57
N LEU H 77 -24.75 57.83 -39.02
CA LEU H 77 -23.53 57.34 -39.63
C LEU H 77 -23.71 56.03 -40.38
N LYS H 78 -22.97 55.88 -41.47
CA LYS H 78 -23.06 54.66 -42.27
C LYS H 78 -22.37 53.52 -41.51
N ALA I 32 -25.06 -33.61 -5.93
CA ALA I 32 -26.13 -33.84 -6.92
C ALA I 32 -26.82 -32.54 -7.35
N ALA I 33 -27.89 -32.71 -8.11
CA ALA I 33 -28.68 -31.61 -8.64
C ALA I 33 -29.52 -30.93 -7.55
N VAL I 34 -30.09 -31.73 -6.66
CA VAL I 34 -30.92 -31.23 -5.58
C VAL I 34 -30.09 -30.67 -4.42
N PRO I 35 -30.42 -29.46 -3.94
CA PRO I 35 -29.72 -28.80 -2.83
C PRO I 35 -30.22 -29.37 -1.51
N ALA I 36 -29.36 -29.45 -0.49
CA ALA I 36 -29.81 -29.99 0.79
C ALA I 36 -30.83 -29.07 1.44
N THR I 37 -31.75 -29.67 2.19
CA THR I 37 -32.80 -28.93 2.89
C THR I 37 -32.22 -27.79 3.71
N SER I 38 -31.01 -27.99 4.23
CA SER I 38 -30.35 -26.97 5.04
C SER I 38 -28.90 -26.82 4.58
N GLU I 39 -28.52 -25.60 4.19
CA GLU I 39 -27.15 -25.36 3.77
C GLU I 39 -26.30 -24.96 4.96
N SER I 40 -25.11 -25.57 5.04
CA SER I 40 -24.22 -25.32 6.13
C SER I 40 -23.42 -24.02 6.01
N PRO I 41 -23.09 -23.43 7.15
CA PRO I 41 -22.33 -22.19 7.35
C PRO I 41 -21.80 -22.15 8.76
N VAL I 42 -20.60 -21.60 8.89
CA VAL I 42 -19.92 -21.45 10.18
C VAL I 42 -18.89 -20.33 10.05
CA SER I 48 -33.33 -21.32 17.75
C SER I 48 -34.77 -21.64 18.17
N VAL I 49 -34.91 -22.47 19.20
CA VAL I 49 -36.21 -22.91 19.70
C VAL I 49 -36.76 -22.08 20.86
N LEU I 50 -37.96 -21.52 20.68
CA LEU I 50 -38.60 -20.70 21.70
C LEU I 50 -40.03 -21.12 22.03
N CYS I 51 -40.28 -22.42 22.01
CA CYS I 51 -41.60 -22.94 22.34
C CYS I 51 -41.55 -24.43 22.15
N ARG I 52 -42.39 -25.11 22.90
CA ARG I 52 -42.40 -26.54 22.86
C ARG I 52 -42.77 -27.18 21.53
N GLU I 53 -43.67 -26.55 20.78
CA GLU I 53 -44.07 -27.08 19.47
C GLU I 53 -42.84 -27.23 18.57
N SER I 54 -42.01 -26.20 18.52
CA SER I 54 -40.81 -26.21 17.69
C SER I 54 -39.73 -27.09 18.30
N LEU I 55 -39.95 -27.52 19.54
CA LEU I 55 -39.00 -28.36 20.23
C LEU I 55 -39.30 -29.83 19.90
N ARG I 56 -40.59 -30.16 19.84
CA ARG I 56 -41.02 -31.54 19.55
C ARG I 56 -40.41 -32.08 18.26
N GLY I 57 -39.60 -33.13 18.40
CA GLY I 57 -38.93 -33.74 17.26
C GLY I 57 -37.42 -33.57 17.34
N GLN I 58 -36.97 -32.65 18.20
CA GLN I 58 -35.54 -32.39 18.36
C GLN I 58 -34.83 -33.48 19.18
N ALA I 59 -35.56 -34.14 20.07
CA ALA I 59 -35.00 -35.20 20.88
C ALA I 59 -34.54 -36.32 19.93
N ALA I 60 -33.33 -36.85 20.15
CA ALA I 60 -32.78 -37.91 19.31
C ALA I 60 -33.37 -39.27 19.65
N GLY I 61 -33.67 -40.07 18.63
CA GLY I 61 -34.24 -41.37 18.91
C GLY I 61 -33.49 -42.50 18.26
N ARG I 62 -32.51 -42.15 17.43
CA ARG I 62 -31.73 -43.15 16.71
C ARG I 62 -30.24 -42.81 16.62
N PRO I 63 -29.41 -43.78 16.23
CA PRO I 63 -27.97 -43.57 16.10
C PRO I 63 -27.59 -42.61 14.99
N LEU I 64 -26.50 -41.89 15.19
CA LEU I 64 -26.03 -40.92 14.20
C LEU I 64 -25.53 -41.55 12.92
N VAL I 65 -25.68 -40.79 11.86
CA VAL I 65 -25.27 -41.14 10.52
C VAL I 65 -24.65 -39.82 10.08
N ALA I 66 -23.52 -39.88 9.42
CA ALA I 66 -22.87 -38.66 8.92
C ALA I 66 -22.65 -38.86 7.42
N SER I 67 -23.09 -37.89 6.62
CA SER I 67 -22.93 -37.97 5.17
C SER I 67 -22.18 -36.77 4.63
N VAL I 68 -21.36 -37.03 3.62
CA VAL I 68 -20.62 -35.99 2.94
C VAL I 68 -20.97 -36.19 1.47
N SER I 69 -20.98 -35.13 0.69
CA SER I 69 -21.30 -35.33 -0.69
C SER I 69 -20.45 -34.57 -1.66
N LEU I 70 -20.58 -35.01 -2.91
CA LEU I 70 -19.96 -34.40 -4.07
C LEU I 70 -21.21 -33.81 -4.68
N ASN I 71 -21.36 -32.49 -4.48
CA ASN I 71 -22.46 -31.67 -4.96
C ASN I 71 -23.53 -31.30 -3.96
N VAL I 72 -23.62 -31.99 -2.84
CA VAL I 72 -24.68 -31.71 -1.87
C VAL I 72 -24.13 -31.41 -0.48
N PRO I 73 -24.87 -30.60 0.33
CA PRO I 73 -24.40 -30.28 1.69
C PRO I 73 -24.33 -31.52 2.56
N ALA I 74 -23.36 -31.52 3.47
CA ALA I 74 -23.18 -32.60 4.41
C ALA I 74 -24.40 -32.59 5.32
N SER I 75 -24.61 -33.69 6.01
CA SER I 75 -25.72 -33.79 6.92
C SER I 75 -25.37 -34.75 8.04
N VAL I 76 -26.10 -34.62 9.13
CA VAL I 76 -25.91 -35.46 10.29
C VAL I 76 -27.33 -35.82 10.65
N ARG I 77 -27.57 -37.10 10.94
CA ARG I 77 -28.89 -37.53 11.30
C ARG I 77 -28.85 -38.10 12.67
N TYR I 78 -30.01 -38.08 13.31
CA TYR I 78 -30.17 -38.60 14.65
C TYR I 78 -29.19 -37.89 15.59
C ARG J 33 -24.13 19.86 -39.94
N ALA J 34 -25.21 19.30 -39.40
CA ALA J 34 -26.45 20.05 -39.22
C ALA J 34 -26.33 21.09 -38.12
N PHE J 35 -25.62 20.77 -37.04
CA PHE J 35 -25.48 21.73 -35.95
C PHE J 35 -24.65 22.91 -36.44
N ASP J 36 -23.52 22.62 -37.07
CA ASP J 36 -22.63 23.66 -37.57
C ASP J 36 -23.27 24.56 -38.61
N GLN J 37 -24.01 23.94 -39.54
CA GLN J 37 -24.67 24.71 -40.59
C GLN J 37 -25.78 25.55 -40.01
N GLY J 38 -26.55 24.95 -39.10
CA GLY J 38 -27.65 25.67 -38.49
C GLY J 38 -27.14 26.85 -37.67
N ALA J 39 -26.09 26.61 -36.88
CA ALA J 39 -25.53 27.67 -36.04
C ALA J 39 -24.96 28.79 -36.90
N ASP J 40 -24.20 28.43 -37.93
CA ASP J 40 -23.62 29.43 -38.83
C ASP J 40 -24.72 30.27 -39.47
N ALA J 41 -25.80 29.61 -39.92
CA ALA J 41 -26.92 30.31 -40.53
C ALA J 41 -27.47 31.35 -39.55
N ILE J 42 -27.66 30.95 -38.30
CA ILE J 42 -28.16 31.88 -37.29
C ILE J 42 -27.20 33.06 -37.15
N TYR J 43 -25.91 32.75 -37.07
CA TYR J 43 -24.89 33.78 -36.91
C TYR J 43 -24.90 34.74 -38.10
N GLU J 44 -24.89 34.18 -39.30
CA GLU J 44 -24.87 34.98 -40.51
C GLU J 44 -26.13 35.81 -40.66
N HIS J 45 -27.25 35.29 -40.18
CA HIS J 45 -28.50 36.01 -40.25
C HIS J 45 -28.47 37.16 -39.26
N ILE J 46 -27.98 36.89 -38.05
CA ILE J 46 -27.91 37.94 -37.04
C ILE J 46 -27.01 39.06 -37.55
N ASN J 47 -26.02 38.70 -38.36
CA ASN J 47 -25.07 39.67 -38.85
C ASN J 47 -25.19 39.94 -40.34
N GLU J 48 -26.42 39.84 -40.84
CA GLU J 48 -26.71 40.03 -42.25
C GLU J 48 -26.11 41.31 -42.84
N GLY J 49 -25.35 41.15 -43.91
CA GLY J 49 -24.74 42.28 -44.57
C GLY J 49 -23.48 42.82 -43.95
N LYS J 50 -23.06 42.28 -42.80
CA LYS J 50 -21.86 42.78 -42.16
C LYS J 50 -20.61 41.95 -42.44
N LEU J 51 -20.81 40.66 -42.72
CA LEU J 51 -19.68 39.79 -42.96
C LEU J 51 -19.07 39.92 -44.34
N TRP J 52 -17.81 39.51 -44.45
CA TRP J 52 -17.12 39.58 -45.72
C TRP J 52 -17.89 38.78 -46.75
N LYS J 53 -18.36 37.60 -46.38
CA LYS J 53 -19.07 36.77 -47.34
C LYS J 53 -20.27 37.51 -47.93
N HIS J 54 -20.83 38.46 -47.17
CA HIS J 54 -21.98 39.22 -47.62
C HIS J 54 -21.68 40.41 -48.55
N ILE J 55 -20.48 40.96 -48.46
CA ILE J 55 -20.14 42.12 -49.28
C ILE J 55 -19.08 41.79 -50.32
N LYS J 56 -18.57 40.58 -50.21
CA LYS J 56 -17.54 40.06 -51.09
C LYS J 56 -17.80 40.26 -52.59
N HIS J 57 -19.03 40.03 -53.03
CA HIS J 57 -19.38 40.16 -54.45
C HIS J 57 -19.06 41.54 -55.02
N LYS J 58 -19.17 42.58 -54.19
CA LYS J 58 -18.89 43.94 -54.63
C LYS J 58 -17.46 44.16 -55.09
N TYR J 59 -16.54 43.32 -54.66
CA TYR J 59 -15.13 43.50 -55.02
C TYR J 59 -14.54 42.40 -55.88
N GLU J 60 -15.24 41.28 -55.96
CA GLU J 60 -14.74 40.18 -56.78
C GLU J 60 -15.29 40.33 -58.19
N ASN J 61 -15.19 39.25 -58.97
CA ASN J 61 -15.65 39.20 -60.35
C ASN J 61 -14.54 38.53 -61.15
N LYS J 62 -14.27 37.27 -60.82
CA LYS J 62 -13.21 36.51 -61.46
C LYS J 62 -13.60 35.86 -62.79
N THR K 1 8.96 1.79 63.35
CA THR K 1 9.39 0.76 64.33
C THR K 1 10.56 -0.06 63.77
N ALA K 2 11.08 0.39 62.62
CA ALA K 2 12.21 -0.26 61.95
C ALA K 2 12.26 0.11 60.47
N THR K 3 13.25 0.90 60.08
CA THR K 3 13.39 1.29 58.67
C THR K 3 14.07 0.20 57.86
N TYR K 4 13.94 0.31 56.55
CA TYR K 4 14.53 -0.65 55.64
C TYR K 4 16.05 -0.64 55.85
N ALA K 5 16.58 0.52 56.23
CA ALA K 5 18.01 0.66 56.46
C ALA K 5 18.48 -0.09 57.70
N GLN K 6 17.62 -0.20 58.70
CA GLN K 6 17.96 -0.89 59.95
C GLN K 6 17.80 -2.39 59.79
N ALA K 7 16.91 -2.81 58.91
CA ALA K 7 16.70 -4.22 58.68
C ALA K 7 17.96 -4.77 58.00
N LEU K 8 18.65 -3.89 57.28
CA LEU K 8 19.87 -4.32 56.61
C LEU K 8 20.97 -4.64 57.61
N GLN K 9 21.15 -3.77 58.60
CA GLN K 9 22.17 -3.98 59.62
C GLN K 9 21.88 -5.17 60.53
N SER K 10 20.61 -5.53 60.67
CA SER K 10 20.23 -6.65 61.54
C SER K 10 20.56 -8.02 60.95
N VAL K 11 21.06 -8.06 59.73
CA VAL K 11 21.38 -9.35 59.13
C VAL K 11 22.68 -9.90 59.73
N PRO K 12 22.63 -11.14 60.27
CA PRO K 12 23.77 -11.80 60.89
C PRO K 12 24.92 -11.88 59.89
N GLU K 13 26.12 -11.49 60.30
CA GLU K 13 27.25 -11.55 59.37
C GLU K 13 27.54 -13.00 59.02
N THR K 14 28.12 -13.22 57.85
CA THR K 14 28.45 -14.56 57.43
C THR K 14 29.79 -14.90 58.05
N GLN K 15 29.88 -16.07 58.69
CA GLN K 15 31.12 -16.49 59.33
C GLN K 15 31.97 -17.32 58.38
N VAL K 16 33.24 -16.94 58.24
CA VAL K 16 34.13 -17.66 57.35
C VAL K 16 35.38 -18.19 58.06
N SER K 17 35.59 -19.49 57.95
CA SER K 17 36.76 -20.16 58.54
C SER K 17 37.42 -20.91 57.39
N GLN K 18 38.62 -21.45 57.63
CA GLN K 18 39.32 -22.17 56.58
C GLN K 18 40.03 -23.36 57.18
N LEU K 19 40.05 -24.48 56.46
CA LEU K 19 40.75 -25.66 56.97
C LEU K 19 42.21 -25.60 56.57
N ASP K 20 43.01 -26.49 57.16
CA ASP K 20 44.44 -26.54 56.86
C ASP K 20 44.69 -26.83 55.39
N ASN K 21 43.85 -27.67 54.79
CA ASN K 21 43.99 -28.04 53.38
C ASN K 21 43.50 -26.97 52.41
N GLY K 22 43.04 -25.83 52.93
CA GLY K 22 42.58 -24.76 52.07
C GLY K 22 41.08 -24.63 51.91
N LEU K 23 40.32 -25.63 52.34
CA LEU K 23 38.87 -25.60 52.24
C LEU K 23 38.26 -24.49 53.09
N ARG K 24 37.43 -23.65 52.47
CA ARG K 24 36.77 -22.58 53.18
C ARG K 24 35.42 -23.08 53.71
N VAL K 25 35.09 -22.67 54.92
CA VAL K 25 33.87 -23.07 55.59
C VAL K 25 33.14 -21.79 55.95
N ALA K 26 31.95 -21.60 55.41
CA ALA K 26 31.20 -20.39 55.67
C ALA K 26 29.75 -20.65 56.03
N SER K 27 29.21 -19.87 56.96
CA SER K 27 27.84 -20.06 57.36
C SER K 27 27.12 -18.78 57.79
N GLU K 28 25.81 -18.81 57.69
CA GLU K 28 24.98 -17.70 58.14
C GLU K 28 23.98 -18.37 59.04
N GLN K 29 24.01 -18.01 60.31
CA GLN K 29 23.13 -18.61 61.28
C GLN K 29 21.79 -17.90 61.34
N SER K 30 20.72 -18.70 61.42
CA SER K 30 19.36 -18.19 61.53
C SER K 30 18.69 -19.07 62.60
N SER K 31 17.41 -18.85 62.85
CA SER K 31 16.69 -19.64 63.85
C SER K 31 15.89 -20.80 63.26
N GLN K 32 15.98 -20.98 61.96
CA GLN K 32 15.26 -22.04 61.26
C GLN K 32 15.58 -23.43 61.81
N PRO K 33 14.59 -24.33 61.87
CA PRO K 33 14.85 -25.69 62.36
C PRO K 33 15.34 -26.56 61.20
N THR K 34 15.45 -25.94 60.02
CA THR K 34 15.93 -26.63 58.83
C THR K 34 17.12 -25.84 58.35
N CYS K 35 17.89 -26.44 57.45
CA CYS K 35 19.05 -25.76 56.92
C CYS K 35 19.41 -26.32 55.56
N THR K 36 20.36 -25.66 54.92
CA THR K 36 20.87 -26.10 53.65
C THR K 36 22.36 -26.04 53.83
N VAL K 37 23.03 -27.11 53.46
CA VAL K 37 24.48 -27.16 53.54
C VAL K 37 24.96 -27.80 52.25
N GLY K 38 26.07 -27.31 51.72
CA GLY K 38 26.55 -27.89 50.48
C GLY K 38 27.94 -27.47 50.13
N VAL K 39 28.44 -28.07 49.06
CA VAL K 39 29.78 -27.80 48.58
C VAL K 39 29.77 -27.15 47.20
N TRP K 40 30.41 -25.98 47.11
CA TRP K 40 30.54 -25.24 45.86
C TRP K 40 31.98 -25.39 45.40
N ILE K 41 32.14 -25.77 44.13
CA ILE K 41 33.45 -26.01 43.57
C ILE K 41 33.78 -25.13 42.37
N ASP K 42 35.02 -24.65 42.32
CA ASP K 42 35.48 -23.84 41.19
C ASP K 42 35.79 -24.81 40.05
N ALA K 43 34.75 -25.50 39.58
CA ALA K 43 34.89 -26.45 38.48
C ALA K 43 33.69 -26.25 37.56
N GLY K 44 33.92 -26.40 36.26
CA GLY K 44 32.86 -26.22 35.30
C GLY K 44 33.44 -26.38 33.91
N SER K 45 32.57 -26.47 32.90
CA SER K 45 33.03 -26.65 31.53
C SER K 45 34.07 -25.63 31.06
N ARG K 46 34.20 -24.50 31.75
CA ARG K 46 35.20 -23.51 31.35
C ARG K 46 36.61 -24.04 31.60
N TYR K 47 36.72 -25.05 32.47
CA TYR K 47 37.99 -25.68 32.81
C TYR K 47 38.22 -26.90 31.92
N GLU K 48 37.20 -27.29 31.16
CA GLU K 48 37.31 -28.46 30.30
C GLU K 48 37.89 -28.12 28.93
N SER K 49 38.46 -29.12 28.28
CA SER K 49 39.03 -28.94 26.95
C SER K 49 38.08 -29.65 26.01
N GLU K 50 38.25 -29.44 24.70
CA GLU K 50 37.41 -30.10 23.70
C GLU K 50 37.35 -31.59 24.02
N LYS K 51 38.48 -32.11 24.48
CA LYS K 51 38.62 -33.53 24.80
C LYS K 51 37.71 -34.08 25.89
N ASN K 52 37.66 -33.41 27.04
CA ASN K 52 36.82 -33.88 28.14
C ASN K 52 35.63 -32.97 28.47
N ASN K 53 35.25 -32.10 27.53
CA ASN K 53 34.09 -31.23 27.75
C ASN K 53 32.92 -32.18 28.00
N GLY K 54 32.19 -31.95 29.08
CA GLY K 54 31.07 -32.82 29.42
C GLY K 54 31.43 -33.64 30.66
N ALA K 55 32.73 -33.70 30.97
CA ALA K 55 33.21 -34.46 32.14
C ALA K 55 32.49 -34.04 33.42
N GLY K 56 32.54 -32.74 33.73
CA GLY K 56 31.88 -32.26 34.93
C GLY K 56 30.42 -32.65 35.02
N TYR K 57 29.72 -32.59 33.89
CA TYR K 57 28.29 -32.94 33.87
C TYR K 57 28.13 -34.42 34.10
N PHE K 58 29.06 -35.21 33.57
CA PHE K 58 28.99 -36.66 33.73
C PHE K 58 29.15 -37.00 35.22
N VAL K 59 30.08 -36.34 35.89
CA VAL K 59 30.29 -36.59 37.30
C VAL K 59 29.03 -36.26 38.08
N GLU K 60 28.39 -35.15 37.76
CA GLU K 60 27.15 -34.78 38.46
C GLU K 60 26.14 -35.92 38.39
N HIS K 61 26.14 -36.66 37.28
CA HIS K 61 25.20 -37.77 37.12
C HIS K 61 25.55 -38.99 37.95
N LEU K 62 26.81 -39.09 38.38
CA LEU K 62 27.26 -40.24 39.15
C LEU K 62 27.41 -39.91 40.64
N ALA K 63 27.55 -38.63 40.95
CA ALA K 63 27.74 -38.15 42.32
C ALA K 63 26.82 -38.72 43.41
N PHE K 64 25.56 -39.02 43.07
CA PHE K 64 24.65 -39.55 44.06
C PHE K 64 24.32 -41.02 43.83
N LYS K 65 25.03 -41.65 42.90
CA LYS K 65 24.77 -43.05 42.57
C LYS K 65 25.50 -44.08 43.42
N GLY K 66 26.19 -43.65 44.47
CA GLY K 66 26.90 -44.59 45.31
C GLY K 66 28.34 -44.22 45.62
N THR K 67 28.74 -44.41 46.87
CA THR K 67 30.12 -44.10 47.29
C THR K 67 30.76 -45.39 47.79
N LYS K 68 32.05 -45.37 48.07
CA LYS K 68 32.68 -46.59 48.55
C LYS K 68 32.11 -46.98 49.93
N ASN K 69 31.80 -45.98 50.74
CA ASN K 69 31.25 -46.26 52.07
C ASN K 69 29.76 -46.59 52.00
N ARG K 70 29.08 -46.03 51.00
CA ARG K 70 27.65 -46.23 50.84
C ARG K 70 27.38 -46.56 49.39
N PRO K 71 27.69 -47.80 48.99
CA PRO K 71 27.50 -48.28 47.62
C PRO K 71 26.06 -48.26 47.13
N GLY K 72 25.90 -48.12 45.81
CA GLY K 72 24.59 -48.11 45.21
C GLY K 72 23.61 -47.11 45.80
N ASN K 73 22.37 -47.55 45.99
CA ASN K 73 21.33 -46.68 46.53
C ASN K 73 21.45 -46.40 48.03
N ALA K 74 22.47 -46.96 48.67
CA ALA K 74 22.63 -46.75 50.10
C ALA K 74 22.64 -45.27 50.49
N LEU K 75 23.36 -44.46 49.71
CA LEU K 75 23.45 -43.01 49.96
C LEU K 75 22.07 -42.39 49.89
N GLU K 76 21.37 -42.76 48.82
CA GLU K 76 20.04 -42.30 48.51
C GLU K 76 19.09 -42.62 49.67
N LYS K 77 19.08 -43.88 50.09
CA LYS K 77 18.22 -44.32 51.19
C LYS K 77 18.49 -43.53 52.46
N GLU K 78 19.75 -43.22 52.72
CA GLU K 78 20.07 -42.46 53.92
C GLU K 78 19.48 -41.07 53.83
N VAL K 79 19.69 -40.40 52.70
CA VAL K 79 19.15 -39.06 52.51
C VAL K 79 17.64 -39.07 52.66
N GLU K 80 16.99 -39.99 51.95
CA GLU K 80 15.53 -40.09 51.98
C GLU K 80 14.95 -40.37 53.36
N SER K 81 15.44 -41.42 54.02
CA SER K 81 14.91 -41.79 55.32
C SER K 81 14.98 -40.68 56.37
N MET K 82 15.90 -39.74 56.24
CA MET K 82 15.93 -38.64 57.21
C MET K 82 15.13 -37.45 56.64
N GLY K 83 14.43 -37.70 55.53
CA GLY K 83 13.63 -36.66 54.92
C GLY K 83 14.40 -35.49 54.33
N ALA K 84 15.67 -35.71 54.00
CA ALA K 84 16.48 -34.64 53.42
C ALA K 84 16.33 -34.63 51.90
N HIS K 85 16.90 -33.62 51.26
CA HIS K 85 16.87 -33.50 49.81
C HIS K 85 18.28 -33.23 49.37
N LEU K 86 18.70 -33.97 48.35
CA LEU K 86 20.04 -33.85 47.83
C LEU K 86 19.93 -33.38 46.38
N ASN K 87 20.58 -32.27 46.06
CA ASN K 87 20.50 -31.73 44.72
C ASN K 87 21.88 -31.28 44.23
N ALA K 88 21.97 -30.95 42.94
CA ALA K 88 23.23 -30.50 42.36
C ALA K 88 22.98 -29.69 41.11
N TYR K 89 24.01 -28.95 40.68
CA TYR K 89 23.92 -28.19 39.45
C TYR K 89 25.33 -27.86 38.99
N SER K 90 25.48 -27.78 37.67
CA SER K 90 26.76 -27.47 37.04
C SER K 90 26.56 -26.33 36.07
N THR K 91 27.46 -25.35 36.11
CA THR K 91 27.39 -24.25 35.16
C THR K 91 28.76 -24.24 34.48
N ARG K 92 29.03 -23.20 33.70
CA ARG K 92 30.32 -23.12 33.03
C ARG K 92 31.50 -22.83 33.97
N GLU K 93 31.23 -22.31 35.17
CA GLU K 93 32.32 -22.02 36.11
C GLU K 93 32.18 -22.63 37.50
N HIS K 94 30.98 -23.00 37.90
CA HIS K 94 30.79 -23.56 39.22
C HIS K 94 29.96 -24.81 39.23
N THR K 95 30.17 -25.60 40.27
CA THR K 95 29.44 -26.84 40.48
C THR K 95 29.04 -26.85 41.95
N ALA K 96 27.94 -27.48 42.26
CA ALA K 96 27.52 -27.51 43.65
C ALA K 96 26.71 -28.74 43.93
N TYR K 97 26.86 -29.21 45.16
CA TYR K 97 26.16 -30.37 45.68
C TYR K 97 25.67 -29.84 47.01
N TYR K 98 24.39 -29.99 47.30
CA TYR K 98 23.90 -29.46 48.53
C TYR K 98 22.72 -30.23 49.06
N ILE K 99 22.53 -30.13 50.37
CA ILE K 99 21.47 -30.84 51.04
C ILE K 99 20.59 -29.91 51.84
N LYS K 100 19.31 -30.20 51.81
CA LYS K 100 18.33 -29.44 52.59
C LYS K 100 17.97 -30.51 53.63
N ALA K 101 18.03 -30.14 54.90
CA ALA K 101 17.73 -31.10 55.95
C ALA K 101 17.37 -30.39 57.24
N LEU K 102 16.92 -31.18 58.22
CA LEU K 102 16.59 -30.63 59.52
C LEU K 102 17.93 -30.24 60.14
N SER K 103 17.95 -29.09 60.80
CA SER K 103 19.16 -28.58 61.42
C SER K 103 19.85 -29.62 62.31
N LYS K 104 19.06 -30.44 63.00
CA LYS K 104 19.62 -31.45 63.88
C LYS K 104 20.39 -32.53 63.12
N ASP K 105 20.08 -32.70 61.83
CA ASP K 105 20.78 -33.70 61.04
C ASP K 105 22.00 -33.11 60.33
N LEU K 106 22.39 -31.90 60.72
CA LEU K 106 23.56 -31.27 60.10
C LEU K 106 24.77 -32.21 60.07
N PRO K 107 25.04 -32.93 61.18
CA PRO K 107 26.18 -33.85 61.21
C PRO K 107 26.14 -34.90 60.10
N LYS K 108 25.02 -35.60 59.97
CA LYS K 108 24.92 -36.61 58.93
C LYS K 108 24.99 -35.96 57.54
N ALA K 109 24.46 -34.75 57.42
CA ALA K 109 24.48 -34.04 56.15
C ALA K 109 25.91 -33.70 55.75
N VAL K 110 26.69 -33.15 56.68
CA VAL K 110 28.07 -32.81 56.37
C VAL K 110 28.87 -34.06 56.00
N GLU K 111 28.56 -35.17 56.68
CA GLU K 111 29.23 -36.44 56.43
C GLU K 111 28.92 -36.93 55.01
N LEU K 112 27.64 -37.00 54.68
CA LEU K 112 27.22 -37.45 53.36
C LEU K 112 27.87 -36.66 52.23
N LEU K 113 27.94 -35.34 52.39
CA LEU K 113 28.56 -34.49 51.36
C LEU K 113 30.04 -34.84 51.23
N ALA K 114 30.70 -34.95 52.37
CA ALA K 114 32.12 -35.28 52.37
C ALA K 114 32.30 -36.60 51.67
N ASP K 115 31.41 -37.54 51.97
CA ASP K 115 31.45 -38.88 51.38
C ASP K 115 31.30 -38.80 49.86
N ILE K 116 30.34 -37.99 49.42
CA ILE K 116 30.06 -37.83 48.00
C ILE K 116 31.25 -37.20 47.27
N VAL K 117 31.74 -36.10 47.82
CA VAL K 117 32.85 -35.37 47.23
C VAL K 117 34.22 -36.07 47.26
N GLN K 118 34.37 -37.10 48.10
CA GLN K 118 35.66 -37.78 48.20
C GLN K 118 35.67 -39.25 47.83
N ASN K 119 34.58 -39.96 48.12
CA ASN K 119 34.55 -41.39 47.86
C ASN K 119 33.57 -41.87 46.80
N CYS K 120 33.30 -41.02 45.82
CA CYS K 120 32.38 -41.39 44.76
C CYS K 120 32.88 -42.61 44.04
N SER K 121 32.01 -43.62 43.91
CA SER K 121 32.35 -44.87 43.27
C SER K 121 32.71 -44.81 41.80
N LEU K 122 31.85 -44.18 41.01
CA LEU K 122 32.06 -44.09 39.56
C LEU K 122 32.20 -45.51 39.03
N GLU K 123 31.26 -46.37 39.42
CA GLU K 123 31.26 -47.76 38.98
C GLU K 123 31.21 -47.78 37.45
N ASP K 124 31.85 -48.77 36.84
CA ASP K 124 31.87 -48.88 35.39
C ASP K 124 30.50 -49.11 34.77
N SER K 125 29.67 -49.92 35.41
CA SER K 125 28.34 -50.20 34.88
C SER K 125 27.41 -49.00 35.01
N GLN K 126 27.66 -48.18 36.03
CA GLN K 126 26.84 -47.00 36.27
C GLN K 126 27.22 -45.93 35.24
N ILE K 127 28.50 -45.89 34.89
CA ILE K 127 28.96 -44.93 33.90
C ILE K 127 28.30 -45.24 32.56
N GLU K 128 28.08 -46.51 32.28
CA GLU K 128 27.44 -46.88 31.01
C GLU K 128 25.96 -46.54 31.03
N LYS K 129 25.34 -46.66 32.21
CA LYS K 129 23.93 -46.32 32.35
C LYS K 129 23.76 -44.81 32.17
N GLU K 130 24.61 -44.04 32.85
CA GLU K 130 24.51 -42.58 32.76
C GLU K 130 24.80 -42.06 31.37
N ARG K 131 25.61 -42.79 30.61
CA ARG K 131 25.94 -42.38 29.24
C ARG K 131 24.64 -42.27 28.45
N ASP K 132 23.74 -43.23 28.65
CA ASP K 132 22.46 -43.23 27.96
C ASP K 132 21.51 -42.14 28.47
N VAL K 133 21.52 -41.90 29.78
CA VAL K 133 20.65 -40.89 30.35
C VAL K 133 21.05 -39.53 29.81
N ILE K 134 22.35 -39.25 29.77
CA ILE K 134 22.86 -37.99 29.27
C ILE K 134 22.51 -37.79 27.80
N LEU K 135 22.66 -38.84 26.98
CA LEU K 135 22.31 -38.73 25.57
C LEU K 135 20.83 -38.40 25.46
N GLN K 136 20.01 -38.97 26.33
CA GLN K 136 18.59 -38.69 26.31
C GLN K 136 18.32 -37.24 26.72
N GLU K 137 19.04 -36.76 27.74
CA GLU K 137 18.87 -35.39 28.19
C GLU K 137 19.32 -34.41 27.11
N LEU K 138 20.31 -34.79 26.32
CA LEU K 138 20.77 -33.92 25.26
C LEU K 138 19.61 -33.77 24.27
N GLN K 139 18.93 -34.88 23.97
CA GLN K 139 17.80 -34.84 23.05
C GLN K 139 16.70 -33.95 23.61
N GLU K 140 16.46 -34.04 24.92
CA GLU K 140 15.43 -33.21 25.55
C GLU K 140 15.83 -31.74 25.49
N ASN K 141 17.08 -31.42 25.79
CA ASN K 141 17.51 -30.03 25.75
C ASN K 141 17.32 -29.46 24.35
N ASP K 142 17.44 -30.31 23.34
CA ASP K 142 17.26 -29.86 21.96
C ASP K 142 15.86 -29.30 21.73
N THR K 143 14.90 -29.70 22.55
CA THR K 143 13.52 -29.23 22.39
C THR K 143 13.26 -27.94 23.14
N SER K 144 14.22 -27.49 23.95
CA SER K 144 14.08 -26.25 24.68
C SER K 144 14.77 -25.15 23.88
N MET K 145 14.00 -24.34 23.16
CA MET K 145 14.60 -23.29 22.35
C MET K 145 15.40 -22.28 23.18
N ARG K 146 14.97 -22.04 24.41
CA ARG K 146 15.67 -21.11 25.30
C ARG K 146 17.07 -21.65 25.60
N ASP K 147 17.16 -22.93 25.96
CA ASP K 147 18.44 -23.57 26.27
C ASP K 147 19.35 -23.53 25.06
N VAL K 148 18.79 -23.89 23.91
CA VAL K 148 19.52 -23.91 22.67
C VAL K 148 20.08 -22.53 22.31
N VAL K 149 19.24 -21.51 22.35
CA VAL K 149 19.70 -20.19 21.97
C VAL K 149 20.73 -19.65 22.96
N PHE K 150 20.60 -19.95 24.24
CA PHE K 150 21.64 -19.47 25.14
C PHE K 150 22.95 -20.20 24.91
N ASN K 151 22.89 -21.49 24.55
CA ASN K 151 24.13 -22.21 24.27
C ASN K 151 24.77 -21.65 23.01
N TYR K 152 23.95 -21.31 22.02
CA TYR K 152 24.46 -20.71 20.78
C TYR K 152 25.08 -19.36 21.05
N LEU K 153 24.44 -18.56 21.90
CA LEU K 153 24.98 -17.23 22.20
C LEU K 153 26.39 -17.37 22.77
N HIS K 154 26.59 -18.34 23.66
CA HIS K 154 27.92 -18.58 24.23
C HIS K 154 28.88 -19.09 23.17
N ALA K 155 28.39 -20.00 22.33
CA ALA K 155 29.21 -20.61 21.29
C ALA K 155 29.78 -19.58 20.34
N THR K 156 29.00 -18.53 20.05
CA THR K 156 29.50 -17.52 19.13
C THR K 156 30.19 -16.35 19.84
N ALA K 157 29.64 -15.87 20.94
CA ALA K 157 30.29 -14.76 21.64
C ALA K 157 31.65 -15.15 22.21
N PHE K 158 31.83 -16.40 22.58
CA PHE K 158 33.09 -16.83 23.15
C PHE K 158 33.77 -17.87 22.28
N GLN K 159 33.48 -17.81 20.99
CA GLN K 159 34.05 -18.76 20.04
C GLN K 159 35.56 -18.86 20.17
N GLY K 160 36.07 -20.08 20.08
CA GLY K 160 37.49 -20.32 20.19
C GLY K 160 38.01 -20.31 21.62
N THR K 161 37.10 -20.25 22.59
CA THR K 161 37.53 -20.25 23.99
C THR K 161 36.77 -21.30 24.78
N PRO K 162 37.21 -21.60 26.02
CA PRO K 162 36.52 -22.59 26.83
C PRO K 162 35.07 -22.22 27.17
N LEU K 163 34.76 -20.91 27.23
CA LEU K 163 33.40 -20.47 27.53
C LEU K 163 32.42 -20.71 26.38
N ALA K 164 32.95 -21.04 25.19
CA ALA K 164 32.09 -21.32 24.04
C ALA K 164 31.42 -22.66 24.25
N GLN K 165 32.05 -23.49 25.06
CA GLN K 165 31.55 -24.84 25.31
C GLN K 165 30.29 -24.87 26.16
N SER K 166 29.44 -25.84 25.89
CA SER K 166 28.23 -26.02 26.67
C SER K 166 28.66 -26.81 27.91
N VAL K 167 27.79 -26.85 28.92
CA VAL K 167 28.04 -27.59 30.15
C VAL K 167 28.02 -29.11 29.92
N GLU K 168 27.02 -29.57 29.16
CA GLU K 168 26.83 -30.99 28.89
C GLU K 168 27.82 -31.61 27.89
N GLY K 169 28.39 -30.78 27.03
CA GLY K 169 29.36 -31.27 26.07
C GLY K 169 28.75 -31.87 24.82
N PRO K 170 29.55 -32.05 23.77
CA PRO K 170 29.07 -32.63 22.52
C PRO K 170 28.69 -34.09 22.72
N SER K 171 27.70 -34.55 21.96
CA SER K 171 27.26 -35.93 22.10
C SER K 171 28.39 -36.93 21.87
N GLU K 172 29.35 -36.60 21.01
CA GLU K 172 30.42 -37.56 20.79
C GLU K 172 31.26 -37.74 22.05
N ASN K 173 31.40 -36.69 22.86
CA ASN K 173 32.16 -36.79 24.11
C ASN K 173 31.37 -37.63 25.13
N VAL K 174 30.06 -37.44 25.17
CA VAL K 174 29.27 -38.22 26.10
C VAL K 174 29.45 -39.71 25.80
N ARG K 175 29.61 -40.03 24.50
CA ARG K 175 29.80 -41.41 24.06
C ARG K 175 31.18 -42.00 24.34
N LYS K 176 32.21 -41.16 24.38
CA LYS K 176 33.56 -41.64 24.59
C LYS K 176 34.20 -41.40 25.95
N LEU K 177 33.71 -40.42 26.71
CA LEU K 177 34.29 -40.15 28.01
C LEU K 177 34.39 -41.45 28.80
N SER K 178 35.54 -41.67 29.42
CA SER K 178 35.77 -42.89 30.18
C SER K 178 36.04 -42.59 31.65
N ARG K 179 35.95 -43.62 32.48
CA ARG K 179 36.19 -43.48 33.91
C ARG K 179 37.51 -42.76 34.09
N ALA K 180 38.48 -43.11 33.25
CA ALA K 180 39.78 -42.48 33.32
C ALA K 180 39.62 -40.97 33.10
N ASP K 181 38.88 -40.60 32.06
CA ASP K 181 38.66 -39.19 31.79
C ASP K 181 38.01 -38.51 32.99
N LEU K 182 37.02 -39.17 33.57
CA LEU K 182 36.33 -38.61 34.73
C LEU K 182 37.21 -38.52 35.97
N THR K 183 37.94 -39.60 36.27
CA THR K 183 38.80 -39.59 37.45
C THR K 183 39.87 -38.53 37.26
N GLU K 184 40.38 -38.41 36.03
CA GLU K 184 41.37 -37.39 35.74
C GLU K 184 40.78 -36.02 36.09
N TYR K 185 39.59 -35.74 35.54
CA TYR K 185 38.89 -34.47 35.77
C TYR K 185 38.68 -34.22 37.27
N LEU K 186 38.20 -35.22 37.98
CA LEU K 186 37.96 -35.09 39.41
C LEU K 186 39.23 -34.83 40.21
N SER K 187 40.25 -35.64 40.00
CA SER K 187 41.49 -35.47 40.75
C SER K 187 42.06 -34.08 40.50
N ARG K 188 41.90 -33.58 39.29
CA ARG K 188 42.46 -32.28 38.94
C ARG K 188 41.70 -31.03 39.41
N HIS K 189 40.39 -31.11 39.59
CA HIS K 189 39.60 -29.94 39.99
C HIS K 189 38.99 -29.97 41.38
N TYR K 190 38.67 -31.16 41.88
CA TYR K 190 38.06 -31.27 43.19
C TYR K 190 39.07 -31.21 44.33
N LYS K 191 39.70 -30.04 44.47
CA LYS K 191 40.71 -29.81 45.50
C LYS K 191 40.18 -28.84 46.56
N ALA K 192 40.50 -29.13 47.83
CA ALA K 192 40.06 -28.31 48.94
C ALA K 192 40.13 -26.80 48.71
N PRO K 193 41.23 -26.30 48.11
CA PRO K 193 41.37 -24.86 47.85
C PRO K 193 40.40 -24.31 46.81
N ARG K 194 39.71 -25.22 46.14
CA ARG K 194 38.75 -24.85 45.10
C ARG K 194 37.33 -25.12 45.55
N MET K 195 37.18 -25.42 46.84
CA MET K 195 35.88 -25.72 47.38
C MET K 195 35.47 -24.84 48.54
N VAL K 196 34.16 -24.68 48.70
CA VAL K 196 33.62 -23.90 49.78
C VAL K 196 32.52 -24.73 50.40
N LEU K 197 32.60 -24.93 51.70
CA LEU K 197 31.57 -25.68 52.41
C LEU K 197 30.72 -24.56 53.00
N ALA K 198 29.50 -24.44 52.50
CA ALA K 198 28.60 -23.39 52.94
C ALA K 198 27.36 -23.95 53.61
N ALA K 199 26.79 -23.17 54.51
CA ALA K 199 25.58 -23.60 55.22
C ALA K 199 24.81 -22.40 55.70
N ALA K 200 23.49 -22.54 55.70
CA ALA K 200 22.63 -21.47 56.15
C ALA K 200 21.48 -22.14 56.90
N GLY K 201 21.09 -21.55 58.03
CA GLY K 201 20.01 -22.12 58.81
C GLY K 201 20.26 -22.16 60.29
N GLY K 202 19.52 -23.00 60.99
CA GLY K 202 19.68 -23.11 62.43
C GLY K 202 20.87 -23.98 62.79
N LEU K 203 22.07 -23.41 62.69
CA LEU K 203 23.31 -24.11 63.01
C LEU K 203 24.34 -23.08 63.39
N GLU K 204 25.37 -23.48 64.13
CA GLU K 204 26.41 -22.52 64.52
C GLU K 204 27.66 -22.79 63.70
N HIS K 205 28.40 -21.72 63.39
CA HIS K 205 29.60 -21.85 62.60
C HIS K 205 30.58 -22.84 63.20
N ARG K 206 30.86 -22.70 64.49
CA ARG K 206 31.79 -23.60 65.16
C ARG K 206 31.43 -25.06 64.92
N GLN K 207 30.14 -25.35 64.97
CA GLN K 207 29.68 -26.72 64.74
C GLN K 207 29.98 -27.15 63.32
N LEU K 208 29.74 -26.26 62.36
CA LEU K 208 30.00 -26.59 60.97
C LEU K 208 31.50 -26.81 60.79
N LEU K 209 32.29 -25.91 61.37
CA LEU K 209 33.75 -25.98 61.29
C LEU K 209 34.21 -27.30 61.89
N ASP K 210 33.59 -27.66 63.01
CA ASP K 210 33.88 -28.90 63.73
C ASP K 210 33.69 -30.04 62.74
N LEU K 211 32.49 -30.09 62.16
CA LEU K 211 32.15 -31.12 61.19
C LEU K 211 33.06 -31.08 59.98
N ALA K 212 33.46 -29.90 59.55
CA ALA K 212 34.33 -29.76 58.40
C ALA K 212 35.71 -30.34 58.70
N GLN K 213 36.24 -30.01 59.88
CA GLN K 213 37.54 -30.51 60.29
C GLN K 213 37.52 -32.04 60.34
N LYS K 214 36.41 -32.58 60.82
CA LYS K 214 36.27 -34.02 60.91
C LYS K 214 36.09 -34.75 59.58
N HIS K 215 35.34 -34.16 58.65
CA HIS K 215 35.07 -34.85 57.40
C HIS K 215 35.79 -34.40 56.12
N PHE K 216 36.32 -33.19 56.10
CA PHE K 216 37.00 -32.71 54.89
C PHE K 216 38.50 -32.51 55.02
N SER K 217 39.07 -32.84 56.18
CA SER K 217 40.50 -32.69 56.39
C SER K 217 41.35 -33.51 55.41
N GLY K 218 40.87 -34.71 55.09
CA GLY K 218 41.61 -35.58 54.17
C GLY K 218 41.57 -35.13 52.73
N LEU K 219 40.69 -34.18 52.42
CA LEU K 219 40.56 -33.67 51.07
C LEU K 219 41.90 -33.09 50.62
N SER K 220 42.38 -33.52 49.46
CA SER K 220 43.65 -33.02 48.95
C SER K 220 43.69 -31.52 48.76
N GLY K 221 44.80 -30.92 49.14
CA GLY K 221 44.97 -29.49 49.00
C GLY K 221 46.06 -29.20 47.98
N THR K 222 46.34 -30.18 47.11
CA THR K 222 47.38 -30.02 46.10
C THR K 222 47.18 -30.93 44.89
N TYR K 223 47.81 -30.56 43.77
CA TYR K 223 47.73 -31.33 42.55
C TYR K 223 48.85 -31.06 41.56
N ASP K 224 50.04 -31.60 41.83
CA ASP K 224 51.18 -31.43 40.94
C ASP K 224 51.59 -29.97 40.76
N GLU K 225 52.55 -29.76 39.86
CA GLU K 225 53.06 -28.42 39.56
C GLU K 225 52.30 -27.83 38.37
N ASP K 226 52.03 -28.69 37.38
CA ASP K 226 51.31 -28.28 36.18
C ASP K 226 49.87 -28.76 36.27
N ALA K 227 49.44 -29.10 37.48
CA ALA K 227 48.09 -29.59 37.73
C ALA K 227 47.11 -28.45 37.98
N VAL K 228 47.48 -27.55 38.90
CA VAL K 228 46.64 -26.41 39.27
C VAL K 228 45.95 -25.73 38.08
N PRO K 229 44.70 -26.11 37.80
CA PRO K 229 43.96 -25.52 36.68
C PRO K 229 43.79 -24.00 36.85
N THR K 230 44.10 -23.27 35.79
CA THR K 230 43.98 -21.82 35.82
C THR K 230 43.22 -21.28 34.60
N LEU K 231 42.29 -20.37 34.85
CA LEU K 231 41.49 -19.78 33.79
C LEU K 231 42.23 -18.67 33.04
N SER K 232 42.23 -18.77 31.72
CA SER K 232 42.86 -17.75 30.89
C SER K 232 41.72 -16.84 30.44
N PRO K 233 42.03 -15.61 30.01
CA PRO K 233 40.92 -14.74 29.60
C PRO K 233 40.24 -15.31 28.35
N CYS K 234 38.93 -15.08 28.24
CA CYS K 234 38.17 -15.58 27.11
C CYS K 234 37.75 -14.41 26.23
N ARG K 235 38.32 -14.34 25.04
CA ARG K 235 38.01 -13.29 24.08
C ARG K 235 36.53 -13.29 23.73
N PHE K 236 35.93 -12.10 23.63
CA PHE K 236 34.53 -11.97 23.24
C PHE K 236 34.54 -11.57 21.76
N THR K 237 33.65 -12.14 20.96
CA THR K 237 33.63 -11.81 19.54
C THR K 237 32.26 -11.32 19.06
N GLY K 238 32.22 -10.09 18.54
CA GLY K 238 30.99 -9.55 17.99
C GLY K 238 30.69 -10.46 16.83
N SER K 239 29.52 -11.10 16.86
CA SER K 239 29.19 -12.06 15.83
C SER K 239 27.72 -12.47 15.90
N GLN K 240 27.34 -13.35 14.98
CA GLN K 240 25.96 -13.79 14.90
C GLN K 240 25.90 -15.24 14.46
N ILE K 241 25.01 -15.98 15.09
CA ILE K 241 24.80 -17.36 14.72
C ILE K 241 23.27 -17.45 14.52
N CYS K 242 22.88 -17.92 13.34
CA CYS K 242 21.45 -18.04 13.02
C CYS K 242 21.12 -19.45 12.60
N HIS K 243 20.23 -20.07 13.36
CA HIS K 243 19.80 -21.42 13.05
C HIS K 243 18.37 -21.26 12.58
N ARG K 244 18.23 -21.19 11.27
CA ARG K 244 16.92 -21.01 10.67
C ARG K 244 16.15 -22.32 10.66
N GLU K 245 14.99 -22.31 11.31
CA GLU K 245 14.12 -23.48 11.37
C GLU K 245 12.65 -23.00 11.31
N ASP K 246 12.16 -22.82 10.08
CA ASP K 246 10.80 -22.33 9.87
C ASP K 246 9.73 -23.28 10.39
N GLY K 247 10.13 -24.50 10.74
CA GLY K 247 9.16 -25.44 11.27
C GLY K 247 8.74 -25.13 12.70
N LEU K 248 9.54 -24.34 13.42
CA LEU K 248 9.20 -23.98 14.80
C LEU K 248 8.19 -22.83 14.81
N PRO K 249 7.23 -22.86 15.75
CA PRO K 249 6.21 -21.81 15.82
C PRO K 249 6.65 -20.42 16.25
N LEU K 250 7.63 -20.33 17.14
CA LEU K 250 8.10 -19.04 17.62
C LEU K 250 9.60 -18.90 17.50
N ALA K 251 10.04 -17.67 17.31
CA ALA K 251 11.47 -17.38 17.17
C ALA K 251 12.04 -16.97 18.52
N HIS K 252 13.25 -17.44 18.79
CA HIS K 252 13.97 -17.10 20.01
C HIS K 252 15.21 -16.34 19.55
N VAL K 253 15.43 -15.19 20.16
CA VAL K 253 16.59 -14.38 19.85
C VAL K 253 17.26 -13.96 21.16
N ALA K 254 18.58 -14.06 21.20
CA ALA K 254 19.34 -13.63 22.37
C ALA K 254 20.45 -12.76 21.82
N ILE K 255 20.61 -11.58 22.41
CA ILE K 255 21.63 -10.64 21.98
C ILE K 255 22.33 -10.09 23.22
N ALA K 256 23.65 -10.00 23.16
CA ALA K 256 24.41 -9.50 24.29
C ALA K 256 25.70 -8.80 23.88
N VAL K 257 26.14 -7.89 24.73
CA VAL K 257 27.40 -7.21 24.52
C VAL K 257 28.30 -7.81 25.61
N GLU K 258 29.60 -7.62 25.52
CA GLU K 258 30.45 -8.20 26.55
C GLU K 258 30.30 -7.47 27.89
N GLY K 259 30.01 -8.24 28.94
CA GLY K 259 29.86 -7.68 30.28
C GLY K 259 31.21 -7.57 30.98
N PRO K 260 31.29 -6.91 32.15
CA PRO K 260 32.53 -6.72 32.93
C PRO K 260 33.14 -7.87 33.72
N GLY K 261 32.32 -8.79 34.20
CA GLY K 261 32.83 -9.88 35.01
C GLY K 261 32.35 -9.69 36.44
N TRP K 262 32.15 -10.80 37.13
CA TRP K 262 31.68 -10.83 38.52
C TRP K 262 32.16 -9.73 39.46
N ALA K 263 33.47 -9.68 39.64
CA ALA K 263 34.10 -8.74 40.56
C ALA K 263 33.94 -7.26 40.29
N HIS K 264 33.49 -6.89 39.09
CA HIS K 264 33.38 -5.48 38.74
C HIS K 264 32.22 -4.69 39.36
N PRO K 265 32.52 -3.51 39.92
CA PRO K 265 31.53 -2.62 40.56
C PRO K 265 30.43 -2.16 39.58
N ASP K 266 30.77 -2.14 38.30
CA ASP K 266 29.81 -1.72 37.27
C ASP K 266 28.58 -2.61 37.22
N ASN K 267 28.70 -3.85 37.71
CA ASN K 267 27.56 -4.75 37.68
C ASN K 267 26.34 -4.20 38.40
N VAL K 268 26.53 -3.35 39.41
CA VAL K 268 25.36 -2.86 40.13
C VAL K 268 24.57 -1.89 39.26
N ALA K 269 25.25 -0.94 38.63
CA ALA K 269 24.57 0.01 37.78
C ALA K 269 23.99 -0.72 36.56
N LEU K 270 24.63 -1.80 36.11
CA LEU K 270 24.11 -2.56 34.98
C LEU K 270 22.84 -3.34 35.37
N GLN K 271 22.77 -3.80 36.62
CA GLN K 271 21.59 -4.52 37.09
C GLN K 271 20.43 -3.53 37.23
N VAL K 272 20.76 -2.29 37.59
CA VAL K 272 19.75 -1.26 37.71
C VAL K 272 19.20 -0.95 36.33
N ALA K 273 20.09 -0.90 35.34
CA ALA K 273 19.68 -0.63 33.96
C ALA K 273 18.80 -1.76 33.44
N ASN K 274 19.20 -3.00 33.67
CA ASN K 274 18.41 -4.13 33.23
C ASN K 274 17.06 -4.18 33.93
N ALA K 275 17.02 -3.72 35.17
CA ALA K 275 15.77 -3.72 35.92
C ALA K 275 14.82 -2.69 35.31
N ILE K 276 15.37 -1.61 34.77
CA ILE K 276 14.56 -0.56 34.14
C ILE K 276 13.88 -1.09 32.87
N ILE K 277 14.62 -1.83 32.06
CA ILE K 277 14.07 -2.42 30.84
C ILE K 277 13.19 -3.60 31.25
N GLY K 278 13.67 -4.35 32.24
CA GLY K 278 12.92 -5.47 32.77
C GLY K 278 12.72 -6.74 31.98
N HIS K 279 11.61 -7.39 32.30
CA HIS K 279 11.23 -8.65 31.69
C HIS K 279 9.74 -8.60 31.42
N TYR K 280 9.23 -9.56 30.66
CA TYR K 280 7.83 -9.55 30.32
C TYR K 280 7.36 -10.84 29.67
N ASP K 281 6.12 -11.22 29.94
CA ASP K 281 5.53 -12.32 29.22
C ASP K 281 4.03 -12.10 29.13
N CYS K 282 3.41 -12.76 28.15
CA CYS K 282 2.00 -12.61 27.88
C CYS K 282 1.03 -12.80 29.06
N THR K 283 1.49 -13.37 30.16
CA THR K 283 0.61 -13.54 31.32
C THR K 283 0.73 -12.41 32.35
N TYR K 284 1.62 -11.44 32.13
CA TYR K 284 1.75 -10.34 33.09
C TYR K 284 0.45 -9.54 33.10
N GLY K 285 0.02 -9.11 34.27
CA GLY K 285 -1.21 -8.33 34.36
C GLY K 285 -1.11 -6.85 34.06
N GLY K 286 0.09 -6.29 34.09
CA GLY K 286 0.22 -4.87 33.84
C GLY K 286 -0.10 -4.37 32.44
N GLY K 287 0.20 -5.20 31.44
CA GLY K 287 -0.06 -4.84 30.07
C GLY K 287 0.50 -3.50 29.60
N ALA K 288 -0.39 -2.67 29.09
CA ALA K 288 -0.07 -1.36 28.56
C ALA K 288 0.45 -0.36 29.59
N HIS K 289 0.15 -0.60 30.86
CA HIS K 289 0.57 0.31 31.92
C HIS K 289 1.94 0.03 32.53
N LEU K 290 2.58 -1.06 32.10
CA LEU K 290 3.90 -1.40 32.62
C LEU K 290 4.85 -0.21 32.46
N SER K 291 5.72 -0.02 33.45
CA SER K 291 6.65 1.09 33.44
C SER K 291 7.70 0.95 32.36
N SER K 292 8.16 -0.25 32.11
CA SER K 292 9.14 -0.44 31.06
C SER K 292 8.52 -0.11 29.70
N PRO K 293 9.14 0.80 28.94
CA PRO K 293 8.65 1.17 27.61
C PRO K 293 8.57 -0.06 26.72
N LEU K 294 9.62 -0.89 26.78
CA LEU K 294 9.69 -2.10 26.00
C LEU K 294 8.53 -3.02 26.37
N ALA K 295 8.32 -3.25 27.66
CA ALA K 295 7.23 -4.13 28.07
C ALA K 295 5.89 -3.55 27.66
N SER K 296 5.77 -2.24 27.83
CA SER K 296 4.55 -1.53 27.50
C SER K 296 4.24 -1.64 26.00
N ILE K 297 5.24 -1.32 25.17
CA ILE K 297 5.08 -1.39 23.72
C ILE K 297 4.81 -2.82 23.29
N ALA K 298 5.57 -3.75 23.87
CA ALA K 298 5.43 -5.16 23.58
C ALA K 298 4.01 -5.60 23.83
N ALA K 299 3.49 -5.25 25.00
CA ALA K 299 2.13 -5.63 25.36
C ALA K 299 1.03 -5.03 24.50
N THR K 300 1.07 -3.72 24.27
CA THR K 300 0.00 -3.09 23.50
C THR K 300 0.04 -3.45 22.02
N ASN K 301 1.22 -3.72 21.50
CA ASN K 301 1.37 -4.08 20.09
C ASN K 301 1.55 -5.57 19.87
N LYS K 302 1.45 -6.34 20.95
CA LYS K 302 1.61 -7.79 20.89
C LYS K 302 2.87 -8.18 20.12
N LEU K 303 3.99 -7.53 20.44
CA LEU K 303 5.25 -7.79 19.75
C LEU K 303 6.03 -9.03 20.12
N CYS K 304 5.66 -9.68 21.21
CA CYS K 304 6.41 -10.88 21.64
C CYS K 304 5.60 -11.60 22.69
N GLN K 305 6.00 -12.84 22.97
CA GLN K 305 5.35 -13.66 23.98
C GLN K 305 6.04 -13.36 25.31
N SER K 306 7.35 -13.14 25.23
CA SER K 306 8.11 -12.83 26.41
C SER K 306 9.47 -12.27 26.06
N PHE K 307 10.11 -11.63 27.04
CA PHE K 307 11.45 -11.13 26.88
C PHE K 307 12.03 -10.97 28.28
N GLN K 308 13.36 -10.98 28.37
CA GLN K 308 14.05 -10.86 29.64
C GLN K 308 15.43 -10.30 29.39
N THR K 309 15.84 -9.37 30.24
CA THR K 309 17.18 -8.83 30.12
C THR K 309 18.00 -9.76 31.01
N PHE K 310 19.31 -9.78 30.82
CA PHE K 310 20.14 -10.61 31.67
C PHE K 310 21.54 -10.06 31.77
N ASN K 311 22.24 -10.46 32.84
CA ASN K 311 23.62 -10.05 33.07
C ASN K 311 24.33 -11.31 33.55
N ILE K 312 24.77 -12.13 32.60
CA ILE K 312 25.44 -13.38 32.93
C ILE K 312 26.92 -13.03 33.17
N CYS K 313 27.40 -13.32 34.38
CA CYS K 313 28.79 -13.03 34.73
C CYS K 313 29.71 -14.22 34.84
N TYR K 314 30.93 -14.02 34.35
CA TYR K 314 31.98 -15.02 34.43
C TYR K 314 33.18 -14.31 35.04
N ALA K 315 34.27 -15.05 35.27
CA ALA K 315 35.46 -14.45 35.89
C ALA K 315 35.82 -13.04 35.41
N ASP K 316 36.19 -12.89 34.14
CA ASP K 316 36.56 -11.55 33.67
C ASP K 316 35.80 -11.09 32.42
N THR K 317 34.59 -11.60 32.24
CA THR K 317 33.82 -11.24 31.08
C THR K 317 32.41 -11.67 31.39
N GLY K 318 31.50 -11.49 30.43
CA GLY K 318 30.12 -11.88 30.66
C GLY K 318 29.27 -11.49 29.49
N LEU K 319 27.98 -11.83 29.59
CA LEU K 319 27.01 -11.52 28.56
C LEU K 319 25.94 -10.61 29.15
N LEU K 320 25.86 -9.40 28.61
CA LEU K 320 24.91 -8.42 29.06
C LEU K 320 23.99 -8.18 27.87
N GLY K 321 22.71 -8.47 28.05
CA GLY K 321 21.78 -8.28 26.96
C GLY K 321 20.35 -8.72 27.26
N ALA K 322 19.72 -9.32 26.26
CA ALA K 322 18.34 -9.74 26.42
C ALA K 322 18.00 -10.89 25.50
N HIS K 323 16.90 -11.57 25.84
CA HIS K 323 16.39 -12.71 25.12
C HIS K 323 14.89 -12.45 24.94
N PHE K 324 14.35 -12.79 23.77
CA PHE K 324 12.92 -12.62 23.57
C PHE K 324 12.39 -13.70 22.66
N VAL K 325 11.11 -13.98 22.84
CA VAL K 325 10.42 -14.99 22.06
C VAL K 325 9.25 -14.30 21.36
N CYS K 326 9.20 -14.39 20.03
CA CYS K 326 8.11 -13.75 19.32
C CYS K 326 7.77 -14.43 18.02
N ASP K 327 6.70 -13.94 17.42
CA ASP K 327 6.18 -14.41 16.14
C ASP K 327 7.20 -14.05 15.07
N HIS K 328 7.24 -14.80 13.97
CA HIS K 328 8.20 -14.53 12.92
C HIS K 328 8.10 -13.13 12.31
N MET K 329 6.94 -12.49 12.40
CA MET K 329 6.79 -11.15 11.82
C MET K 329 7.11 -10.01 12.77
N SER K 330 7.53 -10.34 13.99
CA SER K 330 7.81 -9.31 15.00
C SER K 330 9.25 -9.14 15.42
N ILE K 331 10.14 -9.99 14.91
CA ILE K 331 11.54 -9.91 15.29
C ILE K 331 12.14 -8.53 15.10
N ASP K 332 11.96 -7.97 13.91
CA ASP K 332 12.50 -6.66 13.59
C ASP K 332 12.00 -5.59 14.56
N ASP K 333 10.70 -5.57 14.83
CA ASP K 333 10.12 -4.60 15.74
C ASP K 333 10.67 -4.73 17.15
N MET K 334 10.78 -5.97 17.62
CA MET K 334 11.32 -6.22 18.95
C MET K 334 12.74 -5.68 19.08
N MET K 335 13.57 -6.04 18.11
CA MET K 335 14.96 -5.62 18.08
C MET K 335 15.03 -4.10 18.06
N PHE K 336 14.21 -3.49 17.21
CA PHE K 336 14.18 -2.03 17.10
C PHE K 336 13.86 -1.36 18.45
N VAL K 337 12.83 -1.81 19.13
CA VAL K 337 12.46 -1.22 20.41
C VAL K 337 13.49 -1.55 21.50
N LEU K 338 13.98 -2.79 21.51
CA LEU K 338 14.98 -3.19 22.50
C LEU K 338 16.21 -2.30 22.38
N GLN K 339 16.79 -2.24 21.18
CA GLN K 339 17.96 -1.41 20.99
C GLN K 339 17.63 0.06 21.29
N GLY K 340 16.45 0.51 20.87
CA GLY K 340 16.06 1.88 21.15
C GLY K 340 16.16 2.17 22.64
N GLN K 341 15.72 1.23 23.45
CA GLN K 341 15.75 1.39 24.91
C GLN K 341 17.17 1.40 25.48
N TRP K 342 18.07 0.62 24.89
CA TRP K 342 19.45 0.61 25.37
C TRP K 342 20.04 1.99 25.08
N MET K 343 19.79 2.50 23.88
CA MET K 343 20.31 3.82 23.51
C MET K 343 19.70 4.90 24.39
N ARG K 344 18.43 4.76 24.74
CA ARG K 344 17.77 5.76 25.56
C ARG K 344 18.45 5.84 26.92
N LEU K 345 18.82 4.68 27.48
CA LEU K 345 19.48 4.65 28.78
C LEU K 345 20.88 5.23 28.74
N CYS K 346 21.58 4.99 27.64
CA CYS K 346 22.94 5.49 27.47
C CYS K 346 22.99 7.01 27.41
N THR K 347 22.01 7.59 26.73
CA THR K 347 21.95 9.02 26.53
C THR K 347 20.97 9.82 27.38
N SER K 348 19.91 9.19 27.87
CA SER K 348 18.92 9.95 28.61
C SER K 348 18.23 9.31 29.80
N ALA K 349 18.85 8.34 30.44
CA ALA K 349 18.18 7.75 31.60
C ALA K 349 17.75 8.94 32.46
N THR K 350 16.57 8.86 33.05
CA THR K 350 16.09 9.95 33.88
C THR K 350 16.18 9.50 35.33
N GLU K 351 16.26 10.45 36.24
CA GLU K 351 16.37 10.14 37.66
C GLU K 351 15.18 9.30 38.15
N SER K 352 13.97 9.62 37.71
CA SER K 352 12.83 8.86 38.20
C SER K 352 12.85 7.40 37.78
N GLU K 353 13.30 7.10 36.57
CA GLU K 353 13.31 5.69 36.16
C GLU K 353 14.48 4.96 36.80
N VAL K 354 15.59 5.67 36.99
CA VAL K 354 16.73 5.03 37.63
C VAL K 354 16.34 4.73 39.09
N LEU K 355 15.49 5.56 39.68
CA LEU K 355 15.04 5.32 41.05
C LEU K 355 14.15 4.09 41.07
N ARG K 356 13.40 3.88 39.99
CA ARG K 356 12.53 2.70 39.91
C ARG K 356 13.43 1.46 39.73
N GLY K 357 14.49 1.61 38.95
CA GLY K 357 15.41 0.50 38.73
C GLY K 357 16.05 0.08 40.04
N LYS K 358 16.54 1.08 40.78
CA LYS K 358 17.17 0.82 42.07
C LYS K 358 16.20 0.09 42.99
N ASN K 359 14.95 0.56 43.06
CA ASN K 359 13.98 -0.09 43.93
C ASN K 359 13.67 -1.52 43.54
N LEU K 360 13.62 -1.78 42.23
CA LEU K 360 13.36 -3.14 41.76
C LEU K 360 14.55 -4.00 42.17
N LEU K 361 15.76 -3.51 41.90
CA LEU K 361 16.95 -4.27 42.26
C LEU K 361 17.01 -4.52 43.78
N ARG K 362 16.58 -3.55 44.59
CA ARG K 362 16.58 -3.73 46.05
C ARG K 362 15.62 -4.87 46.40
N ASN K 363 14.42 -4.80 45.83
CA ASN K 363 13.44 -5.84 46.10
C ASN K 363 13.88 -7.22 45.57
N ALA K 364 14.55 -7.24 44.42
CA ALA K 364 15.02 -8.50 43.85
C ALA K 364 16.03 -9.16 44.80
N LEU K 365 17.02 -8.38 45.22
CA LEU K 365 18.05 -8.84 46.15
C LEU K 365 17.49 -9.43 47.42
N VAL K 366 16.66 -8.67 48.13
CA VAL K 366 16.12 -9.18 49.38
C VAL K 366 15.13 -10.33 49.20
N SER K 367 14.19 -10.22 48.27
CA SER K 367 13.23 -11.30 48.09
C SER K 367 13.92 -12.58 47.62
N HIS K 368 15.07 -12.45 46.97
CA HIS K 368 15.80 -13.62 46.52
C HIS K 368 16.44 -14.40 47.67
N LEU K 369 17.06 -13.68 48.59
CA LEU K 369 17.72 -14.29 49.74
C LEU K 369 16.70 -14.68 50.80
N ASP K 370 15.64 -15.34 50.37
CA ASP K 370 14.58 -15.78 51.26
C ASP K 370 14.58 -17.31 51.35
N GLY K 371 15.06 -17.84 52.46
CA GLY K 371 15.13 -19.27 52.63
C GLY K 371 16.58 -19.70 52.80
N THR K 372 16.79 -20.88 53.37
CA THR K 372 18.15 -21.36 53.60
C THR K 372 18.90 -21.71 52.33
N THR K 373 18.21 -22.29 51.34
CA THR K 373 18.88 -22.67 50.11
C THR K 373 19.45 -21.47 49.34
N PRO K 374 18.63 -20.43 49.11
CA PRO K 374 19.16 -19.27 48.36
C PRO K 374 20.32 -18.62 49.11
N VAL K 375 20.19 -18.48 50.44
CA VAL K 375 21.27 -17.88 51.22
C VAL K 375 22.52 -18.75 51.16
N CYS K 376 22.34 -20.06 51.35
CA CYS K 376 23.48 -20.95 51.31
C CYS K 376 24.23 -20.85 49.98
N GLU K 377 23.48 -20.84 48.88
CA GLU K 377 24.11 -20.74 47.58
C GLU K 377 24.81 -19.39 47.39
N ASP K 378 24.21 -18.34 47.93
CA ASP K 378 24.81 -17.02 47.82
C ASP K 378 26.16 -17.02 48.54
N ILE K 379 26.24 -17.77 49.64
CA ILE K 379 27.46 -17.88 50.43
C ILE K 379 28.50 -18.67 49.65
N GLY K 380 28.10 -19.84 49.17
CA GLY K 380 29.01 -20.68 48.41
C GLY K 380 29.56 -19.95 47.20
N ARG K 381 28.67 -19.41 46.38
CA ARG K 381 29.07 -18.70 45.19
C ARG K 381 29.83 -17.40 45.44
N SER K 382 29.41 -16.63 46.44
CA SER K 382 30.11 -15.37 46.71
C SER K 382 31.55 -15.59 47.13
N LEU K 383 31.80 -16.63 47.92
CA LEU K 383 33.16 -16.91 48.37
C LEU K 383 34.04 -17.25 47.17
N LEU K 384 33.47 -17.99 46.22
CA LEU K 384 34.20 -18.41 45.03
C LEU K 384 34.49 -17.24 44.09
N THR K 385 33.50 -16.37 43.92
CA THR K 385 33.63 -15.25 43.01
C THR K 385 34.25 -13.99 43.62
N TYR K 386 33.60 -13.43 44.63
CA TYR K 386 34.14 -12.22 45.25
C TYR K 386 35.22 -12.56 46.26
N GLY K 387 35.12 -13.76 46.83
CA GLY K 387 36.07 -14.17 47.84
C GLY K 387 35.57 -13.76 49.20
N ARG K 388 34.34 -13.25 49.25
CA ARG K 388 33.74 -12.82 50.50
C ARG K 388 32.25 -12.70 50.28
N ARG K 389 31.50 -12.72 51.38
CA ARG K 389 30.06 -12.56 51.30
C ARG K 389 29.87 -11.06 51.30
N ILE K 390 29.14 -10.54 50.32
CA ILE K 390 28.88 -9.11 50.28
C ILE K 390 27.57 -8.90 51.03
N PRO K 391 27.62 -8.16 52.14
CA PRO K 391 26.41 -7.91 52.95
C PRO K 391 25.39 -6.99 52.29
N LEU K 392 24.12 -7.23 52.62
CA LEU K 392 23.03 -6.43 52.09
C LEU K 392 23.27 -4.94 52.33
N ALA K 393 23.91 -4.62 53.45
CA ALA K 393 24.20 -3.23 53.76
C ALA K 393 25.18 -2.69 52.73
N GLU K 394 26.06 -3.55 52.23
CA GLU K 394 27.01 -3.08 51.24
C GLU K 394 26.29 -2.97 49.89
N TRP K 395 25.46 -3.96 49.56
CA TRP K 395 24.69 -3.89 48.31
C TRP K 395 23.88 -2.61 48.29
N GLU K 396 23.23 -2.28 49.41
CA GLU K 396 22.44 -1.06 49.47
C GLU K 396 23.29 0.17 49.19
N SER K 397 24.49 0.23 49.77
CA SER K 397 25.38 1.37 49.53
C SER K 397 25.75 1.47 48.06
N ARG K 398 26.06 0.34 47.45
CA ARG K 398 26.42 0.34 46.04
C ARG K 398 25.24 0.80 45.19
N ILE K 399 24.04 0.33 45.52
CA ILE K 399 22.86 0.71 44.79
C ILE K 399 22.58 2.21 44.98
N ALA K 400 22.63 2.64 46.24
CA ALA K 400 22.38 4.05 46.57
C ALA K 400 23.28 5.01 45.79
N GLU K 401 24.50 4.57 45.47
CA GLU K 401 25.45 5.39 44.72
C GLU K 401 25.04 5.60 43.26
N VAL K 402 24.16 4.75 42.75
CA VAL K 402 23.72 4.84 41.36
C VAL K 402 22.69 5.93 41.10
N ASP K 403 22.95 6.76 40.10
CA ASP K 403 22.00 7.81 39.72
C ASP K 403 21.93 7.88 38.20
N ALA K 404 21.07 8.73 37.66
CA ALA K 404 20.95 8.82 36.22
C ALA K 404 22.29 8.94 35.51
N ARG K 405 23.16 9.80 36.04
CA ARG K 405 24.47 10.02 35.44
C ARG K 405 25.27 8.72 35.38
N VAL K 406 25.27 7.98 36.48
CA VAL K 406 26.02 6.73 36.53
C VAL K 406 25.43 5.73 35.55
N VAL K 407 24.11 5.67 35.44
CA VAL K 407 23.48 4.75 34.52
C VAL K 407 23.83 5.12 33.08
N ARG K 408 23.82 6.41 32.76
CA ARG K 408 24.16 6.82 31.40
C ARG K 408 25.60 6.46 31.06
N GLU K 409 26.52 6.73 31.98
CA GLU K 409 27.92 6.44 31.73
C GLU K 409 28.25 4.96 31.69
N VAL K 410 27.68 4.19 32.60
CA VAL K 410 27.96 2.77 32.62
C VAL K 410 27.29 2.06 31.44
N CYS K 411 26.07 2.46 31.09
CA CYS K 411 25.41 1.82 29.94
C CYS K 411 26.15 2.18 28.65
N SER K 412 26.63 3.43 28.57
CA SER K 412 27.35 3.87 27.40
C SER K 412 28.64 3.07 27.23
N LYS K 413 29.28 2.78 28.35
CA LYS K 413 30.51 2.04 28.35
C LYS K 413 30.36 0.62 27.80
N TYR K 414 29.26 -0.04 28.14
CA TYR K 414 29.06 -1.42 27.68
C TYR K 414 28.16 -1.62 26.44
N PHE K 415 27.26 -0.70 26.18
CA PHE K 415 26.34 -0.83 25.05
C PHE K 415 26.62 0.04 23.85
N TYR K 416 26.82 1.31 24.13
CA TYR K 416 27.02 2.28 23.08
C TYR K 416 28.16 2.01 22.10
N ASP K 417 27.77 1.82 20.85
CA ASP K 417 28.71 1.56 19.76
C ASP K 417 29.63 0.38 20.03
N GLN K 418 29.10 -0.66 20.66
CA GLN K 418 29.84 -1.89 20.94
C GLN K 418 29.25 -2.98 20.04
N CYS K 419 30.07 -3.96 19.66
CA CYS K 419 29.59 -5.05 18.81
C CYS K 419 28.88 -6.09 19.65
N PRO K 420 27.68 -6.51 19.22
CA PRO K 420 27.07 -7.53 20.07
C PRO K 420 27.24 -8.94 19.51
N ALA K 421 26.86 -9.92 20.32
CA ALA K 421 26.90 -11.31 19.90
C ALA K 421 25.41 -11.56 19.75
N VAL K 422 25.03 -12.20 18.65
CA VAL K 422 23.63 -12.47 18.37
C VAL K 422 23.36 -13.92 18.06
N ALA K 423 22.36 -14.49 18.72
CA ALA K 423 21.96 -15.86 18.45
C ALA K 423 20.47 -15.91 18.17
N GLY K 424 20.12 -16.59 17.09
CA GLY K 424 18.72 -16.72 16.72
C GLY K 424 18.38 -18.16 16.37
N PHE K 425 17.19 -18.59 16.72
CA PHE K 425 16.73 -19.96 16.45
C PHE K 425 15.23 -20.00 16.10
N GLY K 426 14.87 -20.66 14.99
CA GLY K 426 13.47 -20.74 14.63
C GLY K 426 13.11 -20.02 13.35
N PRO K 427 11.87 -19.54 13.20
CA PRO K 427 11.49 -18.82 11.97
C PRO K 427 12.06 -17.43 12.03
N ILE K 428 13.37 -17.32 11.80
CA ILE K 428 14.08 -16.05 11.90
C ILE K 428 14.42 -15.30 10.62
N GLU K 429 13.66 -15.50 9.55
CA GLU K 429 13.94 -14.80 8.31
C GLU K 429 13.95 -13.27 8.53
N GLN K 430 13.16 -12.81 9.49
CA GLN K 430 13.08 -11.38 9.76
C GLN K 430 14.09 -10.87 10.78
N LEU K 431 14.98 -11.73 11.27
CA LEU K 431 15.99 -11.27 12.22
C LEU K 431 16.86 -10.28 11.44
N PRO K 432 17.01 -9.06 11.95
CA PRO K 432 17.83 -8.10 11.19
C PRO K 432 19.27 -8.54 10.93
N ASP K 433 19.77 -8.11 9.78
CA ASP K 433 21.13 -8.38 9.36
C ASP K 433 22.06 -7.82 10.45
N TYR K 434 23.21 -8.45 10.65
CA TYR K 434 24.13 -7.99 11.68
C TYR K 434 24.52 -6.50 11.54
N ASN K 435 24.77 -6.05 10.32
CA ASN K 435 25.14 -4.65 10.16
C ASN K 435 24.04 -3.74 10.70
N ARG K 436 22.79 -4.09 10.46
CA ARG K 436 21.69 -3.27 10.96
C ARG K 436 21.65 -3.32 12.47
N ILE K 437 21.85 -4.51 13.04
CA ILE K 437 21.86 -4.63 14.48
C ILE K 437 22.98 -3.77 15.07
N ARG K 438 24.17 -3.85 14.47
CA ARG K 438 25.34 -3.10 14.92
C ARG K 438 25.10 -1.60 14.85
N SER K 439 24.49 -1.15 13.76
CA SER K 439 24.20 0.26 13.61
C SER K 439 23.20 0.67 14.68
N GLY K 440 22.36 -0.26 15.10
CA GLY K 440 21.37 0.05 16.13
C GLY K 440 22.01 0.25 17.50
N MET K 441 23.32 0.01 17.61
CA MET K 441 24.00 0.18 18.89
C MET K 441 24.49 1.62 19.08
N PHE K 442 24.22 2.49 18.12
CA PHE K 442 24.66 3.88 18.27
C PHE K 442 23.72 4.92 17.69
N TRP K 443 22.50 4.53 17.36
N GLU L 12 25.82 -15.23 61.94
CA GLU L 12 25.94 -14.75 63.35
C GLU L 12 24.62 -15.02 64.08
N VAL L 17 24.53 -14.57 65.33
CA VAL L 17 23.31 -14.77 66.11
C VAL L 17 22.12 -14.15 65.38
N PRO L 18 21.11 -14.97 65.06
CA PRO L 18 19.90 -14.53 64.36
C PRO L 18 19.33 -13.22 64.90
N PRO L 19 18.64 -12.44 64.03
CA PRO L 19 18.04 -11.16 64.41
C PRO L 19 17.16 -11.28 65.65
CA HIS L 20 14.01 -11.81 67.83
C HIS L 20 14.75 -13.06 68.31
N PRO L 21 14.36 -14.25 67.82
CA PRO L 21 13.27 -14.40 66.85
C PRO L 21 11.92 -14.16 67.52
N GLN L 22 11.16 -13.20 67.01
CA GLN L 22 9.86 -12.86 67.57
C GLN L 22 8.78 -13.88 67.28
N ASP L 23 7.68 -13.76 67.99
CA ASP L 23 6.55 -14.65 67.81
C ASP L 23 5.48 -14.05 66.92
N LEU L 24 4.65 -14.94 66.39
CA LEU L 24 3.54 -14.56 65.53
C LEU L 24 2.45 -13.90 66.36
N GLU L 25 2.08 -12.68 65.99
CA GLU L 25 1.03 -11.97 66.70
C GLU L 25 -0.30 -12.23 65.99
N PHE L 26 -1.31 -12.59 66.77
CA PHE L 26 -2.62 -12.90 66.24
C PHE L 26 -3.62 -11.88 66.81
N THR L 27 -4.70 -11.65 66.07
CA THR L 27 -5.76 -10.74 66.49
C THR L 27 -7.00 -11.03 65.68
N ARG L 28 -8.11 -11.25 66.35
CA ARG L 28 -9.36 -11.49 65.67
C ARG L 28 -10.24 -10.28 65.95
N LEU L 29 -10.51 -9.47 64.93
CA LEU L 29 -11.35 -8.31 65.14
C LEU L 29 -12.78 -8.77 65.39
N PRO L 30 -13.62 -7.86 65.92
CA PRO L 30 -15.02 -8.14 66.23
C PRO L 30 -15.83 -8.60 65.00
N ASN L 31 -15.50 -8.06 63.83
CA ASN L 31 -16.22 -8.42 62.61
C ASN L 31 -15.87 -9.80 62.08
N GLY L 32 -14.86 -10.43 62.65
CA GLY L 32 -14.49 -11.76 62.21
C GLY L 32 -13.15 -11.80 61.47
N LEU L 33 -12.69 -10.66 61.00
CA LEU L 33 -11.43 -10.63 60.28
C LEU L 33 -10.24 -10.95 61.19
N VAL L 34 -9.35 -11.82 60.69
CA VAL L 34 -8.17 -12.21 61.45
C VAL L 34 -6.95 -11.47 60.94
N ILE L 35 -6.11 -11.00 61.86
CA ILE L 35 -4.87 -10.34 61.46
C ILE L 35 -3.78 -11.16 62.13
N ALA L 36 -2.67 -11.36 61.45
CA ALA L 36 -1.56 -12.13 62.00
C ALA L 36 -0.29 -11.59 61.38
N SER L 37 0.69 -11.30 62.20
CA SER L 37 1.93 -10.76 61.68
C SER L 37 3.13 -11.27 62.45
N LEU L 38 4.24 -11.39 61.75
CA LEU L 38 5.46 -11.85 62.36
C LEU L 38 6.52 -10.86 61.95
N GLU L 39 7.17 -10.25 62.93
CA GLU L 39 8.24 -9.32 62.62
C GLU L 39 9.53 -10.12 62.55
N ASN L 40 10.10 -10.22 61.36
CA ASN L 40 11.35 -10.96 61.21
C ASN L 40 12.47 -9.95 61.02
N TYR L 41 12.12 -8.67 61.10
CA TYR L 41 13.08 -7.60 60.94
C TYR L 41 13.73 -7.66 59.56
N ALA L 42 13.04 -8.27 58.61
CA ALA L 42 13.53 -8.40 57.25
C ALA L 42 13.40 -7.04 56.56
N PRO L 43 14.28 -6.75 55.59
CA PRO L 43 14.27 -5.49 54.84
C PRO L 43 13.02 -5.33 53.96
N ALA L 44 12.36 -6.45 53.63
CA ALA L 44 11.16 -6.38 52.82
C ALA L 44 9.97 -6.99 53.54
N SER L 45 8.79 -6.49 53.25
CA SER L 45 7.57 -7.00 53.87
C SER L 45 6.77 -7.77 52.84
N ARG L 46 5.85 -8.58 53.35
CA ARG L 46 5.00 -9.40 52.53
C ARG L 46 3.65 -9.39 53.22
N ILE L 47 2.62 -8.92 52.52
CA ILE L 47 1.28 -8.89 53.10
C ILE L 47 0.33 -9.64 52.18
N GLY L 48 -0.50 -10.49 52.76
CA GLY L 48 -1.44 -11.23 51.97
C GLY L 48 -2.83 -11.15 52.58
N LEU L 49 -3.84 -10.95 51.75
CA LEU L 49 -5.21 -10.94 52.23
C LEU L 49 -5.78 -12.23 51.69
N PHE L 50 -6.07 -13.16 52.59
CA PHE L 50 -6.62 -14.48 52.25
C PHE L 50 -8.14 -14.44 52.36
N ILE L 51 -8.81 -15.02 51.37
CA ILE L 51 -10.26 -15.02 51.31
C ILE L 51 -10.84 -16.35 50.87
N LYS L 52 -11.96 -16.73 51.49
CA LYS L 52 -12.64 -17.95 51.11
C LYS L 52 -13.44 -17.58 49.88
N ALA L 53 -12.77 -17.50 48.75
CA ALA L 53 -13.43 -17.14 47.51
C ALA L 53 -12.94 -17.99 46.35
N GLY L 54 -12.35 -19.13 46.67
CA GLY L 54 -11.85 -20.03 45.65
C GLY L 54 -12.97 -20.46 44.73
N SER L 55 -12.62 -21.16 43.65
CA SER L 55 -13.61 -21.58 42.65
C SER L 55 -14.73 -22.49 43.15
N ARG L 56 -14.59 -23.07 44.33
CA ARG L 56 -15.66 -23.94 44.82
C ARG L 56 -16.93 -23.14 45.09
N TYR L 57 -16.79 -21.82 45.22
CA TYR L 57 -17.94 -20.95 45.50
C TYR L 57 -18.70 -20.49 44.24
N GLU L 58 -18.24 -20.90 43.07
CA GLU L 58 -18.92 -20.57 41.82
C GLU L 58 -20.04 -21.60 41.70
N ASN L 59 -21.10 -21.30 40.95
CA ASN L 59 -22.19 -22.24 40.73
C ASN L 59 -22.25 -22.42 39.20
N SER L 60 -23.10 -23.28 38.68
CA SER L 60 -23.12 -23.50 37.25
C SER L 60 -23.52 -22.28 36.42
N ASN L 61 -23.94 -21.21 37.07
CA ASN L 61 -24.32 -20.01 36.32
C ASN L 61 -23.18 -19.00 36.20
N ASN L 62 -22.20 -19.05 37.09
CA ASN L 62 -21.12 -18.07 36.98
C ASN L 62 -19.75 -18.73 36.98
N LEU L 63 -19.64 -19.91 36.39
CA LEU L 63 -18.35 -20.60 36.34
C LEU L 63 -17.31 -19.72 35.66
N GLY L 64 -16.10 -19.72 36.21
CA GLY L 64 -15.03 -18.95 35.63
C GLY L 64 -14.92 -17.54 36.16
N THR L 65 -15.90 -17.11 36.96
CA THR L 65 -15.89 -15.77 37.51
C THR L 65 -14.70 -15.52 38.43
N SER L 66 -14.36 -16.50 39.27
CA SER L 66 -13.22 -16.30 40.15
C SER L 66 -11.91 -16.34 39.37
N HIS L 67 -11.92 -16.92 38.17
CA HIS L 67 -10.68 -16.95 37.37
C HIS L 67 -10.48 -15.53 36.82
N LEU L 68 -11.53 -14.96 36.21
CA LEU L 68 -11.40 -13.61 35.70
C LEU L 68 -11.03 -12.67 36.85
N LEU L 69 -11.66 -12.89 38.00
CA LEU L 69 -11.39 -12.06 39.18
C LEU L 69 -9.90 -12.08 39.50
N ARG L 70 -9.31 -13.27 39.46
CA ARG L 70 -7.89 -13.47 39.72
C ARG L 70 -7.04 -12.66 38.72
N LEU L 71 -7.54 -12.52 37.50
CA LEU L 71 -6.85 -11.77 36.44
C LEU L 71 -7.16 -10.26 36.47
N ALA L 72 -8.19 -9.88 37.21
CA ALA L 72 -8.60 -8.49 37.26
C ALA L 72 -7.97 -7.62 38.35
N SER L 73 -6.92 -8.09 39.01
CA SER L 73 -6.36 -7.30 40.12
C SER L 73 -5.82 -5.91 39.76
N SER L 74 -5.50 -5.65 38.49
CA SER L 74 -4.98 -4.34 38.14
C SER L 74 -6.01 -3.44 37.46
N LEU L 75 -7.28 -3.83 37.46
CA LEU L 75 -8.31 -2.98 36.87
C LEU L 75 -8.56 -1.77 37.78
N THR L 76 -9.21 -0.75 37.22
CA THR L 76 -9.52 0.44 37.98
C THR L 76 -10.33 0.18 39.24
N THR L 77 -9.98 0.88 40.31
CA THR L 77 -10.67 0.78 41.59
C THR L 77 -11.17 2.20 41.92
N LYS L 78 -12.01 2.33 42.95
CA LYS L 78 -12.53 3.65 43.32
C LYS L 78 -11.42 4.57 43.79
N GLY L 79 -10.35 4.00 44.35
CA GLY L 79 -9.26 4.81 44.85
C GLY L 79 -8.00 4.88 43.99
N ALA L 80 -7.94 4.08 42.94
CA ALA L 80 -6.78 4.08 42.05
C ALA L 80 -7.14 3.53 40.67
N SER L 81 -6.71 4.26 39.65
CA SER L 81 -6.98 3.86 38.29
C SER L 81 -6.08 2.66 38.01
N SER L 82 -6.44 1.89 37.01
CA SER L 82 -5.65 0.74 36.59
C SER L 82 -4.19 1.17 36.35
N PHE L 83 -4.03 2.30 35.69
CA PHE L 83 -2.71 2.86 35.36
C PHE L 83 -1.89 3.20 36.62
N LYS L 84 -2.55 3.77 37.63
CA LYS L 84 -1.84 4.13 38.85
C LYS L 84 -1.44 2.90 39.67
N ILE L 85 -2.26 1.86 39.66
CA ILE L 85 -1.94 0.64 40.39
C ILE L 85 -0.64 0.03 39.84
N THR L 86 -0.57 -0.13 38.53
CA THR L 86 0.62 -0.71 37.89
C THR L 86 1.86 0.17 38.06
N ARG L 87 1.74 1.47 37.72
CA ARG L 87 2.88 2.38 37.82
C ARG L 87 3.32 2.64 39.26
N GLY L 88 2.35 2.74 40.17
CA GLY L 88 2.63 3.01 41.57
C GLY L 88 3.32 1.86 42.26
N ILE L 89 2.90 0.63 41.96
CA ILE L 89 3.53 -0.54 42.56
C ILE L 89 4.92 -0.76 41.94
N GLU L 90 5.06 -0.52 40.65
CA GLU L 90 6.36 -0.69 40.00
C GLU L 90 7.35 0.39 40.44
N ALA L 91 6.83 1.59 40.71
CA ALA L 91 7.70 2.68 41.13
C ALA L 91 8.48 2.35 42.41
N VAL L 92 7.88 1.56 43.30
CA VAL L 92 8.57 1.17 44.53
C VAL L 92 9.17 -0.21 44.37
N GLY L 93 9.21 -0.71 43.14
CA GLY L 93 9.76 -2.03 42.87
C GLY L 93 8.99 -3.15 43.52
N GLY L 94 7.71 -2.90 43.84
CA GLY L 94 6.89 -3.92 44.48
C GLY L 94 6.26 -4.98 43.59
N LYS L 95 5.38 -5.77 44.21
CA LYS L 95 4.74 -6.86 43.53
C LYS L 95 3.33 -7.11 44.07
N LEU L 96 2.41 -7.43 43.16
CA LEU L 96 1.04 -7.74 43.54
C LEU L 96 0.69 -9.00 42.77
N SER L 97 0.24 -10.04 43.46
CA SER L 97 -0.13 -11.28 42.80
C SER L 97 -1.39 -11.84 43.43
N VAL L 98 -2.07 -12.69 42.67
CA VAL L 98 -3.28 -13.29 43.17
C VAL L 98 -3.17 -14.78 42.97
N THR L 99 -3.37 -15.52 44.05
CA THR L 99 -3.28 -16.96 44.00
C THR L 99 -4.61 -17.56 44.40
N SER L 100 -5.01 -18.59 43.68
CA SER L 100 -6.26 -19.25 43.98
C SER L 100 -6.07 -20.75 44.04
N THR L 101 -6.93 -21.38 44.82
CA THR L 101 -6.99 -22.81 44.96
C THR L 101 -8.48 -22.98 44.87
N ARG L 102 -8.97 -24.21 44.99
CA ARG L 102 -10.40 -24.41 44.90
C ARG L 102 -11.17 -23.82 46.08
N GLU L 103 -10.48 -23.48 47.15
CA GLU L 103 -11.18 -22.93 48.32
C GLU L 103 -10.82 -21.49 48.63
N ASN L 104 -9.58 -21.11 48.40
CA ASN L 104 -9.18 -19.75 48.75
C ASN L 104 -8.56 -18.92 47.65
N MET L 105 -8.51 -17.62 47.90
CA MET L 105 -7.88 -16.70 46.98
C MET L 105 -7.01 -15.90 47.91
N ALA L 106 -5.81 -15.61 47.47
CA ALA L 106 -4.88 -14.85 48.26
C ALA L 106 -4.29 -13.74 47.42
N TYR L 107 -4.47 -12.51 47.88
CA TYR L 107 -3.94 -11.35 47.20
C TYR L 107 -2.70 -10.96 48.00
N THR L 108 -1.53 -11.05 47.39
CA THR L 108 -0.32 -10.73 48.13
C THR L 108 0.52 -9.64 47.48
N VAL L 109 1.08 -8.78 48.33
CA VAL L 109 1.95 -7.69 47.90
C VAL L 109 3.29 -7.86 48.61
N GLU L 110 4.35 -7.45 47.93
CA GLU L 110 5.71 -7.50 48.44
C GLU L 110 6.33 -6.16 48.14
N CYS L 111 7.16 -5.69 49.08
CA CYS L 111 7.85 -4.42 48.92
C CYS L 111 8.84 -4.23 50.06
N LEU L 112 9.69 -3.22 49.95
CA LEU L 112 10.63 -2.91 51.00
C LEU L 112 9.73 -2.43 52.14
N ARG L 113 10.14 -2.67 53.38
CA ARG L 113 9.29 -2.29 54.51
C ARG L 113 8.86 -0.82 54.62
N ASP L 114 9.65 0.10 54.10
CA ASP L 114 9.26 1.52 54.16
C ASP L 114 8.09 1.84 53.23
N ASP L 115 7.82 0.96 52.26
CA ASP L 115 6.76 1.19 51.29
C ASP L 115 5.45 0.44 51.51
N VAL L 116 5.33 -0.23 52.66
CA VAL L 116 4.12 -0.99 52.93
C VAL L 116 2.84 -0.14 52.93
N ASP L 117 2.92 1.12 53.32
CA ASP L 117 1.69 1.92 53.32
C ASP L 117 1.14 2.02 51.89
N ILE L 118 2.03 2.19 50.92
CA ILE L 118 1.65 2.30 49.51
C ILE L 118 1.04 1.00 49.00
N LEU L 119 1.75 -0.11 49.19
CA LEU L 119 1.23 -1.40 48.72
C LEU L 119 -0.09 -1.73 49.40
N MET L 120 -0.19 -1.40 50.68
CA MET L 120 -1.40 -1.68 51.45
C MET L 120 -2.62 -0.94 50.91
N GLU L 121 -2.43 0.29 50.46
CA GLU L 121 -3.56 1.05 49.93
C GLU L 121 -4.01 0.45 48.59
N PHE L 122 -3.06 -0.01 47.79
CA PHE L 122 -3.40 -0.62 46.52
C PHE L 122 -4.13 -1.94 46.81
N LEU L 123 -3.59 -2.72 47.73
CA LEU L 123 -4.22 -3.99 48.09
C LEU L 123 -5.65 -3.79 48.57
N LEU L 124 -5.88 -2.77 49.40
CA LEU L 124 -7.22 -2.48 49.91
C LEU L 124 -8.18 -2.03 48.80
N ASN L 125 -7.69 -1.21 47.87
CA ASN L 125 -8.50 -0.74 46.75
C ASN L 125 -8.93 -1.93 45.89
N VAL L 126 -7.96 -2.75 45.50
CA VAL L 126 -8.24 -3.91 44.68
C VAL L 126 -9.24 -4.89 45.30
N THR L 127 -9.09 -5.17 46.58
CA THR L 127 -9.96 -6.14 47.23
C THR L 127 -11.26 -5.59 47.80
N THR L 128 -11.29 -4.30 48.15
CA THR L 128 -12.52 -3.77 48.73
C THR L 128 -13.24 -2.75 47.89
N ALA L 129 -12.57 -2.18 46.89
CA ALA L 129 -13.19 -1.16 46.06
C ALA L 129 -13.07 -1.34 44.55
N PRO L 130 -13.21 -2.57 44.03
CA PRO L 130 -13.09 -2.68 42.57
C PRO L 130 -14.27 -2.02 41.88
N GLU L 131 -14.06 -1.47 40.69
CA GLU L 131 -15.19 -0.85 39.99
C GLU L 131 -15.69 -1.79 38.90
N PHE L 132 -14.81 -2.67 38.41
CA PHE L 132 -15.19 -3.58 37.32
C PHE L 132 -15.89 -2.83 36.20
N ARG L 133 -15.24 -1.81 35.65
CA ARG L 133 -15.83 -1.06 34.58
C ARG L 133 -16.09 -1.98 33.38
N ARG L 134 -17.22 -1.78 32.76
CA ARG L 134 -17.69 -2.55 31.62
C ARG L 134 -16.64 -2.74 30.51
N TRP L 135 -16.01 -1.65 30.07
CA TRP L 135 -15.03 -1.73 29.00
C TRP L 135 -13.71 -2.40 29.42
N GLU L 136 -13.30 -2.22 30.68
CA GLU L 136 -12.08 -2.84 31.18
C GLU L 136 -12.31 -4.34 31.31
N VAL L 137 -13.46 -4.72 31.83
CA VAL L 137 -13.80 -6.12 32.01
C VAL L 137 -13.90 -6.81 30.65
N ALA L 138 -14.46 -6.12 29.65
CA ALA L 138 -14.60 -6.70 28.32
C ALA L 138 -13.23 -6.91 27.69
N ALA L 139 -12.35 -5.92 27.82
CA ALA L 139 -11.01 -5.99 27.23
C ALA L 139 -10.10 -7.01 27.90
N LEU L 140 -10.49 -7.44 29.10
CA LEU L 140 -9.71 -8.40 29.87
C LEU L 140 -10.07 -9.86 29.53
N GLN L 141 -11.28 -10.10 29.04
CA GLN L 141 -11.69 -11.47 28.75
C GLN L 141 -10.70 -12.28 27.90
N PRO L 142 -10.06 -11.67 26.91
CA PRO L 142 -9.12 -12.46 26.10
C PRO L 142 -7.99 -13.06 26.95
N GLN L 143 -7.67 -12.38 28.03
CA GLN L 143 -6.62 -12.82 28.92
C GLN L 143 -6.97 -14.18 29.53
N LEU L 144 -8.26 -14.46 29.71
CA LEU L 144 -8.67 -15.76 30.22
C LEU L 144 -8.17 -16.89 29.31
N ARG L 145 -8.22 -16.65 28.01
CA ARG L 145 -7.82 -17.67 27.05
C ARG L 145 -6.32 -17.87 27.08
N ILE L 146 -5.58 -16.77 27.13
CA ILE L 146 -4.12 -16.86 27.18
C ILE L 146 -3.64 -17.54 28.46
N ASP L 147 -4.19 -17.12 29.59
CA ASP L 147 -3.84 -17.66 30.91
C ASP L 147 -4.15 -19.17 30.99
N LYS L 148 -5.30 -19.57 30.43
CA LYS L 148 -5.67 -20.98 30.46
C LYS L 148 -4.79 -21.83 29.53
N ALA L 149 -4.54 -21.35 28.32
CA ALA L 149 -3.70 -22.09 27.38
C ALA L 149 -2.32 -22.34 28.01
N VAL L 150 -1.76 -21.32 28.65
CA VAL L 150 -0.46 -21.47 29.29
C VAL L 150 -0.52 -22.54 30.38
N ALA L 151 -1.52 -22.44 31.25
CA ALA L 151 -1.67 -23.41 32.34
C ALA L 151 -1.86 -24.80 31.78
N LEU L 152 -2.76 -24.92 30.79
CA LEU L 152 -3.02 -26.22 30.22
C LEU L 152 -1.90 -26.83 29.38
N GLN L 153 -0.75 -26.18 29.26
CA GLN L 153 0.34 -26.79 28.52
C GLN L 153 0.93 -27.87 29.43
N ASN L 154 0.49 -27.87 30.69
CA ASN L 154 0.93 -28.86 31.66
C ASN L 154 -0.11 -29.95 31.71
N PRO L 155 0.28 -31.18 31.35
CA PRO L 155 -0.73 -32.26 31.37
C PRO L 155 -1.30 -32.48 32.78
N GLN L 156 -0.50 -32.19 33.81
CA GLN L 156 -0.97 -32.34 35.18
C GLN L 156 -2.16 -31.44 35.45
N ALA L 157 -2.15 -30.24 34.87
CA ALA L 157 -3.25 -29.31 35.05
C ALA L 157 -4.54 -29.92 34.48
N HIS L 158 -4.45 -30.49 33.28
CA HIS L 158 -5.62 -31.13 32.66
C HIS L 158 -6.14 -32.24 33.58
N VAL L 159 -5.24 -33.15 33.93
CA VAL L 159 -5.59 -34.29 34.75
C VAL L 159 -6.18 -33.91 36.10
N ILE L 160 -5.50 -33.04 36.84
CA ILE L 160 -6.02 -32.67 38.14
C ILE L 160 -7.36 -31.94 38.06
N GLU L 161 -7.57 -31.12 37.02
CA GLU L 161 -8.86 -30.42 36.91
C GLU L 161 -9.91 -31.47 36.59
N ASN L 162 -9.58 -32.40 35.70
CA ASN L 162 -10.54 -33.44 35.35
C ASN L 162 -10.81 -34.37 36.53
N LEU L 163 -9.77 -34.60 37.33
CA LEU L 163 -9.88 -35.47 38.49
C LEU L 163 -10.96 -34.92 39.42
N HIS L 164 -10.88 -33.63 39.74
CA HIS L 164 -11.88 -33.04 40.63
C HIS L 164 -13.28 -33.05 40.02
N ALA L 165 -13.38 -32.78 38.72
CA ALA L 165 -14.68 -32.75 38.06
C ALA L 165 -15.30 -34.14 38.10
N ALA L 166 -14.45 -35.17 38.06
CA ALA L 166 -14.92 -36.55 38.10
C ALA L 166 -15.32 -36.99 39.52
N ALA L 167 -14.56 -36.50 40.50
CA ALA L 167 -14.77 -36.85 41.90
C ALA L 167 -15.99 -36.21 42.56
N TYR L 168 -16.26 -34.94 42.24
CA TYR L 168 -17.36 -34.24 42.88
C TYR L 168 -18.54 -33.86 41.99
N ARG L 169 -19.71 -33.77 42.61
CA ARG L 169 -20.95 -33.42 41.92
C ARG L 169 -21.04 -31.91 41.76
N ASN L 170 -20.38 -31.20 42.67
CA ASN L 170 -20.45 -29.75 42.73
C ASN L 170 -19.22 -29.18 43.42
N ALA L 171 -19.34 -27.92 43.83
CA ALA L 171 -18.32 -27.21 44.61
C ALA L 171 -16.86 -27.47 44.21
N LEU L 172 -16.25 -28.48 44.84
CA LEU L 172 -14.85 -28.80 44.58
C LEU L 172 -14.64 -29.32 43.16
N ALA L 173 -15.73 -29.60 42.46
CA ALA L 173 -15.62 -30.07 41.08
C ALA L 173 -15.25 -28.94 40.13
N ASN L 174 -15.48 -27.69 40.55
CA ASN L 174 -15.19 -26.54 39.68
C ASN L 174 -13.73 -26.37 39.37
N SER L 175 -13.46 -25.94 38.14
CA SER L 175 -12.10 -25.73 37.70
C SER L 175 -11.54 -24.39 38.15
N LEU L 176 -10.22 -24.32 38.26
CA LEU L 176 -9.56 -23.07 38.64
C LEU L 176 -9.55 -22.19 37.42
N TYR L 177 -9.81 -22.79 36.26
CA TYR L 177 -9.79 -22.05 35.01
C TYR L 177 -11.16 -21.96 34.39
N CYS L 178 -11.45 -20.78 33.85
CA CYS L 178 -12.72 -20.48 33.23
C CYS L 178 -13.07 -21.43 32.08
N PRO L 179 -14.28 -21.99 32.09
CA PRO L 179 -14.65 -22.89 30.99
C PRO L 179 -14.56 -22.07 29.71
N ASP L 180 -14.28 -22.73 28.59
CA ASP L 180 -14.17 -22.00 27.33
C ASP L 180 -15.44 -21.27 26.93
N TYR L 181 -16.59 -21.89 27.14
CA TYR L 181 -17.84 -21.24 26.74
C TYR L 181 -18.09 -19.95 27.51
N ARG L 182 -17.49 -19.79 28.69
CA ARG L 182 -17.69 -18.60 29.48
C ARG L 182 -16.78 -17.42 29.12
N ILE L 183 -15.69 -17.71 28.43
CA ILE L 183 -14.74 -16.66 28.02
C ILE L 183 -15.42 -15.60 27.14
N GLY L 184 -15.41 -14.37 27.61
CA GLY L 184 -16.06 -13.30 26.89
C GLY L 184 -17.47 -13.08 27.41
N LYS L 185 -17.91 -13.94 28.32
CA LYS L 185 -19.26 -13.84 28.87
C LYS L 185 -19.32 -13.49 30.36
N VAL L 186 -18.19 -13.44 31.03
CA VAL L 186 -18.21 -13.11 32.45
C VAL L 186 -18.57 -11.64 32.55
N THR L 187 -19.65 -11.33 33.24
CA THR L 187 -20.07 -9.93 33.34
C THR L 187 -19.61 -9.17 34.57
N PRO L 188 -19.61 -7.83 34.49
CA PRO L 188 -19.22 -6.95 35.59
C PRO L 188 -20.14 -7.24 36.78
N VAL L 189 -21.44 -7.40 36.52
CA VAL L 189 -22.38 -7.71 37.61
C VAL L 189 -22.02 -9.03 38.27
N GLU L 190 -21.54 -9.99 37.48
CA GLU L 190 -21.13 -11.28 38.04
C GLU L 190 -19.95 -11.10 38.99
N LEU L 191 -19.01 -10.25 38.59
CA LEU L 191 -17.83 -10.01 39.39
C LEU L 191 -18.20 -9.27 40.67
N HIS L 192 -19.01 -8.24 40.54
CA HIS L 192 -19.44 -7.47 41.71
C HIS L 192 -20.15 -8.46 42.63
N ASP L 193 -21.01 -9.29 42.05
CA ASP L 193 -21.76 -10.29 42.82
C ASP L 193 -20.82 -11.20 43.58
N TYR L 194 -19.81 -11.70 42.89
CA TYR L 194 -18.87 -12.61 43.50
C TYR L 194 -18.12 -11.97 44.66
N VAL L 195 -17.59 -10.77 44.43
CA VAL L 195 -16.86 -10.07 45.47
C VAL L 195 -17.74 -9.74 46.69
N GLN L 196 -18.95 -9.24 46.45
CA GLN L 196 -19.85 -8.90 47.55
C GLN L 196 -20.28 -10.11 48.38
N ASN L 197 -20.46 -11.26 47.73
CA ASN L 197 -20.86 -12.46 48.45
C ASN L 197 -19.73 -13.17 49.19
N HIS L 198 -18.49 -13.03 48.71
CA HIS L 198 -17.39 -13.75 49.37
C HIS L 198 -16.28 -12.93 50.01
N PHE L 199 -16.05 -11.71 49.56
CA PHE L 199 -15.02 -10.89 50.17
C PHE L 199 -15.64 -10.19 51.38
N THR L 200 -15.95 -10.97 52.41
CA THR L 200 -16.56 -10.45 53.62
C THR L 200 -15.63 -10.70 54.81
N SER L 201 -15.69 -9.83 55.79
CA SER L 201 -14.84 -9.89 56.99
C SER L 201 -14.64 -11.25 57.68
N ALA L 202 -15.71 -12.02 57.85
CA ALA L 202 -15.59 -13.33 58.48
C ALA L 202 -15.06 -14.42 57.55
N ARG L 203 -14.68 -14.05 56.32
CA ARG L 203 -14.15 -15.02 55.35
C ARG L 203 -12.78 -14.56 54.93
N MET L 204 -12.19 -13.68 55.74
CA MET L 204 -10.90 -13.11 55.43
C MET L 204 -9.87 -13.07 56.55
N ALA L 205 -8.60 -13.01 56.15
CA ALA L 205 -7.50 -12.95 57.08
C ALA L 205 -6.39 -12.10 56.47
N LEU L 206 -5.92 -11.10 57.21
CA LEU L 206 -4.86 -10.25 56.73
C LEU L 206 -3.61 -10.77 57.43
N ILE L 207 -2.65 -11.26 56.66
CA ILE L 207 -1.42 -11.83 57.20
C ILE L 207 -0.24 -11.00 56.77
N GLY L 208 0.63 -10.67 57.72
CA GLY L 208 1.79 -9.87 57.39
C GLY L 208 3.10 -10.47 57.86
N LEU L 209 4.15 -10.21 57.10
CA LEU L 209 5.47 -10.69 57.44
C LEU L 209 6.40 -9.49 57.27
N GLY L 210 7.18 -9.20 58.31
CA GLY L 210 8.10 -8.08 58.24
C GLY L 210 7.42 -6.73 58.30
N VAL L 211 6.42 -6.64 59.15
CA VAL L 211 5.65 -5.43 59.35
C VAL L 211 5.17 -5.56 60.79
N SER L 212 5.02 -4.46 61.51
CA SER L 212 4.57 -4.58 62.89
C SER L 212 3.09 -4.89 62.99
N HIS L 213 2.73 -5.70 63.97
CA HIS L 213 1.34 -6.08 64.17
C HIS L 213 0.46 -4.88 64.46
N PRO L 214 0.99 -3.90 65.22
CA PRO L 214 0.18 -2.72 65.52
C PRO L 214 -0.33 -2.02 64.27
N VAL L 215 0.55 -1.75 63.31
CA VAL L 215 0.11 -1.06 62.09
C VAL L 215 -0.80 -1.93 61.26
N LEU L 216 -0.44 -3.21 61.12
CA LEU L 216 -1.27 -4.09 60.34
C LEU L 216 -2.67 -4.10 60.95
N LYS L 217 -2.74 -4.07 62.28
CA LYS L 217 -4.02 -4.07 62.99
C LYS L 217 -4.78 -2.77 62.76
N GLN L 218 -4.07 -1.64 62.80
CA GLN L 218 -4.70 -0.34 62.58
C GLN L 218 -5.23 -0.26 61.16
N VAL L 219 -4.50 -0.85 60.22
CA VAL L 219 -4.92 -0.84 58.82
C VAL L 219 -6.22 -1.62 58.67
N ALA L 220 -6.25 -2.81 59.26
CA ALA L 220 -7.42 -3.67 59.19
C ALA L 220 -8.65 -3.07 59.88
N GLU L 221 -8.44 -2.43 61.03
CA GLU L 221 -9.55 -1.83 61.77
C GLU L 221 -10.14 -0.65 61.00
N GLN L 222 -9.26 0.16 60.44
CA GLN L 222 -9.65 1.36 59.72
C GLN L 222 -10.14 1.20 58.27
N PHE L 223 -9.60 0.21 57.54
CA PHE L 223 -10.01 0.02 56.15
C PHE L 223 -10.60 -1.34 55.78
N LEU L 224 -10.62 -2.29 56.71
CA LEU L 224 -11.13 -3.60 56.35
C LEU L 224 -12.39 -4.19 57.00
N ASN L 225 -13.49 -3.45 57.03
CA ASN L 225 -14.74 -4.00 57.58
C ASN L 225 -15.76 -4.17 56.47
N ILE L 226 -16.56 -5.23 56.56
CA ILE L 226 -17.58 -5.50 55.55
C ILE L 226 -18.51 -6.61 56.02
N ARG L 227 -19.56 -6.20 56.72
CA ARG L 227 -20.55 -7.10 57.30
C ARG L 227 -21.10 -8.18 56.38
N GLY L 228 -21.84 -9.10 56.98
CA GLY L 228 -22.35 -10.23 56.25
C GLY L 228 -21.13 -11.10 56.37
N GLY L 229 -20.35 -10.80 57.41
CA GLY L 229 -19.11 -11.48 57.73
C GLY L 229 -18.87 -12.88 57.21
N LEU L 230 -19.73 -13.81 57.59
CA LEU L 230 -19.59 -15.20 57.14
C LEU L 230 -19.76 -15.26 55.64
N GLY L 231 -20.51 -14.32 55.12
CA GLY L 231 -20.77 -14.25 53.71
C GLY L 231 -21.66 -15.37 53.22
N LEU L 232 -21.64 -15.56 51.91
CA LEU L 232 -22.43 -16.57 51.26
C LEU L 232 -21.51 -17.71 50.83
N SER L 233 -21.09 -18.57 51.77
CA SER L 233 -20.21 -19.68 51.40
C SER L 233 -20.92 -20.61 50.43
N GLY L 234 -20.72 -21.91 50.57
CA GLY L 234 -21.38 -22.79 49.63
C GLY L 234 -21.85 -24.11 50.19
N ALA L 235 -22.47 -24.90 49.33
CA ALA L 235 -22.96 -26.20 49.70
C ALA L 235 -21.78 -27.09 50.00
N LYS L 236 -22.06 -28.14 50.75
CA LYS L 236 -21.05 -29.10 51.11
C LYS L 236 -20.61 -29.76 49.80
N ALA L 237 -19.32 -30.06 49.70
CA ALA L 237 -18.80 -30.74 48.52
C ALA L 237 -19.35 -32.16 48.60
N LYS L 238 -19.97 -32.64 47.54
CA LYS L 238 -20.51 -33.98 47.55
C LYS L 238 -19.64 -34.91 46.72
N TYR L 239 -18.97 -35.85 47.37
CA TYR L 239 -18.14 -36.77 46.62
C TYR L 239 -19.07 -37.67 45.84
N HIS L 240 -18.65 -38.03 44.64
CA HIS L 240 -19.48 -38.84 43.77
C HIS L 240 -18.72 -40.00 43.15
N GLY L 241 -17.54 -39.71 42.62
CA GLY L 241 -16.76 -40.74 41.98
C GLY L 241 -17.14 -40.81 40.52
N GLY L 242 -16.16 -41.13 39.68
CA GLY L 242 -16.43 -41.22 38.26
C GLY L 242 -15.12 -41.12 37.55
N GLU L 243 -15.16 -41.10 36.22
CA GLU L 243 -13.93 -40.98 35.47
C GLU L 243 -14.06 -40.17 34.22
N ILE L 244 -13.02 -39.41 33.93
CA ILE L 244 -12.96 -38.58 32.76
C ILE L 244 -11.71 -38.99 32.01
N ARG L 245 -11.90 -39.47 30.80
CA ARG L 245 -10.77 -39.89 29.96
C ARG L 245 -10.61 -38.93 28.79
N GLU L 246 -9.44 -38.32 28.71
CA GLU L 246 -9.14 -37.37 27.65
C GLU L 246 -8.10 -37.93 26.68
N GLN L 247 -8.57 -38.43 25.54
CA GLN L 247 -7.72 -38.97 24.49
C GLN L 247 -7.05 -37.80 23.74
N ASN L 248 -5.73 -37.85 23.59
CA ASN L 248 -5.04 -36.78 22.87
C ASN L 248 -3.76 -37.28 22.24
N GLY L 249 -3.59 -38.59 22.25
CA GLY L 249 -2.43 -39.20 21.62
C GLY L 249 -1.01 -38.90 22.09
N ASP L 250 -0.83 -38.19 23.20
CA ASP L 250 0.52 -37.92 23.67
C ASP L 250 1.20 -39.27 23.92
N SER L 251 2.50 -39.34 23.61
CA SER L 251 3.28 -40.56 23.80
C SER L 251 3.19 -41.02 25.24
N LEU L 252 3.01 -40.07 26.14
CA LEU L 252 2.90 -40.38 27.57
C LEU L 252 1.48 -40.22 28.10
N VAL L 253 1.08 -41.16 28.96
CA VAL L 253 -0.23 -41.10 29.57
C VAL L 253 -0.07 -40.60 31.00
N HIS L 254 -0.86 -39.59 31.34
CA HIS L 254 -0.88 -39.05 32.68
C HIS L 254 -2.22 -39.54 33.23
N ALA L 255 -2.21 -40.11 34.43
CA ALA L 255 -3.45 -40.61 35.05
C ALA L 255 -3.39 -40.46 36.56
N ALA L 256 -4.55 -40.27 37.18
CA ALA L 256 -4.65 -40.12 38.62
C ALA L 256 -5.81 -40.99 39.06
N LEU L 257 -5.63 -41.70 40.16
CA LEU L 257 -6.70 -42.56 40.69
C LEU L 257 -6.83 -42.21 42.15
N VAL L 258 -8.03 -41.81 42.57
CA VAL L 258 -8.21 -41.44 43.96
C VAL L 258 -9.52 -41.91 44.53
N ALA L 259 -9.62 -41.77 45.85
CA ALA L 259 -10.84 -42.11 46.58
C ALA L 259 -10.99 -40.95 47.56
N GLU L 260 -12.19 -40.76 48.09
CA GLU L 260 -12.40 -39.68 49.04
C GLU L 260 -11.66 -40.03 50.32
N SER L 261 -10.88 -39.09 50.85
CA SER L 261 -10.11 -39.34 52.06
C SER L 261 -10.64 -38.66 53.31
N ALA L 262 -10.06 -37.51 53.65
CA ALA L 262 -10.49 -36.79 54.85
C ALA L 262 -10.33 -35.28 54.76
N ALA L 263 -11.20 -34.59 55.48
CA ALA L 263 -11.18 -33.13 55.51
C ALA L 263 -9.92 -32.69 56.23
N ILE L 264 -9.34 -31.60 55.75
CA ILE L 264 -8.13 -31.06 56.34
C ILE L 264 -8.45 -30.70 57.80
N GLY L 265 -7.48 -30.87 58.69
CA GLY L 265 -7.73 -30.55 60.08
C GLY L 265 -8.16 -31.74 60.93
N SER L 266 -8.73 -32.76 60.30
CA SER L 266 -9.15 -33.94 61.05
C SER L 266 -7.92 -34.82 61.29
N ALA L 267 -8.05 -35.77 62.22
CA ALA L 267 -6.95 -36.67 62.56
C ALA L 267 -6.67 -37.64 61.42
N GLU L 268 -7.74 -38.06 60.76
CA GLU L 268 -7.62 -38.97 59.64
C GLU L 268 -6.79 -38.34 58.52
N ALA L 269 -6.78 -37.02 58.46
CA ALA L 269 -6.01 -36.29 57.45
C ALA L 269 -4.51 -36.56 57.60
N ASN L 270 -4.05 -36.61 58.84
CA ASN L 270 -2.63 -36.87 59.13
C ASN L 270 -2.23 -38.28 58.73
N ALA L 271 -3.15 -39.22 58.93
CA ALA L 271 -2.87 -40.60 58.58
C ALA L 271 -2.64 -40.64 57.06
N PHE L 272 -3.44 -39.87 56.31
CA PHE L 272 -3.28 -39.86 54.85
C PHE L 272 -1.98 -39.16 54.45
N SER L 273 -1.60 -38.10 55.17
CA SER L 273 -0.34 -37.43 54.86
C SER L 273 0.81 -38.40 55.07
N VAL L 274 0.72 -39.22 56.12
CA VAL L 274 1.78 -40.18 56.38
C VAL L 274 1.71 -41.26 55.32
N LEU L 275 0.52 -41.74 55.01
CA LEU L 275 0.40 -42.75 53.95
C LEU L 275 1.03 -42.26 52.65
N GLN L 276 0.79 -41.00 52.31
CA GLN L 276 1.33 -40.41 51.10
C GLN L 276 2.86 -40.51 51.09
N HIS L 277 3.48 -40.27 52.23
CA HIS L 277 4.92 -40.36 52.30
C HIS L 277 5.43 -41.79 52.44
N VAL L 278 4.56 -42.73 52.75
CA VAL L 278 4.98 -44.12 52.82
C VAL L 278 5.07 -44.57 51.35
N LEU L 279 4.06 -44.21 50.58
CA LEU L 279 4.00 -44.57 49.16
C LEU L 279 5.00 -43.81 48.30
N GLY L 280 5.26 -42.56 48.63
CA GLY L 280 6.19 -41.76 47.84
C GLY L 280 5.47 -40.50 47.40
N ALA L 281 6.00 -39.35 47.80
CA ALA L 281 5.37 -38.08 47.47
C ALA L 281 6.28 -37.10 46.75
N GLY L 282 7.21 -37.60 45.95
CA GLY L 282 8.10 -36.69 45.26
C GLY L 282 9.55 -37.06 45.51
N PRO L 283 10.45 -36.73 44.57
CA PRO L 283 11.89 -37.02 44.64
C PRO L 283 12.63 -36.31 45.76
N HIS L 284 13.60 -36.99 46.35
CA HIS L 284 14.40 -36.41 47.42
C HIS L 284 15.82 -36.21 46.93
N VAL L 285 16.18 -36.97 45.89
CA VAL L 285 17.52 -36.94 45.33
C VAL L 285 17.49 -36.69 43.82
N LYS L 286 18.26 -35.73 43.35
CA LYS L 286 18.30 -35.44 41.92
C LYS L 286 18.69 -36.70 41.17
N ARG L 287 17.82 -37.11 40.24
CA ARG L 287 18.04 -38.31 39.41
C ARG L 287 18.17 -39.59 40.22
N GLY L 288 17.78 -39.54 41.50
CA GLY L 288 17.85 -40.71 42.34
C GLY L 288 16.86 -41.77 41.90
N SER L 289 16.95 -42.96 42.47
CA SER L 289 16.05 -44.05 42.12
C SER L 289 14.87 -44.19 43.07
N ASN L 290 14.70 -43.22 43.96
CA ASN L 290 13.59 -43.23 44.93
C ASN L 290 13.53 -44.53 45.70
N ALA L 291 14.68 -44.94 46.20
CA ALA L 291 14.84 -46.17 46.96
C ALA L 291 13.78 -46.41 48.03
N THR L 292 13.43 -45.37 48.78
CA THR L 292 12.44 -45.54 49.84
C THR L 292 11.01 -45.20 49.47
N SER L 293 10.73 -45.13 48.18
CA SER L 293 9.36 -44.85 47.75
C SER L 293 8.67 -46.15 47.36
N SER L 294 7.72 -46.53 48.21
CA SER L 294 6.95 -47.74 48.05
C SER L 294 6.32 -47.94 46.66
N LEU L 295 5.66 -46.91 46.15
CA LEU L 295 5.01 -47.02 44.84
C LEU L 295 5.98 -47.10 43.68
N TYR L 296 7.01 -46.27 43.75
CA TYR L 296 8.00 -46.22 42.70
C TYR L 296 8.69 -47.57 42.57
N GLN L 297 9.16 -48.10 43.70
CA GLN L 297 9.85 -49.38 43.72
C GLN L 297 8.97 -50.52 43.22
N ALA L 298 7.71 -50.51 43.62
CA ALA L 298 6.77 -51.56 43.21
C ALA L 298 6.60 -51.52 41.70
N VAL L 299 6.37 -50.32 41.17
CA VAL L 299 6.20 -50.18 39.74
C VAL L 299 7.48 -50.62 39.01
N ALA L 300 8.62 -50.06 39.43
CA ALA L 300 9.90 -50.40 38.82
C ALA L 300 10.11 -51.91 38.75
N LYS L 301 9.74 -52.61 39.83
CA LYS L 301 9.88 -54.06 39.89
C LYS L 301 8.97 -54.76 38.90
N GLY L 302 8.33 -54.00 38.02
CA GLY L 302 7.44 -54.61 37.05
C GLY L 302 7.40 -53.89 35.72
N VAL L 303 7.94 -52.69 35.67
CA VAL L 303 7.96 -51.90 34.45
C VAL L 303 9.36 -51.37 34.22
N HIS L 304 9.94 -51.75 33.09
CA HIS L 304 11.29 -51.32 32.76
C HIS L 304 11.26 -50.21 31.75
N GLN L 305 10.06 -49.68 31.56
CA GLN L 305 9.82 -48.58 30.65
C GLN L 305 9.96 -47.32 31.49
N PRO L 306 10.19 -46.16 30.85
CA PRO L 306 10.30 -44.96 31.67
C PRO L 306 8.93 -44.67 32.26
N PHE L 307 8.88 -44.18 33.50
CA PHE L 307 7.61 -43.88 34.14
C PHE L 307 7.87 -43.04 35.36
N ASP L 308 6.79 -42.60 35.99
CA ASP L 308 6.89 -41.87 37.22
C ASP L 308 5.59 -42.14 37.90
N VAL L 309 5.61 -42.10 39.22
CA VAL L 309 4.41 -42.35 39.99
C VAL L 309 4.58 -41.61 41.29
N SER L 310 3.48 -41.16 41.86
CA SER L 310 3.53 -40.43 43.09
C SER L 310 2.21 -40.53 43.82
N ALA L 311 2.28 -40.45 45.14
CA ALA L 311 1.08 -40.50 45.94
C ALA L 311 0.48 -39.11 45.75
N PHE L 312 -0.85 -39.03 45.75
CA PHE L 312 -1.53 -37.77 45.56
C PHE L 312 -2.41 -37.51 46.77
N ASN L 313 -2.26 -36.34 47.34
CA ASN L 313 -3.04 -35.99 48.51
C ASN L 313 -3.54 -34.57 48.40
N ALA L 314 -4.87 -34.44 48.36
CA ALA L 314 -5.53 -33.14 48.29
C ALA L 314 -6.53 -33.13 49.44
N SER L 315 -6.32 -32.26 50.41
CA SER L 315 -7.23 -32.20 51.54
C SER L 315 -7.90 -30.83 51.56
N TYR L 316 -9.21 -30.82 51.74
CA TYR L 316 -9.97 -29.58 51.74
C TYR L 316 -10.76 -29.43 53.01
N SER L 317 -11.47 -28.32 53.14
CA SER L 317 -12.24 -28.07 54.36
C SER L 317 -13.30 -29.11 54.67
N ASP L 318 -13.98 -29.63 53.67
CA ASP L 318 -15.05 -30.59 53.94
C ASP L 318 -14.93 -31.92 53.24
N SER L 319 -13.76 -32.19 52.67
CA SER L 319 -13.53 -33.44 51.95
C SER L 319 -12.07 -33.54 51.56
N GLY L 320 -11.71 -34.64 50.91
CA GLY L 320 -10.35 -34.80 50.50
C GLY L 320 -10.24 -35.87 49.44
N LEU L 321 -9.10 -35.89 48.76
CA LEU L 321 -8.85 -36.88 47.74
C LEU L 321 -7.48 -37.50 47.97
N PHE L 322 -7.43 -38.82 47.95
CA PHE L 322 -6.16 -39.48 48.11
C PHE L 322 -6.04 -40.62 47.13
N GLY L 323 -4.83 -40.78 46.62
CA GLY L 323 -4.56 -41.86 45.68
C GLY L 323 -3.17 -41.65 45.11
N PHE L 324 -3.00 -41.94 43.83
CA PHE L 324 -1.71 -41.76 43.20
C PHE L 324 -1.88 -41.24 41.78
N TYR L 325 -0.78 -40.75 41.23
CA TYR L 325 -0.74 -40.18 39.91
C TYR L 325 0.41 -40.89 39.19
N THR L 326 0.14 -41.38 37.99
CA THR L 326 1.18 -42.04 37.21
C THR L 326 1.42 -41.34 35.87
N ILE L 327 2.63 -41.52 35.36
CA ILE L 327 3.01 -40.98 34.07
C ILE L 327 3.80 -42.12 33.45
N SER L 328 3.33 -42.63 32.33
CA SER L 328 4.02 -43.72 31.67
C SER L 328 3.81 -43.65 30.16
N GLN L 329 4.54 -44.49 29.43
CA GLN L 329 4.37 -44.54 28.00
C GLN L 329 2.99 -45.13 27.80
N ALA L 330 2.31 -44.75 26.72
CA ALA L 330 0.96 -45.22 26.47
C ALA L 330 0.75 -46.73 26.60
N ALA L 331 1.64 -47.52 26.00
CA ALA L 331 1.49 -48.97 26.07
C ALA L 331 1.60 -49.56 27.48
N SER L 332 2.34 -48.89 28.35
CA SER L 332 2.54 -49.38 29.72
C SER L 332 1.57 -48.84 30.78
N ALA L 333 0.64 -47.98 30.38
CA ALA L 333 -0.29 -47.36 31.33
C ALA L 333 -0.97 -48.33 32.29
N GLY L 334 -1.52 -49.40 31.74
CA GLY L 334 -2.22 -50.38 32.55
C GLY L 334 -1.32 -51.14 33.52
N ASP L 335 -0.08 -51.42 33.12
CA ASP L 335 0.84 -52.15 33.99
C ASP L 335 1.27 -51.27 35.15
N VAL L 336 1.62 -50.02 34.83
CA VAL L 336 2.05 -49.10 35.87
C VAL L 336 0.94 -48.84 36.88
N ILE L 337 -0.26 -48.52 36.37
CA ILE L 337 -1.40 -48.23 37.25
C ILE L 337 -1.76 -49.41 38.14
N LYS L 338 -1.82 -50.61 37.55
CA LYS L 338 -2.15 -51.81 38.33
C LYS L 338 -1.08 -52.15 39.38
N ALA L 339 0.18 -51.95 39.03
CA ALA L 339 1.26 -52.23 39.96
C ALA L 339 1.21 -51.23 41.11
N ALA L 340 0.93 -49.97 40.80
CA ALA L 340 0.84 -48.94 41.83
C ALA L 340 -0.34 -49.28 42.75
N TYR L 341 -1.46 -49.64 42.15
CA TYR L 341 -2.64 -49.98 42.93
C TYR L 341 -2.41 -51.21 43.81
N ASN L 342 -1.80 -52.26 43.26
CA ASN L 342 -1.55 -53.45 44.06
C ASN L 342 -0.64 -53.15 45.25
N GLN L 343 0.29 -52.23 45.10
CA GLN L 343 1.16 -51.88 46.20
C GLN L 343 0.32 -51.24 47.32
N VAL L 344 -0.70 -50.47 46.96
CA VAL L 344 -1.51 -49.84 48.01
C VAL L 344 -2.34 -50.90 48.72
N LYS L 345 -2.84 -51.86 47.97
CA LYS L 345 -3.64 -52.94 48.55
C LYS L 345 -2.84 -53.69 49.60
N THR L 346 -1.55 -53.90 49.33
CA THR L 346 -0.71 -54.63 50.26
C THR L 346 -0.55 -53.87 51.57
N ILE L 347 -0.47 -52.54 51.50
CA ILE L 347 -0.35 -51.75 52.72
C ILE L 347 -1.66 -51.95 53.47
N ALA L 348 -2.76 -51.91 52.73
CA ALA L 348 -4.09 -52.07 53.29
C ALA L 348 -4.26 -53.46 53.86
N GLN L 349 -3.41 -54.37 53.42
CA GLN L 349 -3.46 -55.74 53.90
C GLN L 349 -2.68 -55.88 55.21
N GLY L 350 -2.03 -54.79 55.61
CA GLY L 350 -1.27 -54.80 56.84
C GLY L 350 0.23 -54.84 56.65
N ASN L 351 0.68 -55.16 55.44
CA ASN L 351 2.12 -55.24 55.17
C ASN L 351 2.76 -53.86 55.17
N LEU L 352 3.19 -53.40 56.34
CA LEU L 352 3.79 -52.09 56.50
C LEU L 352 4.84 -52.11 57.61
N SER L 353 6.09 -51.86 57.27
CA SER L 353 7.17 -51.86 58.26
C SER L 353 7.07 -50.62 59.12
N ASN L 354 7.48 -50.73 60.38
CA ASN L 354 7.45 -49.57 61.23
C ASN L 354 8.58 -48.67 60.76
N PRO L 355 9.70 -49.27 60.29
CA PRO L 355 10.78 -48.43 59.81
C PRO L 355 10.33 -47.58 58.63
N ASP L 356 9.34 -48.07 57.87
CA ASP L 356 8.82 -47.32 56.73
C ASP L 356 8.08 -46.10 57.23
N VAL L 357 7.09 -46.36 58.09
CA VAL L 357 6.30 -45.29 58.68
C VAL L 357 7.22 -44.23 59.26
N GLN L 358 8.27 -44.67 59.95
CA GLN L 358 9.20 -43.73 60.55
C GLN L 358 9.85 -42.87 59.48
N ALA L 359 10.24 -43.51 58.37
CA ALA L 359 10.85 -42.76 57.29
C ALA L 359 9.83 -41.77 56.73
N ALA L 360 8.57 -42.20 56.61
CA ALA L 360 7.52 -41.33 56.09
C ALA L 360 7.36 -40.10 56.99
N LYS L 361 7.24 -40.35 58.28
CA LYS L 361 7.09 -39.23 59.22
C LYS L 361 8.26 -38.26 59.12
N ASN L 362 9.46 -38.79 58.92
CA ASN L 362 10.61 -37.91 58.78
C ASN L 362 10.48 -37.05 57.53
N LYS L 363 10.09 -37.67 56.42
CA LYS L 363 9.90 -36.94 55.17
C LYS L 363 8.84 -35.87 55.32
N LEU L 364 7.71 -36.26 55.88
CA LEU L 364 6.59 -35.33 56.11
C LEU L 364 6.99 -34.18 57.05
N LYS L 365 7.59 -34.50 58.20
CA LYS L 365 7.99 -33.46 59.14
C LYS L 365 9.04 -32.53 58.57
N ALA L 366 10.02 -33.10 57.89
CA ALA L 366 11.08 -32.30 57.27
C ALA L 366 10.48 -31.47 56.13
N GLY L 367 9.57 -32.08 55.37
CA GLY L 367 8.94 -31.38 54.26
C GLY L 367 8.10 -30.20 54.72
N TYR L 368 7.36 -30.40 55.80
CA TYR L 368 6.52 -29.34 56.33
C TYR L 368 7.36 -28.18 56.82
N LEU L 369 8.46 -28.47 57.51
CA LEU L 369 9.32 -27.40 58.03
C LEU L 369 9.98 -26.64 56.87
N MET L 370 10.41 -27.36 55.84
CA MET L 370 11.05 -26.72 54.68
C MET L 370 10.07 -25.83 53.91
N SER L 371 8.81 -26.24 53.88
CA SER L 371 7.77 -25.51 53.17
C SER L 371 7.44 -24.18 53.83
N VAL L 372 7.80 -24.00 55.09
CA VAL L 372 7.50 -22.72 55.72
C VAL L 372 8.74 -21.90 56.03
N GLU L 373 9.90 -22.32 55.52
CA GLU L 373 11.11 -21.57 55.80
C GLU L 373 11.26 -20.31 54.95
N SER L 374 10.52 -20.20 53.86
CA SER L 374 10.57 -19.00 53.01
C SER L 374 9.35 -18.16 53.37
N SER L 375 9.44 -16.86 53.15
CA SER L 375 8.34 -15.96 53.46
C SER L 375 7.04 -16.39 52.77
N GLU L 376 7.15 -16.78 51.50
CA GLU L 376 5.97 -17.19 50.74
C GLU L 376 5.28 -18.39 51.37
N GLY L 377 6.06 -19.43 51.63
CA GLY L 377 5.48 -20.62 52.23
C GLY L 377 4.91 -20.33 53.59
N PHE L 378 5.63 -19.54 54.39
CA PHE L 378 5.15 -19.22 55.73
C PHE L 378 3.82 -18.46 55.68
N LEU L 379 3.77 -17.43 54.85
CA LEU L 379 2.56 -16.62 54.73
C LEU L 379 1.37 -17.49 54.32
N ASP L 380 1.60 -18.39 53.36
CA ASP L 380 0.56 -19.29 52.87
C ASP L 380 0.10 -20.24 53.99
N GLU L 381 1.03 -20.71 54.81
CA GLU L 381 0.67 -21.63 55.89
C GLU L 381 -0.18 -20.89 56.92
N VAL L 382 0.30 -19.74 57.37
CA VAL L 382 -0.43 -18.94 58.36
C VAL L 382 -1.76 -18.54 57.74
N GLY L 383 -1.71 -18.03 56.51
CA GLY L 383 -2.93 -17.63 55.83
C GLY L 383 -3.95 -18.76 55.70
N SER L 384 -3.50 -19.96 55.34
CA SER L 384 -4.42 -21.08 55.21
C SER L 384 -5.03 -21.54 56.55
N GLN L 385 -4.23 -21.49 57.61
CA GLN L 385 -4.73 -21.90 58.92
C GLN L 385 -5.71 -20.88 59.44
N ALA L 386 -5.39 -19.60 59.22
CA ALA L 386 -6.25 -18.52 59.65
C ALA L 386 -7.65 -18.69 59.09
N LEU L 387 -7.76 -19.14 57.84
CA LEU L 387 -9.07 -19.33 57.22
C LEU L 387 -9.75 -20.66 57.50
N ALA L 388 -8.98 -21.73 57.54
CA ALA L 388 -9.55 -23.06 57.78
C ALA L 388 -9.90 -23.32 59.24
N ALA L 389 -9.01 -22.93 60.15
CA ALA L 389 -9.24 -23.17 61.57
C ALA L 389 -9.27 -21.91 62.42
N GLY L 390 -9.21 -20.75 61.77
CA GLY L 390 -9.24 -19.50 62.50
C GLY L 390 -8.35 -19.50 63.72
N SER L 391 -7.19 -20.15 63.60
CA SER L 391 -6.23 -20.22 64.70
C SER L 391 -4.88 -20.61 64.11
N TYR L 392 -3.85 -20.57 64.94
CA TYR L 392 -2.51 -20.92 64.49
C TYR L 392 -1.84 -22.02 65.30
N THR L 393 -1.59 -23.15 64.64
CA THR L 393 -0.92 -24.29 65.27
C THR L 393 0.55 -24.16 64.87
N PRO L 394 1.44 -23.96 65.86
CA PRO L 394 2.86 -23.83 65.49
C PRO L 394 3.47 -25.16 65.01
N PRO L 395 4.64 -25.08 64.36
CA PRO L 395 5.31 -26.28 63.85
C PRO L 395 5.48 -27.35 64.92
N SER L 396 5.86 -26.93 66.12
CA SER L 396 6.08 -27.83 67.25
C SER L 396 4.92 -28.79 67.40
N THR L 397 3.71 -28.24 67.40
CA THR L 397 2.50 -29.01 67.56
C THR L 397 2.20 -29.88 66.35
N VAL L 398 2.42 -29.35 65.15
CA VAL L 398 2.18 -30.11 63.91
C VAL L 398 3.07 -31.34 63.90
N LEU L 399 4.33 -31.16 64.25
CA LEU L 399 5.27 -32.27 64.28
C LEU L 399 4.78 -33.32 65.26
N GLN L 400 4.34 -32.88 66.43
CA GLN L 400 3.83 -33.81 67.43
C GLN L 400 2.64 -34.54 66.86
N GLN L 401 1.80 -33.81 66.15
CA GLN L 401 0.62 -34.41 65.55
C GLN L 401 0.99 -35.46 64.50
N ILE L 402 2.09 -35.23 63.80
CA ILE L 402 2.56 -36.19 62.80
C ILE L 402 3.05 -37.45 63.54
N ASP L 403 3.82 -37.25 64.60
CA ASP L 403 4.35 -38.38 65.38
C ASP L 403 3.21 -39.22 65.96
N ALA L 404 2.13 -38.58 66.36
CA ALA L 404 1.00 -39.29 66.94
C ALA L 404 0.33 -40.28 65.99
N VAL L 405 0.56 -40.14 64.69
CA VAL L 405 -0.06 -41.04 63.72
C VAL L 405 0.43 -42.48 63.90
N ALA L 406 -0.51 -43.40 64.11
CA ALA L 406 -0.15 -44.81 64.30
C ALA L 406 -0.09 -45.58 62.98
N ASP L 407 0.66 -46.68 62.99
CA ASP L 407 0.80 -47.53 61.81
C ASP L 407 -0.58 -48.07 61.44
N ALA L 408 -1.42 -48.31 62.44
CA ALA L 408 -2.77 -48.81 62.19
C ALA L 408 -3.59 -47.75 61.47
N ASP L 409 -3.28 -46.48 61.74
CA ASP L 409 -3.99 -45.38 61.10
C ASP L 409 -3.62 -45.33 59.63
N VAL L 410 -2.34 -45.54 59.35
CA VAL L 410 -1.87 -45.52 57.97
C VAL L 410 -2.47 -46.70 57.20
N ILE L 411 -2.55 -47.85 57.84
CA ILE L 411 -3.12 -49.03 57.22
C ILE L 411 -4.62 -48.83 56.96
N ASN L 412 -5.30 -48.16 57.87
CA ASN L 412 -6.74 -47.92 57.73
C ASN L 412 -6.99 -46.87 56.65
N ALA L 413 -6.07 -45.92 56.51
CA ALA L 413 -6.22 -44.90 55.48
C ALA L 413 -6.12 -45.65 54.15
N ALA L 414 -5.16 -46.57 54.08
CA ALA L 414 -4.96 -47.36 52.87
C ALA L 414 -6.21 -48.18 52.56
N LYS L 415 -6.78 -48.77 53.59
CA LYS L 415 -7.98 -49.58 53.41
C LYS L 415 -9.13 -48.71 52.93
N LYS L 416 -9.21 -47.47 53.43
CA LYS L 416 -10.29 -46.59 53.02
C LYS L 416 -10.14 -46.30 51.52
N PHE L 417 -8.90 -46.11 51.07
CA PHE L 417 -8.64 -45.85 49.67
C PHE L 417 -9.07 -47.05 48.83
N VAL L 418 -8.55 -48.22 49.17
CA VAL L 418 -8.86 -49.44 48.43
C VAL L 418 -10.35 -49.78 48.31
N SER L 419 -11.09 -49.64 49.39
CA SER L 419 -12.51 -49.97 49.35
C SER L 419 -13.41 -48.81 48.93
N GLY L 420 -12.87 -47.60 48.91
CA GLY L 420 -13.68 -46.44 48.52
C GLY L 420 -14.02 -46.33 47.04
N ARG L 421 -15.19 -45.75 46.75
CA ARG L 421 -15.61 -45.55 45.36
C ARG L 421 -14.52 -44.65 44.76
N LYS L 422 -13.98 -45.04 43.61
CA LYS L 422 -12.89 -44.28 43.02
C LYS L 422 -13.28 -43.20 42.02
N SER L 423 -12.34 -42.30 41.80
CA SER L 423 -12.46 -41.23 40.84
C SER L 423 -11.19 -41.36 40.01
N MET L 424 -11.31 -41.18 38.70
CA MET L 424 -10.13 -41.30 37.87
C MET L 424 -10.13 -40.30 36.71
N ALA L 425 -8.94 -39.85 36.34
CA ALA L 425 -8.80 -38.95 35.22
C ALA L 425 -7.51 -39.34 34.52
N ALA L 426 -7.56 -39.39 33.19
CA ALA L 426 -6.38 -39.73 32.41
C ALA L 426 -6.38 -38.94 31.12
N SER L 427 -5.18 -38.71 30.59
CA SER L 427 -5.05 -38.02 29.34
C SER L 427 -3.82 -38.55 28.61
N GLY L 428 -3.96 -38.72 27.31
CA GLY L 428 -2.87 -39.23 26.49
C GLY L 428 -3.50 -40.24 25.57
N ASN L 429 -2.69 -41.12 24.99
CA ASN L 429 -3.25 -42.15 24.11
C ASN L 429 -3.70 -43.23 25.07
N LEU L 430 -5.00 -43.30 25.31
CA LEU L 430 -5.59 -44.23 26.27
C LEU L 430 -5.92 -45.66 25.84
N GLY L 431 -5.35 -46.09 24.70
CA GLY L 431 -5.60 -47.43 24.20
C GLY L 431 -5.37 -48.57 25.18
N HIS L 432 -4.45 -48.37 26.13
CA HIS L 432 -4.17 -49.40 27.13
C HIS L 432 -4.34 -48.86 28.53
N THR L 433 -5.11 -47.80 28.70
CA THR L 433 -5.30 -47.24 30.03
C THR L 433 -6.60 -47.81 30.58
N PRO L 434 -6.52 -48.56 31.70
CA PRO L 434 -7.70 -49.18 32.30
C PRO L 434 -8.79 -48.27 32.84
N PHE L 435 -9.99 -48.83 32.90
CA PHE L 435 -11.15 -48.15 33.44
C PHE L 435 -11.15 -48.53 34.91
N ILE L 436 -11.84 -47.75 35.73
CA ILE L 436 -11.89 -48.01 37.16
C ILE L 436 -12.27 -49.46 37.46
N ASP L 437 -13.26 -50.00 36.74
CA ASP L 437 -13.70 -51.35 37.01
C ASP L 437 -12.77 -52.46 36.54
N GLU L 438 -11.63 -52.10 35.96
CA GLU L 438 -10.69 -53.11 35.54
C GLU L 438 -9.53 -53.15 36.53
N LEU L 439 -9.65 -52.35 37.59
CA LEU L 439 -8.63 -52.26 38.63
C LEU L 439 -8.97 -53.13 39.84
N LEU M 10 5.26 9.46 6.72
CA LEU M 10 6.44 9.46 5.81
C LEU M 10 7.22 8.16 5.95
N MET M 11 6.90 7.40 6.99
CA MET M 11 7.56 6.13 7.28
C MET M 11 7.61 5.19 6.09
N LYS M 12 6.64 4.29 6.02
CA LYS M 12 6.56 3.30 4.94
C LYS M 12 6.77 3.91 3.57
N ILE M 13 6.90 3.06 2.57
CA ILE M 13 7.10 3.49 1.19
C ILE M 13 8.32 4.41 1.10
N VAL M 14 9.10 4.46 2.18
CA VAL M 14 10.30 5.29 2.23
C VAL M 14 11.35 4.68 3.15
CA ASN M 15 10.14 2.53 5.16
C ASN M 15 10.20 1.36 4.19
N ASN M 16 9.42 0.32 4.48
CA ASN M 16 9.35 -0.88 3.64
C ASN M 16 9.13 -0.51 2.19
N ALA M 17 10.23 -0.26 1.48
CA ALA M 17 10.19 0.11 0.07
C ALA M 17 11.63 0.37 -0.39
N PHE M 18 12.51 0.64 0.56
CA PHE M 18 13.90 0.91 0.28
C PHE M 18 14.84 0.22 1.26
N ILE M 19 14.96 0.78 2.46
CA ILE M 19 15.83 0.24 3.49
C ILE M 19 15.72 -1.28 3.70
N ASP M 20 14.52 -1.76 4.01
CA ASP M 20 14.35 -3.19 4.23
C ASP M 20 13.94 -3.99 2.99
N LEU M 21 14.14 -3.38 1.83
CA LEU M 21 13.84 -4.03 0.56
C LEU M 21 14.74 -5.28 0.46
N PRO M 22 14.15 -6.45 0.27
CA PRO M 22 14.93 -7.70 0.15
C PRO M 22 15.62 -7.72 -1.20
N ALA M 23 16.92 -7.89 -1.22
CA ALA M 23 17.66 -7.91 -2.47
C ALA M 23 18.48 -9.20 -2.55
N PRO M 24 18.71 -9.72 -3.77
CA PRO M 24 19.49 -10.97 -3.85
C PRO M 24 20.86 -10.68 -3.21
N SER M 25 21.44 -11.66 -2.53
CA SER M 25 22.74 -11.44 -1.91
C SER M 25 23.85 -11.41 -2.96
N ASN M 26 23.57 -11.94 -4.16
CA ASN M 26 24.62 -12.05 -5.18
C ASN M 26 24.56 -11.20 -6.44
N ILE M 27 23.85 -10.09 -6.43
CA ILE M 27 23.82 -9.29 -7.65
C ILE M 27 25.17 -8.59 -7.78
N SER M 28 25.73 -8.67 -8.98
CA SER M 28 27.04 -8.10 -9.29
C SER M 28 26.97 -6.65 -9.73
N SER M 29 28.10 -6.16 -10.22
CA SER M 29 28.19 -4.79 -10.68
C SER M 29 27.25 -4.47 -11.83
N TRP M 30 26.85 -5.49 -12.60
CA TRP M 30 25.95 -5.22 -13.70
C TRP M 30 24.59 -4.73 -13.20
N TRP M 31 24.30 -4.94 -11.92
CA TRP M 31 23.04 -4.49 -11.33
C TRP M 31 23.12 -3.05 -10.85
N ASN M 32 24.28 -2.40 -11.01
CA ASN M 32 24.43 -1.01 -10.59
C ASN M 32 23.89 0.00 -11.60
N PHE M 33 23.76 -0.43 -12.85
CA PHE M 33 23.33 0.47 -13.91
C PHE M 33 21.94 1.05 -13.79
N GLY M 34 21.07 0.36 -13.06
CA GLY M 34 19.73 0.88 -12.85
C GLY M 34 19.84 2.14 -12.01
N SER M 35 20.54 2.09 -10.88
CA SER M 35 20.67 3.29 -10.07
C SER M 35 21.48 4.36 -10.80
N LEU M 36 22.43 3.93 -11.63
CA LEU M 36 23.23 4.89 -12.39
C LEU M 36 22.38 5.60 -13.43
N LEU M 37 21.41 4.90 -14.00
CA LEU M 37 20.50 5.52 -14.97
C LEU M 37 19.67 6.56 -14.24
N GLY M 38 19.25 6.22 -13.01
CA GLY M 38 18.46 7.15 -12.22
C GLY M 38 19.27 8.41 -11.98
N ILE M 39 20.54 8.22 -11.63
CA ILE M 39 21.44 9.35 -11.38
C ILE M 39 21.67 10.14 -12.68
N CYS M 40 21.89 9.46 -13.79
CA CYS M 40 22.06 10.17 -15.06
C CYS M 40 20.81 11.02 -15.32
N LEU M 41 19.63 10.46 -15.07
CA LEU M 41 18.36 11.18 -15.28
C LEU M 41 18.27 12.43 -14.42
N ILE M 42 18.63 12.31 -13.15
CA ILE M 42 18.60 13.45 -12.24
C ILE M 42 19.68 14.48 -12.63
N LEU M 43 20.84 14.02 -13.08
CA LEU M 43 21.88 14.95 -13.51
C LEU M 43 21.42 15.71 -14.73
N GLN M 44 20.87 14.98 -15.70
CA GLN M 44 20.37 15.62 -16.89
C GLN M 44 19.29 16.63 -16.57
N ILE M 45 18.39 16.26 -15.67
CA ILE M 45 17.30 17.16 -15.32
C ILE M 45 17.83 18.41 -14.63
N LEU M 46 18.75 18.26 -13.68
CA LEU M 46 19.29 19.43 -12.99
C LEU M 46 20.12 20.33 -13.92
N THR M 47 21.07 19.76 -14.64
CA THR M 47 21.85 20.60 -15.55
C THR M 47 20.95 21.18 -16.62
N GLY M 48 20.02 20.37 -17.10
CA GLY M 48 19.11 20.83 -18.14
C GLY M 48 18.30 22.05 -17.71
N LEU M 49 17.76 21.98 -16.50
CA LEU M 49 16.98 23.09 -15.94
C LEU M 49 17.84 24.35 -15.83
N PHE M 50 19.08 24.21 -15.36
CA PHE M 50 19.92 25.38 -15.26
C PHE M 50 20.23 25.92 -16.65
N LEU M 51 20.34 25.06 -17.66
CA LEU M 51 20.58 25.55 -19.03
C LEU M 51 19.33 26.25 -19.55
N ALA M 52 18.18 25.67 -19.27
CA ALA M 52 16.90 26.25 -19.71
C ALA M 52 16.74 27.67 -19.17
N MET M 53 17.42 27.98 -18.07
CA MET M 53 17.35 29.31 -17.49
C MET M 53 18.04 30.38 -18.32
N HIS M 54 18.84 29.96 -19.30
CA HIS M 54 19.56 30.91 -20.15
C HIS M 54 19.38 30.68 -21.65
N TYR M 55 18.80 29.55 -22.03
CA TYR M 55 18.61 29.21 -23.46
C TYR M 55 17.38 29.86 -24.04
N THR M 56 17.47 30.32 -25.29
CA THR M 56 16.31 30.90 -25.96
C THR M 56 16.14 30.06 -27.22
N SER M 57 14.90 29.73 -27.54
CA SER M 57 14.65 28.88 -28.68
C SER M 57 14.35 29.55 -30.01
N ASP M 58 14.63 30.83 -30.12
CA ASP M 58 14.39 31.52 -31.38
C ASP M 58 15.59 31.15 -32.27
N THR M 59 15.34 30.77 -33.53
CA THR M 59 16.44 30.40 -34.42
C THR M 59 17.47 31.51 -34.57
N THR M 60 17.10 32.75 -34.26
CA THR M 60 18.07 33.83 -34.41
C THR M 60 18.96 33.95 -33.17
N THR M 61 18.55 33.35 -32.06
CA THR M 61 19.35 33.46 -30.84
C THR M 61 19.77 32.14 -30.17
N ALA M 62 19.23 31.02 -30.63
CA ALA M 62 19.53 29.73 -30.04
C ALA M 62 21.03 29.40 -29.94
N PHE M 63 21.74 29.43 -31.07
CA PHE M 63 23.17 29.13 -31.06
C PHE M 63 23.90 30.14 -30.18
N SER M 64 23.54 31.40 -30.33
CA SER M 64 24.17 32.44 -29.52
C SER M 64 23.93 32.29 -28.03
N SER M 65 22.72 31.86 -27.64
CA SER M 65 22.43 31.72 -26.24
C SER M 65 23.29 30.59 -25.66
N VAL M 66 23.57 29.57 -26.46
CA VAL M 66 24.39 28.48 -25.96
C VAL M 66 25.84 28.95 -25.77
N THR M 67 26.34 29.76 -26.70
CA THR M 67 27.73 30.24 -26.55
C THR M 67 27.78 31.19 -25.34
N HIS M 68 26.72 31.97 -25.12
CA HIS M 68 26.67 32.88 -23.96
C HIS M 68 26.73 32.05 -22.66
N ILE M 69 26.03 30.91 -22.62
CA ILE M 69 26.08 30.05 -21.45
C ILE M 69 27.52 29.62 -21.21
N CYS M 70 28.15 29.12 -22.25
CA CYS M 70 29.52 28.65 -22.14
C CYS M 70 30.55 29.74 -21.91
N ARG M 71 30.30 30.96 -22.38
CA ARG M 71 31.28 32.02 -22.23
C ARG M 71 31.06 33.01 -21.12
N ASP M 72 29.81 33.42 -20.90
CA ASP M 72 29.56 34.44 -19.90
C ASP M 72 28.80 34.06 -18.65
N VAL M 73 28.04 32.97 -18.70
CA VAL M 73 27.30 32.54 -17.53
C VAL M 73 28.32 31.91 -16.60
N ASN M 74 28.27 32.27 -15.32
CA ASN M 74 29.21 31.70 -14.37
C ASN M 74 29.05 30.17 -14.36
N TYR M 75 30.16 29.48 -14.62
CA TYR M 75 30.17 28.03 -14.64
C TYR M 75 29.22 27.46 -15.66
N GLY M 76 28.76 28.31 -16.58
CA GLY M 76 27.88 27.83 -17.63
C GLY M 76 28.55 26.75 -18.45
N TRP M 77 29.83 26.89 -18.75
CA TRP M 77 30.51 25.88 -19.54
C TRP M 77 30.48 24.50 -18.88
N ILE M 78 30.68 24.45 -17.57
CA ILE M 78 30.69 23.15 -16.91
C ILE M 78 29.29 22.52 -16.90
N ILE M 79 28.26 23.36 -16.71
CA ILE M 79 26.90 22.85 -16.71
C ILE M 79 26.54 22.37 -18.12
N ARG M 80 26.98 23.13 -19.13
CA ARG M 80 26.68 22.75 -20.51
C ARG M 80 27.40 21.44 -20.88
N TYR M 81 28.68 21.33 -20.57
CA TYR M 81 29.38 20.10 -20.95
C TYR M 81 28.98 18.89 -20.10
N MET M 82 28.47 19.13 -18.90
CA MET M 82 27.99 18.05 -18.06
C MET M 82 26.71 17.52 -18.69
N HIS M 83 25.87 18.42 -19.20
CA HIS M 83 24.63 18.02 -19.83
C HIS M 83 24.97 17.22 -21.09
N ALA M 84 25.89 17.73 -21.90
CA ALA M 84 26.22 17.04 -23.12
C ALA M 84 26.84 15.66 -22.88
N ASN M 85 27.84 15.60 -22.02
CA ASN M 85 28.48 14.31 -21.75
C ASN M 85 27.59 13.44 -20.87
N GLY M 86 26.67 14.07 -20.15
CA GLY M 86 25.74 13.34 -19.31
C GLY M 86 24.88 12.47 -20.24
N ALA M 87 24.47 13.03 -21.36
CA ALA M 87 23.68 12.28 -22.32
C ALA M 87 24.46 11.04 -22.79
N SER M 88 25.76 11.19 -23.06
CA SER M 88 26.54 10.05 -23.47
C SER M 88 26.64 9.00 -22.36
N MET M 89 26.86 9.44 -21.12
CA MET M 89 26.95 8.51 -20.00
C MET M 89 25.60 7.80 -19.85
N PHE M 90 24.52 8.53 -20.07
CA PHE M 90 23.20 7.97 -19.97
C PHE M 90 23.13 6.77 -20.93
N PHE M 91 23.55 6.97 -22.18
CA PHE M 91 23.49 5.88 -23.15
C PHE M 91 24.41 4.72 -22.85
N ILE M 92 25.60 5.01 -22.34
CA ILE M 92 26.53 3.92 -22.00
C ILE M 92 25.86 3.05 -20.96
N CYS M 93 25.25 3.68 -19.96
CA CYS M 93 24.54 2.98 -18.89
C CYS M 93 23.32 2.23 -19.45
N LEU M 94 22.59 2.89 -20.34
CA LEU M 94 21.42 2.28 -20.95
C LEU M 94 21.80 0.97 -21.64
N TYR M 95 22.80 1.01 -22.50
CA TYR M 95 23.20 -0.18 -23.21
C TYR M 95 23.74 -1.29 -22.28
N MET M 96 24.45 -0.92 -21.22
CA MET M 96 24.96 -1.90 -20.26
C MET M 96 23.76 -2.55 -19.58
N HIS M 97 22.82 -1.70 -19.15
CA HIS M 97 21.59 -2.11 -18.46
C HIS M 97 20.81 -3.11 -19.32
N VAL M 98 20.59 -2.78 -20.59
CA VAL M 98 19.86 -3.69 -21.48
C VAL M 98 20.67 -4.98 -21.68
N GLY M 99 21.98 -4.84 -21.87
CA GLY M 99 22.84 -6.00 -22.05
C GLY M 99 22.74 -6.95 -20.86
N ARG M 100 22.73 -6.38 -19.66
CA ARG M 100 22.61 -7.17 -18.45
C ARG M 100 21.29 -7.93 -18.50
N GLY M 101 20.23 -7.24 -18.87
CA GLY M 101 18.93 -7.87 -18.93
C GLY M 101 18.85 -9.02 -19.92
N LEU M 102 19.49 -8.87 -21.07
CA LEU M 102 19.48 -9.93 -22.09
C LEU M 102 20.31 -11.15 -21.63
N TYR M 103 21.50 -10.91 -21.11
CA TYR M 103 22.37 -11.98 -20.67
C TYR M 103 21.80 -12.78 -19.51
N TYR M 104 21.21 -12.08 -18.55
CA TYR M 104 20.66 -12.75 -17.37
C TYR M 104 19.19 -13.19 -17.43
N GLY M 105 18.53 -12.94 -18.56
CA GLY M 105 17.14 -13.34 -18.68
C GLY M 105 16.19 -12.51 -17.83
N SER M 106 16.59 -11.27 -17.53
CA SER M 106 15.76 -10.40 -16.73
C SER M 106 14.51 -10.01 -17.47
N TYR M 107 14.56 -10.07 -18.79
CA TYR M 107 13.40 -9.73 -19.60
C TYR M 107 12.18 -10.62 -19.31
N THR M 108 12.35 -11.68 -18.52
CA THR M 108 11.21 -12.51 -18.21
C THR M 108 10.26 -11.77 -17.26
N PHE M 109 10.73 -10.65 -16.71
CA PHE M 109 9.88 -9.78 -15.88
C PHE M 109 9.24 -8.95 -17.00
N LEU M 110 8.25 -9.52 -17.68
CA LEU M 110 7.62 -8.88 -18.84
C LEU M 110 7.22 -7.41 -18.76
N GLU M 111 6.44 -7.05 -17.73
CA GLU M 111 6.00 -5.68 -17.60
C GLU M 111 7.21 -4.74 -17.42
N THR M 112 8.11 -5.08 -16.49
CA THR M 112 9.27 -4.27 -16.24
C THR M 112 10.08 -4.09 -17.52
N TRP M 113 10.29 -5.19 -18.22
CA TRP M 113 11.06 -5.16 -19.45
C TRP M 113 10.41 -4.33 -20.56
N ASN M 114 9.10 -4.44 -20.74
CA ASN M 114 8.43 -3.67 -21.80
C ASN M 114 8.38 -2.18 -21.50
N ILE M 115 8.26 -1.83 -20.22
CA ILE M 115 8.27 -0.44 -19.83
C ILE M 115 9.71 0.02 -20.09
N GLY M 116 10.65 -0.89 -19.88
CA GLY M 116 12.04 -0.57 -20.16
C GLY M 116 12.23 -0.22 -21.63
N VAL M 117 11.61 -0.99 -22.52
CA VAL M 117 11.72 -0.73 -23.96
C VAL M 117 11.16 0.66 -24.31
N ILE M 118 10.07 1.04 -23.65
CA ILE M 118 9.45 2.35 -23.86
C ILE M 118 10.40 3.44 -23.35
N LEU M 119 11.08 3.17 -22.24
CA LEU M 119 12.02 4.14 -21.67
C LEU M 119 13.15 4.38 -22.67
N LEU M 120 13.66 3.30 -23.24
CA LEU M 120 14.73 3.42 -24.20
C LEU M 120 14.32 4.30 -25.38
N LEU M 121 13.15 4.04 -25.95
CA LEU M 121 12.68 4.84 -27.08
C LEU M 121 12.45 6.31 -26.69
N THR M 122 11.96 6.54 -25.47
CA THR M 122 11.71 7.88 -24.99
C THR M 122 13.02 8.65 -24.71
N VAL M 123 14.04 7.97 -24.20
CA VAL M 123 15.30 8.66 -23.95
C VAL M 123 15.94 9.01 -25.31
N MET M 124 15.84 8.10 -26.28
CA MET M 124 16.40 8.36 -27.60
C MET M 124 15.75 9.58 -28.23
N ALA M 125 14.43 9.69 -28.09
CA ALA M 125 13.69 10.82 -28.64
C ALA M 125 14.06 12.12 -27.92
N THR M 126 14.28 12.00 -26.63
CA THR M 126 14.61 13.15 -25.81
C THR M 126 16.02 13.67 -26.17
N ALA M 127 16.97 12.75 -26.29
CA ALA M 127 18.35 13.15 -26.60
C ALA M 127 18.40 13.76 -27.99
N PHE M 128 17.67 13.15 -28.91
CA PHE M 128 17.61 13.66 -30.26
C PHE M 128 17.15 15.09 -30.25
N MET M 129 16.02 15.35 -29.58
CA MET M 129 15.51 16.72 -29.55
C MET M 129 16.44 17.70 -28.86
N GLY M 130 17.07 17.26 -27.78
CA GLY M 130 17.97 18.14 -27.07
C GLY M 130 19.10 18.53 -28.02
N TYR M 131 19.59 17.56 -28.79
CA TYR M 131 20.68 17.81 -29.73
C TYR M 131 20.32 18.86 -30.76
N VAL M 132 19.03 19.04 -31.04
CA VAL M 132 18.61 20.03 -32.04
C VAL M 132 18.68 21.45 -31.47
N LEU M 133 18.52 21.58 -30.16
CA LEU M 133 18.47 22.90 -29.52
C LEU M 133 19.60 23.89 -29.78
N PRO M 134 20.86 23.43 -29.82
CA PRO M 134 21.91 24.42 -30.07
C PRO M 134 21.83 25.01 -31.49
N TRP M 135 21.11 24.32 -32.37
CA TRP M 135 20.90 24.78 -33.72
C TRP M 135 22.19 24.94 -34.54
N GLY M 136 23.08 23.96 -34.39
CA GLY M 136 24.31 23.93 -35.16
C GLY M 136 23.96 23.10 -36.39
N GLN M 137 24.96 22.74 -37.20
CA GLN M 137 24.68 21.95 -38.40
C GLN M 137 24.12 20.55 -38.13
N MET M 138 24.66 19.84 -37.15
CA MET M 138 24.15 18.51 -36.86
C MET M 138 22.73 18.62 -36.32
N SER M 139 22.48 19.66 -35.52
CA SER M 139 21.15 19.88 -34.96
C SER M 139 20.11 19.96 -36.10
N PHE M 140 20.41 20.81 -37.07
CA PHE M 140 19.50 21.06 -38.18
C PHE M 140 19.27 19.87 -39.08
N TRP M 141 20.36 19.23 -39.49
CA TRP M 141 20.23 18.08 -40.36
C TRP M 141 19.74 16.86 -39.61
N GLY M 142 20.07 16.78 -38.33
CA GLY M 142 19.58 15.67 -37.53
C GLY M 142 18.06 15.81 -37.44
N ALA M 143 17.58 17.03 -37.20
CA ALA M 143 16.14 17.28 -37.11
C ALA M 143 15.45 16.98 -38.43
N THR M 144 16.12 17.29 -39.54
CA THR M 144 15.55 17.06 -40.88
C THR M 144 15.43 15.56 -41.14
N VAL M 145 16.54 14.84 -41.00
CA VAL M 145 16.53 13.41 -41.25
C VAL M 145 15.62 12.61 -40.35
N ILE M 146 15.76 12.77 -39.05
CA ILE M 146 14.97 11.99 -38.12
C ILE M 146 13.46 12.21 -38.18
N THR M 147 13.02 13.46 -38.32
CA THR M 147 11.58 13.70 -38.41
C THR M 147 11.12 13.10 -39.75
N ASN M 148 11.96 13.18 -40.77
CA ASN M 148 11.62 12.64 -42.08
C ASN M 148 11.44 11.13 -42.09
N LEU M 149 11.83 10.46 -40.99
CA LEU M 149 11.62 9.00 -40.95
C LEU M 149 10.11 8.76 -41.08
N LEU M 150 9.32 9.69 -40.56
CA LEU M 150 7.88 9.55 -40.63
C LEU M 150 7.34 9.62 -42.07
N SER M 151 8.12 10.19 -42.99
CA SER M 151 7.68 10.30 -44.37
C SER M 151 7.62 8.95 -45.08
N ALA M 152 8.16 7.91 -44.45
CA ALA M 152 8.13 6.57 -45.03
C ALA M 152 6.73 5.99 -44.82
N ILE M 153 5.93 6.62 -43.97
CA ILE M 153 4.59 6.13 -43.75
C ILE M 153 3.79 6.42 -45.02
N PRO M 154 3.17 5.40 -45.59
CA PRO M 154 2.37 5.54 -46.80
C PRO M 154 1.26 6.60 -46.76
N TYR M 155 1.26 7.43 -47.82
CA TYR M 155 0.25 8.47 -48.03
C TYR M 155 0.16 9.63 -47.07
N ILE M 156 0.40 9.40 -45.79
CA ILE M 156 0.28 10.49 -44.83
C ILE M 156 1.61 10.92 -44.21
N GLY M 157 2.64 10.12 -44.43
CA GLY M 157 3.95 10.43 -43.88
C GLY M 157 4.35 11.88 -44.10
N THR M 158 4.22 12.35 -45.33
CA THR M 158 4.60 13.73 -45.61
C THR M 158 3.79 14.72 -44.77
N ASN M 159 2.50 14.46 -44.64
CA ASN M 159 1.62 15.32 -43.86
C ASN M 159 2.04 15.35 -42.40
N LEU M 160 2.41 14.18 -41.88
CA LEU M 160 2.85 14.07 -40.49
C LEU M 160 4.09 14.90 -40.24
N VAL M 161 5.08 14.75 -41.12
CA VAL M 161 6.33 15.48 -41.01
C VAL M 161 6.12 16.99 -40.96
N GLU M 162 5.37 17.51 -41.93
CA GLU M 162 5.12 18.94 -41.98
C GLU M 162 4.34 19.40 -40.77
N TRP M 163 3.51 18.50 -40.24
CA TRP M 163 2.75 18.85 -39.07
C TRP M 163 3.72 18.98 -37.89
N ILE M 164 4.60 18.00 -37.74
CA ILE M 164 5.60 18.03 -36.67
C ILE M 164 6.44 19.31 -36.83
N TRP M 165 6.94 19.55 -38.03
CA TRP M 165 7.77 20.73 -38.27
C TRP M 165 7.02 22.03 -38.06
N GLY M 166 5.71 22.02 -38.26
CA GLY M 166 4.96 23.25 -38.14
C GLY M 166 5.23 24.06 -39.42
N GLY M 167 5.47 23.36 -40.52
CA GLY M 167 5.75 24.02 -41.79
C GLY M 167 6.25 23.06 -42.84
N PHE M 168 6.81 23.58 -43.94
CA PHE M 168 7.31 22.75 -45.01
C PHE M 168 8.77 22.38 -44.87
N SER M 169 9.39 22.86 -43.81
CA SER M 169 10.78 22.57 -43.56
C SER M 169 11.09 22.84 -42.11
N VAL M 170 12.20 22.29 -41.64
CA VAL M 170 12.64 22.53 -40.28
C VAL M 170 12.95 24.02 -40.21
N ASP M 171 12.26 24.71 -39.31
CA ASP M 171 12.43 26.14 -39.17
C ASP M 171 12.13 26.57 -37.74
N LYS M 172 11.84 27.86 -37.57
CA LYS M 172 11.53 28.46 -36.28
C LYS M 172 10.52 27.66 -35.45
N ALA M 173 9.41 27.31 -36.07
CA ALA M 173 8.35 26.58 -35.40
C ALA M 173 8.85 25.25 -34.86
N THR M 174 9.72 24.60 -35.60
CA THR M 174 10.25 23.32 -35.16
C THR M 174 11.12 23.46 -33.90
N LEU M 175 12.05 24.42 -33.91
CA LEU M 175 12.96 24.61 -32.78
C LEU M 175 12.22 24.95 -31.50
N THR M 176 11.24 25.82 -31.59
CA THR M 176 10.50 26.21 -30.43
C THR M 176 9.71 25.05 -29.82
N ARG M 177 9.07 24.23 -30.64
CA ARG M 177 8.34 23.10 -30.04
C ARG M 177 9.32 22.00 -29.55
N PHE M 178 10.50 21.88 -30.16
CA PHE M 178 11.45 20.89 -29.72
C PHE M 178 12.00 21.26 -28.35
N PHE M 179 12.09 22.56 -28.07
CA PHE M 179 12.55 22.97 -26.76
C PHE M 179 11.47 22.59 -25.72
N ALA M 180 10.19 22.79 -26.05
CA ALA M 180 9.14 22.43 -25.10
C ALA M 180 9.04 20.93 -24.92
N PHE M 181 9.20 20.16 -26.00
CA PHE M 181 9.14 18.69 -25.88
C PHE M 181 10.34 18.17 -25.09
N HIS M 182 11.52 18.73 -25.35
CA HIS M 182 12.74 18.29 -24.69
C HIS M 182 12.63 18.59 -23.20
N PHE M 183 11.99 19.69 -22.89
CA PHE M 183 11.82 20.12 -21.51
C PHE M 183 10.92 19.13 -20.74
N ILE M 184 9.76 18.80 -21.31
CA ILE M 184 8.82 17.95 -20.60
C ILE M 184 9.09 16.43 -20.63
N LEU M 185 9.61 15.92 -21.73
CA LEU M 185 9.87 14.47 -21.82
C LEU M 185 10.68 13.85 -20.67
N PRO M 186 11.73 14.52 -20.20
CA PRO M 186 12.51 13.91 -19.11
C PRO M 186 11.66 13.66 -17.86
N PHE M 187 10.66 14.51 -17.66
CA PHE M 187 9.83 14.34 -16.47
C PHE M 187 8.86 13.20 -16.69
N ILE M 188 8.45 13.02 -17.94
CA ILE M 188 7.58 11.91 -18.29
C ILE M 188 8.43 10.64 -18.11
N ILE M 189 9.69 10.69 -18.53
CA ILE M 189 10.59 9.54 -18.41
C ILE M 189 10.75 9.18 -16.94
N MET M 190 10.82 10.20 -16.08
CA MET M 190 10.98 9.95 -14.64
C MET M 190 9.75 9.21 -14.11
N ALA M 191 8.56 9.63 -14.54
CA ALA M 191 7.35 8.98 -14.06
C ALA M 191 7.30 7.55 -14.60
N ILE M 192 7.69 7.34 -15.84
CA ILE M 192 7.65 5.99 -16.41
C ILE M 192 8.70 5.13 -15.71
N ALA M 193 9.83 5.73 -15.32
CA ALA M 193 10.87 4.99 -14.63
C ALA M 193 10.36 4.53 -13.26
N MET M 194 9.50 5.35 -12.64
CA MET M 194 8.93 4.98 -11.34
C MET M 194 8.00 3.79 -11.52
N VAL M 195 7.30 3.74 -12.64
CA VAL M 195 6.43 2.59 -12.87
C VAL M 195 7.29 1.36 -13.13
N HIS M 196 8.38 1.57 -13.86
CA HIS M 196 9.37 0.53 -14.18
C HIS M 196 9.79 -0.09 -12.84
N LEU M 197 10.01 0.75 -11.85
CA LEU M 197 10.42 0.23 -10.55
C LEU M 197 9.30 -0.43 -9.76
N LEU M 198 8.09 0.14 -9.83
CA LEU M 198 6.98 -0.45 -9.12
C LEU M 198 6.76 -1.87 -9.61
N PHE M 199 6.89 -2.09 -10.92
CA PHE M 199 6.68 -3.42 -11.46
C PHE M 199 7.79 -4.37 -11.04
N LEU M 200 8.99 -3.85 -10.86
CA LEU M 200 10.10 -4.68 -10.44
C LEU M 200 9.95 -5.13 -8.98
N HIS M 201 9.47 -4.25 -8.11
CA HIS M 201 9.32 -4.58 -6.69
C HIS M 201 8.33 -5.70 -6.42
N GLU M 202 7.47 -5.96 -7.39
CA GLU M 202 6.52 -7.02 -7.20
C GLU M 202 7.24 -8.37 -7.20
N THR M 203 8.30 -8.49 -8.00
CA THR M 203 9.07 -9.73 -8.07
C THR M 203 10.43 -9.67 -7.38
N GLY M 204 10.98 -8.47 -7.26
CA GLY M 204 12.30 -8.32 -6.69
C GLY M 204 13.25 -8.52 -7.85
N SER M 205 14.55 -8.37 -7.62
CA SER M 205 15.54 -8.52 -8.68
C SER M 205 15.89 -9.95 -9.05
N ASN M 206 16.38 -10.11 -10.27
CA ASN M 206 16.86 -11.36 -10.81
C ASN M 206 18.30 -11.35 -10.30
N ASN M 207 19.08 -12.39 -10.56
CA ASN M 207 20.47 -12.37 -10.11
C ASN M 207 21.32 -13.12 -11.13
N PRO M 208 22.66 -13.00 -11.06
CA PRO M 208 23.51 -13.70 -12.04
C PRO M 208 23.19 -15.18 -12.32
N THR M 209 22.74 -15.95 -11.32
CA THR M 209 22.46 -17.37 -11.59
C THR M 209 21.11 -17.60 -12.25
N GLY M 210 20.25 -16.59 -12.19
CA GLY M 210 18.91 -16.69 -12.75
C GLY M 210 18.03 -17.58 -11.89
N ILE M 211 18.55 -18.04 -10.76
CA ILE M 211 17.76 -18.89 -9.88
C ILE M 211 17.10 -18.05 -8.82
N SER M 212 15.93 -18.45 -8.37
CA SER M 212 15.23 -17.68 -7.35
C SER M 212 16.12 -17.47 -6.13
N SER M 213 16.22 -16.22 -5.69
CA SER M 213 17.04 -15.88 -4.54
C SER M 213 16.25 -15.68 -3.24
N ASP M 214 15.02 -16.17 -3.18
CA ASP M 214 14.22 -15.98 -1.95
C ASP M 214 14.84 -16.61 -0.70
N VAL M 215 15.68 -17.61 -0.88
CA VAL M 215 16.32 -18.27 0.24
C VAL M 215 17.58 -17.54 0.73
N ASP M 216 18.02 -16.51 0.01
CA ASP M 216 19.20 -15.75 0.42
C ASP M 216 19.08 -14.26 0.09
N LYS M 217 18.12 -13.59 0.71
CA LYS M 217 17.94 -12.15 0.50
C LYS M 217 18.66 -11.38 1.59
N ILE M 218 19.16 -10.20 1.26
CA ILE M 218 19.81 -9.35 2.25
C ILE M 218 19.14 -7.99 2.15
N PRO M 219 19.20 -7.20 3.22
CA PRO M 219 18.55 -5.89 3.10
C PRO M 219 19.27 -4.97 2.09
N PHE M 220 18.50 -4.16 1.39
CA PHE M 220 19.09 -3.25 0.40
C PHE M 220 20.11 -2.35 1.11
N HIS M 221 19.76 -1.92 2.32
CA HIS M 221 20.64 -1.07 3.12
C HIS M 221 21.20 -1.92 4.24
N PRO M 222 22.52 -1.84 4.48
CA PRO M 222 23.57 -1.03 3.84
C PRO M 222 24.29 -1.59 2.62
N TYR M 223 24.06 -2.86 2.30
CA TYR M 223 24.81 -3.50 1.23
C TYR M 223 24.78 -2.86 -0.14
N TYR M 224 23.60 -2.57 -0.66
CA TYR M 224 23.54 -2.00 -1.99
C TYR M 224 23.51 -0.49 -1.96
N THR M 225 23.13 0.07 -0.81
CA THR M 225 23.18 1.51 -0.74
C THR M 225 24.66 1.86 -0.89
N ILE M 226 25.55 1.18 -0.18
CA ILE M 226 26.97 1.53 -0.27
C ILE M 226 27.58 1.13 -1.62
N LYS M 227 27.13 0.00 -2.17
CA LYS M 227 27.58 -0.47 -3.47
C LYS M 227 27.10 0.53 -4.54
N ASP M 228 25.92 1.12 -4.36
CA ASP M 228 25.39 2.09 -5.32
C ASP M 228 26.17 3.41 -5.26
N ILE M 229 26.53 3.83 -4.05
CA ILE M 229 27.29 5.06 -3.86
C ILE M 229 28.63 4.94 -4.59
N LEU M 230 29.30 3.80 -4.43
CA LEU M 230 30.57 3.55 -5.10
C LEU M 230 30.36 3.58 -6.61
N GLY M 231 29.31 2.91 -7.09
CA GLY M 231 29.03 2.93 -8.51
C GLY M 231 28.84 4.37 -8.98
N ALA M 232 28.11 5.16 -8.19
CA ALA M 232 27.82 6.55 -8.52
C ALA M 232 29.10 7.39 -8.63
N LEU M 233 30.04 7.13 -7.72
CA LEU M 233 31.31 7.83 -7.72
C LEU M 233 32.09 7.52 -8.99
N LEU M 234 32.03 6.27 -9.44
CA LEU M 234 32.76 5.92 -10.65
C LEU M 234 32.06 6.55 -11.84
N LEU M 235 30.73 6.71 -11.76
CA LEU M 235 29.99 7.34 -12.86
C LEU M 235 30.42 8.80 -12.94
N ILE M 236 30.51 9.44 -11.76
CA ILE M 236 30.90 10.83 -11.69
C ILE M 236 32.33 10.99 -12.20
N LEU M 237 33.19 10.04 -11.85
CA LEU M 237 34.56 10.04 -12.31
C LEU M 237 34.60 9.99 -13.84
N ALA M 238 33.92 9.01 -14.44
CA ALA M 238 33.88 8.91 -15.89
C ALA M 238 33.33 10.19 -16.52
N LEU M 239 32.24 10.71 -15.96
CA LEU M 239 31.63 11.92 -16.48
C LEU M 239 32.54 13.14 -16.41
N MET M 240 33.15 13.38 -15.24
CA MET M 240 34.02 14.54 -15.08
C MET M 240 35.33 14.42 -15.85
N LEU M 241 35.79 13.20 -16.10
CA LEU M 241 37.01 13.04 -16.89
C LEU M 241 36.66 13.54 -18.29
N LEU M 242 35.48 13.21 -18.77
CA LEU M 242 35.08 13.69 -20.08
C LEU M 242 34.93 15.20 -20.05
N VAL M 243 34.10 15.71 -19.13
CA VAL M 243 33.88 17.14 -19.03
C VAL M 243 35.11 18.01 -18.81
N LEU M 244 36.01 17.58 -17.94
CA LEU M 244 37.18 18.37 -17.61
C LEU M 244 38.43 18.12 -18.45
N PHE M 245 38.55 16.93 -19.03
CA PHE M 245 39.73 16.61 -19.83
C PHE M 245 39.50 16.35 -21.31
N ALA M 246 38.27 16.04 -21.71
CA ALA M 246 37.97 15.79 -23.12
C ALA M 246 36.50 16.05 -23.40
N PRO M 247 36.03 17.28 -23.12
CA PRO M 247 34.62 17.64 -23.32
C PRO M 247 34.02 17.46 -24.73
N ASP M 248 34.86 17.43 -25.77
CA ASP M 248 34.34 17.26 -27.12
C ASP M 248 34.62 15.91 -27.73
N LEU M 249 35.29 15.05 -26.97
CA LEU M 249 35.64 13.73 -27.44
C LEU M 249 34.46 13.01 -28.10
N LEU M 250 33.35 12.94 -27.38
CA LEU M 250 32.18 12.25 -27.87
C LEU M 250 31.25 13.11 -28.72
N GLY M 251 31.65 14.33 -28.97
CA GLY M 251 30.83 15.23 -29.77
C GLY M 251 31.29 15.36 -31.21
N ASP M 252 30.55 16.13 -31.99
CA ASP M 252 30.84 16.35 -33.41
C ASP M 252 31.22 17.81 -33.67
N PRO M 253 32.43 18.05 -34.20
CA PRO M 253 32.91 19.42 -34.51
C PRO M 253 31.88 20.22 -35.34
N ASP M 254 31.16 19.53 -36.22
CA ASP M 254 30.19 20.21 -37.07
C ASP M 254 29.10 20.95 -36.31
N ASN M 255 28.84 20.59 -35.06
CA ASN M 255 27.78 21.32 -34.39
C ASN M 255 28.26 22.63 -33.83
N TYR M 256 29.53 22.94 -34.03
CA TYR M 256 30.04 24.25 -33.59
C TYR M 256 29.86 25.25 -34.72
N THR M 257 29.23 24.80 -35.80
CA THR M 257 28.93 25.65 -36.93
C THR M 257 27.40 25.83 -36.97
N PRO M 258 26.92 27.07 -36.93
CA PRO M 258 25.48 27.36 -36.96
C PRO M 258 24.79 26.66 -38.13
N ALA M 259 23.52 26.36 -37.95
CA ALA M 259 22.72 25.68 -38.97
C ALA M 259 22.69 26.45 -40.31
N ASN M 260 22.91 25.72 -41.39
CA ASN M 260 22.85 26.29 -42.73
C ASN M 260 21.88 25.41 -43.49
N PRO M 261 20.65 25.90 -43.70
CA PRO M 261 19.66 25.09 -44.42
C PRO M 261 19.97 24.84 -45.89
N LEU M 262 20.97 25.50 -46.45
CA LEU M 262 21.30 25.30 -47.86
C LEU M 262 22.48 24.38 -48.02
N ASN M 263 22.97 23.84 -46.91
CA ASN M 263 24.12 22.97 -47.01
C ASN M 263 24.27 21.95 -45.91
N THR M 264 24.30 20.68 -46.32
CA THR M 264 24.48 19.55 -45.41
C THR M 264 25.94 19.13 -45.43
N PRO M 265 26.64 19.23 -44.28
CA PRO M 265 28.06 18.85 -44.26
C PRO M 265 28.33 17.52 -44.99
N PRO M 266 29.46 17.44 -45.71
CA PRO M 266 29.77 16.22 -46.45
C PRO M 266 30.04 14.95 -45.64
N HIS M 267 30.52 15.09 -44.41
CA HIS M 267 30.78 13.88 -43.61
C HIS M 267 29.86 13.77 -42.41
N ILE M 268 28.69 14.37 -42.54
CA ILE M 268 27.70 14.35 -41.48
C ILE M 268 27.51 12.94 -40.95
N LYS M 269 27.40 12.82 -39.64
CA LYS M 269 27.15 11.52 -39.04
C LYS M 269 26.42 11.73 -37.73
N PRO M 270 25.63 10.74 -37.31
CA PRO M 270 24.87 10.81 -36.07
C PRO M 270 25.74 10.79 -34.82
N GLU M 271 25.09 11.10 -33.70
CA GLU M 271 25.71 11.05 -32.38
C GLU M 271 26.17 9.59 -32.25
N TRP M 272 27.27 9.36 -31.53
CA TRP M 272 27.81 8.00 -31.45
C TRP M 272 26.85 6.91 -30.99
N TYR M 273 25.96 7.25 -30.06
CA TYR M 273 25.03 6.24 -29.56
C TYR M 273 23.92 5.87 -30.54
N PHE M 274 23.87 6.55 -31.68
CA PHE M 274 22.87 6.24 -32.69
C PHE M 274 23.57 5.57 -33.89
N LEU M 275 24.89 5.47 -33.87
CA LEU M 275 25.62 4.89 -35.02
C LEU M 275 25.24 3.50 -35.47
N PHE M 276 24.99 2.58 -34.53
CA PHE M 276 24.61 1.23 -34.92
C PHE M 276 23.27 1.21 -35.67
N ALA M 277 22.28 1.94 -35.15
CA ALA M 277 20.97 1.96 -35.80
C ALA M 277 21.11 2.62 -37.17
N TYR M 278 21.94 3.66 -37.24
CA TYR M 278 22.21 4.37 -38.47
C TYR M 278 22.88 3.42 -39.49
N ALA M 279 23.80 2.59 -39.03
CA ALA M 279 24.47 1.65 -39.90
C ALA M 279 23.44 0.72 -40.52
N ILE M 280 22.50 0.26 -39.68
CA ILE M 280 21.44 -0.64 -40.12
C ILE M 280 20.54 0.01 -41.17
N LEU M 281 20.06 1.21 -40.90
CA LEU M 281 19.20 1.90 -41.85
C LEU M 281 19.95 2.12 -43.17
N ARG M 282 21.18 2.58 -43.06
CA ARG M 282 22.01 2.85 -44.24
C ARG M 282 22.33 1.59 -45.06
N SER M 283 22.20 0.41 -44.45
CA SER M 283 22.50 -0.83 -45.15
C SER M 283 21.45 -1.26 -46.17
N ILE M 284 20.27 -0.64 -46.09
CA ILE M 284 19.20 -1.02 -46.96
C ILE M 284 18.91 0.03 -48.03
N PRO M 285 19.16 -0.30 -49.30
CA PRO M 285 18.94 0.63 -50.42
C PRO M 285 17.46 0.85 -50.78
N ASN M 286 16.62 0.89 -49.77
CA ASN M 286 15.20 1.13 -49.94
C ASN M 286 14.78 2.01 -48.77
N LYS M 287 14.00 3.05 -49.05
CA LYS M 287 13.59 3.97 -48.00
C LYS M 287 12.73 3.33 -46.93
N LEU M 288 11.59 2.77 -47.32
CA LEU M 288 10.72 2.15 -46.35
C LEU M 288 11.44 0.99 -45.67
N GLY M 289 12.26 0.28 -46.44
CA GLY M 289 12.99 -0.84 -45.89
C GLY M 289 13.95 -0.41 -44.80
N GLY M 290 14.62 0.70 -45.01
CA GLY M 290 15.56 1.17 -44.01
C GLY M 290 14.88 1.60 -42.74
N VAL M 291 13.79 2.35 -42.88
CA VAL M 291 13.05 2.85 -41.73
C VAL M 291 12.43 1.71 -40.93
N LEU M 292 11.94 0.68 -41.62
CA LEU M 292 11.35 -0.47 -40.93
C LEU M 292 12.44 -1.24 -40.19
N ALA M 293 13.62 -1.37 -40.79
CA ALA M 293 14.71 -2.09 -40.12
C ALA M 293 15.19 -1.29 -38.92
N LEU M 294 15.25 0.03 -39.07
CA LEU M 294 15.67 0.90 -37.97
C LEU M 294 14.74 0.68 -36.78
N ALA M 295 13.44 0.85 -37.04
CA ALA M 295 12.42 0.67 -36.01
C ALA M 295 12.55 -0.72 -35.40
N PHE M 296 12.67 -1.74 -36.24
CA PHE M 296 12.76 -3.11 -35.73
C PHE M 296 14.05 -3.37 -34.94
N SER M 297 15.12 -2.64 -35.22
CA SER M 297 16.36 -2.87 -34.49
C SER M 297 16.16 -2.55 -33.01
N ILE M 298 15.20 -1.69 -32.71
CA ILE M 298 14.93 -1.36 -31.32
C ILE M 298 13.75 -2.15 -30.78
N LEU M 299 12.67 -2.21 -31.56
CA LEU M 299 11.46 -2.91 -31.15
C LEU M 299 11.63 -4.41 -31.00
N ILE M 300 12.70 -4.95 -31.55
CA ILE M 300 12.96 -6.37 -31.44
C ILE M 300 13.19 -6.71 -29.96
N LEU M 301 13.63 -5.74 -29.15
CA LEU M 301 13.81 -5.99 -27.71
C LEU M 301 12.51 -6.50 -27.11
N ALA M 302 11.38 -6.00 -27.61
CA ALA M 302 10.08 -6.43 -27.09
C ALA M 302 9.79 -7.90 -27.45
N LEU M 303 10.54 -8.45 -28.41
CA LEU M 303 10.33 -9.85 -28.81
C LEU M 303 11.21 -10.84 -28.09
N ILE M 304 12.28 -10.35 -27.46
CA ILE M 304 13.20 -11.24 -26.77
C ILE M 304 12.49 -12.21 -25.83
N PRO M 305 11.57 -11.72 -24.97
CA PRO M 305 10.89 -12.63 -24.06
C PRO M 305 10.19 -13.80 -24.78
N LEU M 306 9.67 -13.54 -25.97
CA LEU M 306 8.97 -14.56 -26.74
C LEU M 306 9.91 -15.53 -27.43
N LEU M 307 11.18 -15.15 -27.57
CA LEU M 307 12.18 -15.98 -28.25
C LEU M 307 13.02 -16.79 -27.27
N HIS M 308 12.68 -16.76 -26.00
CA HIS M 308 13.43 -17.50 -24.99
C HIS M 308 13.05 -18.98 -25.04
N THR M 309 13.99 -19.82 -25.44
CA THR M 309 13.74 -21.26 -25.55
C THR M 309 14.39 -22.07 -24.43
N SER M 310 15.35 -21.47 -23.74
CA SER M 310 16.06 -22.18 -22.70
C SER M 310 15.24 -22.50 -21.46
N LYS M 311 15.52 -23.65 -20.85
CA LYS M 311 14.84 -24.05 -19.64
C LYS M 311 15.48 -23.29 -18.48
N GLN M 312 16.60 -22.62 -18.73
CA GLN M 312 17.26 -21.86 -17.68
C GLN M 312 17.09 -20.39 -18.02
N ARG M 313 17.02 -19.56 -16.99
CA ARG M 313 16.80 -18.13 -17.17
C ARG M 313 18.02 -17.34 -17.59
N SER M 314 19.12 -17.58 -16.90
CA SER M 314 20.35 -16.84 -17.13
C SER M 314 21.31 -17.52 -18.10
N MET M 315 22.22 -16.76 -18.69
CA MET M 315 23.18 -17.35 -19.60
C MET M 315 24.38 -17.85 -18.86
N MET M 316 24.44 -17.56 -17.56
CA MET M 316 25.56 -18.00 -16.74
C MET M 316 25.90 -19.48 -16.98
N PHE M 317 24.89 -20.33 -17.00
CA PHE M 317 25.14 -21.74 -17.20
C PHE M 317 24.98 -22.24 -18.64
N ARG M 318 24.98 -21.30 -19.58
CA ARG M 318 24.78 -21.63 -21.00
C ARG M 318 25.90 -21.13 -21.93
N PRO M 319 27.03 -21.88 -22.00
CA PRO M 319 28.21 -21.56 -22.82
C PRO M 319 27.91 -21.17 -24.27
N LEU M 320 27.05 -21.92 -24.96
CA LEU M 320 26.74 -21.60 -26.34
C LEU M 320 26.06 -20.24 -26.46
N SER M 321 25.08 -19.99 -25.59
CA SER M 321 24.38 -18.71 -25.61
C SER M 321 25.34 -17.55 -25.34
N GLN M 322 26.28 -17.74 -24.43
CA GLN M 322 27.25 -16.69 -24.11
C GLN M 322 28.06 -16.33 -25.34
N CYS M 323 28.47 -17.34 -26.10
CA CYS M 323 29.27 -17.09 -27.30
C CYS M 323 28.46 -16.24 -28.25
N LEU M 324 27.20 -16.58 -28.42
CA LEU M 324 26.34 -15.81 -29.33
C LEU M 324 26.10 -14.41 -28.79
N PHE M 325 25.93 -14.29 -27.47
CA PHE M 325 25.70 -12.99 -26.85
C PHE M 325 26.88 -12.09 -27.14
N TRP M 326 28.09 -12.60 -26.93
CA TRP M 326 29.26 -11.79 -27.19
C TRP M 326 29.46 -11.50 -28.69
N ALA M 327 28.97 -12.39 -29.56
CA ALA M 327 29.06 -12.14 -31.00
C ALA M 327 28.13 -10.95 -31.28
N LEU M 328 26.99 -10.93 -30.60
CA LEU M 328 26.02 -9.84 -30.75
C LEU M 328 26.64 -8.52 -30.30
N VAL M 329 27.33 -8.52 -29.17
CA VAL M 329 27.97 -7.31 -28.68
C VAL M 329 29.05 -6.87 -29.65
N ALA M 330 29.80 -7.82 -30.17
CA ALA M 330 30.86 -7.51 -31.12
C ALA M 330 30.23 -7.00 -32.42
N ASP M 331 29.05 -7.51 -32.75
CA ASP M 331 28.37 -7.07 -33.96
C ASP M 331 27.88 -5.62 -33.85
N LEU M 332 27.38 -5.25 -32.66
CA LEU M 332 26.91 -3.88 -32.43
C LEU M 332 28.10 -2.92 -32.49
N LEU M 333 29.25 -3.41 -32.04
CA LEU M 333 30.50 -2.66 -32.08
C LEU M 333 30.84 -2.48 -33.57
N THR M 334 30.68 -3.55 -34.35
CA THR M 334 30.96 -3.49 -35.79
C THR M 334 30.04 -2.47 -36.46
N LEU M 335 28.74 -2.54 -36.16
CA LEU M 335 27.76 -1.60 -36.71
C LEU M 335 28.08 -0.18 -36.27
N THR M 336 28.51 -0.01 -35.03
CA THR M 336 28.86 1.32 -34.54
C THR M 336 30.05 1.87 -35.35
N TRP M 337 31.04 1.01 -35.60
CA TRP M 337 32.20 1.41 -36.38
C TRP M 337 31.76 1.71 -37.82
N ILE M 338 31.01 0.81 -38.45
CA ILE M 338 30.55 1.04 -39.82
C ILE M 338 29.76 2.35 -39.94
N GLY M 339 28.88 2.61 -38.98
CA GLY M 339 28.10 3.83 -39.03
C GLY M 339 28.97 5.08 -39.08
N GLY M 340 30.19 4.98 -38.60
CA GLY M 340 31.07 6.14 -38.61
C GLY M 340 31.92 6.24 -39.86
N GLN M 341 31.73 5.31 -40.78
CA GLN M 341 32.50 5.28 -42.02
C GLN M 341 31.70 5.71 -43.25
N PRO M 342 32.39 6.12 -44.32
CA PRO M 342 31.69 6.53 -45.53
C PRO M 342 31.01 5.34 -46.20
N VAL M 343 29.95 5.63 -46.95
CA VAL M 343 29.22 4.59 -47.65
C VAL M 343 30.05 4.27 -48.88
N GLU M 344 31.05 3.42 -48.69
CA GLU M 344 31.95 3.02 -49.75
C GLU M 344 32.43 1.62 -49.47
N HIS M 345 32.96 0.96 -50.50
CA HIS M 345 33.48 -0.39 -50.35
C HIS M 345 34.68 -0.26 -49.42
N PRO M 346 34.90 -1.25 -48.55
CA PRO M 346 34.13 -2.48 -48.37
C PRO M 346 33.10 -2.32 -47.25
N TYR M 347 33.00 -1.12 -46.70
CA TYR M 347 32.11 -0.81 -45.59
C TYR M 347 30.64 -1.11 -45.84
N ILE M 348 30.19 -0.86 -47.07
CA ILE M 348 28.82 -1.13 -47.45
C ILE M 348 28.48 -2.61 -47.22
N THR M 349 29.38 -3.49 -47.64
CA THR M 349 29.12 -4.91 -47.47
C THR M 349 29.30 -5.38 -46.04
N ILE M 350 30.26 -4.82 -45.32
CA ILE M 350 30.47 -5.21 -43.93
C ILE M 350 29.23 -4.79 -43.13
N GLY M 351 28.69 -3.61 -43.44
CA GLY M 351 27.52 -3.12 -42.74
C GLY M 351 26.29 -3.95 -43.02
N GLN M 352 26.14 -4.41 -44.26
CA GLN M 352 24.99 -5.24 -44.60
C GLN M 352 25.08 -6.57 -43.90
N LEU M 353 26.28 -7.15 -43.88
CA LEU M 353 26.50 -8.43 -43.23
C LEU M 353 26.30 -8.29 -41.73
N ALA M 354 26.86 -7.23 -41.16
CA ALA M 354 26.70 -6.99 -39.73
C ALA M 354 25.20 -6.77 -39.39
N SER M 355 24.45 -6.11 -40.27
CA SER M 355 23.03 -5.88 -40.02
C SER M 355 22.23 -7.18 -40.09
N VAL M 356 22.62 -8.06 -41.00
CA VAL M 356 21.95 -9.33 -41.12
C VAL M 356 22.29 -10.18 -39.89
N LEU M 357 23.54 -10.14 -39.46
CA LEU M 357 23.98 -10.92 -38.32
C LEU M 357 23.22 -10.53 -37.04
N TYR M 358 23.03 -9.23 -36.85
CA TYR M 358 22.29 -8.69 -35.71
C TYR M 358 20.96 -9.43 -35.56
N PHE M 359 20.12 -9.34 -36.59
CA PHE M 359 18.82 -9.98 -36.57
C PHE M 359 18.89 -11.49 -36.53
N LEU M 360 19.88 -12.04 -37.24
CA LEU M 360 20.06 -13.49 -37.26
C LEU M 360 20.36 -14.02 -35.84
N LEU M 361 21.25 -13.33 -35.14
CA LEU M 361 21.64 -13.74 -33.79
C LEU M 361 20.44 -13.77 -32.86
N ILE M 362 19.70 -12.67 -32.85
CA ILE M 362 18.54 -12.52 -31.99
C ILE M 362 17.37 -13.40 -32.39
N LEU M 363 17.04 -13.41 -33.68
CA LEU M 363 15.87 -14.16 -34.13
C LEU M 363 16.01 -15.65 -34.35
N VAL M 364 17.22 -16.11 -34.67
CA VAL M 364 17.40 -17.51 -34.98
C VAL M 364 18.46 -18.23 -34.17
N LEU M 365 19.69 -17.70 -34.22
CA LEU M 365 20.79 -18.33 -33.54
C LEU M 365 20.64 -18.47 -32.03
N MET M 366 20.22 -17.41 -31.35
CA MET M 366 20.07 -17.52 -29.90
C MET M 366 18.96 -18.48 -29.50
N PRO M 367 17.78 -18.41 -30.14
CA PRO M 367 16.73 -19.36 -29.75
C PRO M 367 17.18 -20.80 -30.05
N THR M 368 17.82 -20.98 -31.19
CA THR M 368 18.30 -22.30 -31.55
C THR M 368 19.28 -22.80 -30.50
N ALA M 369 20.22 -21.95 -30.10
CA ALA M 369 21.19 -22.35 -29.07
C ALA M 369 20.49 -22.79 -27.80
N GLY M 370 19.43 -22.05 -27.44
CA GLY M 370 18.67 -22.37 -26.24
C GLY M 370 18.12 -23.79 -26.30
N THR M 371 17.61 -24.17 -27.46
CA THR M 371 17.04 -25.50 -27.65
C THR M 371 18.12 -26.58 -27.64
N ILE M 372 19.27 -26.28 -28.25
CA ILE M 372 20.38 -27.23 -28.29
C ILE M 372 20.90 -27.49 -26.87
N GLU M 373 20.99 -26.44 -26.05
CA GLU M 373 21.46 -26.61 -24.69
C GLU M 373 20.47 -27.43 -23.88
N ASN M 374 19.17 -27.26 -24.15
CA ASN M 374 18.16 -28.03 -23.41
C ASN M 374 18.35 -29.53 -23.69
N LYS M 375 18.62 -29.84 -24.96
CA LYS M 375 18.84 -31.22 -25.41
C LYS M 375 20.06 -31.81 -24.74
N LEU M 376 21.13 -31.02 -24.70
CA LEU M 376 22.37 -31.44 -24.08
C LEU M 376 22.12 -31.75 -22.62
N LEU M 377 21.19 -31.02 -21.99
CA LEU M 377 20.90 -31.27 -20.57
C LEU M 377 19.76 -32.27 -20.34
N LYS M 378 19.26 -32.84 -21.43
CA LYS M 378 18.20 -33.84 -21.37
C LYS M 378 16.86 -33.38 -20.82
N TRP M 379 16.41 -32.20 -21.23
CA TRP M 379 15.09 -31.70 -20.85
C TRP M 379 14.65 -30.65 -21.83
N SER N 1 40.94 17.21 -55.03
CA SER N 1 40.59 15.76 -55.08
C SER N 1 39.92 15.33 -53.78
N ASP N 2 39.37 14.12 -53.79
CA ASP N 2 38.70 13.58 -52.62
C ASP N 2 39.70 12.92 -51.68
N LEU N 3 40.96 12.88 -52.11
CA LEU N 3 42.01 12.30 -51.29
C LEU N 3 42.17 13.24 -50.09
N GLU N 4 42.52 12.67 -48.94
CA GLU N 4 42.68 13.48 -47.74
C GLU N 4 44.10 13.47 -47.22
N LEU N 5 44.45 14.51 -46.48
CA LEU N 5 45.73 14.62 -45.84
C LEU N 5 45.40 15.10 -44.45
N HIS N 6 45.67 14.30 -43.44
CA HIS N 6 45.38 14.70 -42.09
C HIS N 6 46.57 15.37 -41.46
N PRO N 7 46.31 16.39 -40.64
CA PRO N 7 47.38 17.13 -39.97
C PRO N 7 48.15 16.31 -38.94
N PRO N 8 49.45 16.52 -38.84
CA PRO N 8 50.18 15.74 -37.83
C PRO N 8 49.84 16.37 -36.48
N SER N 9 50.33 15.77 -35.40
CA SER N 9 50.08 16.32 -34.07
C SER N 9 51.25 17.17 -33.58
N TYR N 10 51.00 18.45 -33.36
CA TYR N 10 52.05 19.33 -32.88
C TYR N 10 52.12 19.33 -31.37
N PRO N 11 53.34 19.45 -30.81
CA PRO N 11 53.45 19.44 -29.34
C PRO N 11 53.02 20.74 -28.66
N TRP N 12 51.77 21.15 -28.86
CA TRP N 12 51.30 22.38 -28.22
C TRP N 12 51.57 22.31 -26.73
N SER N 13 51.95 23.44 -26.13
CA SER N 13 52.23 23.44 -24.71
C SER N 13 50.98 23.25 -23.86
N HIS N 14 49.80 23.31 -24.48
CA HIS N 14 48.55 23.10 -23.76
C HIS N 14 47.98 21.73 -24.10
N ARG N 15 48.78 20.91 -24.76
CA ARG N 15 48.35 19.58 -25.15
C ARG N 15 48.14 18.59 -24.00
N GLY N 16 48.99 18.65 -22.98
CA GLY N 16 48.86 17.73 -21.85
C GLY N 16 47.60 17.87 -21.02
N LEU N 17 47.23 16.80 -20.32
CA LEU N 17 46.04 16.77 -19.47
C LEU N 17 45.94 17.93 -18.47
N LEU N 18 47.05 18.32 -17.87
CA LEU N 18 47.04 19.40 -16.90
C LEU N 18 47.75 20.64 -17.44
N SER N 19 47.94 20.66 -18.75
CA SER N 19 48.65 21.77 -19.37
C SER N 19 47.80 22.95 -19.81
N SER N 20 48.05 24.09 -19.19
CA SER N 20 47.33 25.31 -19.53
C SER N 20 47.82 25.91 -20.86
N LEU N 21 47.09 26.92 -21.31
CA LEU N 21 47.45 27.64 -22.52
C LEU N 21 48.61 28.56 -22.13
N ASP N 22 49.46 28.91 -23.09
CA ASP N 22 50.58 29.84 -22.86
C ASP N 22 49.96 31.21 -23.11
N HIS N 23 49.77 31.99 -22.07
CA HIS N 23 49.12 33.28 -22.25
C HIS N 23 49.90 34.34 -23.01
N THR N 24 51.22 34.21 -23.07
CA THR N 24 51.97 35.19 -23.82
C THR N 24 51.68 34.87 -25.27
N SER N 25 51.55 33.57 -25.55
CA SER N 25 51.25 33.13 -26.91
C SER N 25 49.85 33.60 -27.30
N ILE N 26 48.90 33.57 -26.35
CA ILE N 26 47.55 34.02 -26.64
C ILE N 26 47.60 35.51 -27.00
N ARG N 27 48.39 36.26 -26.24
CA ARG N 27 48.53 37.69 -26.46
C ARG N 27 49.05 37.99 -27.87
N ARG N 28 50.08 37.26 -28.30
CA ARG N 28 50.61 37.49 -29.65
C ARG N 28 49.61 37.03 -30.71
N GLY N 29 48.94 35.90 -30.45
CA GLY N 29 47.96 35.39 -31.41
C GLY N 29 46.84 36.38 -31.62
N PHE N 30 46.49 37.12 -30.57
CA PHE N 30 45.44 38.11 -30.70
C PHE N 30 45.92 39.20 -31.65
N GLN N 31 47.19 39.57 -31.53
CA GLN N 31 47.77 40.60 -32.39
C GLN N 31 47.70 40.15 -33.84
N VAL N 32 47.91 38.85 -34.07
CA VAL N 32 47.81 38.31 -35.43
C VAL N 32 46.39 38.43 -35.92
N TYR N 33 45.43 38.02 -35.09
CA TYR N 33 44.04 38.11 -35.48
C TYR N 33 43.67 39.57 -35.74
N LYS N 34 44.11 40.45 -34.85
CA LYS N 34 43.81 41.87 -34.97
C LYS N 34 44.39 42.53 -36.22
N GLN N 35 45.65 42.24 -36.52
CA GLN N 35 46.35 42.81 -37.67
C GLN N 35 46.10 42.11 -38.99
N VAL N 36 45.86 40.81 -38.94
CA VAL N 36 45.69 40.05 -40.17
C VAL N 36 44.35 39.43 -40.48
N CYS N 37 43.92 38.48 -39.66
CA CYS N 37 42.66 37.80 -39.88
C CYS N 37 41.42 38.66 -39.86
N SER N 38 41.38 39.64 -38.95
CA SER N 38 40.18 40.47 -38.82
C SER N 38 39.70 41.23 -40.05
N SER N 39 40.54 41.38 -41.06
CA SER N 39 40.08 42.12 -42.22
C SER N 39 39.14 41.27 -43.08
N CYS N 40 39.12 39.96 -42.85
CA CYS N 40 38.24 39.08 -43.61
C CYS N 40 37.37 38.17 -42.74
N HIS N 41 37.83 37.88 -41.53
CA HIS N 41 37.13 36.98 -40.61
C HIS N 41 36.53 37.65 -39.39
N SER N 42 35.27 37.34 -39.11
CA SER N 42 34.67 37.89 -37.93
C SER N 42 35.04 36.95 -36.76
N MET N 43 34.78 37.43 -35.56
CA MET N 43 34.96 36.65 -34.36
C MET N 43 33.80 37.12 -33.49
N ASP N 44 32.58 36.85 -33.98
CA ASP N 44 31.34 37.26 -33.32
C ASP N 44 31.12 37.06 -31.82
N TYR N 45 31.65 35.98 -31.25
CA TYR N 45 31.41 35.71 -29.84
C TYR N 45 32.48 36.13 -28.86
N VAL N 46 33.46 36.88 -29.33
CA VAL N 46 34.49 37.34 -28.44
C VAL N 46 34.39 38.84 -28.33
N ALA N 47 34.48 39.35 -27.10
CA ALA N 47 34.42 40.78 -26.83
C ALA N 47 35.72 41.21 -26.13
N TYR N 48 36.02 42.50 -26.17
CA TYR N 48 37.24 43.02 -25.55
C TYR N 48 37.35 42.66 -24.07
N ARG N 49 36.23 42.70 -23.36
CA ARG N 49 36.24 42.35 -21.93
C ARG N 49 36.79 40.95 -21.71
N HIS N 50 36.59 40.05 -22.68
CA HIS N 50 37.07 38.69 -22.56
C HIS N 50 38.61 38.58 -22.50
N LEU N 51 39.30 39.59 -23.04
CA LEU N 51 40.75 39.58 -23.04
C LEU N 51 41.34 39.95 -21.68
N VAL N 52 40.54 40.63 -20.86
CA VAL N 52 40.99 41.09 -19.55
C VAL N 52 41.32 39.95 -18.60
N GLY N 53 42.55 39.91 -18.12
CA GLY N 53 42.93 38.87 -17.19
C GLY N 53 43.34 37.58 -17.88
N VAL N 54 43.35 37.60 -19.21
CA VAL N 54 43.76 36.44 -19.99
C VAL N 54 45.06 36.77 -20.74
N CYS N 55 45.11 37.94 -21.38
CA CYS N 55 46.32 38.32 -22.11
C CYS N 55 46.57 39.82 -22.16
N TYR N 56 45.64 40.58 -21.59
CA TYR N 56 45.72 42.04 -21.52
C TYR N 56 45.13 42.50 -20.20
N THR N 57 45.64 43.60 -19.69
CA THR N 57 45.12 44.15 -18.44
C THR N 57 43.84 44.88 -18.83
N GLU N 58 43.04 45.29 -17.85
CA GLU N 58 41.80 45.99 -18.17
C GLU N 58 42.07 47.27 -18.93
N ASP N 59 43.10 48.02 -18.51
CA ASP N 59 43.42 49.27 -19.22
C ASP N 59 43.88 48.99 -20.65
N GLU N 60 44.67 47.94 -20.84
CA GLU N 60 45.12 47.63 -22.19
C GLU N 60 43.91 47.27 -23.06
N ALA N 61 43.03 46.45 -22.53
CA ALA N 61 41.85 46.02 -23.30
C ALA N 61 40.95 47.21 -23.60
N LYS N 62 40.85 48.15 -22.68
CA LYS N 62 40.04 49.34 -22.94
C LYS N 62 40.64 50.05 -24.15
N ALA N 63 41.94 50.28 -24.12
CA ALA N 63 42.64 50.95 -25.23
C ALA N 63 42.41 50.21 -26.54
N LEU N 64 42.46 48.88 -26.51
CA LEU N 64 42.23 48.11 -27.73
C LEU N 64 40.83 48.36 -28.27
N ALA N 65 39.82 48.32 -27.39
CA ALA N 65 38.44 48.52 -27.82
C ALA N 65 38.29 49.88 -28.47
N GLU N 66 38.92 50.88 -27.86
CA GLU N 66 38.85 52.23 -28.36
C GLU N 66 39.51 52.42 -29.72
N GLU N 67 40.31 51.45 -30.17
CA GLU N 67 40.94 51.54 -31.48
C GLU N 67 39.92 51.42 -32.59
N VAL N 68 38.72 50.97 -32.24
CA VAL N 68 37.70 50.80 -33.25
C VAL N 68 36.49 51.71 -33.04
N GLU N 69 35.78 51.95 -34.13
CA GLU N 69 34.59 52.78 -34.11
C GLU N 69 33.43 51.86 -34.27
N VAL N 70 32.51 51.87 -33.32
CA VAL N 70 31.34 51.02 -33.42
C VAL N 70 30.07 51.86 -33.47
N GLN N 71 29.08 51.38 -34.23
CA GLN N 71 27.83 52.09 -34.34
C GLN N 71 27.01 51.93 -33.04
N ASP N 72 26.34 53.00 -32.65
CA ASP N 72 25.54 53.00 -31.45
C ASP N 72 24.31 53.85 -31.73
N GLY N 73 23.46 54.02 -30.73
CA GLY N 73 22.26 54.81 -30.92
C GLY N 73 21.02 53.96 -31.01
N PRO N 74 19.88 54.52 -31.43
CA PRO N 74 19.69 55.92 -31.82
C PRO N 74 19.88 56.95 -30.71
N ASN N 75 20.24 58.16 -31.14
CA ASN N 75 20.41 59.28 -30.22
C ASN N 75 19.05 59.99 -30.12
N GLU N 76 19.04 61.17 -29.49
CA GLU N 76 17.83 61.97 -29.31
C GLU N 76 17.10 62.28 -30.62
N ASP N 77 17.83 62.32 -31.73
CA ASP N 77 17.21 62.61 -33.02
C ASP N 77 16.84 61.33 -33.78
N GLY N 78 17.05 60.19 -33.13
CA GLY N 78 16.71 58.92 -33.75
C GLY N 78 17.72 58.47 -34.79
N GLU N 79 18.92 59.01 -34.73
CA GLU N 79 19.96 58.62 -35.69
C GLU N 79 21.04 57.77 -35.06
N MET N 80 21.61 56.88 -35.87
CA MET N 80 22.69 56.01 -35.41
C MET N 80 23.95 56.86 -35.44
N PHE N 81 24.94 56.51 -34.63
CA PHE N 81 26.17 57.28 -34.61
C PHE N 81 27.37 56.40 -34.31
N MET N 82 28.56 56.93 -34.57
CA MET N 82 29.78 56.19 -34.31
C MET N 82 30.37 56.65 -33.00
N ARG N 83 31.00 55.71 -32.31
CA ARG N 83 31.64 56.01 -31.05
C ARG N 83 32.82 55.07 -30.89
N PRO N 84 33.75 55.40 -30.00
CA PRO N 84 34.92 54.56 -29.76
C PRO N 84 34.39 53.25 -29.14
N GLY N 85 35.04 52.15 -29.43
CA GLY N 85 34.58 50.90 -28.85
C GLY N 85 34.84 50.86 -27.36
N LYS N 86 34.19 49.91 -26.67
CA LYS N 86 34.38 49.76 -25.24
C LYS N 86 34.41 48.28 -24.86
N LEU N 87 34.84 47.98 -23.65
CA LEU N 87 34.96 46.60 -23.20
C LEU N 87 33.78 45.68 -23.54
N SER N 88 32.57 46.19 -23.42
CA SER N 88 31.39 45.39 -23.69
C SER N 88 31.16 45.11 -25.18
N ASP N 89 31.81 45.85 -26.07
CA ASP N 89 31.61 45.61 -27.49
C ASP N 89 32.29 44.32 -27.92
N TYR N 90 31.68 43.66 -28.91
CA TYR N 90 32.23 42.44 -29.47
C TYR N 90 33.17 42.87 -30.59
N PHE N 91 34.05 41.97 -31.01
CA PHE N 91 34.98 42.31 -32.08
C PHE N 91 34.23 42.69 -33.32
N PRO N 92 34.58 43.84 -33.91
CA PRO N 92 33.94 44.36 -35.13
C PRO N 92 33.90 43.34 -36.27
N LYS N 93 32.82 43.33 -37.04
CA LYS N 93 32.73 42.40 -38.15
C LYS N 93 33.30 43.06 -39.39
N PRO N 94 34.13 42.35 -40.13
CA PRO N 94 34.70 42.97 -41.34
C PRO N 94 33.63 43.30 -42.38
N TYR N 95 32.52 42.55 -42.38
CA TYR N 95 31.45 42.76 -43.35
C TYR N 95 30.06 42.80 -42.69
N PRO N 96 29.14 43.60 -43.26
CA PRO N 96 27.77 43.73 -42.73
C PRO N 96 26.98 42.43 -42.79
N ASN N 97 27.29 41.60 -43.78
CA ASN N 97 26.58 40.34 -43.94
C ASN N 97 27.43 39.36 -44.75
N PRO N 98 27.05 38.08 -44.76
CA PRO N 98 27.80 37.09 -45.52
C PRO N 98 27.81 37.27 -47.04
N GLU N 99 26.85 38.01 -47.57
CA GLU N 99 26.82 38.23 -49.01
C GLU N 99 27.97 39.18 -49.34
N ALA N 100 28.08 40.24 -48.56
CA ALA N 100 29.16 41.19 -48.76
C ALA N 100 30.49 40.45 -48.62
N ALA N 101 30.58 39.59 -47.61
CA ALA N 101 31.79 38.83 -47.36
C ALA N 101 32.19 37.98 -48.56
N ARG N 102 31.22 37.30 -49.16
CA ARG N 102 31.47 36.46 -50.34
C ARG N 102 31.84 37.29 -51.56
N ALA N 103 31.16 38.42 -51.70
CA ALA N 103 31.40 39.34 -52.81
C ALA N 103 32.80 39.90 -52.73
N ALA N 104 33.27 40.10 -51.51
CA ALA N 104 34.60 40.65 -51.30
C ALA N 104 35.69 39.57 -51.34
N ASN N 105 35.30 38.31 -51.50
CA ASN N 105 36.25 37.21 -51.54
C ASN N 105 35.97 36.22 -52.69
N ASN N 106 35.74 36.76 -53.88
CA ASN N 106 35.49 35.93 -55.05
C ASN N 106 34.50 34.79 -54.82
N GLY N 107 33.43 35.07 -54.09
CA GLY N 107 32.44 34.04 -53.84
C GLY N 107 32.64 33.16 -52.61
N ALA N 108 33.84 33.15 -52.05
CA ALA N 108 34.10 32.34 -50.86
C ALA N 108 33.76 33.09 -49.58
N LEU N 109 33.29 32.37 -48.59
CA LEU N 109 32.90 32.96 -47.31
C LEU N 109 33.89 32.68 -46.17
N PRO N 110 34.59 33.73 -45.69
CA PRO N 110 35.53 33.46 -44.59
C PRO N 110 34.70 33.11 -43.36
N PRO N 111 34.83 31.88 -42.85
CA PRO N 111 33.99 31.63 -41.68
C PRO N 111 34.36 32.43 -40.45
N ASP N 112 33.42 32.52 -39.52
CA ASP N 112 33.66 33.21 -38.27
C ASP N 112 34.69 32.32 -37.56
N LEU N 113 35.58 32.90 -36.77
CA LEU N 113 36.62 32.08 -36.16
C LEU N 113 36.51 31.84 -34.67
N SER N 114 35.46 32.36 -34.04
CA SER N 114 35.27 32.19 -32.60
C SER N 114 35.41 30.72 -32.21
N TYR N 115 34.93 29.83 -33.06
CA TYR N 115 34.96 28.40 -32.78
C TYR N 115 35.69 27.56 -33.82
N ILE N 116 36.40 28.21 -34.75
CA ILE N 116 37.02 27.42 -35.79
C ILE N 116 37.79 26.19 -35.28
N VAL N 117 38.54 26.37 -34.19
CA VAL N 117 39.32 25.28 -33.64
C VAL N 117 38.47 24.10 -33.16
N ARG N 118 37.27 24.37 -32.66
CA ARG N 118 36.38 23.29 -32.21
C ARG N 118 35.47 22.81 -33.34
N ALA N 119 35.35 23.63 -34.39
CA ALA N 119 34.49 23.30 -35.52
C ALA N 119 35.23 22.54 -36.62
N ARG N 120 36.49 22.24 -36.41
CA ARG N 120 37.26 21.50 -37.40
C ARG N 120 37.97 20.31 -36.76
N HIS N 121 37.84 19.15 -37.39
CA HIS N 121 38.53 17.97 -36.93
C HIS N 121 40.01 18.36 -37.06
N GLY N 122 40.81 18.02 -36.05
CA GLY N 122 42.20 18.39 -36.09
C GLY N 122 42.46 19.62 -35.24
N GLY N 123 41.42 20.39 -34.96
CA GLY N 123 41.60 21.59 -34.15
C GLY N 123 42.75 22.46 -34.62
N GLU N 124 43.59 22.91 -33.69
CA GLU N 124 44.72 23.77 -34.06
C GLU N 124 45.79 23.07 -34.90
N ASP N 125 45.87 21.74 -34.83
CA ASP N 125 46.84 21.04 -35.67
C ASP N 125 46.40 21.29 -37.11
N TYR N 126 45.08 21.26 -37.34
CA TYR N 126 44.56 21.50 -38.68
C TYR N 126 44.79 22.95 -39.09
N VAL N 127 44.42 23.90 -38.25
CA VAL N 127 44.61 25.28 -38.62
C VAL N 127 46.09 25.62 -38.86
N PHE N 128 46.99 25.11 -38.02
CA PHE N 128 48.41 25.38 -38.17
C PHE N 128 48.92 24.79 -39.48
N SER N 129 48.54 23.56 -39.78
CA SER N 129 48.98 22.91 -41.01
C SER N 129 48.44 23.63 -42.24
N LEU N 130 47.21 24.13 -42.15
CA LEU N 130 46.60 24.85 -43.26
C LEU N 130 47.35 26.16 -43.51
N LEU N 131 47.60 26.91 -42.43
CA LEU N 131 48.27 28.20 -42.52
C LEU N 131 49.70 28.14 -43.03
N THR N 132 50.43 27.12 -42.60
CA THR N 132 51.81 26.96 -43.00
C THR N 132 51.94 25.95 -44.14
N GLY N 133 50.80 25.46 -44.64
CA GLY N 133 50.84 24.45 -45.67
C GLY N 133 50.60 24.80 -47.13
N TYR N 134 50.53 26.07 -47.47
CA TYR N 134 50.32 26.38 -48.87
C TYR N 134 51.54 25.97 -49.69
N CYS N 135 51.30 25.55 -50.93
CA CYS N 135 52.39 25.17 -51.80
C CYS N 135 51.89 25.24 -53.24
N GLU N 136 52.76 25.00 -54.20
CA GLU N 136 52.33 25.04 -55.59
C GLU N 136 51.54 23.79 -55.91
N PRO N 137 50.54 23.92 -56.78
CA PRO N 137 49.68 22.81 -57.19
C PRO N 137 50.53 21.68 -57.75
N PRO N 138 50.13 20.43 -57.53
CA PRO N 138 50.94 19.35 -58.08
C PRO N 138 50.74 19.24 -59.60
N THR N 139 51.58 18.45 -60.27
CA THR N 139 51.48 18.28 -61.72
C THR N 139 50.13 17.69 -62.14
N GLY N 140 49.48 18.33 -63.10
CA GLY N 140 48.20 17.83 -63.56
C GLY N 140 47.02 18.54 -62.92
N VAL N 141 47.30 19.42 -61.95
CA VAL N 141 46.25 20.15 -61.27
C VAL N 141 46.23 21.60 -61.69
N SER N 142 45.06 22.06 -62.12
CA SER N 142 44.91 23.45 -62.54
C SER N 142 43.73 24.00 -61.75
N LEU N 143 43.96 25.09 -61.03
CA LEU N 143 42.89 25.68 -60.24
C LEU N 143 42.31 26.88 -60.93
N ARG N 144 40.99 27.05 -60.81
CA ARG N 144 40.36 28.20 -61.44
C ARG N 144 40.91 29.44 -60.74
N GLU N 145 40.68 30.60 -61.34
CA GLU N 145 41.15 31.82 -60.75
C GLU N 145 40.49 32.07 -59.40
N GLY N 146 41.26 32.54 -58.44
CA GLY N 146 40.72 32.81 -57.12
C GLY N 146 41.03 31.72 -56.10
N LEU N 147 41.36 30.53 -56.58
CA LEU N 147 41.69 29.39 -55.73
C LEU N 147 43.19 29.12 -55.59
N TYR N 148 43.58 28.67 -54.41
CA TYR N 148 44.97 28.37 -54.09
C TYR N 148 45.07 26.93 -53.67
N PHE N 149 46.19 26.30 -54.01
CA PHE N 149 46.39 24.92 -53.63
C PHE N 149 46.86 24.83 -52.20
N ASN N 150 46.11 24.10 -51.37
CA ASN N 150 46.51 23.89 -49.98
C ASN N 150 46.16 22.45 -49.75
N PRO N 151 47.17 21.60 -49.62
CA PRO N 151 47.00 20.16 -49.41
C PRO N 151 46.19 19.76 -48.18
N TYR N 152 46.07 20.65 -47.21
CA TYR N 152 45.33 20.32 -45.99
C TYR N 152 43.85 20.63 -46.06
N PHE N 153 43.48 21.54 -46.96
CA PHE N 153 42.09 21.91 -47.14
C PHE N 153 41.37 20.82 -47.91
N PRO N 154 40.12 20.49 -47.53
CA PRO N 154 39.35 19.45 -48.22
C PRO N 154 39.24 19.78 -49.71
N GLY N 155 39.66 18.86 -50.56
CA GLY N 155 39.61 19.10 -51.99
C GLY N 155 40.86 19.81 -52.50
N GLN N 156 41.68 20.29 -51.56
CA GLN N 156 42.94 20.98 -51.86
C GLN N 156 42.86 22.34 -52.57
N ALA N 157 41.66 22.83 -52.83
CA ALA N 157 41.51 24.13 -53.49
C ALA N 157 40.79 25.08 -52.55
N ILE N 158 41.52 26.03 -51.99
CA ILE N 158 40.95 26.97 -51.04
C ILE N 158 40.84 28.40 -51.59
N GLY N 159 39.80 29.11 -51.16
CA GLY N 159 39.59 30.48 -51.61
C GLY N 159 40.31 31.55 -50.82
N MET N 160 41.15 31.15 -49.87
CA MET N 160 41.92 32.10 -49.07
C MET N 160 43.39 32.05 -49.53
N ALA N 161 43.96 33.19 -49.88
CA ALA N 161 45.36 33.26 -50.31
C ALA N 161 46.22 33.21 -49.03
N PRO N 162 47.46 32.70 -49.12
CA PRO N 162 48.29 32.63 -47.91
C PRO N 162 48.22 33.95 -47.14
N PRO N 163 47.63 33.95 -45.94
CA PRO N 163 47.53 35.21 -45.18
C PRO N 163 48.75 35.59 -44.38
N ILE N 164 49.58 34.62 -44.01
CA ILE N 164 50.76 34.97 -43.24
C ILE N 164 52.06 34.58 -43.92
N TYR N 165 53.12 35.26 -43.53
CA TYR N 165 54.46 35.05 -44.08
C TYR N 165 55.43 35.77 -43.13
N ASN N 166 56.73 35.59 -43.34
CA ASN N 166 57.73 36.22 -42.49
C ASN N 166 57.51 37.72 -42.41
N GLU N 167 57.50 38.23 -41.19
CA GLU N 167 57.31 39.64 -40.91
C GLU N 167 55.93 40.21 -41.31
N VAL N 168 54.91 39.36 -41.38
CA VAL N 168 53.58 39.86 -41.73
C VAL N 168 53.12 40.91 -40.71
N LEU N 169 53.73 40.90 -39.53
CA LEU N 169 53.42 41.88 -38.49
C LEU N 169 54.56 41.89 -37.50
N GLU N 170 54.56 42.88 -36.61
CA GLU N 170 55.60 43.00 -35.59
C GLU N 170 54.94 42.75 -34.24
N PHE N 171 55.49 41.84 -33.44
CA PHE N 171 54.93 41.56 -32.14
C PHE N 171 55.36 42.59 -31.10
N ASP N 172 54.46 42.87 -30.15
CA ASP N 172 54.70 43.83 -29.08
C ASP N 172 55.85 43.43 -28.15
N ASP N 173 56.28 42.16 -28.23
CA ASP N 173 57.36 41.71 -27.39
C ASP N 173 58.67 41.39 -28.14
N GLY N 174 58.75 41.86 -29.38
CA GLY N 174 59.96 41.65 -30.18
C GLY N 174 60.16 40.28 -30.78
N THR N 175 59.31 39.32 -30.42
CA THR N 175 59.39 37.97 -30.95
C THR N 175 59.50 37.94 -32.47
N PRO N 176 60.51 37.24 -33.02
CA PRO N 176 60.68 37.15 -34.48
C PRO N 176 59.40 36.64 -35.12
N ALA N 177 58.81 37.48 -35.97
CA ALA N 177 57.58 37.13 -36.62
C ALA N 177 57.70 36.28 -37.88
N THR N 178 58.31 35.11 -37.76
CA THR N 178 58.42 34.22 -38.91
C THR N 178 57.03 33.64 -39.13
N MET N 179 56.75 33.17 -40.34
CA MET N 179 55.43 32.60 -40.63
C MET N 179 55.00 31.53 -39.62
N SER N 180 55.89 30.58 -39.35
CA SER N 180 55.57 29.51 -38.41
C SER N 180 55.33 30.01 -36.98
N GLN N 181 56.02 31.06 -36.58
CA GLN N 181 55.83 31.61 -35.25
C GLN N 181 54.45 32.28 -35.17
N VAL N 182 54.11 32.99 -36.25
CA VAL N 182 52.85 33.70 -36.34
C VAL N 182 51.68 32.70 -36.32
N ALA N 183 51.86 31.59 -37.03
CA ALA N 183 50.85 30.55 -37.12
C ALA N 183 50.62 29.91 -35.75
N LYS N 184 51.72 29.58 -35.07
CA LYS N 184 51.65 28.97 -33.76
C LYS N 184 50.93 29.87 -32.75
N ASP N 185 51.18 31.18 -32.78
CA ASP N 185 50.52 32.06 -31.83
C ASP N 185 49.04 32.29 -32.16
N VAL N 186 48.70 32.46 -33.44
CA VAL N 186 47.30 32.68 -33.78
C VAL N 186 46.47 31.42 -33.48
N CYS N 187 47.08 30.25 -33.61
CA CYS N 187 46.38 29.00 -33.32
C CYS N 187 46.12 28.89 -31.81
N THR N 188 47.08 29.34 -31.01
CA THR N 188 46.93 29.28 -29.57
C THR N 188 45.81 30.23 -29.17
N PHE N 189 45.80 31.40 -29.79
CA PHE N 189 44.75 32.37 -29.52
C PHE N 189 43.39 31.82 -29.95
N LEU N 190 43.35 31.13 -31.09
CA LEU N 190 42.09 30.57 -31.58
C LEU N 190 41.57 29.47 -30.65
N ARG N 191 42.48 28.73 -30.01
CA ARG N 191 42.09 27.70 -29.07
C ARG N 191 41.43 28.37 -27.87
N TRP N 192 42.05 29.43 -27.39
CA TRP N 192 41.48 30.14 -26.27
C TRP N 192 40.11 30.74 -26.65
N ALA N 193 40.00 31.30 -27.86
CA ALA N 193 38.75 31.90 -28.29
C ALA N 193 37.60 30.89 -28.35
N ALA N 194 37.91 29.67 -28.79
CA ALA N 194 36.92 28.61 -28.89
C ALA N 194 36.64 27.95 -27.55
N GLU N 195 37.57 28.10 -26.62
CA GLU N 195 37.45 27.44 -25.34
C GLU N 195 38.09 28.26 -24.21
N PRO N 196 37.49 29.40 -23.86
CA PRO N 196 38.08 30.22 -22.79
C PRO N 196 38.13 29.54 -21.45
N GLU N 197 37.34 28.48 -21.30
CA GLU N 197 37.32 27.74 -20.05
C GLU N 197 38.46 26.72 -20.05
N HIS N 198 39.25 26.67 -21.13
CA HIS N 198 40.33 25.70 -21.22
C HIS N 198 41.18 25.51 -19.96
N ASP N 199 41.79 26.59 -19.48
CA ASP N 199 42.65 26.48 -18.31
C ASP N 199 41.90 26.16 -17.04
N HIS N 200 40.72 26.73 -16.89
CA HIS N 200 39.96 26.47 -15.69
C HIS N 200 39.51 25.02 -15.58
N ARG N 201 39.06 24.44 -16.68
CA ARG N 201 38.61 23.07 -16.60
C ARG N 201 39.74 22.12 -16.23
N LYS N 202 40.97 22.42 -16.66
CA LYS N 202 42.07 21.52 -16.34
C LYS N 202 42.48 21.65 -14.87
N ARG N 203 42.39 22.86 -14.31
CA ARG N 203 42.72 23.08 -12.91
C ARG N 203 41.70 22.30 -12.05
N MET N 204 40.45 22.34 -12.49
CA MET N 204 39.38 21.64 -11.77
C MET N 204 39.58 20.14 -11.96
N GLY N 205 40.07 19.77 -13.14
CA GLY N 205 40.33 18.38 -13.43
C GLY N 205 41.35 17.83 -12.45
N LEU N 206 42.38 18.62 -12.17
CA LEU N 206 43.41 18.20 -11.22
C LEU N 206 42.76 17.99 -9.85
N LYS N 207 41.97 18.94 -9.39
CA LYS N 207 41.31 18.80 -8.11
C LYS N 207 40.37 17.59 -8.07
N MET N 208 39.65 17.36 -9.16
CA MET N 208 38.74 16.23 -9.26
C MET N 208 39.51 14.90 -9.15
N LEU N 209 40.62 14.77 -9.86
CA LEU N 209 41.42 13.56 -9.78
C LEU N 209 41.94 13.34 -8.35
N LEU N 210 42.44 14.40 -7.72
CA LEU N 210 42.95 14.30 -6.35
C LEU N 210 41.84 13.90 -5.38
N MET N 211 40.64 14.46 -5.54
CA MET N 211 39.52 14.12 -4.66
C MET N 211 39.06 12.67 -4.86
N MET N 212 39.00 12.23 -6.11
CA MET N 212 38.59 10.87 -6.42
C MET N 212 39.68 9.91 -5.97
N GLY N 213 40.92 10.41 -6.03
CA GLY N 213 42.04 9.59 -5.59
C GLY N 213 41.91 9.30 -4.10
N LEU N 214 41.19 10.16 -3.39
CA LEU N 214 41.00 9.96 -1.97
C LEU N 214 39.70 9.22 -1.71
N LEU N 215 38.60 9.79 -2.20
CA LEU N 215 37.27 9.26 -2.00
C LEU N 215 36.96 7.86 -2.53
N LEU N 216 37.58 7.46 -3.63
CA LEU N 216 37.29 6.13 -4.17
C LEU N 216 37.82 5.01 -3.29
N PRO N 217 39.07 5.13 -2.81
CA PRO N 217 39.57 4.05 -1.95
C PRO N 217 38.84 4.06 -0.61
N LEU N 218 38.47 5.24 -0.13
CA LEU N 218 37.75 5.34 1.14
C LEU N 218 36.36 4.70 1.06
N VAL N 219 35.59 5.03 0.02
CA VAL N 219 34.26 4.47 -0.13
C VAL N 219 34.37 2.97 -0.37
N TYR N 220 35.38 2.58 -1.14
CA TYR N 220 35.61 1.18 -1.41
C TYR N 220 35.92 0.43 -0.11
N ALA N 221 36.68 1.06 0.80
CA ALA N 221 36.99 0.40 2.06
C ALA N 221 35.71 0.27 2.88
N MET N 222 34.86 1.29 2.80
CA MET N 222 33.57 1.28 3.51
C MET N 222 32.68 0.15 2.96
N LYS N 223 32.76 -0.10 1.66
CA LYS N 223 31.97 -1.15 1.03
C LYS N 223 32.48 -2.50 1.55
N ARG N 224 33.78 -2.69 1.51
CA ARG N 224 34.36 -3.95 1.96
C ARG N 224 34.09 -4.16 3.45
N HIS N 225 34.07 -3.09 4.23
CA HIS N 225 33.84 -3.17 5.66
C HIS N 225 32.46 -3.78 5.92
N LYS N 226 31.44 -3.18 5.33
CA LYS N 226 30.05 -3.64 5.47
C LYS N 226 29.84 -5.04 4.92
N TRP N 227 30.33 -5.26 3.71
CA TRP N 227 30.19 -6.58 3.06
C TRP N 227 30.99 -7.71 3.69
N SER N 228 31.99 -7.38 4.50
CA SER N 228 32.81 -8.43 5.12
C SER N 228 31.94 -9.38 5.93
N VAL N 229 30.85 -8.87 6.49
CA VAL N 229 29.92 -9.71 7.26
C VAL N 229 29.34 -10.82 6.37
N LEU N 230 29.06 -10.51 5.11
CA LEU N 230 28.54 -11.53 4.19
C LEU N 230 29.68 -12.34 3.58
N LYS N 231 30.78 -11.68 3.24
CA LYS N 231 31.88 -12.37 2.59
C LYS N 231 32.53 -13.49 3.38
N SER N 232 32.48 -13.40 4.71
CA SER N 232 33.08 -14.42 5.54
C SER N 232 32.05 -15.30 6.24
N ARG N 233 30.77 -15.06 5.98
CA ARG N 233 29.76 -15.89 6.64
C ARG N 233 29.96 -17.32 6.18
N LYS N 234 29.66 -18.26 7.08
CA LYS N 234 29.79 -19.67 6.77
C LYS N 234 28.42 -20.30 6.96
N LEU N 235 28.14 -21.30 6.13
CA LEU N 235 26.87 -22.00 6.14
C LEU N 235 27.01 -23.47 6.49
N ALA N 236 26.05 -23.97 7.24
CA ALA N 236 26.04 -25.37 7.60
C ALA N 236 24.60 -25.85 7.43
N TYR N 237 24.45 -27.04 6.85
CA TYR N 237 23.14 -27.64 6.63
C TYR N 237 23.07 -28.80 7.60
N ARG N 238 22.06 -28.80 8.48
CA ARG N 238 21.95 -29.87 9.46
C ARG N 238 20.58 -30.51 9.47
N PRO N 239 20.22 -31.20 8.39
CA PRO N 239 18.89 -31.83 8.38
C PRO N 239 18.86 -33.00 9.34
N PRO N 240 17.70 -33.25 9.97
CA PRO N 240 17.59 -34.38 10.90
C PRO N 240 17.64 -35.63 10.03
N LYS N 241 18.44 -36.61 10.40
CA LYS N 241 18.51 -37.81 9.57
C LYS N 241 19.12 -38.98 10.34
N SER O 1 22.88 -33.48 18.77
CA SER O 1 22.63 -32.46 19.81
C SER O 1 23.06 -31.08 19.33
N HIS O 2 22.35 -30.05 19.78
CA HIS O 2 22.71 -28.69 19.40
C HIS O 2 24.07 -28.36 19.99
N THR O 3 24.48 -29.12 21.02
CA THR O 3 25.77 -28.87 21.65
C THR O 3 26.93 -29.35 20.77
N ASP O 4 26.60 -29.98 19.65
CA ASP O 4 27.61 -30.45 18.70
C ASP O 4 27.94 -29.27 17.78
N ILE O 5 27.13 -28.22 17.88
CA ILE O 5 27.33 -27.04 17.06
C ILE O 5 28.43 -26.15 17.63
N LYS O 6 29.49 -25.97 16.84
CA LYS O 6 30.64 -25.15 17.19
C LYS O 6 30.88 -24.14 16.06
N VAL O 7 31.16 -22.89 16.41
CA VAL O 7 31.41 -21.89 15.39
C VAL O 7 32.66 -22.25 14.62
N PRO O 8 32.64 -22.10 13.29
CA PRO O 8 33.84 -22.44 12.51
C PRO O 8 34.96 -21.46 12.83
N ASP O 9 36.19 -21.87 12.54
CA ASP O 9 37.34 -21.02 12.76
C ASP O 9 37.29 -19.85 11.78
N PHE O 10 37.53 -18.65 12.27
CA PHE O 10 37.50 -17.45 11.47
C PHE O 10 38.87 -16.78 11.48
N SER O 11 39.85 -17.43 12.09
CA SER O 11 41.20 -16.88 12.22
C SER O 11 41.72 -16.28 10.91
N ASP O 12 41.31 -16.88 9.80
CA ASP O 12 41.71 -16.44 8.47
C ASP O 12 41.16 -15.06 8.09
N TYR O 13 40.09 -14.64 8.76
CA TYR O 13 39.44 -13.36 8.48
C TYR O 13 39.67 -12.30 9.56
N ARG O 14 39.97 -12.75 10.77
CA ARG O 14 40.18 -11.83 11.89
C ARG O 14 41.31 -10.83 11.76
N ARG O 15 41.10 -9.66 12.33
CA ARG O 15 42.12 -8.63 12.36
C ARG O 15 43.15 -9.26 13.31
N PRO O 16 44.44 -8.96 13.11
CA PRO O 16 45.54 -9.49 13.93
C PRO O 16 45.37 -9.29 15.43
N GLU O 17 44.81 -8.15 15.81
CA GLU O 17 44.61 -7.82 17.22
C GLU O 17 43.52 -8.58 17.96
N VAL O 18 42.79 -9.45 17.26
CA VAL O 18 41.77 -10.26 17.92
C VAL O 18 41.98 -11.71 17.59
N LEU O 19 43.21 -12.04 17.20
CA LEU O 19 43.56 -13.42 16.88
C LEU O 19 43.79 -14.26 18.14
N ASP O 20 44.25 -13.65 19.23
CA ASP O 20 44.48 -14.44 20.45
C ASP O 20 43.18 -14.62 21.23
N SER O 21 42.73 -15.87 21.34
CA SER O 21 41.50 -16.18 22.05
C SER O 21 41.62 -16.09 23.57
N THR O 22 42.85 -15.92 24.05
CA THR O 22 43.07 -15.83 25.50
C THR O 22 43.34 -14.38 25.91
N LYS O 23 42.99 -13.46 25.02
CA LYS O 23 43.17 -12.04 25.29
C LYS O 23 41.84 -11.31 25.02
N SER O 24 41.52 -10.32 25.85
CA SER O 24 40.29 -9.57 25.67
C SER O 24 40.40 -8.68 24.42
N SER O 25 39.32 -8.61 23.65
CA SER O 25 39.33 -7.78 22.44
C SER O 25 38.99 -6.34 22.71
N LYS O 26 38.55 -6.05 23.93
CA LYS O 26 38.19 -4.69 24.32
C LYS O 26 39.41 -3.76 24.34
N GLU O 27 40.58 -4.36 24.49
CA GLU O 27 41.82 -3.60 24.55
C GLU O 27 42.14 -2.96 23.19
N SER O 28 41.53 -3.47 22.13
CA SER O 28 41.75 -2.94 20.79
C SER O 28 40.51 -2.39 20.12
N SER O 29 39.36 -2.52 20.78
CA SER O 29 38.10 -2.06 20.20
C SER O 29 38.07 -0.57 19.88
N GLU O 30 38.71 0.25 20.71
CA GLU O 30 38.72 1.68 20.45
C GLU O 30 39.51 1.98 19.20
N ALA O 31 40.67 1.34 19.06
CA ALA O 31 41.51 1.54 17.89
C ALA O 31 40.79 1.03 16.64
N ARG O 32 40.23 -0.17 16.72
CA ARG O 32 39.53 -0.78 15.60
C ARG O 32 38.34 0.07 15.11
N LYS O 33 37.60 0.66 16.06
CA LYS O 33 36.48 1.50 15.71
C LYS O 33 36.96 2.87 15.21
N GLY O 34 37.99 3.42 15.86
CA GLY O 34 38.54 4.72 15.47
C GLY O 34 38.97 4.74 14.02
N PHE O 35 39.63 3.67 13.58
CA PHE O 35 40.07 3.57 12.20
C PHE O 35 38.85 3.75 11.30
N SER O 36 37.92 2.81 11.38
CA SER O 36 36.70 2.85 10.57
C SER O 36 36.02 4.21 10.59
N TYR O 37 35.93 4.83 11.76
CA TYR O 37 35.27 6.12 11.84
C TYR O 37 36.13 7.26 11.31
N LEU O 38 37.41 6.98 11.06
CA LEU O 38 38.30 8.00 10.51
C LEU O 38 37.98 8.02 9.02
N VAL O 39 37.89 6.83 8.44
CA VAL O 39 37.56 6.63 7.04
C VAL O 39 36.24 7.30 6.74
N THR O 40 35.27 6.94 7.55
CA THR O 40 33.95 7.52 7.43
C THR O 40 34.04 9.04 7.51
N ALA O 41 34.72 9.54 8.54
CA ALA O 41 34.86 10.98 8.73
C ALA O 41 35.53 11.65 7.52
N THR O 42 36.63 11.07 7.05
CA THR O 42 37.35 11.62 5.91
C THR O 42 36.53 11.56 4.61
N THR O 43 35.77 10.49 4.43
CA THR O 43 34.93 10.36 3.26
C THR O 43 33.90 11.49 3.32
N THR O 44 33.39 11.75 4.52
CA THR O 44 32.40 12.79 4.73
C THR O 44 32.91 14.19 4.44
N VAL O 45 34.16 14.45 4.81
CA VAL O 45 34.75 15.77 4.56
C VAL O 45 35.04 15.94 3.07
N GLY O 46 35.45 14.87 2.42
CA GLY O 46 35.74 14.93 1.01
C GLY O 46 34.45 15.15 0.22
N VAL O 47 33.37 14.53 0.65
CA VAL O 47 32.10 14.69 -0.05
C VAL O 47 31.49 16.07 0.23
N ALA O 48 31.69 16.60 1.43
CA ALA O 48 31.19 17.93 1.76
C ALA O 48 31.94 18.98 0.92
N TYR O 49 33.24 18.78 0.74
CA TYR O 49 34.05 19.68 -0.08
C TYR O 49 33.50 19.68 -1.51
N ALA O 50 33.27 18.50 -2.06
CA ALA O 50 32.76 18.37 -3.42
C ALA O 50 31.37 18.96 -3.53
N ALA O 51 30.49 18.62 -2.59
CA ALA O 51 29.12 19.11 -2.61
C ALA O 51 29.07 20.64 -2.54
N LYS O 52 29.88 21.22 -1.66
CA LYS O 52 29.94 22.67 -1.51
C LYS O 52 30.36 23.40 -2.79
N ASN O 53 31.32 22.82 -3.51
CA ASN O 53 31.78 23.42 -4.76
C ASN O 53 30.71 23.34 -5.86
N VAL O 54 30.16 22.13 -6.07
CA VAL O 54 29.15 21.93 -7.09
C VAL O 54 27.93 22.80 -6.86
N VAL O 55 27.44 22.80 -5.62
CA VAL O 55 26.26 23.61 -5.32
C VAL O 55 26.52 25.09 -5.58
N SER O 56 27.65 25.60 -5.10
CA SER O 56 27.95 27.02 -5.31
C SER O 56 28.18 27.33 -6.77
N GLN O 57 28.64 26.37 -7.57
CA GLN O 57 28.84 26.66 -8.99
C GLN O 57 27.47 26.83 -9.65
N PHE O 58 26.52 25.98 -9.27
CA PHE O 58 25.18 26.10 -9.82
C PHE O 58 24.51 27.37 -9.34
N VAL O 59 24.68 27.70 -8.07
CA VAL O 59 24.09 28.90 -7.52
C VAL O 59 24.72 30.10 -8.22
N SER O 60 26.02 29.97 -8.47
CA SER O 60 26.76 31.04 -9.14
C SER O 60 26.26 31.29 -10.57
N SER O 61 25.83 30.22 -11.26
CA SER O 61 25.35 30.35 -12.62
C SER O 61 24.12 31.27 -12.72
N MET O 62 23.35 31.38 -11.64
CA MET O 62 22.18 32.25 -11.65
C MET O 62 22.50 33.71 -11.37
N SER O 63 23.69 33.98 -10.83
CA SER O 63 24.11 35.36 -10.58
C SER O 63 24.44 36.02 -11.92
N ALA O 64 24.54 37.34 -11.91
CA ALA O 64 24.85 38.12 -13.10
C ALA O 64 26.01 37.51 -13.88
N SER O 65 25.80 37.30 -15.18
CA SER O 65 26.82 36.73 -16.03
C SER O 65 27.82 37.83 -16.38
N ALA O 66 28.95 37.44 -16.96
CA ALA O 66 30.02 38.38 -17.31
C ALA O 66 29.60 39.60 -18.16
N ASP O 67 28.67 39.40 -19.08
CA ASP O 67 28.19 40.46 -19.96
C ASP O 67 27.31 41.51 -19.26
N VAL O 68 26.78 41.16 -18.09
CA VAL O 68 25.91 42.07 -17.35
C VAL O 68 26.68 43.00 -16.43
N LEU O 69 27.89 42.63 -16.05
CA LEU O 69 28.66 43.45 -15.13
C LEU O 69 29.41 44.62 -15.76
N ALA O 70 29.78 45.59 -14.93
C ALA O 70 29.13 48.08 -16.98
N MET O 71 29.84 48.57 -15.97
CA MET O 71 29.43 49.78 -15.28
C MET O 71 30.11 51.02 -15.86
N SER O 72 29.66 51.36 -17.07
CA SER O 72 30.14 52.49 -17.84
C SER O 72 29.54 53.81 -17.31
N LYS O 73 30.32 54.88 -17.26
CA LYS O 73 29.80 56.16 -16.80
C LYS O 73 28.91 56.68 -17.92
N ILE O 74 28.18 57.74 -17.68
CA ILE O 74 27.30 58.29 -18.70
C ILE O 74 27.40 59.81 -18.71
N GLU O 75 27.51 60.38 -19.90
CA GLU O 75 27.63 61.83 -20.06
C GLU O 75 26.29 62.39 -20.51
N ILE O 76 25.86 63.46 -19.85
CA ILE O 76 24.57 64.06 -20.17
C ILE O 76 24.68 65.56 -20.44
N LYS O 77 23.98 65.99 -21.50
CA LYS O 77 23.98 67.39 -21.91
C LYS O 77 22.89 68.17 -21.18
N LEU O 78 23.32 68.98 -20.23
CA LEU O 78 22.40 69.79 -19.43
C LEU O 78 21.62 70.85 -20.20
N SER O 79 22.19 71.34 -21.29
CA SER O 79 21.52 72.38 -22.09
C SER O 79 20.21 71.88 -22.70
N ASP O 80 20.13 70.58 -23.00
CA ASP O 80 18.91 70.01 -23.58
C ASP O 80 17.77 69.80 -22.58
N ILE O 81 17.98 70.14 -21.31
CA ILE O 81 16.93 69.94 -20.31
C ILE O 81 16.41 71.26 -19.74
N PRO O 82 15.27 71.72 -20.24
CA PRO O 82 14.58 72.97 -19.84
C PRO O 82 14.23 73.01 -18.37
N GLU O 83 14.15 74.22 -17.83
CA GLU O 83 13.81 74.38 -16.44
C GLU O 83 12.48 73.68 -16.17
N GLY O 84 12.38 73.05 -15.00
CA GLY O 84 11.16 72.36 -14.63
C GLY O 84 11.01 70.96 -15.18
N LYS O 85 11.89 70.55 -16.06
CA LYS O 85 11.77 69.23 -16.64
C LYS O 85 12.59 68.13 -15.98
N ASN O 86 11.97 66.94 -15.86
CA ASN O 86 12.63 65.78 -15.31
C ASN O 86 12.92 64.89 -16.52
N MET O 87 14.19 64.63 -16.75
CA MET O 87 14.59 63.83 -17.87
C MET O 87 15.07 62.47 -17.36
N ALA O 88 14.63 61.41 -18.03
CA ALA O 88 15.02 60.06 -17.63
C ALA O 88 15.87 59.41 -18.70
N PHE O 89 16.88 58.69 -18.26
CA PHE O 89 17.79 57.99 -19.15
C PHE O 89 17.93 56.61 -18.58
N LYS O 90 18.32 55.68 -19.43
CA LYS O 90 18.53 54.32 -18.99
C LYS O 90 20.02 54.33 -18.70
N TRP O 91 20.41 53.90 -17.52
CA TRP O 91 21.81 53.88 -17.13
C TRP O 91 22.03 52.72 -16.21
N ARG O 92 23.06 51.93 -16.47
CA ARG O 92 23.35 50.75 -15.66
C ARG O 92 22.08 49.96 -15.39
N GLY O 93 21.23 49.91 -16.42
CA GLY O 93 19.98 49.17 -16.34
C GLY O 93 18.89 49.68 -15.43
N LYS O 94 18.77 51.00 -15.31
CA LYS O 94 17.77 51.63 -14.43
C LYS O 94 17.54 53.06 -14.87
N PRO O 95 16.42 53.67 -14.46
CA PRO O 95 16.17 55.06 -14.85
C PRO O 95 17.13 55.98 -14.10
N LEU O 96 17.70 56.94 -14.82
CA LEU O 96 18.58 57.90 -14.21
C LEU O 96 17.80 59.17 -14.46
N PHE O 97 17.49 59.91 -13.41
CA PHE O 97 16.74 61.15 -13.56
C PHE O 97 17.70 62.34 -13.45
N VAL O 98 17.56 63.27 -14.39
CA VAL O 98 18.35 64.50 -14.35
C VAL O 98 17.23 65.51 -14.48
N ARG O 99 17.03 66.25 -13.40
CA ARG O 99 15.94 67.20 -13.32
C ARG O 99 16.41 68.64 -13.09
N HIS O 100 15.93 69.54 -13.94
CA HIS O 100 16.29 70.95 -13.87
C HIS O 100 15.23 71.62 -13.00
N ARG O 101 15.62 72.03 -11.80
CA ARG O 101 14.68 72.65 -10.89
C ARG O 101 14.54 74.16 -11.02
N THR O 102 13.37 74.63 -10.62
CA THR O 102 13.02 76.05 -10.65
C THR O 102 13.39 76.61 -9.30
N LYS O 103 13.44 77.94 -9.20
CA LYS O 103 13.80 78.55 -7.93
C LYS O 103 12.76 78.21 -6.88
N LYS O 104 11.50 78.17 -7.29
CA LYS O 104 10.44 77.85 -6.35
C LYS O 104 10.62 76.42 -5.82
N GLU O 105 10.94 75.48 -6.70
CA GLU O 105 11.16 74.10 -6.27
C GLU O 105 12.33 74.09 -5.30
N ILE O 106 13.41 74.79 -5.65
CA ILE O 106 14.59 74.87 -4.80
C ILE O 106 14.26 75.46 -3.43
N ASP O 107 13.44 76.51 -3.43
CA ASP O 107 13.05 77.15 -2.17
C ASP O 107 12.20 76.21 -1.31
N GLN O 108 11.19 75.59 -1.92
CA GLN O 108 10.34 74.65 -1.19
C GLN O 108 11.19 73.57 -0.53
N GLU O 109 12.14 73.01 -1.28
CA GLU O 109 13.01 71.96 -0.74
C GLU O 109 13.88 72.48 0.39
N ALA O 110 14.20 73.76 0.35
CA ALA O 110 15.03 74.40 1.38
C ALA O 110 14.26 74.55 2.68
N ALA O 111 12.97 74.81 2.56
CA ALA O 111 12.11 75.03 3.71
C ALA O 111 11.72 73.76 4.50
N VAL O 112 12.09 72.58 3.99
CA VAL O 112 11.74 71.34 4.67
C VAL O 112 12.36 71.18 6.05
N GLU O 113 11.51 70.88 7.03
CA GLU O 113 11.91 70.66 8.40
C GLU O 113 12.58 69.29 8.44
N VAL O 114 13.87 69.28 8.12
CA VAL O 114 14.68 68.07 8.04
C VAL O 114 14.60 67.05 9.17
N SER O 115 14.47 67.53 10.41
CA SER O 115 14.43 66.61 11.55
C SER O 115 13.24 65.68 11.52
N GLN O 116 12.19 66.08 10.80
CA GLN O 116 10.97 65.28 10.72
C GLN O 116 10.91 64.27 9.59
N LEU O 117 11.98 64.19 8.79
CA LEU O 117 12.03 63.26 7.67
C LEU O 117 12.45 61.88 8.14
N ARG O 118 11.92 60.83 7.50
CA ARG O 118 12.29 59.47 7.90
C ARG O 118 13.73 59.17 7.50
N ASP O 119 14.21 59.83 6.46
CA ASP O 119 15.57 59.65 5.99
C ASP O 119 16.07 61.11 5.89
N PRO O 120 16.37 61.70 7.05
CA PRO O 120 16.83 63.09 7.16
C PRO O 120 18.09 63.50 6.41
N GLN O 121 17.89 64.39 5.45
CA GLN O 121 18.96 64.95 4.66
C GLN O 121 18.46 66.31 4.22
N HIS O 122 19.38 67.27 4.23
CA HIS O 122 19.05 68.60 3.79
C HIS O 122 19.19 68.54 2.27
N ASP O 123 18.41 69.34 1.54
CA ASP O 123 18.50 69.33 0.10
C ASP O 123 19.93 69.54 -0.38
N LEU O 124 20.64 70.46 0.28
CA LEU O 124 21.99 70.79 -0.11
C LEU O 124 23.01 69.69 0.12
N GLU O 125 22.60 68.63 0.82
CA GLU O 125 23.48 67.49 1.03
C GLU O 125 23.26 66.52 -0.14
N ARG O 126 22.22 66.78 -0.94
CA ARG O 126 21.87 65.88 -2.02
C ARG O 126 22.17 66.37 -3.42
N VAL O 127 22.56 67.63 -3.53
CA VAL O 127 22.86 68.21 -4.84
C VAL O 127 24.18 68.95 -4.79
N LYS O 128 24.76 69.20 -5.96
CA LYS O 128 26.01 69.95 -6.07
C LYS O 128 25.63 71.36 -6.54
N LYS O 129 24.73 71.42 -7.51
CA LYS O 129 24.21 72.68 -8.03
C LYS O 129 22.69 72.56 -7.83
N PRO O 130 22.13 73.38 -6.93
CA PRO O 130 20.70 73.38 -6.59
C PRO O 130 19.69 73.28 -7.74
N GLU O 131 20.00 73.87 -8.89
CA GLU O 131 19.06 73.84 -10.01
C GLU O 131 19.06 72.46 -10.68
N TRP O 132 19.97 71.60 -10.27
CA TRP O 132 20.07 70.27 -10.83
C TRP O 132 20.00 69.19 -9.76
N VAL O 133 19.01 68.32 -9.86
CA VAL O 133 18.94 67.21 -8.93
C VAL O 133 19.08 65.99 -9.84
N ILE O 134 20.00 65.10 -9.47
CA ILE O 134 20.26 63.90 -10.26
C ILE O 134 19.98 62.74 -9.34
N LEU O 135 19.15 61.82 -9.83
CA LEU O 135 18.74 60.69 -9.00
C LEU O 135 18.58 59.39 -9.77
N ILE O 136 18.72 58.30 -9.04
CA ILE O 136 18.49 56.97 -9.61
C ILE O 136 16.96 56.92 -9.49
N GLY O 137 16.27 56.85 -10.64
CA GLY O 137 14.82 56.83 -10.64
C GLY O 137 14.16 55.52 -10.25
N VAL O 138 14.55 54.97 -9.11
CA VAL O 138 14.02 53.72 -8.61
C VAL O 138 13.44 53.89 -7.21
N CYS O 139 12.14 53.68 -7.06
CA CYS O 139 11.50 53.83 -5.74
C CYS O 139 12.21 52.90 -4.75
N THR O 140 12.62 53.42 -3.60
CA THR O 140 13.32 52.58 -2.64
C THR O 140 12.40 51.55 -1.97
N HIS O 141 11.11 51.61 -2.24
CA HIS O 141 10.20 50.65 -1.64
C HIS O 141 10.37 49.32 -2.36
N LEU O 142 9.77 49.21 -3.54
CA LEU O 142 9.86 47.96 -4.27
C LEU O 142 10.30 48.07 -5.74
N GLY O 143 10.94 49.19 -6.07
CA GLY O 143 11.50 49.35 -7.40
C GLY O 143 10.75 49.97 -8.55
N CYS O 144 9.54 50.48 -8.34
CA CYS O 144 8.87 51.09 -9.47
C CYS O 144 9.50 52.44 -9.79
N VAL O 145 9.07 53.03 -10.90
CA VAL O 145 9.61 54.32 -11.31
C VAL O 145 8.71 55.46 -10.84
N PRO O 146 9.20 56.29 -9.91
CA PRO O 146 8.35 57.39 -9.45
C PRO O 146 8.02 58.31 -10.60
N ILE O 147 6.81 58.87 -10.57
CA ILE O 147 6.33 59.78 -11.61
C ILE O 147 6.63 61.24 -11.21
N ALA O 148 7.36 61.95 -12.08
CA ALA O 148 7.73 63.34 -11.83
C ALA O 148 6.54 64.29 -11.85
N ASN O 149 6.57 65.26 -10.94
CA ASN O 149 5.53 66.28 -10.82
C ASN O 149 4.19 65.75 -10.33
N ALA O 150 4.24 64.67 -9.57
CA ALA O 150 3.01 64.09 -9.03
C ALA O 150 3.24 63.91 -7.54
N GLY O 151 2.15 63.67 -6.81
CA GLY O 151 2.29 63.50 -5.38
C GLY O 151 2.01 64.81 -4.71
N ASP O 152 2.10 64.82 -3.40
CA ASP O 152 1.80 66.03 -2.64
C ASP O 152 2.95 66.99 -2.40
N PHE O 153 4.10 66.73 -3.00
CA PHE O 153 5.24 67.61 -2.79
C PHE O 153 5.85 68.07 -4.10
N GLY O 154 5.10 67.90 -5.18
CA GLY O 154 5.58 68.32 -6.49
C GLY O 154 6.87 67.68 -6.93
N GLY O 155 7.33 66.68 -6.18
CA GLY O 155 8.56 66.00 -6.57
C GLY O 155 8.18 64.84 -7.45
N TYR O 156 7.97 63.68 -6.82
CA TYR O 156 7.60 62.47 -7.52
C TYR O 156 6.58 61.66 -6.73
N TYR O 157 5.86 60.80 -7.45
CA TYR O 157 4.88 59.93 -6.84
C TYR O 157 5.06 58.52 -7.42
N CYS O 158 5.25 57.53 -6.55
CA CYS O 158 5.38 56.16 -7.04
C CYS O 158 3.99 55.57 -7.00
N PRO O 159 3.46 55.21 -8.18
CA PRO O 159 2.12 54.64 -8.30
C PRO O 159 1.96 53.21 -7.78
N CYS O 160 3.06 52.48 -7.64
CA CYS O 160 2.90 51.12 -7.17
C CYS O 160 2.26 51.02 -5.78
N HIS O 161 2.78 51.74 -4.78
CA HIS O 161 2.16 51.66 -3.46
C HIS O 161 1.97 53.01 -2.78
N GLY O 162 2.07 54.08 -3.57
CA GLY O 162 1.84 55.41 -3.03
C GLY O 162 2.95 56.14 -2.28
N SER O 163 4.20 55.93 -2.66
CA SER O 163 5.28 56.67 -1.99
C SER O 163 5.36 58.06 -2.65
N HIS O 164 5.37 59.11 -1.82
CA HIS O 164 5.48 60.48 -2.32
C HIS O 164 6.90 60.98 -2.03
N TYR O 165 7.57 61.53 -3.04
CA TYR O 165 8.91 62.08 -2.83
C TYR O 165 8.88 63.56 -3.16
N ASP O 166 9.74 64.36 -2.54
CA ASP O 166 9.75 65.78 -2.87
C ASP O 166 10.73 66.04 -4.03
N ALA O 167 10.87 67.29 -4.43
CA ALA O 167 11.74 67.62 -5.56
C ALA O 167 13.23 67.40 -5.32
N SER O 168 13.56 66.88 -4.13
CA SER O 168 14.94 66.55 -3.75
C SER O 168 15.10 65.01 -3.80
N GLY O 169 14.03 64.30 -4.12
CA GLY O 169 14.08 62.84 -4.16
C GLY O 169 13.97 62.22 -2.77
N ARG O 170 13.61 63.03 -1.78
CA ARG O 170 13.48 62.53 -0.41
C ARG O 170 12.08 61.97 -0.21
N ILE O 171 12.01 60.84 0.48
CA ILE O 171 10.74 60.18 0.74
C ILE O 171 9.97 60.96 1.78
N ARG O 172 8.74 61.33 1.45
CA ARG O 172 7.91 62.11 2.35
C ARG O 172 6.71 61.39 2.92
N LYS O 173 6.21 60.43 2.16
CA LYS O 173 5.02 59.71 2.59
C LYS O 173 4.93 58.39 1.84
N GLY O 174 4.30 57.40 2.46
CA GLY O 174 4.18 56.11 1.82
C GLY O 174 5.14 55.13 2.51
N PRO O 175 5.28 53.92 1.96
CA PRO O 175 6.16 52.87 2.50
C PRO O 175 7.65 52.89 2.15
N ALA O 176 8.08 53.70 1.18
CA ALA O 176 9.51 53.68 0.86
C ALA O 176 10.29 54.09 2.13
N PRO O 177 11.41 53.39 2.42
CA PRO O 177 12.21 53.70 3.61
C PRO O 177 13.30 54.76 3.40
N LEU O 178 13.82 54.86 2.18
CA LEU O 178 14.91 55.79 1.90
C LEU O 178 14.64 56.80 0.79
N ASN O 179 15.41 57.89 0.83
CA ASN O 179 15.31 58.92 -0.20
C ASN O 179 15.83 58.27 -1.46
N LEU O 180 15.40 58.75 -2.62
CA LEU O 180 15.89 58.18 -3.87
C LEU O 180 17.41 58.32 -3.86
N GLU O 181 18.10 57.33 -4.41
CA GLU O 181 19.55 57.33 -4.44
C GLU O 181 20.20 58.40 -5.34
N VAL O 182 21.20 59.08 -4.78
CA VAL O 182 21.96 60.12 -5.48
C VAL O 182 23.27 59.46 -5.92
N PRO O 183 23.53 59.37 -7.23
CA PRO O 183 24.77 58.75 -7.71
C PRO O 183 25.95 59.72 -7.65
N SER O 184 27.14 59.19 -7.97
CA SER O 184 28.34 60.02 -8.03
C SER O 184 28.28 60.74 -9.36
N TYR O 185 28.57 62.03 -9.37
CA TYR O 185 28.60 62.74 -10.63
C TYR O 185 29.44 64.00 -10.56
N GLU O 186 29.87 64.47 -11.72
CA GLU O 186 30.69 65.66 -11.80
C GLU O 186 30.29 66.51 -12.99
N PHE O 187 30.18 67.81 -12.75
CA PHE O 187 29.85 68.75 -13.82
C PHE O 187 31.17 69.09 -14.51
N THR O 188 31.17 69.01 -15.82
CA THR O 188 32.38 69.28 -16.59
C THR O 188 32.29 70.60 -17.34
N SER O 189 32.91 70.63 -18.53
CA SER O 189 32.89 71.81 -19.37
C SER O 189 31.46 72.08 -19.77
N ASP O 190 31.27 72.97 -20.75
CA ASP O 190 29.95 73.31 -21.26
C ASP O 190 28.83 73.04 -20.27
N ASP O 191 27.78 72.38 -20.75
CA ASP O 191 26.65 72.02 -19.93
C ASP O 191 26.60 70.51 -19.92
N MET O 192 27.62 69.91 -19.33
CA MET O 192 27.69 68.46 -19.26
C MET O 192 27.90 67.98 -17.84
N VAL O 193 27.28 66.86 -17.53
CA VAL O 193 27.43 66.26 -16.22
C VAL O 193 27.86 64.84 -16.53
N ILE O 194 28.77 64.30 -15.74
CA ILE O 194 29.20 62.94 -15.98
C ILE O 194 28.80 62.16 -14.74
N VAL O 195 27.92 61.17 -14.93
CA VAL O 195 27.44 60.37 -13.83
C VAL O 195 28.14 59.02 -13.81
N GLY O 196 28.61 58.61 -12.63
CA GLY O 196 29.29 57.34 -12.50
C GLY O 196 30.61 57.40 -11.73
N TRP P 12 29.37 -39.42 -29.85
CA TRP P 12 29.77 -38.08 -29.30
C TRP P 12 28.82 -37.53 -28.23
N LEU P 13 27.53 -37.44 -28.54
CA LEU P 13 26.55 -36.90 -27.60
C LEU P 13 26.85 -37.06 -26.11
N GLU P 14 27.05 -38.29 -25.63
CA GLU P 14 27.34 -38.44 -24.20
C GLU P 14 28.71 -37.86 -23.90
N GLY P 15 29.61 -37.97 -24.88
CA GLY P 15 30.94 -37.42 -24.72
C GLY P 15 30.78 -35.91 -24.67
N ILE P 16 30.05 -35.38 -25.65
CA ILE P 16 29.80 -33.97 -25.67
C ILE P 16 28.89 -33.54 -24.50
N ARG P 17 28.00 -34.43 -24.05
CA ARG P 17 27.11 -34.06 -22.93
C ARG P 17 27.90 -33.78 -21.66
N LYS P 18 28.78 -34.70 -21.27
CA LYS P 18 29.58 -34.50 -20.07
C LYS P 18 30.45 -33.26 -20.21
N TRP P 19 30.91 -32.99 -21.42
CA TRP P 19 31.72 -31.81 -21.65
C TRP P 19 30.85 -30.56 -21.44
N TYR P 20 29.65 -30.59 -22.01
CA TYR P 20 28.74 -29.45 -21.87
C TYR P 20 28.37 -29.24 -20.40
N TYR P 21 28.11 -30.35 -19.69
CA TYR P 21 27.71 -30.29 -18.30
C TYR P 21 28.74 -29.52 -17.46
N ASN P 22 30.01 -29.78 -17.73
CA ASN P 22 31.07 -29.11 -17.02
C ASN P 22 31.32 -27.71 -17.51
N ALA P 23 31.04 -27.47 -18.79
CA ALA P 23 31.21 -26.15 -19.36
C ALA P 23 30.10 -25.24 -18.81
N ALA P 24 28.90 -25.82 -18.63
CA ALA P 24 27.73 -25.10 -18.10
C ALA P 24 28.14 -24.60 -16.74
N GLY P 25 28.79 -25.48 -15.99
CA GLY P 25 29.32 -25.11 -14.70
C GLY P 25 28.43 -24.93 -13.49
N PHE P 26 27.14 -25.27 -13.54
CA PHE P 26 26.37 -25.10 -12.31
C PHE P 26 26.88 -26.13 -11.31
N ASN P 27 27.51 -27.19 -11.81
CA ASN P 27 28.05 -28.22 -10.91
C ASN P 27 29.20 -27.66 -10.05
N LYS P 28 29.88 -26.62 -10.53
CA LYS P 28 30.96 -26.01 -9.76
C LYS P 28 30.41 -25.26 -8.56
N LEU P 29 29.11 -24.96 -8.58
CA LEU P 29 28.48 -24.26 -7.45
C LEU P 29 27.76 -25.29 -6.59
N GLY P 30 27.94 -26.57 -6.91
CA GLY P 30 27.31 -27.64 -6.17
C GLY P 30 25.84 -27.86 -6.50
N LEU P 31 25.38 -27.24 -7.58
CA LEU P 31 23.98 -27.36 -7.98
C LEU P 31 23.70 -28.60 -8.80
N MET P 32 22.45 -29.02 -8.76
CA MET P 32 22.00 -30.14 -9.58
C MET P 32 21.22 -29.49 -10.72
N ARG P 33 21.15 -30.14 -11.87
CA ARG P 33 20.45 -29.53 -12.99
C ARG P 33 19.05 -28.98 -12.65
N ASP P 34 18.25 -29.77 -11.95
CA ASP P 34 16.91 -29.32 -11.58
C ASP P 34 16.94 -28.07 -10.68
N ASP P 35 18.02 -27.85 -9.96
CA ASP P 35 18.11 -26.67 -9.13
C ASP P 35 18.14 -25.40 -10.00
N THR P 36 18.50 -25.56 -11.26
CA THR P 36 18.64 -24.41 -12.16
C THR P 36 17.47 -24.10 -13.08
N ILE P 37 16.43 -24.93 -13.03
CA ILE P 37 15.27 -24.75 -13.90
C ILE P 37 14.56 -23.39 -13.67
N HIS P 38 14.12 -22.76 -14.74
CA HIS P 38 13.42 -21.50 -14.59
C HIS P 38 12.08 -21.82 -13.94
N GLU P 39 11.75 -21.17 -12.83
CA GLU P 39 10.49 -21.47 -12.14
C GLU P 39 9.20 -20.86 -12.66
N ASN P 40 8.49 -21.55 -13.56
CA ASN P 40 7.19 -21.04 -14.02
C ASN P 40 6.13 -21.63 -13.05
N ASP P 41 4.84 -21.42 -13.30
CA ASP P 41 3.84 -21.94 -12.38
C ASP P 41 3.78 -23.46 -12.26
N ASP P 42 4.09 -24.18 -13.34
CA ASP P 42 4.09 -25.63 -13.25
C ASP P 42 5.19 -26.05 -12.27
N VAL P 43 6.36 -25.47 -12.44
CA VAL P 43 7.53 -25.77 -11.61
C VAL P 43 7.29 -25.40 -10.15
N LYS P 44 6.70 -24.22 -9.90
CA LYS P 44 6.44 -23.82 -8.52
C LYS P 44 5.53 -24.83 -7.83
N GLU P 45 4.57 -25.36 -8.56
CA GLU P 45 3.67 -26.35 -7.94
C GLU P 45 4.43 -27.67 -7.71
N ALA P 46 5.30 -28.05 -8.65
CA ALA P 46 6.05 -29.30 -8.49
C ALA P 46 6.93 -29.19 -7.24
N ILE P 47 7.59 -28.06 -7.07
CA ILE P 47 8.45 -27.84 -5.91
C ILE P 47 7.62 -27.97 -4.61
N ARG P 48 6.46 -27.32 -4.58
CA ARG P 48 5.58 -27.38 -3.41
C ARG P 48 5.24 -28.82 -3.06
N ARG P 49 5.19 -29.70 -4.06
CA ARG P 49 4.84 -31.10 -3.85
C ARG P 49 6.00 -31.99 -3.44
N LEU P 50 7.21 -31.47 -3.49
CA LEU P 50 8.40 -32.27 -3.12
C LEU P 50 8.36 -32.72 -1.67
N PRO P 51 8.88 -33.92 -1.39
CA PRO P 51 8.89 -34.38 0.00
C PRO P 51 9.82 -33.44 0.76
N GLU P 52 9.59 -33.26 2.06
CA GLU P 52 10.40 -32.36 2.88
C GLU P 52 11.91 -32.43 2.68
N ASN P 53 12.49 -33.62 2.73
CA ASN P 53 13.94 -33.76 2.56
C ASN P 53 14.44 -33.26 1.20
N LEU P 54 13.74 -33.60 0.12
CA LEU P 54 14.16 -33.14 -1.18
C LEU P 54 14.03 -31.62 -1.25
N TYR P 55 12.95 -31.10 -0.68
CA TYR P 55 12.75 -29.66 -0.68
C TYR P 55 13.86 -28.97 0.12
N ASP P 56 14.14 -29.50 1.31
CA ASP P 56 15.16 -28.88 2.16
C ASP P 56 16.55 -28.99 1.51
N ASP P 57 16.81 -30.07 0.78
CA ASP P 57 18.10 -30.22 0.11
C ASP P 57 18.22 -29.18 -0.99
N ARG P 58 17.18 -29.05 -1.81
CA ARG P 58 17.20 -28.07 -2.89
C ARG P 58 17.49 -26.65 -2.34
N VAL P 59 16.77 -26.28 -1.29
CA VAL P 59 16.97 -24.98 -0.64
C VAL P 59 18.42 -24.78 -0.23
N PHE P 60 19.02 -25.78 0.40
CA PHE P 60 20.40 -25.58 0.82
C PHE P 60 21.38 -25.49 -0.36
N ARG P 61 21.20 -26.32 -1.38
CA ARG P 61 22.11 -26.25 -2.53
C ARG P 61 22.00 -24.90 -3.23
N ILE P 62 20.79 -24.33 -3.27
CA ILE P 62 20.62 -23.03 -3.89
C ILE P 62 21.25 -21.95 -2.98
N LYS P 63 20.98 -22.01 -1.69
CA LYS P 63 21.56 -21.03 -0.77
C LYS P 63 23.10 -21.07 -0.90
N ARG P 64 23.68 -22.27 -0.91
CA ARG P 64 25.12 -22.41 -1.01
C ARG P 64 25.61 -21.85 -2.32
N ALA P 65 24.91 -22.12 -3.42
CA ALA P 65 25.32 -21.61 -4.71
C ALA P 65 25.22 -20.09 -4.76
N LEU P 66 24.14 -19.52 -4.21
CA LEU P 66 23.99 -18.07 -4.22
C LEU P 66 25.12 -17.42 -3.42
N ASP P 67 25.50 -18.06 -2.32
CA ASP P 67 26.57 -17.55 -1.46
C ASP P 67 27.93 -17.57 -2.20
N LEU P 68 28.18 -18.63 -2.97
CA LEU P 68 29.42 -18.74 -3.72
C LEU P 68 29.45 -17.69 -4.81
N SER P 69 28.32 -17.53 -5.49
CA SER P 69 28.19 -16.55 -6.56
C SER P 69 28.49 -15.16 -6.04
N MET P 70 28.00 -14.88 -4.86
CA MET P 70 28.21 -13.58 -4.23
C MET P 70 29.68 -13.29 -3.99
N ARG P 71 30.44 -14.33 -3.67
CA ARG P 71 31.87 -14.21 -3.41
C ARG P 71 32.66 -14.44 -4.69
N GLN P 72 31.94 -14.68 -5.79
CA GLN P 72 32.56 -14.96 -7.07
C GLN P 72 33.54 -16.13 -6.89
N GLN P 73 33.06 -17.17 -6.23
CA GLN P 73 33.83 -18.36 -5.99
C GLN P 73 33.10 -19.65 -6.35
N ILE P 74 33.87 -20.73 -6.42
CA ILE P 74 33.31 -22.02 -6.73
C ILE P 74 33.78 -22.99 -5.67
N LEU P 75 33.21 -24.19 -5.67
CA LEU P 75 33.58 -25.21 -4.71
C LEU P 75 34.86 -25.91 -5.13
N PRO P 76 35.50 -26.61 -4.19
CA PRO P 76 36.73 -27.35 -4.49
C PRO P 76 36.25 -28.38 -5.52
N LYS P 77 37.05 -28.65 -6.54
CA LYS P 77 36.63 -29.58 -7.57
C LYS P 77 36.05 -30.92 -7.07
N GLU P 78 36.55 -31.42 -5.95
CA GLU P 78 36.05 -32.69 -5.43
C GLU P 78 34.59 -32.62 -4.99
N GLN P 79 34.08 -31.42 -4.80
CA GLN P 79 32.69 -31.26 -4.39
C GLN P 79 31.74 -30.89 -5.52
N TRP P 80 32.27 -30.70 -6.73
CA TRP P 80 31.39 -30.37 -7.85
C TRP P 80 30.41 -31.50 -8.10
N THR P 81 29.18 -31.15 -8.46
CA THR P 81 28.20 -32.18 -8.77
C THR P 81 28.80 -32.92 -9.94
N LYS P 82 28.68 -34.24 -9.94
CA LYS P 82 29.22 -35.03 -11.02
C LYS P 82 28.13 -35.38 -12.02
N TYR P 83 28.49 -35.27 -13.29
CA TYR P 83 27.61 -35.56 -14.40
C TYR P 83 26.92 -36.91 -14.28
N GLU P 84 27.66 -37.91 -13.85
CA GLU P 84 27.11 -39.26 -13.73
C GLU P 84 26.15 -39.43 -12.57
N GLU P 85 26.25 -38.54 -11.59
CA GLU P 85 25.41 -38.63 -10.41
C GLU P 85 24.18 -37.70 -10.40
N ASP P 86 24.20 -36.69 -11.24
CA ASP P 86 23.09 -35.74 -11.31
C ASP P 86 21.85 -36.46 -11.86
N LYS P 87 20.78 -36.48 -11.08
CA LYS P 87 19.55 -37.13 -11.52
C LYS P 87 18.40 -36.17 -11.27
N SER P 88 17.31 -36.34 -11.99
CA SER P 88 16.18 -35.44 -11.84
C SER P 88 15.25 -35.83 -10.69
N TYR P 89 15.31 -35.05 -9.63
CA TYR P 89 14.45 -35.30 -8.49
C TYR P 89 13.09 -34.62 -8.74
N LEU P 90 13.08 -33.66 -9.65
CA LEU P 90 11.87 -32.90 -9.94
C LEU P 90 10.93 -33.53 -11.00
N GLU P 91 11.52 -34.21 -11.97
CA GLU P 91 10.76 -34.82 -13.06
C GLU P 91 9.43 -35.50 -12.76
N PRO P 92 9.41 -36.50 -11.85
CA PRO P 92 8.11 -37.11 -11.60
C PRO P 92 7.01 -36.15 -11.13
N TYR P 93 7.35 -35.21 -10.26
CA TYR P 93 6.38 -34.25 -9.76
C TYR P 93 5.92 -33.28 -10.83
N LEU P 94 6.89 -32.76 -11.59
CA LEU P 94 6.60 -31.79 -12.64
C LEU P 94 5.80 -32.41 -13.78
N LYS P 95 6.12 -33.64 -14.14
CA LYS P 95 5.42 -34.30 -15.23
C LYS P 95 3.95 -34.41 -14.88
N GLU P 96 3.67 -34.79 -13.64
CA GLU P 96 2.29 -34.94 -13.19
C GLU P 96 1.58 -33.60 -13.15
N VAL P 97 2.26 -32.58 -12.67
CA VAL P 97 1.66 -31.25 -12.61
C VAL P 97 1.27 -30.80 -14.01
N ILE P 98 2.14 -31.09 -14.99
CA ILE P 98 1.88 -30.71 -16.36
C ILE P 98 0.74 -31.54 -16.97
N ARG P 99 0.66 -32.80 -16.60
CA ARG P 99 -0.40 -33.66 -17.12
C ARG P 99 -1.77 -33.20 -16.57
N GLU P 100 -1.80 -32.80 -15.30
CA GLU P 100 -3.05 -32.34 -14.68
C GLU P 100 -3.54 -31.07 -15.37
N ARG P 101 -2.63 -30.13 -15.62
CA ARG P 101 -2.99 -28.89 -16.28
C ARG P 101 -3.47 -29.16 -17.72
N LYS P 102 -2.82 -30.06 -18.43
CA LYS P 102 -3.24 -30.38 -19.79
C LYS P 102 -4.66 -30.94 -19.74
N GLU P 103 -4.93 -31.78 -18.74
CA GLU P 103 -6.26 -32.35 -18.59
C GLU P 103 -7.30 -31.26 -18.37
N ARG P 104 -7.00 -30.30 -17.49
CA ARG P 104 -7.92 -29.22 -17.24
C ARG P 104 -8.18 -28.37 -18.49
N GLU P 105 -7.16 -28.21 -19.33
CA GLU P 105 -7.30 -27.43 -20.56
C GLU P 105 -8.21 -28.16 -21.54
N GLU P 106 -8.09 -29.49 -21.60
CA GLU P 106 -8.95 -30.25 -22.50
C GLU P 106 -10.41 -30.01 -22.14
N TRP P 107 -10.72 -30.08 -20.85
CA TRP P 107 -12.08 -29.85 -20.39
C TRP P 107 -12.53 -28.41 -20.62
N ALA P 108 -11.58 -27.47 -20.55
CA ALA P 108 -11.91 -26.07 -20.76
C ALA P 108 -12.46 -25.87 -22.18
N LYS P 109 -11.97 -26.64 -23.13
CA LYS P 109 -12.46 -26.53 -24.50
C LYS P 109 -13.81 -27.25 -24.48
N LYS P 110 -14.49 -27.15 -23.35
CA LYS P 110 -15.78 -27.79 -23.11
C LYS P 110 -15.60 -29.31 -23.02
C GLY Q 1 5.65 -7.91 -1.12
N ARG Q 2 6.96 -7.79 -1.25
CA ARG Q 2 7.88 -8.83 -0.75
C ARG Q 2 8.63 -8.32 0.47
N GLN Q 3 8.46 -8.96 1.61
CA GLN Q 3 9.15 -8.51 2.81
C GLN Q 3 9.72 -9.67 3.63
N PHE Q 4 10.74 -9.36 4.41
CA PHE Q 4 11.37 -10.36 5.25
C PHE Q 4 10.33 -10.91 6.23
N GLY Q 5 10.25 -12.23 6.27
CA GLY Q 5 9.29 -12.89 7.14
C GLY Q 5 8.26 -13.63 6.29
N HIS Q 6 8.15 -13.23 5.02
CA HIS Q 6 7.22 -13.82 4.07
C HIS Q 6 7.88 -14.20 2.76
N LEU Q 7 9.19 -14.33 2.76
CA LEU Q 7 9.86 -14.68 1.53
C LEU Q 7 9.65 -16.13 1.17
N THR Q 8 10.22 -17.05 1.94
CA THR Q 8 10.06 -18.47 1.64
C THR Q 8 10.37 -19.33 2.86
N ARG Q 9 10.17 -20.63 2.69
CA ARG Q 9 10.40 -21.60 3.76
C ARG Q 9 11.81 -22.20 3.72
N VAL Q 10 12.54 -22.02 4.82
CA VAL Q 10 13.90 -22.55 4.95
C VAL Q 10 13.99 -23.29 6.29
N ARG Q 11 14.55 -24.50 6.26
CA ARG Q 11 14.71 -25.30 7.47
C ARG Q 11 16.10 -25.92 7.59
N HIS Q 12 16.59 -26.00 8.83
CA HIS Q 12 17.88 -26.61 9.16
C HIS Q 12 19.14 -26.00 8.57
N VAL Q 13 19.16 -24.68 8.37
CA VAL Q 13 20.35 -24.03 7.84
C VAL Q 13 20.93 -23.11 8.90
N ILE Q 14 22.22 -23.27 9.17
CA ILE Q 14 22.87 -22.43 10.15
C ILE Q 14 23.83 -21.49 9.45
N THR Q 15 23.78 -20.22 9.85
CA THR Q 15 24.67 -19.21 9.29
C THR Q 15 25.51 -18.61 10.42
N TYR Q 16 26.82 -18.53 10.20
CA TYR Q 16 27.74 -17.95 11.18
C TYR Q 16 28.38 -16.71 10.56
N SER Q 17 28.41 -15.61 11.33
CA SER Q 17 28.98 -14.34 10.86
C SER Q 17 29.77 -13.58 11.92
N LEU Q 18 30.74 -12.79 11.47
CA LEU Q 18 31.55 -11.96 12.35
C LEU Q 18 31.26 -10.49 12.15
N SER Q 19 31.30 -9.72 13.22
CA SER Q 19 31.10 -8.29 13.13
C SER Q 19 32.17 -7.75 12.18
N PRO Q 20 31.87 -6.67 11.45
CA PRO Q 20 32.87 -6.12 10.54
C PRO Q 20 34.05 -5.53 11.32
N PHE Q 21 33.81 -5.16 12.57
CA PHE Q 21 34.87 -4.58 13.40
C PHE Q 21 35.85 -5.63 13.91
N GLU Q 22 35.51 -6.90 13.74
CA GLU Q 22 36.37 -7.99 14.20
C GLU Q 22 37.20 -8.54 13.05
N GLN Q 23 36.98 -8.04 11.84
CA GLN Q 23 37.69 -8.58 10.71
C GLN Q 23 38.30 -7.58 9.75
N ARG Q 24 39.25 -8.09 8.96
CA ARG Q 24 39.95 -7.31 7.93
C ARG Q 24 39.02 -7.13 6.75
N ALA Q 25 39.04 -5.96 6.12
CA ALA Q 25 38.19 -5.72 4.97
C ALA Q 25 38.84 -6.23 3.68
N PHE Q 26 40.15 -6.40 3.71
CA PHE Q 26 40.87 -6.87 2.53
C PHE Q 26 41.64 -8.14 2.78
N PRO Q 27 41.01 -9.14 3.41
CA PRO Q 27 41.74 -10.39 3.66
C PRO Q 27 42.29 -11.04 2.39
N HIS Q 28 43.61 -11.22 2.37
CA HIS Q 28 44.30 -11.84 1.23
C HIS Q 28 43.91 -11.20 -0.08
N TYR Q 29 43.72 -9.88 -0.04
CA TYR Q 29 43.33 -9.13 -1.22
C TYR Q 29 44.07 -9.55 -2.48
N PHE Q 30 45.39 -9.56 -2.39
CA PHE Q 30 46.24 -9.93 -3.53
C PHE Q 30 46.58 -11.41 -3.59
N SER Q 31 47.00 -11.99 -2.47
CA SER Q 31 47.38 -13.40 -2.45
C SER Q 31 46.29 -14.33 -2.99
N LYS Q 32 45.04 -14.07 -2.62
CA LYS Q 32 43.94 -14.90 -3.10
C LYS Q 32 43.13 -14.18 -4.18
N GLY Q 33 43.13 -12.84 -4.12
CA GLY Q 33 42.40 -12.06 -5.09
C GLY Q 33 42.86 -12.25 -6.53
N ILE Q 34 44.14 -12.02 -6.78
CA ILE Q 34 44.70 -12.16 -8.12
C ILE Q 34 44.40 -13.55 -8.69
N PRO Q 35 44.70 -14.60 -7.92
CA PRO Q 35 44.43 -15.96 -8.43
C PRO Q 35 42.97 -16.12 -8.85
N ASN Q 36 42.05 -15.58 -8.05
CA ASN Q 36 40.64 -15.74 -8.38
C ASN Q 36 40.30 -15.00 -9.65
N VAL Q 37 40.81 -13.79 -9.78
CA VAL Q 37 40.58 -12.99 -10.98
C VAL Q 37 41.15 -13.72 -12.19
N LEU Q 38 42.28 -14.41 -12.02
CA LEU Q 38 42.88 -15.17 -13.11
C LEU Q 38 42.02 -16.38 -13.44
N ARG Q 39 41.45 -17.01 -12.43
CA ARG Q 39 40.59 -18.16 -12.68
C ARG Q 39 39.35 -17.68 -13.44
N ARG Q 40 38.73 -16.63 -12.95
CA ARG Q 40 37.54 -16.09 -13.59
C ARG Q 40 37.85 -15.64 -15.00
N THR Q 41 38.99 -15.00 -15.22
CA THR Q 41 39.35 -14.56 -16.55
C THR Q 41 39.48 -15.76 -17.49
N ARG Q 42 40.22 -16.77 -17.04
CA ARG Q 42 40.42 -17.97 -17.85
C ARG Q 42 39.10 -18.70 -18.14
N ALA Q 43 38.16 -18.63 -17.19
CA ALA Q 43 36.87 -19.30 -17.34
C ALA Q 43 35.96 -18.70 -18.42
N CYS Q 44 36.16 -17.43 -18.75
CA CYS Q 44 35.29 -16.81 -19.75
C CYS Q 44 35.91 -16.41 -21.08
N ILE Q 45 37.23 -16.18 -21.12
CA ILE Q 45 37.90 -15.75 -22.35
C ILE Q 45 37.58 -16.50 -23.64
N LEU Q 46 37.31 -17.80 -23.58
CA LEU Q 46 36.99 -18.53 -24.80
C LEU Q 46 35.58 -18.12 -25.25
N ARG Q 47 34.79 -17.62 -24.32
CA ARG Q 47 33.44 -17.20 -24.64
C ARG Q 47 33.39 -15.73 -25.04
N VAL Q 48 34.16 -14.90 -24.35
CA VAL Q 48 34.13 -13.46 -24.61
C VAL Q 48 35.05 -12.93 -25.71
N ALA Q 49 36.29 -13.41 -25.72
CA ALA Q 49 37.30 -12.95 -26.66
C ALA Q 49 37.16 -13.24 -28.16
N PRO Q 50 36.85 -14.49 -28.55
CA PRO Q 50 36.73 -14.76 -29.98
C PRO Q 50 35.92 -13.75 -30.82
N PRO Q 51 34.73 -13.35 -30.37
CA PRO Q 51 33.96 -12.39 -31.18
C PRO Q 51 34.70 -11.05 -31.39
N PHE Q 52 35.36 -10.55 -30.35
CA PHE Q 52 36.06 -9.28 -30.45
C PHE Q 52 37.34 -9.34 -31.28
N VAL Q 53 37.90 -10.54 -31.36
CA VAL Q 53 39.10 -10.75 -32.17
C VAL Q 53 38.62 -10.74 -33.62
N ALA Q 54 37.42 -11.29 -33.83
CA ALA Q 54 36.83 -11.31 -35.16
C ALA Q 54 36.56 -9.87 -35.57
N PHE Q 55 36.01 -9.08 -34.66
CA PHE Q 55 35.74 -7.68 -34.96
C PHE Q 55 37.06 -6.99 -35.29
N TYR Q 56 38.07 -7.26 -34.45
CA TYR Q 56 39.37 -6.68 -34.66
C TYR Q 56 39.92 -7.05 -36.03
N LEU Q 57 39.66 -8.28 -36.47
CA LEU Q 57 40.15 -8.70 -37.76
C LEU Q 57 39.40 -8.00 -38.90
N VAL Q 58 38.07 -7.99 -38.82
CA VAL Q 58 37.26 -7.34 -39.85
C VAL Q 58 37.62 -5.87 -39.92
N TYR Q 59 37.82 -5.25 -38.76
CA TYR Q 59 38.14 -3.84 -38.70
C TYR Q 59 39.46 -3.51 -39.42
N THR Q 60 40.53 -4.22 -39.07
CA THR Q 60 41.81 -3.96 -39.69
C THR Q 60 41.75 -4.33 -41.17
N TRP Q 61 41.12 -5.45 -41.51
CA TRP Q 61 41.02 -5.82 -42.92
C TRP Q 61 40.23 -4.78 -43.69
N GLY Q 62 39.04 -4.45 -43.19
CA GLY Q 62 38.19 -3.48 -43.86
C GLY Q 62 38.80 -2.10 -44.00
N THR Q 63 39.45 -1.62 -42.95
CA THR Q 63 40.08 -0.30 -42.98
C THR Q 63 41.17 -0.31 -44.05
N GLN Q 64 42.03 -1.33 -44.00
CA GLN Q 64 43.12 -1.43 -44.96
C GLN Q 64 42.57 -1.60 -46.37
N GLU Q 65 41.52 -2.39 -46.51
CA GLU Q 65 40.92 -2.61 -47.82
C GLU Q 65 40.41 -1.29 -48.37
N PHE Q 66 39.89 -0.43 -47.48
CA PHE Q 66 39.35 0.87 -47.89
C PHE Q 66 40.47 1.80 -48.38
N GLU Q 67 41.56 1.83 -47.62
CA GLU Q 67 42.70 2.67 -47.95
C GLU Q 67 43.30 2.25 -49.30
N LYS Q 68 43.53 0.96 -49.48
CA LYS Q 68 44.09 0.46 -50.74
C LYS Q 68 43.23 0.90 -51.91
N SER Q 69 41.92 0.74 -51.77
CA SER Q 69 40.99 1.05 -52.85
C SER Q 69 40.95 2.49 -53.31
N LYS Q 70 41.52 3.40 -52.53
CA LYS Q 70 41.50 4.79 -52.90
C LYS Q 70 42.74 5.27 -53.64
N ARG Q 71 43.78 4.44 -53.67
CA ARG Q 71 44.99 4.86 -54.35
C ARG Q 71 45.31 4.27 -55.72
N LYS Q 72 46.50 4.64 -56.17
CA LYS Q 72 47.10 4.24 -57.43
C LYS Q 72 46.39 3.17 -58.24
N ASN Q 73 45.66 3.62 -59.25
CA ASN Q 73 44.94 2.75 -60.16
C ASN Q 73 45.42 3.13 -61.55
N PRO Q 74 46.72 2.92 -61.83
CA PRO Q 74 47.25 3.26 -63.14
C PRO Q 74 46.57 2.44 -64.23
N ALA Q 75 46.22 3.10 -65.32
CA ALA Q 75 45.56 2.47 -66.45
C ALA Q 75 45.45 3.51 -67.54
N ALA Q 76 45.35 3.05 -68.79
N LEU R 13 65.85 37.29 -41.95
CA LEU R 13 64.98 36.43 -41.09
C LEU R 13 64.63 35.12 -41.80
N VAL R 14 65.05 34.00 -41.21
CA VAL R 14 64.79 32.67 -41.77
C VAL R 14 63.79 31.92 -40.91
N ASP R 15 62.73 31.42 -41.52
CA ASP R 15 61.72 30.67 -40.80
C ASP R 15 62.30 29.30 -40.47
N PRO R 16 62.25 28.88 -39.20
CA PRO R 16 62.80 27.57 -38.88
C PRO R 16 62.07 26.48 -39.66
N LEU R 17 60.85 26.79 -40.11
CA LEU R 17 60.07 25.82 -40.87
C LEU R 17 60.81 25.41 -42.12
N THR R 18 61.47 26.37 -42.75
CA THR R 18 62.23 26.12 -43.97
C THR R 18 63.36 25.14 -43.65
N THR R 19 64.08 25.45 -42.58
CA THR R 19 65.20 24.64 -42.12
C THR R 19 64.75 23.23 -41.79
N VAL R 20 63.75 23.15 -40.90
CA VAL R 20 63.22 21.88 -40.45
C VAL R 20 62.70 21.05 -41.61
N ARG R 21 62.06 21.70 -42.58
CA ARG R 21 61.56 20.96 -43.73
C ARG R 21 62.69 20.34 -44.56
N GLU R 22 63.78 21.07 -44.70
CA GLU R 22 64.91 20.57 -45.47
C GLU R 22 65.54 19.38 -44.79
N GLN R 23 65.72 19.47 -43.48
CA GLN R 23 66.29 18.37 -42.73
C GLN R 23 65.37 17.16 -42.81
N CYS R 24 64.06 17.39 -42.64
CA CYS R 24 63.07 16.32 -42.69
C CYS R 24 62.96 15.66 -44.05
N GLU R 25 63.18 16.43 -45.10
CA GLU R 25 63.10 15.92 -46.45
C GLU R 25 64.24 14.96 -46.77
N GLN R 26 65.22 14.89 -45.86
CA GLN R 26 66.37 14.03 -45.99
C GLN R 26 66.03 12.58 -45.65
N LEU R 27 65.08 12.39 -44.72
CA LEU R 27 64.69 11.05 -44.31
C LEU R 27 64.30 10.20 -45.51
N GLU R 28 64.62 8.90 -45.41
CA GLU R 28 64.35 7.94 -46.49
C GLU R 28 62.91 7.93 -46.94
N LYS R 29 61.99 7.96 -45.98
CA LYS R 29 60.57 7.94 -46.29
C LYS R 29 60.24 9.11 -47.22
N CYS R 30 60.76 10.29 -46.92
CA CYS R 30 60.51 11.47 -47.74
C CYS R 30 61.22 11.42 -49.07
N VAL R 31 62.46 10.93 -49.08
CA VAL R 31 63.20 10.84 -50.33
C VAL R 31 62.47 9.86 -51.25
N LYS R 32 61.99 8.76 -50.68
CA LYS R 32 61.27 7.76 -51.44
C LYS R 32 59.98 8.37 -52.00
N ALA R 33 59.26 9.10 -51.15
CA ALA R 33 58.02 9.75 -51.56
C ALA R 33 58.31 10.79 -52.63
N ARG R 34 59.38 11.56 -52.42
CA ARG R 34 59.76 12.60 -53.37
C ARG R 34 60.04 11.99 -54.74
N GLU R 35 60.66 10.82 -54.74
CA GLU R 35 61.00 10.13 -55.98
C GLU R 35 59.75 9.65 -56.73
N ARG R 36 58.76 9.16 -56.00
CA ARG R 36 57.53 8.71 -56.65
C ARG R 36 56.81 9.93 -57.22
N LEU R 37 56.98 11.07 -56.57
CA LEU R 37 56.36 12.31 -56.99
C LEU R 37 57.02 12.79 -58.29
N GLU R 38 58.35 12.85 -58.29
CA GLU R 38 59.08 13.30 -59.48
C GLU R 38 58.73 12.37 -60.64
N LEU R 39 58.61 11.08 -60.37
CA LEU R 39 58.24 10.14 -61.41
C LEU R 39 56.88 10.53 -61.98
N CYS R 40 55.91 10.78 -61.10
CA CYS R 40 54.57 11.17 -61.53
C CYS R 40 54.61 12.44 -62.36
N ASP R 41 55.34 13.46 -61.90
CA ASP R 41 55.46 14.71 -62.63
C ASP R 41 55.87 14.36 -64.05
N GLU R 42 56.96 13.59 -64.12
CA GLU R 42 57.53 13.11 -65.37
C GLU R 42 56.44 12.57 -66.27
N ARG R 43 55.80 11.52 -65.78
CA ARG R 43 54.73 10.83 -66.51
C ARG R 43 53.58 11.74 -66.94
N VAL R 44 53.01 12.49 -66.01
CA VAL R 44 51.90 13.37 -66.32
C VAL R 44 52.25 14.48 -67.30
N SER R 45 53.27 15.27 -66.99
CA SER R 45 53.67 16.36 -67.87
C SER R 45 54.01 15.88 -69.27
N SER R 46 54.41 14.62 -69.39
CA SER R 46 54.80 14.04 -70.68
C SER R 46 53.68 13.39 -71.49
N ARG R 47 52.43 13.67 -71.14
CA ARG R 47 51.32 13.09 -71.89
C ARG R 47 50.41 14.17 -72.46
N SER R 48 50.35 14.25 -73.79
CA SER R 48 49.53 15.22 -74.49
C SER R 48 48.21 15.44 -73.78
N GLN R 49 47.55 14.34 -73.43
CA GLN R 49 46.27 14.41 -72.74
C GLN R 49 46.12 13.27 -71.74
N THR R 50 45.98 13.63 -70.48
CA THR R 50 45.82 12.65 -69.40
C THR R 50 45.01 13.28 -68.29
N GLU R 51 44.09 12.50 -67.73
CA GLU R 51 43.23 12.98 -66.65
C GLU R 51 43.95 12.85 -65.29
N GLU R 52 45.07 12.15 -65.27
CA GLU R 52 45.86 11.94 -64.06
C GLU R 52 46.60 13.20 -63.59
N ASP R 53 46.72 13.36 -62.28
CA ASP R 53 47.47 14.48 -61.67
C ASP R 53 48.29 13.83 -60.55
N CYS R 54 49.19 14.58 -59.93
CA CYS R 54 50.03 13.98 -58.90
C CYS R 54 49.70 14.29 -57.44
N THR R 55 48.43 14.63 -57.19
CA THR R 55 48.01 14.95 -55.83
C THR R 55 48.35 13.84 -54.86
N GLU R 56 48.05 12.59 -55.22
CA GLU R 56 48.33 11.46 -54.36
C GLU R 56 49.80 11.42 -53.95
N GLU R 57 50.69 11.44 -54.93
CA GLU R 57 52.12 11.40 -54.64
C GLU R 57 52.53 12.57 -53.76
N LEU R 58 51.99 13.76 -54.04
CA LEU R 58 52.32 14.91 -53.24
C LEU R 58 51.84 14.75 -51.79
N LEU R 59 50.63 14.27 -51.61
CA LEU R 59 50.09 14.10 -50.26
C LEU R 59 50.90 13.07 -49.47
N ASP R 60 51.32 12.00 -50.16
CA ASP R 60 52.14 10.95 -49.54
C ASP R 60 53.43 11.60 -49.04
N PHE R 61 54.05 12.41 -49.90
CA PHE R 61 55.28 13.10 -49.54
C PHE R 61 55.10 14.07 -48.37
N LEU R 62 54.07 14.90 -48.46
CA LEU R 62 53.80 15.87 -47.41
C LEU R 62 53.49 15.19 -46.08
N HIS R 63 52.82 14.04 -46.15
CA HIS R 63 52.49 13.31 -44.93
C HIS R 63 53.76 12.85 -44.20
N ALA R 64 54.69 12.27 -44.94
CA ALA R 64 55.94 11.80 -44.36
C ALA R 64 56.72 12.98 -43.80
N ARG R 65 56.88 14.02 -44.62
CA ARG R 65 57.63 15.19 -44.20
C ARG R 65 57.05 15.95 -43.04
N ASP R 66 55.76 16.23 -43.10
CA ASP R 66 55.12 17.00 -42.05
C ASP R 66 55.03 16.26 -40.72
N HIS R 67 55.04 14.93 -40.77
CA HIS R 67 55.02 14.15 -39.53
C HIS R 67 56.36 14.43 -38.83
N CYS R 68 57.44 14.46 -39.60
CA CYS R 68 58.78 14.72 -39.08
C CYS R 68 58.90 16.17 -38.60
N VAL R 69 58.42 17.10 -39.41
CA VAL R 69 58.48 18.51 -39.03
C VAL R 69 57.76 18.76 -37.70
N ALA R 70 56.59 18.13 -37.50
CA ALA R 70 55.81 18.33 -36.28
C ALA R 70 56.58 17.92 -35.03
N HIS R 71 57.49 16.95 -35.17
CA HIS R 71 58.27 16.50 -34.03
C HIS R 71 59.37 17.48 -33.65
N LYS R 72 59.80 18.33 -34.59
CA LYS R 72 60.88 19.26 -34.30
C LYS R 72 60.59 20.76 -34.22
N LEU R 73 59.87 21.26 -35.22
CA LEU R 73 59.55 22.69 -35.34
C LEU R 73 59.33 23.51 -34.07
N PHE R 74 58.47 23.03 -33.19
CA PHE R 74 58.17 23.77 -31.97
C PHE R 74 59.37 23.99 -31.08
N ASN R 75 60.39 23.16 -31.23
CA ASN R 75 61.60 23.34 -30.43
C ASN R 75 62.26 24.67 -30.82
N SER R 76 61.97 25.15 -32.03
CA SER R 76 62.57 26.40 -32.49
C SER R 76 61.64 27.60 -32.37
N LEU R 77 60.43 27.38 -31.85
CA LEU R 77 59.47 28.47 -31.69
C LEU R 77 59.29 28.88 -30.23
N LYS R 78 58.77 30.07 -30.00
CA LYS R 78 58.60 30.56 -28.65
C LYS R 78 57.20 30.35 -28.09
N ALA S 32 7.25 -8.77 40.04
CA ALA S 32 8.07 -7.59 40.45
C ALA S 32 9.43 -7.57 39.78
N ALA S 33 10.46 -7.33 40.58
CA ALA S 33 11.82 -7.26 40.10
C ALA S 33 12.33 -8.61 39.58
N VAL S 34 11.94 -9.68 40.28
CA VAL S 34 12.38 -11.02 39.92
C VAL S 34 11.49 -11.65 38.85
N PRO S 35 12.11 -12.18 37.77
CA PRO S 35 11.40 -12.83 36.66
C PRO S 35 11.08 -14.26 37.05
N ALA S 36 9.96 -14.80 36.59
CA ALA S 36 9.62 -16.18 36.93
C ALA S 36 10.62 -17.15 36.33
N THR S 37 10.82 -18.26 37.04
CA THR S 37 11.75 -19.31 36.63
C THR S 37 11.48 -19.75 35.18
N SER S 38 10.21 -19.71 34.80
CA SER S 38 9.80 -20.09 33.45
C SER S 38 8.85 -19.04 32.86
N GLU S 39 9.23 -18.47 31.73
CA GLU S 39 8.39 -17.48 31.07
C GLU S 39 7.44 -18.16 30.09
N SER S 40 6.16 -17.80 30.21
CA SER S 40 5.11 -18.37 29.39
C SER S 40 5.09 -17.85 27.96
N PRO S 41 4.62 -18.69 27.03
CA PRO S 41 4.46 -18.49 25.59
C PRO S 41 3.56 -19.58 25.03
N VAL S 42 2.71 -19.22 24.08
CA VAL S 42 1.81 -20.18 23.45
C VAL S 42 1.59 -19.83 21.99
CA SER S 48 9.81 -32.59 26.52
C SER S 48 10.68 -33.59 27.27
N VAL S 49 10.06 -34.65 27.80
CA VAL S 49 10.73 -35.69 28.59
C VAL S 49 11.12 -36.93 27.80
N LEU S 50 12.42 -37.25 27.77
CA LEU S 50 12.92 -38.41 27.05
C LEU S 50 13.78 -39.36 27.90
N CYS S 51 13.39 -39.51 29.17
CA CYS S 51 14.10 -40.39 30.08
C CYS S 51 13.47 -40.27 31.44
N ARG S 52 13.56 -41.34 32.19
CA ARG S 52 13.00 -41.41 33.51
C ARG S 52 13.48 -40.36 34.50
N GLU S 53 14.77 -40.09 34.49
CA GLU S 53 15.35 -39.09 35.39
C GLU S 53 14.61 -37.77 35.26
N SER S 54 14.42 -37.32 34.03
CA SER S 54 13.74 -36.06 33.75
C SER S 54 12.25 -36.16 33.95
N LEU S 55 11.77 -37.37 34.20
CA LEU S 55 10.36 -37.61 34.42
C LEU S 55 10.07 -37.55 35.91
N ARG S 56 11.02 -38.03 36.72
CA ARG S 56 10.86 -38.04 38.18
C ARG S 56 10.60 -36.64 38.73
N GLY S 57 9.42 -36.47 39.33
CA GLY S 57 9.04 -35.19 39.88
C GLY S 57 7.85 -34.60 39.14
N GLN S 58 7.56 -35.14 37.96
CA GLN S 58 6.46 -34.66 37.14
C GLN S 58 5.10 -35.11 37.67
N ALA S 59 5.06 -36.29 38.29
CA ALA S 59 3.81 -36.80 38.84
C ALA S 59 3.30 -35.81 39.88
N ALA S 60 2.00 -35.54 39.85
CA ALA S 60 1.37 -34.58 40.78
C ALA S 60 1.06 -35.23 42.12
N GLY S 61 1.38 -34.52 43.20
CA GLY S 61 1.13 -35.06 44.52
C GLY S 61 0.24 -34.18 45.40
N ARG S 62 -0.01 -32.96 44.95
CA ARG S 62 -0.82 -32.03 45.71
C ARG S 62 -1.86 -31.29 44.85
N PRO S 63 -2.83 -30.62 45.48
CA PRO S 63 -3.88 -29.87 44.76
C PRO S 63 -3.33 -28.64 44.03
N LEU S 64 -3.97 -28.31 42.91
CA LEU S 64 -3.57 -27.17 42.09
C LEU S 64 -3.74 -25.82 42.74
N VAL S 65 -2.83 -24.92 42.39
CA VAL S 65 -2.83 -23.55 42.85
C VAL S 65 -2.60 -22.81 41.55
N ALA S 66 -3.29 -21.69 41.36
CA ALA S 66 -3.09 -20.90 40.16
C ALA S 66 -2.77 -19.48 40.62
N SER S 67 -1.70 -18.92 40.06
CA SER S 67 -1.27 -17.58 40.40
C SER S 67 -1.13 -16.70 39.19
N VAL S 68 -1.50 -15.44 39.36
CA VAL S 68 -1.42 -14.46 38.30
C VAL S 68 -0.68 -13.31 38.95
N SER S 69 0.05 -12.54 38.16
CA SER S 69 0.75 -11.44 38.77
C SER S 69 0.73 -10.22 37.86
N LEU S 70 1.09 -9.09 38.44
CA LEU S 70 1.13 -7.85 37.71
C LEU S 70 2.49 -7.75 36.99
N ASN S 71 3.53 -8.13 37.74
CA ASN S 71 4.92 -8.09 37.32
C ASN S 71 5.63 -9.40 37.02
N VAL S 72 5.06 -10.52 37.44
CA VAL S 72 5.70 -11.83 37.28
C VAL S 72 4.87 -12.83 36.48
N PRO S 73 5.54 -13.77 35.77
CA PRO S 73 4.80 -14.76 34.97
C PRO S 73 3.84 -15.56 35.83
N ALA S 74 2.73 -15.96 35.21
CA ALA S 74 1.72 -16.76 35.90
C ALA S 74 2.33 -18.12 36.18
N SER S 75 1.71 -18.86 37.08
CA SER S 75 2.21 -20.19 37.39
C SER S 75 1.04 -21.06 37.84
N VAL S 76 1.26 -22.37 37.73
CA VAL S 76 0.30 -23.37 38.11
C VAL S 76 1.16 -24.38 38.86
N ARG S 77 0.72 -24.79 40.06
CA ARG S 77 1.48 -25.75 40.84
C ARG S 77 0.66 -26.99 41.08
N TYR S 78 1.36 -28.11 41.27
CA TYR S 78 0.71 -29.38 41.49
C TYR S 78 -0.20 -29.68 40.30
N VAL T 1 50.14 1.20 29.33
CA VAL T 1 49.28 2.35 29.70
C VAL T 1 49.31 3.41 28.59
N ALA T 2 49.00 3.00 27.36
CA ALA T 2 49.01 3.94 26.24
C ALA T 2 48.13 3.56 25.06
N PRO T 3 47.18 4.44 24.69
CA PRO T 3 46.25 4.25 23.58
C PRO T 3 46.88 4.61 22.24
N THR T 4 46.47 3.92 21.18
CA THR T 4 47.00 4.19 19.85
C THR T 4 46.30 5.42 19.30
N LEU T 5 46.80 5.95 18.19
CA LEU T 5 46.21 7.13 17.57
C LEU T 5 44.71 7.02 17.30
N THR T 6 44.33 5.98 16.57
CA THR T 6 42.92 5.77 16.22
C THR T 6 42.04 5.61 17.47
N ALA T 7 42.55 4.89 18.46
CA ALA T 7 41.78 4.69 19.69
C ALA T 7 41.58 6.03 20.38
N ARG T 8 42.53 6.93 20.20
CA ARG T 8 42.44 8.25 20.80
C ARG T 8 41.45 9.10 20.02
N LEU T 9 41.49 9.00 18.70
CA LEU T 9 40.58 9.75 17.82
C LEU T 9 39.15 9.29 18.06
N TYR T 10 39.00 7.99 18.28
CA TYR T 10 37.68 7.43 18.53
C TYR T 10 37.05 8.03 19.78
N SER T 11 37.74 7.92 20.91
CA SER T 11 37.26 8.42 22.20
C SER T 11 36.92 9.90 22.25
N LEU T 12 37.74 10.73 21.62
CA LEU T 12 37.53 12.17 21.63
C LEU T 12 36.63 12.72 20.54
N LEU T 13 36.86 12.28 19.30
CA LEU T 13 36.10 12.79 18.18
C LEU T 13 35.01 11.91 17.56
N PHE T 14 35.24 10.60 17.49
CA PHE T 14 34.27 9.74 16.83
C PHE T 14 33.13 9.12 17.65
N ARG T 15 33.31 8.91 18.96
CA ARG T 15 32.25 8.28 19.75
C ARG T 15 30.97 9.10 19.81
N ARG T 16 31.03 10.34 20.28
CA ARG T 16 29.84 11.15 20.33
C ARG T 16 29.52 11.56 18.90
N THR T 17 28.24 11.63 18.58
CA THR T 17 27.80 12.01 17.24
C THR T 17 27.94 13.50 17.05
N SER T 18 27.76 14.27 18.12
CA SER T 18 27.87 15.71 18.02
C SER T 18 29.34 16.11 17.79
N THR T 19 30.25 15.40 18.45
CA THR T 19 31.66 15.70 18.31
C THR T 19 32.13 15.19 16.92
N PHE T 20 31.64 14.02 16.52
CA PHE T 20 31.96 13.44 15.23
C PHE T 20 31.52 14.43 14.15
N ALA T 21 30.37 15.06 14.37
CA ALA T 21 29.83 16.03 13.43
C ALA T 21 30.71 17.29 13.40
N LEU T 22 31.18 17.73 14.56
CA LEU T 22 32.01 18.93 14.62
C LEU T 22 33.42 18.68 14.08
N THR T 23 33.84 17.42 14.07
CA THR T 23 35.15 17.06 13.56
C THR T 23 35.13 17.12 12.03
N ILE T 24 34.02 16.68 11.45
CA ILE T 24 33.86 16.70 10.00
C ILE T 24 33.76 18.15 9.51
N VAL T 25 33.04 18.97 10.28
CA VAL T 25 32.85 20.38 9.95
C VAL T 25 34.17 21.15 9.90
N VAL T 26 34.83 21.24 11.05
CA VAL T 26 36.11 21.93 11.11
C VAL T 26 37.06 21.18 10.17
N GLY T 27 36.85 19.87 10.06
CA GLY T 27 37.68 19.08 9.18
C GLY T 27 37.54 19.59 7.75
N ALA T 28 36.30 19.83 7.35
CA ALA T 28 36.00 20.32 6.01
C ALA T 28 36.60 21.69 5.74
N LEU T 29 36.54 22.60 6.72
CA LEU T 29 37.08 23.94 6.55
C LEU T 29 38.60 23.95 6.38
N PHE T 30 39.29 23.28 7.30
CA PHE T 30 40.74 23.21 7.23
C PHE T 30 41.15 22.45 5.99
N PHE T 31 40.39 21.42 5.64
CA PHE T 31 40.70 20.64 4.45
C PHE T 31 40.55 21.46 3.17
N GLU T 32 39.45 22.19 3.05
CA GLU T 32 39.20 22.97 1.85
C GLU T 32 40.32 23.97 1.53
N ARG T 33 40.69 24.77 2.53
CA ARG T 33 41.74 25.77 2.37
C ARG T 33 43.04 25.12 1.92
N ALA T 34 43.50 24.13 2.67
CA ALA T 34 44.75 23.44 2.36
C ALA T 34 44.71 22.63 1.07
N PHE T 35 43.58 22.04 0.76
CA PHE T 35 43.47 21.25 -0.45
C PHE T 35 43.52 22.20 -1.64
N ASP T 36 42.70 23.24 -1.60
CA ASP T 36 42.66 24.19 -2.70
C ASP T 36 43.99 24.90 -2.97
N GLN T 37 44.69 25.30 -1.91
CA GLN T 37 45.96 25.98 -2.07
C GLN T 37 47.03 25.02 -2.59
N GLY T 38 47.02 23.80 -2.06
CA GLY T 38 47.99 22.82 -2.50
C GLY T 38 47.75 22.45 -3.94
N ALA T 39 46.50 22.19 -4.28
CA ALA T 39 46.14 21.81 -5.64
C ALA T 39 46.50 22.92 -6.61
N ASP T 40 46.17 24.16 -6.25
CA ASP T 40 46.48 25.29 -7.11
C ASP T 40 47.99 25.43 -7.32
N ALA T 41 48.75 25.28 -6.24
CA ALA T 41 50.20 25.38 -6.31
C ALA T 41 50.72 24.35 -7.31
N ILE T 42 50.22 23.13 -7.24
CA ILE T 42 50.65 22.11 -8.18
C ILE T 42 50.33 22.55 -9.61
N TYR T 43 49.12 23.06 -9.79
CA TYR T 43 48.69 23.51 -11.11
C TYR T 43 49.59 24.63 -11.66
N GLU T 44 49.81 25.64 -10.83
CA GLU T 44 50.61 26.77 -11.24
C GLU T 44 52.07 26.39 -11.47
N HIS T 45 52.53 25.36 -10.75
CA HIS T 45 53.89 24.90 -10.92
C HIS T 45 53.99 24.15 -12.24
N ILE T 46 53.02 23.27 -12.49
CA ILE T 46 53.02 22.53 -13.75
C ILE T 46 52.98 23.51 -14.91
N ASN T 47 52.33 24.64 -14.70
CA ASN T 47 52.19 25.63 -15.76
C ASN T 47 52.99 26.93 -15.52
N GLU T 48 54.11 26.79 -14.80
CA GLU T 48 54.99 27.91 -14.48
C GLU T 48 55.27 28.81 -15.68
N GLY T 49 55.06 30.11 -15.51
CA GLY T 49 55.31 31.07 -16.57
C GLY T 49 54.27 31.17 -17.68
N LYS T 50 53.28 30.29 -17.70
CA LYS T 50 52.26 30.34 -18.75
C LYS T 50 50.99 31.10 -18.39
N LEU T 51 50.66 31.13 -17.09
CA LEU T 51 49.44 31.79 -16.65
C LEU T 51 49.51 33.29 -16.59
N TRP T 52 48.35 33.92 -16.66
CA TRP T 52 48.28 35.37 -16.60
C TRP T 52 48.94 35.86 -15.32
N LYS T 53 48.69 35.20 -14.20
CA LYS T 53 49.27 35.65 -12.93
C LYS T 53 50.80 35.65 -12.98
N HIS T 54 51.37 34.82 -13.85
CA HIS T 54 52.81 34.74 -14.00
C HIS T 54 53.45 35.81 -14.89
N ILE T 55 52.69 36.34 -15.85
CA ILE T 55 53.26 37.34 -16.77
C ILE T 55 52.62 38.71 -16.57
N LYS T 56 51.63 38.74 -15.70
CA LYS T 56 50.88 39.92 -15.37
C LYS T 56 51.74 41.16 -15.00
N HIS T 57 52.82 40.95 -14.27
CA HIS T 57 53.69 42.05 -13.86
C HIS T 57 54.26 42.84 -15.04
N LYS T 58 54.50 42.17 -16.17
CA LYS T 58 55.05 42.82 -17.36
C LYS T 58 54.16 43.89 -17.95
N TYR T 59 52.88 43.90 -17.56
CA TYR T 59 51.95 44.87 -18.13
C TYR T 59 51.26 45.75 -17.11
N GLU T 60 51.29 45.36 -15.85
CA GLU T 60 50.63 46.14 -14.81
C GLU T 60 51.30 47.45 -14.43
N ASN T 61 50.66 48.17 -13.51
CA ASN T 61 51.13 49.47 -13.04
C ASN T 61 50.05 50.44 -13.49
N LYS T 62 48.90 49.87 -13.81
CA LYS T 62 47.75 50.61 -14.30
C LYS T 62 46.79 51.07 -13.20
C1 JZR U . -44.97 -34.17 -24.89
O1 JZR U . -44.03 -33.07 -24.75
C2 JZR U . -44.24 -35.51 -24.63
O2 JZR U . -43.17 -35.73 -25.55
C3 JZR U . -45.21 -36.68 -24.73
O3 JZR U . -44.54 -37.92 -24.48
C4 JZR U . -46.39 -36.47 -23.72
O4 JZR U . -47.32 -37.55 -23.81
C5 JZR U . -47.08 -35.08 -24.02
O5 JZR U . -46.08 -34.01 -23.94
C6 JZR U . -48.27 -34.73 -23.07
O6 JZR U . -47.83 -34.58 -21.70
C1' JZR U . -44.64 -31.79 -25.01
C2' JZR U . -43.65 -30.67 -24.87
C3' JZR U . -44.05 -29.43 -25.66
C4' JZR U . -43.12 -28.24 -25.37
C5' JZR U . -41.65 -28.53 -25.67
C6' JZR U . -40.78 -27.26 -25.59
P PO4 V . -22.08 2.12 -14.74
O1 PO4 V . -23.26 2.61 -15.64
O2 PO4 V . -21.67 2.66 -13.40
O3 PO4 V . -20.95 1.42 -15.58
O4 PO4 V . -21.47 3.45 -15.25
N1 AZI W . -59.62 -26.28 18.01
N2 AZI W . -59.55 -26.85 17.01
N3 AZI W . -59.47 -27.43 15.98
O1 UNL X . -20.58 -4.88 -7.88
O1 UNL Y . -36.11 -21.61 -1.85
O1 UNL Z . -67.41 -26.06 -10.22
O1 UNL AA . -20.88 -8.18 -19.72
O1 UNL BA . -38.65 -22.95 -4.51
O1 UNL CA . -61.74 -36.77 23.44
O1 UNL DA . -28.03 -20.42 13.69
O1 UNL EA . -77.86 -14.38 -0.68
O1 UNL FA . -27.68 -8.72 -24.93
O1 UNL GA . -68.00 -40.43 13.66
P PO4 HA . 6.41 -39.08 -2.17
O1 PO4 HA . 6.06 -38.55 -3.59
O2 PO4 HA . 7.70 -39.69 -1.71
O3 PO4 HA . 5.13 -39.50 -1.38
O4 PO4 HA . 6.25 -40.43 -2.89
C15 PEE IA . -27.02 -39.05 2.48
C14 PEE IA . -27.77 -39.77 1.35
C13 PEE IA . -27.19 -41.14 1.01
C12 PEE IA . -27.63 -42.28 1.94
C11 PEE IA . -26.62 -43.45 1.89
C10 PEE IA . -27.10 -44.74 2.61
O4 PEE IA . -28.04 -45.43 2.18
O2 PEE IA . -26.36 -45.04 3.78
O1 UNL JA . -20.94 -68.52 7.08
O1 UNL KA . -25.15 -30.67 39.77
O1 UNL LA . -2.87 -26.64 0.75
O1 UNL MA . -47.21 -48.79 -17.27
O1 UNL NA . -26.12 -48.59 -19.93
O1 UNL OA . -10.54 -22.56 14.74
O1 UNL PA . -5.03 -47.07 -15.38
O1 UNL QA . -14.40 -23.62 12.11
O1 UNL RA . -17.33 -42.31 31.76
O1 UNL SA . -25.81 -57.21 23.56
O1 UNL TA . -38.34 -48.57 -3.47
C1 JZR UA . -12.59 44.50 -13.87
O1 JZR UA . -13.84 43.71 -13.94
C2 JZR UA . -11.34 43.54 -13.73
O2 JZR UA . -11.40 42.72 -12.56
C3 JZR UA . -10.02 44.38 -13.68
O3 JZR UA . -8.86 43.55 -13.57
C4 JZR UA . -9.90 45.27 -14.95
O4 JZR UA . -8.69 46.06 -14.93
C5 JZR UA . -11.19 46.19 -15.07
O5 JZR UA . -12.42 45.34 -15.09
C6 JZR UA . -11.15 47.10 -16.34
O6 JZR UA . -12.46 47.26 -16.92
C1' JZR UA . -15.09 44.46 -14.07
C2' JZR UA . -16.31 43.52 -14.13
C3' JZR UA . -16.40 42.54 -12.94
C4' JZR UA . -16.28 41.07 -13.39
C5' JZR UA . -17.14 40.08 -12.57
C6' JZR UA . -17.16 38.66 -13.15
N1 AZI VA . -0.40 40.66 -24.16
N2 AZI VA . -0.61 40.51 -25.30
N3 AZI VA . -0.83 40.36 -26.46
CHA HEM WA . 1.41 32.62 -19.41
CHB HEM WA . -0.91 30.90 -15.53
CHC HEM WA . 0.78 26.55 -16.48
CHD HEM WA . 3.10 28.23 -20.33
C1A HEM WA . 0.62 32.54 -18.23
C2A HEM WA . -0.08 33.62 -17.64
C3A HEM WA . -0.68 33.17 -16.50
C4A HEM WA . -0.43 31.76 -16.49
CMA HEM WA . -1.49 34.05 -15.46
CAA HEM WA . -0.21 35.01 -18.28
CBA HEM WA . -1.26 34.93 -19.40
CGA HEM WA . -1.47 36.27 -20.11
O1A HEM WA . -2.13 37.15 -19.51
O2A HEM WA . -0.98 36.43 -21.25
C1B HEM WA . -0.60 29.57 -15.40
C2B HEM WA . -0.99 28.73 -14.28
C3B HEM WA . -0.58 27.45 -14.59
C4B HEM WA . 0.15 27.59 -15.83
CMB HEM WA . -1.84 29.21 -13.10
CAB HEM WA . -0.84 26.21 -13.93
CBB HEM WA . -0.83 26.08 -12.42
C1C HEM WA . 1.60 26.66 -17.54
C2C HEM WA . 2.34 25.56 -18.14
C3C HEM WA . 2.97 26.07 -19.22
C4C HEM WA . 2.66 27.44 -19.29
CMC HEM WA . 2.48 24.12 -17.59
CAC HEM WA . 3.92 25.49 -20.07
CBC HEM WA . 4.40 24.10 -20.14
C1D HEM WA . 2.79 29.58 -20.49
C2D HEM WA . 3.36 30.43 -21.53
C3D HEM WA . 2.90 31.65 -21.25
C4D HEM WA . 2.07 31.56 -20.04
CMD HEM WA . 4.28 30.01 -22.69
CAD HEM WA . 3.19 32.89 -22.06
CBD HEM WA . 2.12 33.12 -23.09
CGD HEM WA . 0.91 33.86 -22.53
O1D HEM WA . -0.22 33.36 -22.68
O2D HEM WA . 1.09 34.93 -21.93
NA HEM WA . 0.42 31.37 -17.50
NB HEM WA . 0.18 28.89 -16.28
NC HEM WA . 1.85 27.85 -18.22
ND HEM WA . 2.04 30.28 -19.57
FE HEM WA . 1.11 29.59 -17.89
CHA HEM XA . -9.69 18.39 -0.50
CHB HEM XA . -7.54 19.33 -4.67
CHC HEM XA . -5.50 23.28 -2.86
CHD HEM XA . -7.38 22.13 1.52
C1A HEM XA . -9.33 18.33 -1.86
C2A HEM XA . -9.84 17.38 -2.79
C3A HEM XA . -9.22 17.66 -3.94
C4A HEM XA . -8.38 18.78 -3.73
CMA HEM XA . -9.40 16.94 -5.22
CAA HEM XA . -11.01 16.43 -2.49
CBA HEM XA . -12.28 17.05 -3.05
CGA HEM XA . -12.80 18.24 -2.23
O1A HEM XA . -12.88 19.34 -2.79
O2A HEM XA . -13.12 18.07 -1.04
C1B HEM XA . -6.71 20.42 -4.52
C2B HEM XA . -5.89 20.95 -5.57
C3B HEM XA . -5.38 22.15 -5.12
C4B HEM XA . -5.80 22.24 -3.73
CMB HEM XA . -5.88 20.35 -6.99
CAB HEM XA . -4.64 23.17 -5.80
CBB HEM XA . -3.58 23.00 -6.83
C1C HEM XA . -5.92 23.37 -1.51
C2C HEM XA . -5.71 24.51 -0.63
C3C HEM XA . -6.20 24.18 0.62
C4C HEM XA . -6.74 22.83 0.49
CMC HEM XA . -4.94 25.76 -1.07
CAC HEM XA . -6.29 24.96 1.79
CBC HEM XA . -5.29 25.98 2.18
C1D HEM XA . -8.13 20.96 1.38
C2D HEM XA . -8.81 20.29 2.43
C3D HEM XA . -9.50 19.25 1.86
C4D HEM XA . -9.18 19.27 0.44
CMD HEM XA . -8.74 20.66 3.92
CAD HEM XA . -10.55 18.34 2.52
CBD HEM XA . -11.83 19.17 2.60
CGD HEM XA . -13.00 18.41 3.22
O1D HEM XA . -12.96 17.17 3.25
O2D HEM XA . -13.97 19.05 3.66
NA HEM XA . -8.45 19.23 -2.46
NB HEM XA . -6.59 21.16 -3.36
NC HEM XA . -6.67 22.38 -0.84
ND HEM XA . -8.32 20.31 0.14
FE HEM XA . -7.49 20.80 -1.58
C2 SMA YA . 1.28 41.54 -5.34
C3 SMA YA . 1.68 42.63 -4.61
C3M SMA YA . 1.74 42.60 -3.10
C4 SMA YA . 2.05 43.93 -5.31
C4A SMA YA . 1.95 43.88 -6.81
C5 SMA YA . 2.23 45.00 -7.68
C5M SMA YA . 2.84 47.32 -7.88
C6 SMA YA . 2.12 44.87 -9.10
C7 SMA YA . 1.72 43.63 -9.69
C7M SMA YA . 1.40 44.55 -11.89
C8 SMA YA . 1.43 42.51 -8.85
C8A SMA YA . 1.55 42.67 -7.45
C9 SMA YA . 0.82 40.19 -4.88
C10 SMA YA . 1.81 39.21 -4.34
C11 SMA YA . 1.20 37.79 -4.34
C12 SMA YA . 2.15 36.75 -3.68
C13 SMA YA . 3.46 36.57 -4.49
C14 SMA YA . 4.35 35.46 -3.86
C15 SMA YA . 5.78 35.54 -4.36
C16 SMA YA . 6.28 34.95 -5.47
C17 SMA YA . 7.70 34.85 -5.70
C18 SMA YA . 8.22 34.28 -6.80
C19 SMA YA . 9.62 34.37 -7.25
C20 SMA YA . 10.09 33.42 -8.11
C21 SMA YA . 11.46 33.33 -8.68
C22 SMA YA . -0.16 37.77 -3.62
C23 SMA YA . 1.98 36.38 -1.29
C24 SMA YA . 3.14 36.28 -5.98
C25 SMA YA . 3.98 33.17 -3.18
C26 SMA YA . 10.46 35.50 -6.73
O1 SMA YA . 1.22 41.54 -6.73
O4 SMA YA . 2.41 44.92 -4.67
O5 SMA YA . 2.58 46.18 -7.06
O7 SMA YA . 1.59 43.41 -11.06
O8 SMA YA . 1.05 41.34 -9.46
O12 SMA YA . 2.52 37.18 -2.35
O14 SMA YA . 3.70 34.19 -4.14
C1 UQ ZA . -12.85 14.09 -5.72
C2 UQ ZA . -13.08 13.90 -4.18
C3 UQ ZA . -12.24 13.04 -3.41
C4 UQ ZA . -11.08 12.27 -4.11
C5 UQ ZA . -10.85 12.46 -5.64
C6 UQ ZA . -11.68 13.31 -6.41
CM5 UQ ZA . -9.67 11.66 -6.29
CM3 UQ ZA . -12.87 11.53 -1.53
CM2 UQ ZA . -15.13 13.90 -2.72
C7 UQ ZA . -11.45 13.51 -7.97
C8 UQ ZA . -10.54 14.69 -8.37
C9 UQ ZA . -9.22 14.64 -8.74
C11 UQ ZA . -8.37 15.87 -9.14
C12 UQ ZA . -7.09 16.13 -8.28
O2 UQ ZA . -14.17 14.63 -3.56
O3 UQ ZA . -12.42 12.84 -2.01
O4 UQ ZA . -10.35 11.53 -3.45
O1 UQ ZA . -13.59 14.85 -6.38
C1 CDL AB . -24.91 25.59 0.35
O1 CDL AB . -24.88 24.54 1.41
CA2 CDL AB . -26.21 26.38 0.36
OA2 CDL AB . -26.55 26.59 1.67
PA1 CDL AB . -28.02 26.70 2.18
OA3 CDL AB . -28.05 26.88 3.67
OA4 CDL AB . -28.80 25.47 1.91
OA5 CDL AB . -28.59 27.97 1.47
CA3 CDL AB . -29.59 27.95 0.53
CA4 CDL AB . -29.09 28.73 -0.69
OA6 CDL AB . -29.89 29.84 -1.01
CA5 CDL AB . -29.15 31.00 -0.96
OA7 CDL AB . -28.51 31.40 -0.02
C11 CDL AB . -29.21 31.77 -2.27
CA6 CDL AB . -29.07 27.73 -1.85
OA8 CDL AB . -30.35 27.68 -2.42
CA7 CDL AB . -30.28 27.48 -3.77
OA9 CDL AB . -30.34 26.42 -4.33
C31 CDL AB . -30.10 28.78 -4.56
CB2 CDL AB . -24.72 25.01 -1.07
OB2 CDL AB . -25.63 23.99 -1.26
PB2 CDL AB . -25.86 23.29 -2.65
OB3 CDL AB . -27.30 22.89 -2.84
OB4 CDL AB . -25.08 22.02 -2.76
OB5 CDL AB . -25.36 24.32 -3.74
CB3 CDL AB . -26.13 25.27 -4.38
CB4 CDL AB . -25.27 26.56 -4.50
OB6 CDL AB . -25.88 27.60 -5.27
CB5 CDL AB . -25.82 28.79 -4.56
OB7 CDL AB . -26.48 29.05 -3.58
C51 CDL AB . -24.82 29.79 -5.15
C52 CDL AB . -24.77 31.17 -4.46
CB6 CDL AB . -23.94 26.17 -5.16
OB8 CDL AB . -22.92 26.84 -4.47
CB7 CDL AB . -21.70 26.72 -5.05
OB9 CDL AB . -20.86 25.93 -4.74
C71 CDL AB . -21.46 27.73 -6.17
C72 CDL AB . -20.57 28.94 -5.79
C73 CDL AB . -20.94 30.20 -6.59
C74 CDL AB . -21.17 31.43 -5.67
C75 CDL AB . -20.85 32.77 -6.39
C76 CDL AB . -19.33 33.11 -6.31
C77 CDL AB . -18.70 33.32 -7.71
C78 CDL AB . -17.99 34.67 -7.85
C26 PEE BB . -6.63 33.60 1.50
C25 PEE BB . -7.85 33.85 2.42
C24 PEE BB . -9.19 33.45 1.75
C23 PEE BB . -10.16 32.70 2.69
C22 PEE BB . -11.64 32.97 2.44
C21 PEE BB . -12.33 32.70 1.32
C20 PEE BB . -12.91 33.71 0.35
C19 PEE BB . -14.29 33.35 -0.21
C18 PEE BB . -14.88 32.14 -0.27
C17 PEE BB . -16.37 31.86 -0.38
C16 PEE BB . -16.85 30.99 0.79
C15 PEE BB . -16.93 29.48 0.49
C14 PEE BB . -17.42 28.62 1.65
C13 PEE BB . -18.84 28.96 2.12
C12 PEE BB . -19.70 27.74 2.40
C11 PEE BB . -20.73 28.05 3.50
C10 PEE BB . -22.19 28.12 3.01
O4 PEE BB . -22.53 27.75 1.86
O2 PEE BB . -23.06 28.65 3.96
C2 PEE BB . -24.49 28.59 3.68
C1 PEE BB . -25.16 27.71 4.74
O3P PEE BB . -24.60 26.40 4.67
P PEE BB . -24.56 25.42 5.94
O2P PEE BB . -24.02 26.21 7.24
O1P PEE BB . -23.57 24.23 5.58
O4P PEE BB . -26.07 24.84 6.20
C4 PEE BB . -26.84 24.16 5.15
C5 PEE BB . -28.37 24.21 5.38
N PEE BB . -29.11 23.76 4.19
C3 PEE BB . -25.12 29.99 3.50
O3 PEE BB . -24.40 30.76 2.49
C30 PEE BB . -24.87 30.67 1.19
O5 PEE BB . -25.67 29.81 0.79
C31 PEE BB . -24.29 31.76 0.24
C32 PEE BB . -22.90 31.42 -0.35
C33 PEE BB . -22.57 32.28 -1.58
C34 PEE BB . -21.41 33.26 -1.32
C35 PEE BB . -20.37 33.25 -2.46
C36 PEE BB . -19.03 33.87 -2.04
C37 PEE BB . -18.52 34.94 -3.03
C38 PEE BB . -18.23 36.29 -2.34
C39 PEE BB . -17.07 37.10 -2.96
C40 PEE BB . -15.69 36.83 -2.32
C41 PEE BB . -14.60 37.81 -2.80
C42 PEE BB . -13.30 37.69 -1.99
C43 PEE BB . -12.05 38.21 -2.72
C44 PEE BB . -10.90 37.19 -2.96
C45 PEE BB . -9.79 37.23 -1.90
C46 PEE BB . -9.39 35.83 -1.42
O1 UNL CB . -22.02 29.92 -15.13
O2 UNL CB . -21.46 29.30 -14.15
O1 UNL DB . 13.98 45.08 -21.00
O1 UNL EB . 23.96 35.03 -4.12
O1 UNL FB . -13.99 34.60 -5.64
O1 UNL GB . 6.78 53.50 10.47
O1 UNL HB . -14.87 44.38 -6.39
C1 GOL IB . -4.59 38.20 -14.76
O1 GOL IB . -5.59 39.25 -14.97
C2 GOL IB . -4.32 37.29 -16.00
O2 GOL IB . -4.60 38.01 -17.28
C3 GOL IB . -5.07 35.94 -15.93
O3 GOL IB . -6.52 36.09 -15.87
C1 GOL JB . -19.56 16.94 -4.28
O1 GOL JB . -20.73 17.56 -4.87
C2 GOL JB . -18.41 16.63 -5.28
O2 GOL JB . -18.96 16.03 -6.53
C3 GOL JB . -17.30 15.74 -4.67
O3 GOL JB . -16.19 15.47 -5.59
P PO4 KB . -10.61 31.85 -40.87
O1 PO4 KB . -11.52 33.10 -40.95
O2 PO4 KB . -9.12 31.80 -41.01
O3 PO4 KB . -11.39 30.54 -41.23
O4 PO4 KB . -10.57 32.09 -42.40
P PO4 LB . -11.41 47.05 -24.41
O1 PO4 LB . -12.65 47.62 -23.67
O2 PO4 LB . -11.13 45.63 -24.79
O3 PO4 LB . -10.16 47.98 -24.23
O4 PO4 LB . -11.07 46.55 -22.99
FE HEC MB . -2.33 59.76 -32.97
CHA HEC MB . -1.61 59.52 -29.70
CHB HEC MB . -4.95 57.65 -32.63
CHC HEC MB . -3.19 60.16 -36.25
CHD HEC MB . 0.37 61.80 -33.46
NA HEC MB . -3.07 58.78 -31.47
C1A HEC MB . -2.66 58.77 -30.15
C2A HEC MB . -3.43 57.85 -29.39
C3A HEC MB . -4.35 57.31 -30.21
C4A HEC MB . -4.17 57.93 -31.49
CMA HEC MB . -5.31 56.19 -29.92
CAA HEC MB . -3.12 57.38 -27.98
CBA HEC MB . -3.63 58.27 -26.89
CGA HEC MB . -3.40 57.64 -25.53
O1A HEC MB . -2.22 57.38 -25.20
O2A HEC MB . -4.40 57.38 -24.83
NB HEC MB . -3.75 59.07 -34.21
C1B HEC MB . -4.70 58.10 -33.90
C2B HEC MB . -5.45 57.68 -35.05
C3B HEC MB . -5.08 58.51 -36.04
C4B HEC MB . -3.99 59.35 -35.51
CMB HEC MB . -6.49 56.55 -35.12
CAB HEC MB . -5.59 58.66 -37.48
CBB HEC MB . -7.08 58.99 -37.53
NC HEC MB . -1.57 60.81 -34.52
C1C HEC MB . -2.07 60.86 -35.83
C2C HEC MB . -1.21 61.65 -36.70
C3C HEC MB . -0.20 62.12 -35.93
C4C HEC MB . -0.44 61.61 -34.57
CMC HEC MB . -1.35 61.90 -38.20
CAC HEC MB . 1.11 62.79 -36.32
CBC HEC MB . 0.81 64.15 -37.00
ND HEC MB . -0.91 60.45 -31.82
C1D HEC MB . 0.18 61.23 -32.20
C2D HEC MB . 0.97 61.57 -31.05
C3D HEC MB . 0.38 60.98 -29.99
C4D HEC MB . -0.78 60.29 -30.48
CMD HEC MB . 2.27 62.37 -31.05
CAD HEC MB . 0.93 60.94 -28.56
CBD HEC MB . 0.07 61.84 -27.69
CGD HEC MB . 0.64 62.02 -26.30
O1D HEC MB . 0.68 63.18 -25.85
O2D HEC MB . 1.04 61.02 -25.66
C1 CDL NB . -30.80 19.49 -3.56
O1 CDL NB . -29.95 18.33 -3.17
CA2 CDL NB . -32.17 19.49 -2.86
OA2 CDL NB . -32.62 20.78 -2.74
PA1 CDL NB . -34.08 21.23 -3.14
OA3 CDL NB . -34.51 22.46 -2.37
OA4 CDL NB . -35.11 20.18 -2.83
OA5 CDL NB . -33.99 21.53 -4.68
CB2 CDL NB . -31.07 19.52 -5.08
OB2 CDL NB . -29.87 19.58 -5.75
PB2 CDL NB . -29.75 19.53 -7.33
OB3 CDL NB . -31.10 19.60 -8.00
OB4 CDL NB . -29.14 18.25 -7.81
OB5 CDL NB . -28.85 20.77 -7.71
CB3 CDL NB . -27.56 20.93 -7.25
CB4 CDL NB . -26.73 21.74 -8.29
OB6 CDL NB . -27.09 21.43 -9.64
CB5 CDL NB . -27.55 22.54 -10.31
OB7 CDL NB . -28.32 23.38 -9.87
C51 CDL NB . -27.02 22.62 -11.74
C52 CDL NB . -28.09 22.84 -12.84
C53 CDL NB . -27.45 23.09 -14.23
C54 CDL NB . -28.47 22.93 -15.38
CB6 CDL NB . -25.29 21.36 -8.02
OB8 CDL NB . -24.44 21.90 -9.01
CB7 CDL NB . -23.23 21.24 -9.07
OB9 CDL NB . -23.01 20.09 -8.76
C71 CDL NB . -22.11 22.12 -9.60
C72 CDL NB . -21.32 22.92 -8.54
C73 CDL NB . -19.93 23.34 -9.06
C74 CDL NB . -19.64 24.83 -8.83
C75 CDL NB . -19.76 25.66 -10.15
C76 CDL NB . -18.44 25.67 -10.96
C77 CDL NB . -18.34 26.91 -11.89
C78 CDL NB . -17.00 27.69 -11.68
C79 CDL NB . -17.18 29.01 -10.87
C80 CDL NB . -18.21 29.98 -11.50
C81 CDL NB . -17.82 31.47 -11.29
C82 CDL NB . -17.73 32.23 -12.63
C27 PEE OB . -17.33 17.44 -19.42
C26 PEE OB . -16.23 17.16 -18.39
C25 PEE OB . -14.85 17.02 -19.05
C24 PEE OB . -13.72 16.84 -18.00
C23 PEE OB . -12.61 17.91 -18.07
C22 PEE OB . -11.29 17.42 -18.65
C21 PEE OB . -10.25 18.20 -18.99
C20 PEE OB . -10.03 18.91 -20.33
C19 PEE OB . -10.95 20.11 -20.54
C18 PEE OB . -11.24 20.75 -21.69
C17 PEE OB . -12.39 21.72 -21.94
C16 PEE OB . -12.07 22.67 -23.10
C15 PEE OB . -13.15 23.74 -23.38
C14 PEE OB . -14.00 23.49 -24.65
C13 PEE OB . -13.72 24.48 -25.81
C12 PEE OB . -14.83 24.54 -26.87
C11 PEE OB . -14.32 25.06 -28.23
C10 PEE OB . -15.46 25.48 -29.21
O4 PEE OB . -16.37 26.25 -28.86
O2 PEE OB . -15.34 24.90 -30.50
C2 PEE OB . -16.45 25.18 -31.47
C1 PEE OB . -15.90 25.40 -32.91
O3P PEE OB . -16.92 25.85 -33.86
P PEE OB . -16.55 26.46 -35.33
O2P PEE OB . -14.99 26.92 -35.37
O1P PEE OB . -17.47 27.75 -35.60
O4P PEE OB . -16.83 25.34 -36.50
C4 PEE OB . -16.94 23.89 -36.25
C5 PEE OB . -16.88 23.04 -37.53
N PEE OB . -15.51 22.57 -37.82
C3 PEE OB . -17.56 24.08 -31.41
O3 PEE OB . -18.47 24.25 -30.28
C30 PEE OB . -18.37 23.28 -29.27
O5 PEE OB . -17.68 22.25 -29.35
C31 PEE OB . -19.22 23.61 -28.01
C32 PEE OB . -18.45 23.55 -26.67
C33 PEE OB . -19.14 22.64 -25.63
C34 PEE OB . -18.18 22.23 -24.50
C35 PEE OB . -18.66 20.96 -23.75
C36 PEE OB . -17.64 20.49 -22.69
C37 PEE OB . -17.09 19.07 -22.99
C38 PEE OB . -15.80 19.12 -23.83
C39 PEE OB . -14.95 17.84 -23.77
C40 PEE OB . -13.53 18.07 -23.23
C41 PEE OB . -12.44 17.98 -24.31
C42 PEE OB . -11.10 17.52 -23.74
C43 PEE OB . -10.18 16.77 -24.74
C44 PEE OB . -9.42 15.54 -24.21
C45 PEE OB . -8.27 15.87 -23.23
C46 PEE OB . -8.48 15.23 -21.84
C47 PEE OB . -7.42 15.69 -20.82
O1 UNL PB . -26.47 53.53 -26.88
O1 UNL QB . -34.47 -6.25 16.90
O1 UNL RB . -14.94 64.50 -52.18
O1 UNL SB . -14.59 44.16 -25.19
O1 UNL TB . 12.18 42.98 -39.36
O1 UNL UB . -4.10 63.27 -45.46
O1 UNL VB . -21.03 40.12 -22.57
FE1 FES WB . 19.86 11.73 -48.86
FE2 FES WB . 19.32 9.82 -46.96
S1 FES WB . 20.63 9.64 -48.81
S2 FES WB . 18.75 11.98 -46.92
O1 UNL XB . -7.63 18.80 -37.70
O1 UNL YB . 0.79 34.87 -57.65
C1 GOL ZB . 7.92 15.79 -46.38
O1 GOL ZB . 8.97 14.78 -46.25
C2 GOL ZB . 8.43 17.26 -46.37
O2 GOL ZB . 7.54 18.14 -47.16
C3 GOL ZB . 9.93 17.37 -46.81
O3 GOL ZB . 10.17 18.39 -47.84
C1 GOL AC . 9.43 18.67 -51.06
O1 GOL AC . 10.41 19.64 -50.59
C2 GOL AC . 10.04 17.44 -51.81
O2 GOL AC . 10.42 16.38 -50.85
C3 GOL AC . 11.21 17.83 -52.74
C1 JZR BC . -7.70 3.78 28.81
O1 JZR BC . -7.59 3.72 27.33
C2 JZR BC . -8.12 2.35 29.36
O2 JZR BC . -9.37 1.88 28.82
C3 JZR BC . -8.23 2.40 30.93
O3 JZR BC . -8.59 1.13 31.48
C4 JZR BC . -6.88 2.88 31.55
O4 JZR BC . -6.95 2.94 33.00
C5 JZR BC . -6.47 4.27 30.95
O5 JZR BC . -6.42 4.19 29.46
C6 JZR BC . -5.12 4.78 31.52
O6 JZR BC . -5.29 5.95 32.32
C1' JZR BC . -7.22 4.97 26.65
C2' JZR BC . -7.15 4.75 25.12
C3' JZR BC . -6.84 6.04 24.34
C4' JZR BC . -6.91 5.80 22.81
C5' JZR BC . -6.52 7.02 21.96
C6' JZR BC . -7.04 6.95 20.50
C1 JZR CC . -33.48 36.25 21.88
O1 JZR CC . -32.23 37.01 22.04
C2 JZR CC . -34.35 36.32 23.21
O2 JZR CC . -33.64 35.81 24.35
C3 JZR CC . -35.68 35.53 23.04
O3 JZR CC . -36.49 35.58 24.22
C4 JZR CC . -36.49 36.09 21.82
O4 JZR CC . -37.73 35.38 21.63
C5 JZR CC . -35.59 36.04 20.52
O5 JZR CC . -34.31 36.77 20.75
C6 JZR CC . -36.32 36.60 19.26
O6 JZR CC . -36.20 38.03 19.16
C1' JZR CC . -31.36 37.01 20.87
C2' JZR CC . -30.06 37.82 21.11
C3' JZR CC . -29.76 38.83 19.98
C4' JZR CC . -28.70 38.29 18.99
C5' JZR CC . -28.58 39.12 17.69
C6' JZR CC . -27.61 38.52 16.66
O1 UNL DC . -6.39 15.11 22.81
N1 AZI EC . -35.39 9.04 -13.65
N2 AZI EC . -35.33 8.76 -12.53
N3 AZI EC . -35.28 8.47 -11.40
O1 UNL FC . -21.54 43.44 9.86
O1 UNL GC . -39.55 13.12 -13.90
O1 UNL HC . -13.67 -1.27 12.45
P PO4 IC . -34.38 -47.67 14.47
O1 PO4 IC . -33.27 -48.07 15.48
O2 PO4 IC . -34.37 -47.80 12.99
O3 PO4 IC . -35.34 -46.59 15.08
O4 PO4 IC . -33.41 -46.53 14.21
O1 UNL JC . -30.88 -33.56 -1.12
O1 UNL KC . -33.31 -36.97 5.45
O1 UNL LC . 12.32 -28.93 48.84
O2 UNL LC . 11.78 -29.97 49.39
O1 UNL MC . -4.28 0.18 26.02
O1 UNL NC . -3.79 -7.60 30.00
O1 UNL OC . 20.55 -35.52 20.74
P PO4 PC . -23.16 1.79 32.64
O1 PO4 PC . -22.69 0.81 31.52
O2 PO4 PC . -23.99 3.01 32.49
O3 PO4 PC . -22.21 1.75 33.88
O4 PO4 PC . -22.06 2.66 31.99
O1 UNL QC . -7.13 -46.60 72.30
O2 UNL QC . -6.16 -47.19 71.68
O1 UNL RC . 2.18 -44.05 68.17
O1 UNL SC . -23.45 -10.93 51.92
O1 UNL TC . -4.54 -19.18 22.80
O1 UNL UC . -19.60 -4.68 53.65
O1 UNL VC . -9.04 2.10 50.45
O1 UNL WC . -11.39 -46.91 57.58
O1 UNL XC . 8.42 -34.33 50.33
C1 GOL YC . -7.02 -26.04 50.89
O1 GOL YC . -7.53 -26.39 52.22
C2 GOL YC . -6.12 -27.14 50.24
O2 GOL YC . -5.25 -27.78 51.24
C3 GOL YC . -5.29 -26.59 49.03
O3 GOL YC . -3.90 -26.29 49.36
C1 JZR ZC . 34.51 9.85 -31.97
O1 JZR ZC . 35.13 9.29 -30.75
C2 JZR ZC . 33.12 10.53 -31.63
O2 JZR ZC . 32.17 9.61 -31.06
C3 JZR ZC . 32.48 11.14 -32.92
O3 JZR ZC . 31.23 11.78 -32.65
C4 JZR ZC . 33.47 12.18 -33.56
O4 JZR ZC . 32.93 12.77 -34.75
C5 JZR ZC . 34.85 11.47 -33.85
O5 JZR ZC . 35.40 10.86 -32.60
C6 JZR ZC . 35.91 12.42 -34.46
O6 JZR ZC . 37.23 11.84 -34.43
C1' JZR ZC . 36.42 8.62 -30.95
C2' JZR ZC . 37.02 8.08 -29.62
C3' JZR ZC . 36.29 6.86 -29.07
C4' JZR ZC . 35.86 7.06 -27.59
C5' JZR ZC . 36.69 6.27 -26.56
C6' JZR ZC . 36.11 6.29 -25.14
N1 AZI AD . 27.29 23.92 -30.17
N2 AZI AD . 27.75 24.80 -29.58
N3 AZI AD . 28.21 25.69 -28.98
P PO4 BD . 24.05 3.71 8.97
O1 PO4 BD . 23.48 5.06 8.47
O2 PO4 BD . 24.06 2.40 8.26
O3 PO4 BD . 24.10 3.65 10.54
O4 PO4 BD . 22.55 3.39 9.13
CHA HEM CD . 20.52 20.07 -24.82
CHB HEM CD . 20.04 15.43 -23.70
CHC HEM CD . 17.09 16.70 -20.10
CHD HEM CD . 17.47 21.29 -21.34
C1A HEM CD . 20.63 18.68 -24.86
C2A HEM CD . 21.52 17.94 -25.75
C3A HEM CD . 21.32 16.62 -25.52
C4A HEM CD . 20.42 16.59 -24.34
CMA HEM CD . 21.89 15.40 -26.22
CAA HEM CD . 22.53 18.58 -26.66
CBA HEM CD . 23.71 19.07 -25.87
CGA HEM CD . 24.76 19.73 -26.74
O1A HEM CD . 25.47 18.98 -27.44
O2A HEM CD . 24.87 20.98 -26.72
C1B HEM CD . 19.21 15.37 -22.61
C2B HEM CD . 18.67 14.14 -22.08
C3B HEM CD . 17.82 14.49 -21.02
C4B HEM CD . 17.87 15.94 -20.94
CMB HEM CD . 19.11 12.75 -22.51
CAB HEM CD . 17.07 13.69 -20.13
CBB HEM CD . 16.71 12.26 -20.30
C1C HEM CD . 16.85 18.06 -20.19
C2C HEM CD . 15.91 18.78 -19.34
C3C HEM CD . 16.00 20.08 -19.72
C4C HEM CD . 17.07 20.13 -20.73
CMC HEM CD . 15.08 18.23 -18.16
CAC HEM CD . 15.26 21.19 -19.33
CBC HEM CD . 14.35 21.33 -18.11
C1D HEM CD . 18.33 21.36 -22.37
C2D HEM CD . 18.74 22.57 -22.97
C3D HEM CD . 19.67 22.24 -23.94
C4D HEM CD . 19.74 20.80 -23.95
CMD HEM CD . 18.26 23.99 -22.70
CAD HEM CD . 20.39 23.25 -24.86
CBD HEM CD . 21.76 23.67 -24.34
CGD HEM CD . 22.83 22.71 -24.75
O1D HEM CD . 23.63 22.28 -23.88
O2D HEM CD . 22.87 22.36 -25.95
NA HEM CD . 20.00 17.84 -23.97
NB HEM CD . 18.64 16.50 -22.00
NC HEM CD . 17.52 18.90 -21.05
ND HEM CD . 18.93 20.25 -22.96
FE HEM CD . 18.76 18.35 -22.48
CHA HEM DD . 15.94 -2.92 -13.38
CHB HEM DD . 16.10 1.88 -13.84
CHC HEM DD . 15.71 1.40 -18.63
CHD HEM DD . 14.96 -3.32 -18.05
C1A HEM DD . 16.10 -1.56 -13.08
C2A HEM DD . 16.50 -1.05 -11.81
C3A HEM DD . 16.51 0.29 -11.91
C4A HEM DD . 16.14 0.60 -13.28
CMA HEM DD . 16.82 1.28 -10.78
CAA HEM DD . 16.79 -1.90 -10.58
CBA HEM DD . 18.25 -2.32 -10.37
CGA HEM DD . 18.86 -3.06 -11.56
O1A HEM DD . 19.62 -2.42 -12.31
O2A HEM DD . 18.56 -4.27 -11.75
C1B HEM DD . 15.91 2.19 -15.18
C2B HEM DD . 15.86 3.52 -15.71
C3B HEM DD . 15.89 3.37 -17.09
C4B HEM DD . 15.85 1.95 -17.34
CMB HEM DD . 16.01 4.83 -14.89
CAB HEM DD . 15.90 4.33 -18.14
CBB HEM DD . 15.48 5.76 -18.05
C1C HEM DD . 15.47 0.11 -18.86
C2C HEM DD . 15.55 -0.45 -20.20
C3C HEM DD . 15.29 -1.77 -20.02
C4C HEM DD . 15.14 -2.02 -18.60
CMC HEM DD . 16.02 0.30 -21.46
CAC HEM DD . 15.24 -2.76 -21.02
CBC HEM DD . 14.73 -2.51 -22.42
C1D HEM DD . 15.07 -3.65 -16.74
C2D HEM DD . 14.90 -4.96 -16.20
C3D HEM DD . 15.23 -4.85 -14.82
C4D HEM DD . 15.57 -3.45 -14.60
CMD HEM DD . 14.49 -6.19 -16.99
CAD HEM DD . 15.31 -5.96 -13.77
CBD HEM DD . 16.78 -6.41 -13.72
CGD HEM DD . 17.04 -7.64 -12.87
O1D HEM DD . 16.47 -7.75 -11.76
O2D HEM DD . 17.82 -8.50 -13.30
NA HEM DD . 15.94 -0.55 -14.01
NB HEM DD . 15.77 1.22 -16.19
NC HEM DD . 15.33 -0.88 -17.88
ND HEM DD . 15.42 -2.71 -15.75
FE HEM DD . 15.61 -0.75 -15.96
C2 SMA ED . 19.59 8.23 -36.79
C3 SMA ED . 19.53 7.87 -38.12
C3M SMA ED . 18.93 6.57 -38.56
C4 SMA ED . 20.09 8.76 -39.18
C4A SMA ED . 20.70 10.04 -38.68
C5 SMA ED . 21.32 11.02 -39.53
C5M SMA ED . 21.98 11.59 -41.79
C6 SMA ED . 21.86 12.22 -38.99
C7 SMA ED . 21.81 12.47 -37.59
C7M SMA ED . 23.32 14.37 -37.67
C8 SMA ED . 21.21 11.51 -36.71
C8A SMA ED . 20.67 10.32 -37.27
C9 SMA ED . 19.14 7.45 -35.59
C10 SMA ED . 17.69 7.56 -35.16
C11 SMA ED . 17.57 7.09 -33.69
C12 SMA ED . 16.10 6.92 -33.23
C13 SMA ED . 15.29 8.24 -33.28
C14 SMA ED . 13.81 7.98 -32.79
C15 SMA ED . 12.84 9.02 -33.31
C16 SMA ED . 12.56 10.19 -32.73
C17 SMA ED . 11.43 10.99 -33.09
C18 SMA ED . 11.18 12.16 -32.49
C19 SMA ED . 10.30 13.23 -32.96
C20 SMA ED . 9.83 14.11 -32.04
C21 SMA ED . 8.93 15.24 -32.31
C22 SMA ED . 18.35 5.80 -33.41
C23 SMA ED . 14.99 4.75 -33.41
C24 SMA ED . 15.99 9.34 -32.44
C25 SMA ED . 12.77 7.08 -30.79
C26 SMA ED . 9.96 13.28 -34.41
O1 SMA ED . 20.15 9.44 -36.34
O4 SMA ED . 20.06 8.45 -40.38
O5 SMA ED . 21.35 10.69 -40.88
O7 SMA ED . 22.32 13.61 -36.97
O8 SMA ED . 21.18 11.77 -35.36
O12 SMA ED . 15.45 5.93 -34.08
O14 SMA ED . 13.84 7.89 -31.33
C1 UQ FD . 18.23 0.00 -6.90
C2 UQ FD . 17.73 -1.47 -7.09
C3 UQ FD . 16.36 -1.80 -6.88
C4 UQ FD . 15.35 -0.69 -6.46
C5 UQ FD . 15.85 0.77 -6.28
C6 UQ FD . 17.20 1.10 -6.48
CM5 UQ FD . 14.80 1.83 -5.85
CM3 UQ FD . 15.56 -3.89 -5.85
CM2 UQ FD . 18.92 -3.61 -6.59
C7 UQ FD . 17.72 2.57 -6.31
C8 UQ FD . 17.71 3.41 -7.60
C9 UQ FD . 16.75 4.25 -8.03
C11 UQ FD . 16.79 5.07 -9.33
C12 UQ FD . 15.44 5.64 -9.83
O2 UQ FD . 18.70 -2.47 -7.49
O3 UQ FD . 15.87 -3.13 -7.05
O4 UQ FD . 14.16 -0.98 -6.28
O1 UQ FD . 19.43 0.29 -7.09
C1 CDL GD . 30.92 -10.26 -13.88
O1 CDL GD . 30.25 -11.38 -13.13
CA2 CDL GD . 32.38 -10.57 -14.26
OA2 CDL GD . 32.47 -11.86 -14.73
PA1 CDL GD . 33.41 -12.94 -14.10
OA3 CDL GD . 33.22 -14.27 -14.76
OA4 CDL GD . 33.12 -13.17 -12.64
OA5 CDL GD . 34.89 -12.39 -14.27
CA3 CDL GD . 35.54 -12.28 -15.47
CA4 CDL GD . 36.32 -10.93 -15.54
OA6 CDL GD . 37.69 -11.08 -15.87
CA5 CDL GD . 37.97 -10.61 -17.13
OA7 CDL GD . 37.40 -10.90 -18.16
C11 CDL GD . 39.13 -9.62 -17.14
CA6 CDL GD . 36.17 -10.22 -14.19
OA8 CDL GD . 37.36 -10.34 -13.45
CA7 CDL GD . 37.64 -9.14 -12.84
OA9 CDL GD . 37.21 -8.76 -11.80
C31 CDL GD . 38.61 -8.29 -13.66
CB2 CDL GD . 30.92 -8.95 -13.07
OB2 CDL GD . 31.54 -9.20 -11.86
PB2 CDL GD . 31.81 -8.09 -10.79
OB3 CDL GD . 32.91 -8.49 -9.85
OB4 CDL GD . 30.61 -7.84 -9.94
OB5 CDL GD . 32.20 -6.79 -11.61
CB3 CDL GD . 33.48 -6.43 -11.96
CB4 CDL GD . 33.48 -5.93 -13.43
OB6 CDL GD . 34.77 -5.62 -13.94
CB5 CDL GD . 34.90 -6.02 -15.25
OB7 CDL GD . 34.72 -7.14 -15.69
C51 CDL GD . 35.30 -4.87 -16.18
C52 CDL GD . 35.90 -5.27 -17.55
C53 CDL GD . 37.43 -5.50 -17.47
C54 CDL GD . 38.15 -5.16 -18.80
C55 CDL GD . 39.68 -4.94 -18.59
C56 CDL GD . 40.51 -5.49 -19.77
C57 CDL GD . 41.91 -4.85 -19.82
CB6 CDL GD . 32.59 -4.66 -13.47
OB8 CDL GD . 31.86 -4.70 -14.67
CB7 CDL GD . 31.05 -3.62 -14.84
OB9 CDL GD . 29.90 -3.54 -14.53
C71 CDL GD . 31.77 -2.46 -15.53
C72 CDL GD . 31.64 -2.45 -17.07
C73 CDL GD . 32.90 -1.90 -17.76
C74 CDL GD . 32.64 -0.52 -18.40
C75 CDL GD . 32.72 -0.58 -19.94
C76 CDL GD . 32.45 0.79 -20.60
C77 CDL GD . 33.62 1.24 -21.50
C78 CDL GD . 33.23 2.43 -22.41
C26 PEE HD . 19.85 -1.92 -28.32
C25 PEE HD . 20.56 -3.28 -28.33
C24 PEE HD . 21.69 -3.37 -27.28
C23 PEE HD . 21.73 -4.69 -26.49
C22 PEE HD . 23.11 -5.19 -26.10
C21 PEE HD . 23.99 -4.57 -25.31
C20 PEE HD . 25.29 -3.90 -25.74
C19 PEE HD . 26.42 -4.05 -24.73
C18 PEE HD . 26.37 -4.41 -23.44
C17 PEE HD . 27.48 -5.01 -22.62
C16 PEE HD . 27.04 -6.32 -21.96
C15 PEE HD . 26.60 -6.18 -20.49
C14 PEE HD . 26.07 -7.49 -19.87
C13 PEE HD . 27.12 -8.60 -19.81
C12 PEE HD . 27.18 -9.31 -18.46
C11 PEE HD . 27.73 -10.73 -18.61
C10 PEE HD . 29.11 -10.97 -18.00
O4 PEE HD . 29.68 -10.13 -17.26
O2 PEE HD . 29.64 -12.21 -18.36
C2 PEE HD . 30.91 -12.63 -17.74
C1 PEE HD . 30.64 -13.92 -17.00
O3P PEE HD . 29.62 -13.70 -16.02
P PEE HD . 28.67 -14.89 -15.51
O2P PEE HD . 28.16 -15.73 -16.77
O1P PEE HD . 27.47 -14.22 -14.71
O4P PEE HD . 29.53 -15.86 -14.51
C4 PEE HD . 30.20 -15.40 -13.30
C5 PEE HD . 31.35 -16.32 -12.87
N PEE HD . 32.25 -15.65 -11.91
C3 PEE HD . 32.08 -12.68 -18.75
O3 PEE HD . 32.29 -11.41 -19.47
C30 PEE HD . 33.13 -10.47 -18.83
O5 PEE HD . 33.54 -10.57 -17.65
C31 PEE HD . 33.54 -9.29 -19.75
C32 PEE HD . 32.53 -8.13 -19.77
C33 PEE HD . 33.16 -6.83 -20.32
C34 PEE HD . 32.60 -6.44 -21.70
C35 PEE HD . 32.22 -4.94 -21.77
C36 PEE HD . 31.23 -4.66 -22.91
C37 PEE HD . 31.68 -3.47 -23.79
C38 PEE HD . 31.76 -3.86 -25.29
C39 PEE HD . 31.46 -2.70 -26.28
C40 PEE HD . 29.98 -2.61 -26.71
C41 PEE HD . 29.75 -1.61 -27.85
C42 PEE HD . 28.33 -1.71 -28.45
C43 PEE HD . 27.87 -0.45 -29.21
C44 PEE HD . 26.60 0.24 -28.68
C45 PEE HD . 25.32 -0.12 -29.43
C46 PEE HD . 24.18 -0.57 -28.49
O1 UNL ID . 13.74 -5.78 -41.15
O2 UNL ID . 14.46 -6.87 -41.06
O1 UNL JD . 5.96 -9.23 -24.64
O1 UNL KD . 22.11 -4.07 -52.29
O1 UNL LD . 20.90 -6.02 -45.99
O1 UNL MD . 4.81 23.77 -49.61
O1 UNL ND . 31.88 -9.61 -36.00
O1 UNL OD . 5.90 11.95 -32.83
C1 GOL PD . 27.48 15.13 -28.52
O1 GOL PD . 28.46 14.71 -27.53
C2 GOL PD . 26.06 15.38 -27.93
O2 GOL PD . 26.13 16.39 -26.85
C3 GOL PD . 25.37 14.08 -27.45
O3 GOL PD . 26.18 13.32 -26.48
C1 GOL QD . 24.19 -4.26 -7.29
O1 GOL QD . 25.65 -4.25 -7.31
C2 GOL QD . 23.54 -2.85 -7.38
O2 GOL QD . 24.54 -1.80 -7.09
C3 GOL QD . 22.30 -2.71 -6.46
O3 GOL QD . 21.42 -1.62 -6.86
P PO4 RD . 39.24 19.39 -31.91
O1 PO4 RD . 40.12 18.74 -30.80
O2 PO4 RD . 39.35 20.77 -32.45
O3 PO4 RD . 37.83 18.71 -32.01
O4 PO4 RD . 38.66 20.12 -30.67
FE HEC SD . 41.03 32.89 -43.72
CHA HEC SD . 39.11 30.33 -44.71
CHB HEC SD . 42.00 31.16 -40.98
CHC HEC SD . 43.21 35.46 -42.77
CHD HEC SD . 40.08 34.70 -46.33
NA HEC SD . 40.67 31.13 -43.05
C1A HEC SD . 39.84 30.17 -43.55
C2A HEC SD . 39.70 29.04 -42.66
C3A HEC SD . 40.56 29.22 -41.61
C4A HEC SD . 41.14 30.53 -41.85
CMA HEC SD . 40.79 28.19 -40.47
CAA HEC SD . 38.63 27.97 -42.75
CBA HEC SD . 39.10 26.81 -43.59
CGA HEC SD . 38.12 25.65 -43.57
O1A HEC SD . 36.95 25.86 -43.98
O2A HEC SD . 38.51 24.55 -43.15
NB HEC SD . 42.35 33.23 -42.27
C1B HEC SD . 42.55 32.40 -41.16
C2B HEC SD . 43.36 33.02 -40.16
C3B HEC SD . 43.77 34.20 -40.68
C4B HEC SD . 43.15 34.31 -42.00
CMB HEC SD . 43.70 32.52 -38.76
CAB HEC SD . 44.75 35.23 -40.14
CBB HEC SD . 46.10 34.54 -39.84
NC HEC SD . 41.54 34.64 -44.37
C1C HEC SD . 42.45 35.60 -43.88
C2C HEC SD . 42.45 36.83 -44.64
C3C HEC SD . 41.52 36.64 -45.63
C4C HEC SD . 41.00 35.28 -45.50
CMC HEC SD . 43.32 38.07 -44.41
CAC HEC SD . 40.91 37.61 -46.62
CBC HEC SD . 41.98 38.31 -47.48
ND HEC SD . 39.80 32.59 -45.17
C1D HEC SD . 39.45 33.50 -46.14
C2D HEC SD . 38.44 32.94 -47.04
C3D HEC SD . 38.17 31.69 -46.60
C4D HEC SD . 39.05 31.49 -45.46
CMD HEC SD . 37.83 33.64 -48.22
CAD HEC SD . 37.24 30.64 -47.22
CBD HEC SD . 38.12 29.69 -48.02
CGD HEC SD . 37.32 28.68 -48.82
O1D HEC SD . 37.64 28.52 -50.01
O2D HEC SD . 36.40 28.04 -48.25
C1 CDL TD . 34.18 -10.08 -5.02
O1 CDL TD . 32.91 -10.77 -4.64
CA2 CDL TD . 35.42 -10.98 -4.83
OA2 CDL TD . 36.48 -10.39 -5.46
PA1 CDL TD . 37.85 -11.11 -5.69
OA3 CDL TD . 37.75 -12.20 -6.73
OA4 CDL TD . 38.34 -11.78 -4.43
OA5 CDL TD . 38.83 -9.98 -6.14
CB2 CDL TD . 34.41 -8.79 -4.22
OB2 CDL TD . 34.76 -7.79 -5.09
PB2 CDL TD . 34.89 -6.28 -4.68
OB3 CDL TD . 36.33 -5.84 -4.71
OB4 CDL TD . 34.42 -6.00 -3.27
OB5 CDL TD . 34.04 -5.51 -5.75
CB3 CDL TD . 33.17 -4.50 -5.43
CB4 CDL TD . 32.77 -3.79 -6.72
OB6 CDL TD . 33.70 -2.79 -7.13
CB5 CDL TD . 34.35 -3.17 -8.29
OB7 CDL TD . 34.63 -4.30 -8.62
C51 CDL TD . 34.72 -1.97 -9.16
C52 CDL TD . 34.51 -2.14 -10.69
C53 CDL TD . 35.56 -1.35 -11.52
C54 CDL TD . 34.91 -0.55 -12.68
CB6 CDL TD . 31.40 -3.16 -6.43
OB8 CDL TD . 31.44 -1.78 -6.67
CB7 CDL TD . 30.48 -1.41 -7.57
OB9 CDL TD . 29.33 -1.15 -7.30
C71 CDL TD . 31.02 -1.32 -9.01
C72 CDL TD . 30.01 -0.85 -10.08
C73 CDL TD . 30.74 -0.29 -11.33
C74 CDL TD . 29.79 0.53 -12.23
C75 CDL TD . 30.56 1.28 -13.35
C76 CDL TD . 30.27 2.80 -13.34
C77 CDL TD . 31.20 3.57 -14.33
C78 CDL TD . 30.42 4.12 -15.55
C79 CDL TD . 30.56 3.21 -16.80
C80 CDL TD . 31.49 3.82 -17.87
C81 CDL TD . 32.94 3.26 -17.78
C82 CDL TD . 33.89 3.95 -18.78
C27 PEE UD . 28.87 10.20 -4.35
C26 PEE UD . 27.48 9.75 -4.81
C25 PEE UD . 26.52 10.95 -4.96
C24 PEE UD . 25.14 10.52 -5.50
C23 PEE UD . 24.75 11.16 -6.84
C22 PEE UD . 23.66 12.22 -6.75
C21 PEE UD . 23.29 13.06 -7.73
C20 PEE UD . 23.91 14.40 -8.10
C19 PEE UD . 25.30 14.28 -8.73
C18 PEE UD . 26.21 15.23 -8.95
C17 PEE UD . 27.66 15.03 -9.35
C16 PEE UD . 28.27 16.31 -9.97
C15 PEE UD . 29.72 16.14 -10.45
C14 PEE UD . 30.76 16.87 -9.58
C13 PEE UD . 31.43 18.10 -10.25
C12 PEE UD . 32.76 18.55 -9.59
C11 PEE UD . 33.06 20.04 -9.88
C10 PEE UD . 34.53 20.45 -9.58
O4 PEE UD . 35.50 19.81 -10.03
O2 PEE UD . 34.65 21.61 -8.76
C2 PEE UD . 36.02 22.00 -8.36
C1 PEE UD . 36.20 23.54 -8.40
O3P PEE UD . 37.59 23.96 -8.18
P PEE UD . 38.10 25.49 -8.42
O2P PEE UD . 37.09 26.27 -9.38
O1P PEE UD . 39.55 25.42 -9.08
O4P PEE UD . 38.24 26.28 -6.99
C4 PEE UD . 37.59 25.88 -5.74
C5 PEE UD . 37.66 26.97 -4.65
N PEE UD . 36.49 27.87 -4.71
C3 PEE UD . 36.45 21.37 -6.99
O3 PEE UD . 36.85 19.97 -7.12
C30 PEE UD . 35.94 19.03 -6.57
O5 PEE UD . 34.92 19.34 -5.93
C31 PEE UD . 36.32 17.54 -6.88
C32 PEE UD . 35.18 16.67 -7.43
C33 PEE UD . 34.98 15.34 -6.66
C34 PEE UD . 33.60 14.73 -6.95
C35 PEE UD . 33.12 13.76 -5.85
C36 PEE UD . 31.69 13.24 -6.11
C37 PEE UD . 30.72 13.62 -4.98
C38 PEE UD . 30.02 14.96 -5.23
C39 PEE UD . 28.72 15.17 -4.44
C40 PEE UD . 27.47 15.35 -5.32
C41 PEE UD . 26.93 16.79 -5.30
C42 PEE UD . 25.41 16.85 -5.54
C43 PEE UD . 24.71 18.08 -4.95
C44 PEE UD . 23.34 17.84 -4.28
C45 PEE UD . 22.19 17.51 -5.25
C46 PEE UD . 21.60 16.11 -5.00
C47 PEE UD . 20.54 15.73 -6.04
O1 UNL VD . 38.01 16.08 -46.04
P PO4 WD . 27.03 64.04 -4.66
O1 PO4 WD . 27.73 65.37 -4.28
O2 PO4 WD . 26.50 63.63 -5.99
O3 PO4 WD . 26.35 63.36 -3.41
O4 PO4 WD . 25.79 64.98 -4.66
P PO4 XD . 20.17 50.42 -1.01
O1 PO4 XD . 19.50 51.81 -1.15
O2 PO4 XD . 19.52 49.07 -1.05
O3 PO4 XD . 21.52 50.49 -0.21
O4 PO4 XD . 19.49 50.49 0.37
FE1 FES YD . 7.22 52.61 -4.99
FE2 FES YD . 6.02 50.58 -3.68
S1 FES YD . 5.59 52.77 -3.50
S2 FES YD . 7.48 50.46 -5.35
O1 UNL ZD . 49.09 -10.10 18.09
O1 UNL AE . 28.52 31.21 -4.31
C1 JZR BE . -5.36 -30.50 -6.86
O1 JZR BE . -5.76 -31.41 -5.77
C2 JZR BE . -3.90 -29.95 -6.58
O2 JZR BE . -3.81 -29.24 -5.34
C3 JZR BE . -3.46 -28.99 -7.75
O3 JZR BE . -2.14 -28.46 -7.54
C4 JZR BE . -3.51 -29.75 -9.12
O4 JZR BE . -3.11 -28.89 -10.21
C5 JZR BE . -4.96 -30.32 -9.35
O5 JZR BE . -5.35 -31.20 -8.19
C6 JZR BE . -5.09 -31.10 -10.68
O6 JZR BE . -6.27 -30.76 -11.40
C1' JZR BE . -7.09 -32.00 -5.87
C2' JZR BE . -7.41 -32.90 -4.66
C3' JZR BE . -8.00 -32.10 -3.48
C4' JZR BE . -6.92 -31.70 -2.45
C5' JZR BE . -7.45 -31.56 -1.00
C6' JZR BE . -8.22 -30.26 -0.73
O1 UNL CE . 14.91 -39.03 -3.72
P PO4 DE . 42.03 -4.59 6.58
O1 PO4 DE . 42.87 -4.13 7.81
O2 PO4 DE . 42.51 -5.31 5.36
O3 PO4 DE . 40.73 -3.72 6.41
O4 PO4 DE . 42.76 -3.39 5.93
O1 UNL EE . 34.82 -23.52 -22.05
O1 UNL FE . 42.42 -9.54 -49.43
O1 UNL GE . 69.01 8.70 -45.92
O1 UNL HE . 68.75 17.87 -37.37
O1 UNL IE . 14.87 -29.39 35.73
O1 UNL JE . 10.69 -31.30 41.16
O1 UNL KE . 1.18 -27.40 50.12
O1 UNL LE . 7.35 -22.51 44.63
O1 UNL ME . 47.15 18.70 -2.52
#